data_9IOB
#
_entry.id   9IOB
#
_cell.length_a   1.00
_cell.length_b   1.00
_cell.length_c   1.00
_cell.angle_alpha   90.00
_cell.angle_beta   90.00
_cell.angle_gamma   90.00
#
_symmetry.space_group_name_H-M   'P 1'
#
loop_
_entity.id
_entity.type
_entity.pdbx_description
1 polymer 'RNA-dependent DNA polymerase'
2 polymer 'RNA (177-MER)'
#
loop_
_entity_poly.entity_id
_entity_poly.type
_entity_poly.pdbx_seq_one_letter_code
_entity_poly.pdbx_strand_id
1 'polypeptide(L)'
;MKLEQQIQRVILEEAKALIKDYHEYHNRVHLESVRNKKRLGDSAPDKKIHRPNYWSFDKKFDPFYVKSNYKSIARSIANK
IENRTYLPNEPFTKDVPKPDGGIRKVSIYQIPDAAISKLFFNRLLAKNRHRFSSFSYAYRNDRNVHFAIQDISVDLKKNE
RTFLAEFDFSDFFGSISHSFLNEQFNENGFYISPEEKFIIRSFLRERKVGIPQGTSISLFLANLTCWKLDQDLEREGVKF
SRYADDTIIWSQEYSKICNAFNIITNFSKSAGIKINPKKSEGISLLTKKGLPSEITSKNNLDFLGYTLSVENVSIKEKSV
KKIKKQISYILYRNLIQPLKKTSLAGQTIPANDRDKNFLIAICEIRRYMYGGLSKSQIKDYLSGRSNRLYFKGIMSFYPL
VNDVEQLKQLDGWIVSVIYRALKLRCQLLSKWGYNRSHNFPFILDREDIVDKCSKKTIAGRKLFEIPSFLLIHKALQKGL
QESGIEKIMNPQSLNYDYE
;
A,C,E,G,I,K
2 'polyribonucleotide'
;AUUCUCUCAUAGGGAUAACGGUGUGGCCUUCUACCUGUUAGAAAUAAUGGGUCUUCAGUUGUAAUUCGUUGCAACUGACG
GGGGGGUGGUGUCAAAGCCGUUUCAACCAAGUGGUAACUUACUUUUACUUGGGUUUAUACCGUGGAAAAGCCUGAGUCUA
ACUCAGGCUUUUUUGUU
;
B,D,F,H,J,L
#
loop_
_chem_comp.id
_chem_comp.type
_chem_comp.name
_chem_comp.formula
A RNA linking ADENOSINE-5'-MONOPHOSPHATE 'C10 H14 N5 O7 P'
C RNA linking CYTIDINE-5'-MONOPHOSPHATE 'C9 H14 N3 O8 P'
G RNA linking GUANOSINE-5'-MONOPHOSPHATE 'C10 H14 N5 O8 P'
U RNA linking URIDINE-5'-MONOPHOSPHATE 'C9 H13 N2 O9 P'
#
# COMPACT_ATOMS: atom_id res chain seq x y z
N MET A 1 -56.18 -5.11 -3.70
CA MET A 1 -55.68 -3.89 -4.39
C MET A 1 -55.16 -4.28 -5.76
N LYS A 2 -55.99 -4.13 -6.78
CA LYS A 2 -55.63 -4.52 -8.14
C LYS A 2 -54.80 -3.43 -8.80
N LEU A 3 -54.10 -3.81 -9.86
CA LEU A 3 -53.21 -2.86 -10.53
C LEU A 3 -54.00 -1.69 -11.12
N GLU A 4 -55.19 -1.97 -11.64
CA GLU A 4 -56.00 -0.90 -12.22
C GLU A 4 -56.35 0.15 -11.17
N GLN A 5 -56.72 -0.28 -9.97
CA GLN A 5 -57.07 0.67 -8.93
C GLN A 5 -55.86 1.53 -8.56
N GLN A 6 -54.68 0.92 -8.49
CA GLN A 6 -53.46 1.67 -8.20
C GLN A 6 -53.19 2.70 -9.28
N ILE A 7 -53.32 2.32 -10.56
CA ILE A 7 -53.08 3.25 -11.64
C ILE A 7 -54.09 4.40 -11.59
N GLN A 8 -55.36 4.07 -11.34
CA GLN A 8 -56.37 5.12 -11.24
C GLN A 8 -56.03 6.10 -10.13
N ARG A 9 -55.66 5.59 -8.96
CA ARG A 9 -55.30 6.46 -7.85
C ARG A 9 -54.15 7.39 -8.24
N VAL A 10 -53.08 6.83 -8.80
CA VAL A 10 -51.89 7.63 -9.04
C VAL A 10 -52.13 8.65 -10.15
N ILE A 11 -52.80 8.25 -11.23
CA ILE A 11 -53.08 9.17 -12.32
C ILE A 11 -54.01 10.28 -11.84
N LEU A 12 -55.04 9.92 -11.07
CA LEU A 12 -55.96 10.92 -10.57
C LEU A 12 -55.23 11.93 -9.70
N GLU A 13 -54.31 11.46 -8.85
CA GLU A 13 -53.60 12.38 -7.98
C GLU A 13 -52.66 13.27 -8.77
N GLU A 14 -51.95 12.73 -9.76
CA GLU A 14 -51.07 13.57 -10.56
C GLU A 14 -51.86 14.65 -11.29
N ALA A 15 -52.95 14.26 -11.93
CA ALA A 15 -53.76 15.23 -12.66
C ALA A 15 -54.36 16.26 -11.72
N LYS A 16 -54.80 15.81 -10.54
CA LYS A 16 -55.35 16.74 -9.56
C LYS A 16 -54.31 17.74 -9.09
N ALA A 17 -53.08 17.28 -8.86
CA ALA A 17 -52.04 18.20 -8.41
C ALA A 17 -51.74 19.23 -9.49
N LEU A 18 -51.66 18.79 -10.76
CA LEU A 18 -51.41 19.74 -11.84
C LEU A 18 -52.57 20.73 -11.99
N ILE A 19 -53.81 20.28 -11.79
CA ILE A 19 -54.95 21.18 -11.88
C ILE A 19 -54.92 22.21 -10.75
N LYS A 20 -54.60 21.77 -9.54
CA LYS A 20 -54.45 22.71 -8.44
C LYS A 20 -53.36 23.73 -8.75
N ASP A 21 -52.24 23.28 -9.33
CA ASP A 21 -51.18 24.20 -9.69
C ASP A 21 -51.64 25.23 -10.70
N TYR A 22 -52.37 24.81 -11.73
CA TYR A 22 -52.86 25.77 -12.72
C TYR A 22 -53.84 26.75 -12.10
N HIS A 23 -54.73 26.26 -11.24
CA HIS A 23 -55.69 27.14 -10.58
C HIS A 23 -54.96 28.20 -9.77
N GLU A 24 -53.99 27.78 -8.96
CA GLU A 24 -53.22 28.75 -8.19
C GLU A 24 -52.42 29.66 -9.08
N TYR A 25 -52.00 29.18 -10.25
CA TYR A 25 -51.27 30.01 -11.18
C TYR A 25 -52.13 31.19 -11.63
N HIS A 26 -53.32 30.91 -12.15
CA HIS A 26 -54.11 32.02 -12.69
C HIS A 26 -54.64 32.90 -11.58
N ASN A 27 -54.94 32.33 -10.40
CA ASN A 27 -55.32 33.17 -9.27
C ASN A 27 -54.20 34.12 -8.88
N ARG A 28 -52.96 33.61 -8.85
CA ARG A 28 -51.82 34.45 -8.53
C ARG A 28 -51.65 35.53 -9.57
N VAL A 29 -51.82 35.17 -10.85
CA VAL A 29 -51.68 36.15 -11.91
C VAL A 29 -52.69 37.27 -11.74
N HIS A 30 -53.93 36.93 -11.38
CA HIS A 30 -54.93 37.98 -11.17
C HIS A 30 -54.56 38.88 -10.01
N LEU A 31 -54.15 38.30 -8.88
CA LEU A 31 -53.76 39.13 -7.74
C LEU A 31 -52.61 40.04 -8.12
N GLU A 32 -51.60 39.48 -8.81
CA GLU A 32 -50.45 40.26 -9.23
C GLU A 32 -50.86 41.34 -10.23
N SER A 33 -51.82 41.06 -11.09
CA SER A 33 -52.26 42.06 -12.05
C SER A 33 -53.03 43.18 -11.38
N VAL A 34 -53.77 42.86 -10.31
CA VAL A 34 -54.40 43.92 -9.53
C VAL A 34 -53.33 44.84 -8.94
N ARG A 35 -52.32 44.24 -8.31
CA ARG A 35 -51.27 45.05 -7.71
C ARG A 35 -50.47 45.81 -8.76
N ASN A 36 -50.28 45.21 -9.94
CA ASN A 36 -49.54 45.89 -11.01
C ASN A 36 -50.35 47.01 -11.63
N LYS A 37 -51.67 46.87 -11.71
CA LYS A 37 -52.50 47.99 -12.12
C LYS A 37 -52.33 49.14 -11.14
N LYS A 38 -52.39 48.83 -9.86
CA LYS A 38 -52.19 49.88 -8.86
C LYS A 38 -50.80 50.49 -8.95
N ARG A 39 -49.79 49.68 -9.24
CA ARG A 39 -48.42 50.17 -9.30
C ARG A 39 -48.18 51.06 -10.52
N LEU A 40 -48.42 50.53 -11.72
CA LEU A 40 -48.11 51.21 -12.96
C LEU A 40 -49.29 51.98 -13.54
N GLY A 41 -50.34 52.21 -12.77
CA GLY A 41 -51.39 53.11 -13.23
C GLY A 41 -52.00 52.64 -14.53
N ASP A 42 -52.32 53.60 -15.40
CA ASP A 42 -52.90 53.26 -16.69
C ASP A 42 -51.90 52.49 -17.54
N SER A 43 -50.62 52.79 -17.39
CA SER A 43 -49.58 52.12 -18.16
C SER A 43 -49.52 50.63 -17.87
N ALA A 44 -50.07 50.17 -16.75
CA ALA A 44 -49.96 48.77 -16.39
C ALA A 44 -50.53 47.89 -17.52
N PRO A 45 -49.83 46.83 -17.91
CA PRO A 45 -50.34 45.97 -18.98
C PRO A 45 -51.54 45.17 -18.49
N ASP A 46 -52.09 44.35 -19.39
CA ASP A 46 -53.28 43.55 -19.11
C ASP A 46 -52.87 42.12 -18.80
N LYS A 47 -53.74 41.43 -18.06
CA LYS A 47 -53.48 40.04 -17.70
C LYS A 47 -53.52 39.16 -18.94
N LYS A 48 -52.63 38.16 -18.98
CA LYS A 48 -52.58 37.20 -20.08
C LYS A 48 -52.35 35.81 -19.47
N ILE A 49 -53.44 35.11 -19.19
CA ILE A 49 -53.35 33.77 -18.60
C ILE A 49 -52.91 32.79 -19.67
N HIS A 50 -51.78 32.14 -19.44
CA HIS A 50 -51.27 31.10 -20.34
C HIS A 50 -51.72 29.72 -19.88
N ARG A 51 -51.51 28.74 -20.76
CA ARG A 51 -51.67 27.34 -20.43
C ARG A 51 -50.39 26.65 -20.88
N PRO A 52 -49.80 25.76 -20.07
CA PRO A 52 -48.57 25.11 -20.48
C PRO A 52 -48.68 24.59 -21.92
N ASN A 53 -47.70 24.94 -22.74
CA ASN A 53 -47.80 24.65 -24.16
C ASN A 53 -47.93 23.15 -24.42
N TYR A 54 -47.18 22.34 -23.68
CA TYR A 54 -47.16 20.91 -23.97
C TYR A 54 -48.54 20.30 -23.78
N TRP A 55 -49.45 21.01 -23.11
CA TRP A 55 -50.81 20.50 -22.94
C TRP A 55 -51.48 20.25 -24.28
N SER A 56 -51.09 20.99 -25.32
CA SER A 56 -51.71 20.86 -26.63
C SER A 56 -50.96 19.89 -27.54
N PHE A 57 -49.73 19.52 -27.19
CA PHE A 57 -49.01 18.55 -28.00
C PHE A 57 -49.71 17.20 -27.99
N ASP A 58 -50.22 16.80 -26.83
CA ASP A 58 -51.08 15.62 -26.73
C ASP A 58 -52.10 15.89 -25.63
N LYS A 59 -53.24 15.20 -25.73
CA LYS A 59 -54.32 15.43 -24.79
C LYS A 59 -54.06 14.81 -23.43
N LYS A 60 -53.20 13.80 -23.37
CA LYS A 60 -52.86 13.16 -22.11
C LYS A 60 -51.78 13.91 -21.35
N PHE A 61 -51.21 14.96 -21.95
CA PHE A 61 -50.39 15.90 -21.20
C PHE A 61 -51.25 16.85 -20.39
N ASP A 62 -52.44 17.14 -20.87
CA ASP A 62 -53.31 18.11 -20.21
C ASP A 62 -53.94 17.47 -18.98
N PRO A 63 -53.74 18.05 -17.80
CA PRO A 63 -54.30 17.42 -16.60
C PRO A 63 -55.81 17.31 -16.61
N PHE A 64 -56.48 18.30 -17.20
CA PHE A 64 -57.94 18.33 -17.16
C PHE A 64 -58.52 17.17 -17.96
N TYR A 65 -57.98 16.93 -19.16
CA TYR A 65 -58.44 15.80 -19.96
C TYR A 65 -58.17 14.48 -19.25
N VAL A 66 -56.99 14.34 -18.65
CA VAL A 66 -56.66 13.10 -17.97
C VAL A 66 -57.63 12.87 -16.82
N LYS A 67 -57.92 13.91 -16.04
CA LYS A 67 -58.94 13.76 -15.01
C LYS A 67 -60.29 13.40 -15.62
N SER A 68 -60.54 13.84 -16.86
CA SER A 68 -61.84 13.55 -17.48
C SER A 68 -62.02 12.06 -17.72
N ASN A 69 -60.97 11.37 -18.15
CA ASN A 69 -61.06 9.97 -18.56
C ASN A 69 -59.94 9.15 -17.92
N TYR A 70 -59.72 9.34 -16.61
CA TYR A 70 -58.65 8.61 -15.95
C TYR A 70 -59.03 7.16 -15.69
N LYS A 71 -60.32 6.86 -15.58
CA LYS A 71 -60.74 5.47 -15.40
C LYS A 71 -60.49 4.66 -16.65
N SER A 72 -60.88 5.16 -17.82
CA SER A 72 -60.58 4.46 -19.06
C SER A 72 -59.08 4.36 -19.28
N ILE A 73 -58.37 5.45 -18.99
CA ILE A 73 -56.92 5.47 -19.19
C ILE A 73 -56.27 4.37 -18.36
N ALA A 74 -56.65 4.27 -17.08
CA ALA A 74 -56.07 3.26 -16.21
C ALA A 74 -56.53 1.86 -16.59
N ARG A 75 -57.77 1.72 -17.06
CA ARG A 75 -58.24 0.42 -17.50
C ARG A 75 -57.36 -0.11 -18.61
N SER A 76 -57.13 0.72 -19.63
CA SER A 76 -56.31 0.30 -20.76
C SER A 76 -54.86 0.11 -20.35
N ILE A 77 -54.33 0.99 -19.50
CA ILE A 77 -52.96 0.83 -19.05
C ILE A 77 -52.78 -0.49 -18.31
N ALA A 78 -53.75 -0.83 -17.46
CA ALA A 78 -53.66 -2.08 -16.71
C ALA A 78 -53.71 -3.28 -17.65
N ASN A 79 -54.62 -3.26 -18.62
CA ASN A 79 -54.64 -4.35 -19.59
C ASN A 79 -53.33 -4.45 -20.34
N LYS A 80 -52.76 -3.31 -20.71
CA LYS A 80 -51.50 -3.31 -21.46
C LYS A 80 -50.36 -3.85 -20.61
N ILE A 81 -50.37 -3.55 -19.32
CA ILE A 81 -49.33 -4.08 -18.43
C ILE A 81 -49.51 -5.58 -18.25
N GLU A 82 -50.75 -6.04 -18.09
CA GLU A 82 -50.98 -7.46 -17.89
C GLU A 82 -50.73 -8.28 -19.15
N ASN A 83 -51.01 -7.73 -20.33
CA ASN A 83 -50.72 -8.43 -21.57
C ASN A 83 -49.30 -8.17 -22.07
N ARG A 84 -48.52 -7.39 -21.33
CA ARG A 84 -47.13 -7.12 -21.66
C ARG A 84 -47.01 -6.47 -23.04
N THR A 85 -47.85 -5.46 -23.26
CA THR A 85 -47.80 -4.65 -24.47
C THR A 85 -47.69 -3.16 -24.17
N TYR A 86 -47.66 -2.77 -22.89
CA TYR A 86 -47.57 -1.36 -22.55
C TYR A 86 -46.26 -0.75 -23.01
N LEU A 87 -46.35 0.46 -23.57
CA LEU A 87 -45.20 1.26 -23.93
C LEU A 87 -45.51 2.73 -23.68
N PRO A 88 -44.71 3.43 -22.88
CA PRO A 88 -44.98 4.85 -22.65
C PRO A 88 -44.92 5.63 -23.95
N ASN A 89 -45.77 6.64 -24.05
CA ASN A 89 -45.74 7.52 -25.20
C ASN A 89 -44.46 8.35 -25.17
N GLU A 90 -44.26 9.14 -26.20
CA GLU A 90 -43.02 9.91 -26.28
C GLU A 90 -43.08 11.07 -25.29
N PRO A 91 -42.08 11.23 -24.43
CA PRO A 91 -42.06 12.41 -23.58
C PRO A 91 -41.90 13.67 -24.42
N PHE A 92 -42.63 14.71 -24.04
CA PHE A 92 -42.41 16.00 -24.65
C PHE A 92 -41.08 16.48 -24.12
N THR A 93 -40.07 16.38 -24.98
CA THR A 93 -38.71 16.71 -24.61
C THR A 93 -38.37 18.10 -25.09
N LYS A 94 -37.53 18.78 -24.32
CA LYS A 94 -37.03 20.10 -24.68
C LYS A 94 -35.58 20.17 -24.15
N ASP A 95 -34.64 20.06 -25.07
CA ASP A 95 -33.24 20.22 -24.71
C ASP A 95 -32.95 21.69 -24.46
N VAL A 96 -32.24 21.98 -23.37
CA VAL A 96 -32.06 23.35 -22.91
C VAL A 96 -30.57 23.65 -22.78
N PRO A 97 -30.11 24.84 -23.14
CA PRO A 97 -28.67 25.15 -23.02
C PRO A 97 -28.21 25.05 -21.57
N LYS A 98 -27.05 24.44 -21.38
CA LYS A 98 -26.41 24.36 -20.07
C LYS A 98 -25.27 25.36 -19.97
N PRO A 99 -24.93 25.81 -18.76
CA PRO A 99 -23.88 26.83 -18.63
C PRO A 99 -22.54 26.39 -19.20
N ASP A 100 -22.21 25.11 -19.14
CA ASP A 100 -20.98 24.62 -19.75
C ASP A 100 -21.03 24.64 -21.27
N GLY A 101 -22.19 24.89 -21.86
CA GLY A 101 -22.36 24.85 -23.30
C GLY A 101 -23.03 23.59 -23.81
N GLY A 102 -23.32 22.63 -22.94
CA GLY A 102 -24.03 21.43 -23.31
C GLY A 102 -25.53 21.64 -23.30
N ILE A 103 -26.26 20.53 -23.41
CA ILE A 103 -27.71 20.57 -23.44
C ILE A 103 -28.23 19.61 -22.38
N ARG A 104 -29.12 20.10 -21.52
CA ARG A 104 -29.82 19.29 -20.53
C ARG A 104 -31.16 18.95 -21.17
N LYS A 105 -31.36 17.68 -21.48
CA LYS A 105 -32.58 17.25 -22.18
C LYS A 105 -33.70 17.07 -21.17
N VAL A 106 -34.58 18.07 -21.06
CA VAL A 106 -35.74 17.94 -20.19
C VAL A 106 -36.72 16.99 -20.87
N SER A 107 -37.35 16.12 -20.09
CA SER A 107 -38.33 15.17 -20.61
C SER A 107 -39.55 15.20 -19.72
N ILE A 108 -40.71 15.48 -20.29
CA ILE A 108 -41.98 15.43 -19.59
C ILE A 108 -42.79 14.29 -20.17
N TYR A 109 -42.94 13.21 -19.42
CA TYR A 109 -43.82 12.14 -19.84
C TYR A 109 -45.27 12.54 -19.62
N GLN A 110 -46.16 11.97 -20.41
CA GLN A 110 -47.57 12.28 -20.25
C GLN A 110 -48.04 11.82 -18.87
N ILE A 111 -49.13 12.44 -18.41
CA ILE A 111 -49.56 12.21 -17.04
C ILE A 111 -49.73 10.72 -16.73
N PRO A 112 -50.37 9.92 -17.57
CA PRO A 112 -50.43 8.48 -17.26
C PRO A 112 -49.06 7.82 -17.17
N ASP A 113 -48.15 8.15 -18.10
CA ASP A 113 -46.83 7.54 -18.08
C ASP A 113 -46.04 7.96 -16.86
N ALA A 114 -46.13 9.24 -16.48
CA ALA A 114 -45.43 9.70 -15.29
C ALA A 114 -46.03 9.09 -14.03
N ALA A 115 -47.34 8.90 -14.01
CA ALA A 115 -47.98 8.23 -12.88
C ALA A 115 -47.49 6.79 -12.76
N ILE A 116 -47.37 6.09 -13.88
CA ILE A 116 -46.84 4.74 -13.85
C ILE A 116 -45.41 4.74 -13.36
N SER A 117 -44.61 5.70 -13.84
CA SER A 117 -43.21 5.78 -13.44
C SER A 117 -43.09 5.98 -11.94
N LYS A 118 -43.87 6.90 -11.39
CA LYS A 118 -43.83 7.07 -9.93
C LYS A 118 -44.28 5.79 -9.23
N LEU A 119 -45.44 5.27 -9.61
CA LEU A 119 -46.01 4.12 -8.91
C LEU A 119 -45.01 2.98 -8.83
N PHE A 120 -44.26 2.73 -9.89
CA PHE A 120 -43.42 1.55 -9.94
C PHE A 120 -42.01 1.82 -9.45
N PHE A 121 -41.39 2.90 -9.92
CA PHE A 121 -40.00 3.16 -9.58
C PHE A 121 -39.85 3.70 -8.17
N ASN A 122 -40.87 4.33 -7.58
CA ASN A 122 -40.80 4.65 -6.16
C ASN A 122 -40.81 3.38 -5.33
N ARG A 123 -41.64 2.41 -5.70
CA ARG A 123 -41.62 1.12 -5.01
C ARG A 123 -40.26 0.45 -5.13
N LEU A 124 -39.71 0.47 -6.35
CA LEU A 124 -38.41 -0.15 -6.56
C LEU A 124 -37.33 0.52 -5.73
N LEU A 125 -37.33 1.85 -5.68
CA LEU A 125 -36.32 2.56 -4.90
C LEU A 125 -36.49 2.28 -3.42
N ALA A 126 -37.73 2.23 -2.93
CA ALA A 126 -37.97 1.96 -1.52
C ALA A 126 -37.51 0.56 -1.14
N LYS A 127 -37.79 -0.42 -1.99
CA LYS A 127 -37.48 -1.81 -1.67
C LYS A 127 -36.02 -2.16 -1.87
N ASN A 128 -35.26 -1.33 -2.60
CA ASN A 128 -33.84 -1.55 -2.83
C ASN A 128 -32.99 -0.44 -2.22
N ARG A 129 -33.55 0.28 -1.24
CA ARG A 129 -32.89 1.48 -0.72
C ARG A 129 -31.53 1.16 -0.11
N HIS A 130 -31.44 0.09 0.68
CA HIS A 130 -30.21 -0.24 1.36
C HIS A 130 -29.15 -0.80 0.42
N ARG A 131 -29.51 -1.12 -0.81
CA ARG A 131 -28.55 -1.57 -1.81
C ARG A 131 -27.85 -0.41 -2.51
N PHE A 132 -28.38 0.80 -2.40
CA PHE A 132 -27.83 1.95 -3.08
C PHE A 132 -26.79 2.65 -2.22
N SER A 133 -26.02 3.52 -2.85
CA SER A 133 -25.06 4.33 -2.12
C SER A 133 -25.78 5.40 -1.32
N SER A 134 -25.05 6.02 -0.40
CA SER A 134 -25.66 7.03 0.47
C SER A 134 -26.05 8.27 -0.32
N PHE A 135 -25.07 8.95 -0.91
CA PHE A 135 -25.30 10.24 -1.54
C PHE A 135 -25.52 10.15 -3.04
N SER A 136 -26.54 9.41 -3.45
CA SER A 136 -26.95 9.34 -4.85
C SER A 136 -28.26 10.10 -4.98
N TYR A 137 -28.28 11.11 -5.85
CA TYR A 137 -29.45 11.93 -6.06
C TYR A 137 -29.73 12.06 -7.55
N ALA A 138 -31.00 12.26 -7.87
CA ALA A 138 -31.44 12.33 -9.26
C ALA A 138 -31.56 13.76 -9.75
N TYR A 139 -32.11 14.66 -8.93
CA TYR A 139 -32.27 16.05 -9.28
C TYR A 139 -31.29 16.88 -8.45
N ARG A 140 -30.82 17.98 -9.03
CA ARG A 140 -29.94 18.87 -8.27
C ARG A 140 -30.71 19.75 -7.30
N ASN A 141 -32.04 19.78 -7.41
CA ASN A 141 -32.90 20.43 -6.42
C ASN A 141 -33.34 19.48 -5.33
N ASP A 142 -32.94 18.21 -5.40
CA ASP A 142 -33.26 17.26 -4.34
C ASP A 142 -32.79 17.82 -3.01
N ARG A 143 -33.74 17.96 -2.09
CA ARG A 143 -33.45 18.51 -0.78
C ARG A 143 -32.39 17.70 -0.06
N ASN A 144 -32.45 16.38 -0.21
CA ASN A 144 -31.53 15.50 0.50
C ASN A 144 -30.10 15.67 0.05
N VAL A 145 -29.87 16.34 -1.08
CA VAL A 145 -28.49 16.62 -1.47
C VAL A 145 -27.77 17.38 -0.38
N HIS A 146 -28.49 18.15 0.42
CA HIS A 146 -27.82 18.91 1.47
C HIS A 146 -27.11 17.99 2.46
N PHE A 147 -27.61 16.78 2.67
CA PHE A 147 -26.90 15.86 3.54
C PHE A 147 -25.52 15.54 2.99
N ALA A 148 -25.44 15.31 1.68
CA ALA A 148 -24.13 15.10 1.08
C ALA A 148 -23.26 16.33 1.27
N ILE A 149 -23.84 17.52 1.09
CA ILE A 149 -23.07 18.73 1.31
C ILE A 149 -22.55 18.73 2.74
N GLN A 150 -23.42 18.42 3.69
CA GLN A 150 -22.97 18.38 5.07
C GLN A 150 -21.75 17.49 5.20
N ASP A 151 -21.83 16.28 4.66
CA ASP A 151 -20.72 15.36 4.79
C ASP A 151 -19.45 16.00 4.28
N ILE A 152 -19.47 16.51 3.05
CA ILE A 152 -18.23 17.05 2.50
C ILE A 152 -17.77 18.22 3.37
N SER A 153 -18.71 19.08 3.76
CA SER A 153 -18.33 20.21 4.59
C SER A 153 -17.62 19.71 5.84
N VAL A 154 -18.22 18.74 6.53
CA VAL A 154 -17.62 18.27 7.76
C VAL A 154 -16.22 17.78 7.49
N ASP A 155 -16.05 16.98 6.43
CA ASP A 155 -14.73 16.45 6.14
C ASP A 155 -13.76 17.58 5.82
N LEU A 156 -14.21 18.54 5.02
CA LEU A 156 -13.29 19.60 4.63
C LEU A 156 -12.82 20.36 5.85
N LYS A 157 -13.56 20.27 6.95
CA LYS A 157 -13.12 20.89 8.19
C LYS A 157 -12.21 19.95 8.96
N LYS A 158 -12.65 18.69 9.15
CA LYS A 158 -11.87 17.76 9.96
C LYS A 158 -10.57 17.42 9.26
N ASN A 159 -10.67 17.05 7.99
CA ASN A 159 -9.51 16.87 7.14
C ASN A 159 -9.10 18.24 6.63
N GLU A 160 -7.97 18.75 7.13
CA GLU A 160 -7.53 20.08 6.71
C GLU A 160 -6.83 20.06 5.36
N ARG A 161 -6.71 18.89 4.73
CA ARG A 161 -6.22 18.77 3.37
C ARG A 161 -6.99 17.62 2.71
N THR A 162 -7.86 17.95 1.77
CA THR A 162 -8.73 16.95 1.14
C THR A 162 -8.58 17.06 -0.37
N PHE A 163 -8.27 15.93 -1.01
CA PHE A 163 -8.18 15.86 -2.46
C PHE A 163 -9.56 15.56 -3.02
N LEU A 164 -10.04 16.42 -3.91
CA LEU A 164 -11.36 16.29 -4.52
C LEU A 164 -11.23 16.15 -6.03
N ALA A 165 -12.28 15.61 -6.63
CA ALA A 165 -12.37 15.47 -8.07
C ALA A 165 -13.83 15.50 -8.48
N GLU A 166 -14.11 16.14 -9.61
CA GLU A 166 -15.47 16.28 -10.11
C GLU A 166 -15.59 15.66 -11.49
N PHE A 167 -16.78 15.14 -11.78
CA PHE A 167 -17.05 14.42 -13.02
C PHE A 167 -18.43 14.78 -13.55
N ASP A 168 -18.59 14.65 -14.86
CA ASP A 168 -19.85 14.85 -15.55
C ASP A 168 -20.29 13.52 -16.16
N PHE A 169 -21.45 13.04 -15.74
CA PHE A 169 -22.01 11.79 -16.22
C PHE A 169 -23.11 12.01 -17.25
N SER A 170 -23.15 13.19 -17.86
CA SER A 170 -24.24 13.52 -18.77
C SER A 170 -24.30 12.57 -19.95
N ASP A 171 -23.16 12.32 -20.59
CA ASP A 171 -23.16 11.45 -21.76
C ASP A 171 -23.39 9.99 -21.37
N PHE A 172 -23.03 9.60 -20.15
CA PHE A 172 -23.34 8.24 -19.71
C PHE A 172 -24.83 7.98 -19.78
N PHE A 173 -25.61 8.86 -19.16
CA PHE A 173 -27.05 8.69 -19.09
C PHE A 173 -27.72 9.04 -20.40
N GLY A 174 -27.09 9.88 -21.21
CA GLY A 174 -27.60 10.10 -22.56
C GLY A 174 -27.48 8.88 -23.44
N SER A 175 -26.33 8.18 -23.39
CA SER A 175 -26.15 6.94 -24.13
C SER A 175 -25.48 5.90 -23.22
N ILE A 176 -26.28 5.16 -22.47
CA ILE A 176 -25.82 3.96 -21.77
C ILE A 176 -26.48 2.76 -22.43
N SER A 177 -25.66 1.78 -22.80
CA SER A 177 -26.20 0.58 -23.42
C SER A 177 -27.27 -0.03 -22.53
N HIS A 178 -28.45 -0.26 -23.09
CA HIS A 178 -29.52 -0.84 -22.32
C HIS A 178 -29.23 -2.29 -21.96
N SER A 179 -28.29 -2.91 -22.68
CA SER A 179 -27.84 -4.25 -22.33
C SER A 179 -27.16 -4.23 -20.96
N PHE A 180 -26.34 -3.22 -20.71
CA PHE A 180 -25.68 -3.10 -19.41
C PHE A 180 -26.71 -2.98 -18.29
N LEU A 181 -27.69 -2.10 -18.48
CA LEU A 181 -28.76 -1.94 -17.50
C LEU A 181 -29.46 -3.26 -17.26
N ASN A 182 -29.82 -3.96 -18.33
CA ASN A 182 -30.54 -5.22 -18.19
C ASN A 182 -29.67 -6.28 -17.50
N GLU A 183 -28.37 -6.25 -17.71
CA GLU A 183 -27.47 -7.15 -16.99
C GLU A 183 -27.51 -6.87 -15.50
N GLN A 184 -27.57 -5.60 -15.10
CA GLN A 184 -27.54 -5.31 -13.66
C GLN A 184 -28.80 -5.75 -12.93
N PHE A 185 -29.85 -6.13 -13.64
CA PHE A 185 -31.13 -6.40 -12.99
C PHE A 185 -31.06 -7.46 -11.89
N ASN A 186 -30.13 -8.41 -11.97
CA ASN A 186 -30.10 -9.54 -11.05
C ASN A 186 -28.77 -9.58 -10.31
N GLU A 187 -28.27 -8.41 -9.92
CA GLU A 187 -27.00 -8.30 -9.22
C GLU A 187 -27.17 -7.40 -8.00
N ASN A 188 -26.24 -7.55 -7.06
CA ASN A 188 -26.16 -6.66 -5.91
C ASN A 188 -27.37 -6.78 -5.00
N GLY A 189 -28.05 -7.92 -5.06
CA GLY A 189 -29.19 -8.14 -4.18
C GLY A 189 -30.45 -7.38 -4.56
N PHE A 190 -30.48 -6.77 -5.73
CA PHE A 190 -31.65 -5.99 -6.12
C PHE A 190 -32.88 -6.88 -6.20
N TYR A 191 -34.01 -6.33 -5.76
CA TYR A 191 -35.30 -7.02 -5.81
C TYR A 191 -36.16 -6.30 -6.86
N ILE A 192 -36.19 -6.85 -8.07
CA ILE A 192 -37.01 -6.33 -9.16
C ILE A 192 -37.93 -7.44 -9.60
N SER A 193 -39.22 -7.28 -9.35
CA SER A 193 -40.22 -8.27 -9.74
C SER A 193 -40.31 -8.36 -11.25
N PRO A 194 -40.87 -9.44 -11.80
CA PRO A 194 -40.96 -9.54 -13.27
C PRO A 194 -41.75 -8.40 -13.90
N GLU A 195 -42.83 -7.95 -13.26
CA GLU A 195 -43.62 -6.86 -13.82
C GLU A 195 -42.84 -5.55 -13.74
N GLU A 196 -42.10 -5.34 -12.65
CA GLU A 196 -41.25 -4.16 -12.57
C GLU A 196 -40.18 -4.21 -13.65
N LYS A 197 -39.62 -5.39 -13.92
CA LYS A 197 -38.65 -5.51 -15.01
C LYS A 197 -39.31 -5.18 -16.34
N PHE A 198 -40.55 -5.61 -16.55
CA PHE A 198 -41.25 -5.28 -17.78
C PHE A 198 -41.43 -3.77 -17.92
N ILE A 199 -41.83 -3.10 -16.85
CA ILE A 199 -42.02 -1.65 -16.91
C ILE A 199 -40.69 -0.95 -17.18
N ILE A 200 -39.62 -1.42 -16.54
CA ILE A 200 -38.29 -0.84 -16.80
C ILE A 200 -37.94 -0.99 -18.28
N ARG A 201 -38.10 -2.21 -18.79
CA ARG A 201 -37.76 -2.47 -20.19
C ARG A 201 -38.67 -1.70 -21.12
N SER A 202 -39.91 -1.42 -20.71
CA SER A 202 -40.82 -0.66 -21.55
C SER A 202 -40.42 0.79 -21.63
N PHE A 203 -40.09 1.40 -20.49
CA PHE A 203 -39.61 2.78 -20.53
C PHE A 203 -38.29 2.88 -21.27
N LEU A 204 -37.46 1.84 -21.20
CA LEU A 204 -36.23 1.84 -21.96
C LEU A 204 -36.48 1.59 -23.45
N ARG A 205 -37.56 0.88 -23.78
CA ARG A 205 -37.88 0.61 -25.17
C ARG A 205 -38.46 1.84 -25.85
N GLU A 206 -39.25 2.62 -25.11
CA GLU A 206 -39.69 3.91 -25.64
C GLU A 206 -38.49 4.78 -25.97
N ARG A 207 -37.46 4.72 -25.14
CA ARG A 207 -36.16 5.27 -25.48
C ARG A 207 -35.40 4.25 -26.32
N LYS A 208 -34.20 4.60 -26.75
CA LYS A 208 -33.37 3.68 -27.50
C LYS A 208 -32.04 3.43 -26.80
N VAL A 209 -31.34 4.48 -26.40
CA VAL A 209 -30.15 4.38 -25.57
C VAL A 209 -30.23 5.50 -24.54
N GLY A 210 -29.72 5.23 -23.36
CA GLY A 210 -29.72 6.23 -22.30
C GLY A 210 -30.88 6.08 -21.33
N ILE A 211 -30.75 6.77 -20.21
CA ILE A 211 -31.79 6.83 -19.18
C ILE A 211 -32.42 8.22 -19.23
N PRO A 212 -33.74 8.32 -19.17
CA PRO A 212 -34.37 9.66 -19.18
C PRO A 212 -34.05 10.40 -17.89
N GLN A 213 -33.46 11.57 -18.04
CA GLN A 213 -32.94 12.33 -16.90
C GLN A 213 -33.96 13.34 -16.41
N GLY A 214 -33.93 13.59 -15.10
CA GLY A 214 -34.92 14.44 -14.47
C GLY A 214 -36.32 13.86 -14.52
N THR A 215 -36.44 12.56 -14.29
CA THR A 215 -37.72 11.86 -14.33
C THR A 215 -37.83 10.96 -13.10
N SER A 216 -39.01 10.37 -12.93
CA SER A 216 -39.24 9.48 -11.79
C SER A 216 -38.35 8.24 -11.86
N ILE A 217 -38.04 7.75 -13.06
CA ILE A 217 -37.28 6.53 -13.19
C ILE A 217 -35.79 6.81 -13.26
N SER A 218 -35.38 8.07 -13.17
CA SER A 218 -33.97 8.42 -13.31
C SER A 218 -33.13 7.84 -12.18
N LEU A 219 -33.55 8.04 -10.93
CA LEU A 219 -32.73 7.61 -9.81
C LEU A 219 -32.53 6.10 -9.79
N PHE A 220 -33.61 5.34 -10.00
CA PHE A 220 -33.48 3.89 -9.93
C PHE A 220 -32.49 3.37 -10.97
N LEU A 221 -32.68 3.76 -12.22
CA LEU A 221 -31.81 3.24 -13.28
C LEU A 221 -30.40 3.78 -13.14
N ALA A 222 -30.23 5.00 -12.62
CA ALA A 222 -28.90 5.52 -12.39
C ALA A 222 -28.17 4.72 -11.32
N ASN A 223 -28.84 4.48 -10.18
CA ASN A 223 -28.21 3.71 -9.12
C ASN A 223 -27.96 2.27 -9.56
N LEU A 224 -28.89 1.70 -10.31
CA LEU A 224 -28.75 0.34 -10.80
C LEU A 224 -27.59 0.22 -11.77
N THR A 225 -27.38 1.24 -12.59
CA THR A 225 -26.26 1.22 -13.52
C THR A 225 -24.92 1.48 -12.81
N CYS A 226 -24.93 2.37 -11.82
CA CYS A 226 -23.71 2.81 -11.16
C CYS A 226 -23.43 2.04 -9.87
N TRP A 227 -24.08 0.90 -9.67
CA TRP A 227 -23.89 0.16 -8.42
C TRP A 227 -22.47 -0.38 -8.30
N LYS A 228 -21.88 -0.82 -9.42
CA LYS A 228 -20.53 -1.34 -9.35
C LYS A 228 -19.51 -0.22 -9.21
N LEU A 229 -19.75 0.92 -9.85
CA LEU A 229 -18.87 2.07 -9.65
C LEU A 229 -18.88 2.49 -8.19
N ASP A 230 -20.07 2.52 -7.57
CA ASP A 230 -20.15 2.86 -6.16
C ASP A 230 -19.42 1.83 -5.30
N GLN A 231 -19.55 0.55 -5.63
CA GLN A 231 -18.90 -0.46 -4.81
C GLN A 231 -17.38 -0.36 -4.89
N ASP A 232 -16.84 -0.19 -6.10
CA ASP A 232 -15.39 -0.06 -6.24
C ASP A 232 -14.88 1.21 -5.57
N LEU A 233 -15.59 2.33 -5.74
CA LEU A 233 -15.15 3.56 -5.09
C LEU A 233 -15.22 3.45 -3.58
N GLU A 234 -16.21 2.70 -3.06
CA GLU A 234 -16.31 2.51 -1.62
C GLU A 234 -15.21 1.61 -1.09
N ARG A 235 -14.78 0.62 -1.89
CA ARG A 235 -13.64 -0.20 -1.47
C ARG A 235 -12.33 0.58 -1.53
N GLU A 236 -12.18 1.48 -2.50
CA GLU A 236 -11.01 2.34 -2.55
C GLU A 236 -10.93 3.26 -1.34
N GLY A 237 -12.02 3.43 -0.61
CA GLY A 237 -12.04 4.31 0.54
C GLY A 237 -12.40 5.74 0.22
N VAL A 238 -12.66 6.05 -1.04
CA VAL A 238 -13.06 7.40 -1.42
C VAL A 238 -14.52 7.59 -1.07
N LYS A 239 -14.87 8.81 -0.71
CA LYS A 239 -16.25 9.18 -0.49
C LYS A 239 -16.75 9.92 -1.71
N PHE A 240 -18.02 9.74 -2.04
CA PHE A 240 -18.52 10.33 -3.27
C PHE A 240 -20.00 10.63 -3.16
N SER A 241 -20.45 11.53 -4.03
CA SER A 241 -21.86 11.88 -4.16
C SER A 241 -22.15 12.15 -5.61
N ARG A 242 -23.20 11.51 -6.12
CA ARG A 242 -23.71 11.78 -7.46
C ARG A 242 -25.01 12.57 -7.30
N TYR A 243 -25.10 13.70 -7.99
CA TYR A 243 -26.31 14.50 -8.06
C TYR A 243 -26.59 14.82 -9.53
N ALA A 244 -27.73 14.34 -10.03
CA ALA A 244 -28.10 14.51 -11.43
C ALA A 244 -26.95 13.98 -12.27
N ASP A 245 -26.36 14.77 -13.15
CA ASP A 245 -25.30 14.32 -14.04
C ASP A 245 -23.92 14.73 -13.57
N ASP A 246 -23.76 14.93 -12.25
CA ASP A 246 -22.50 15.34 -11.67
C ASP A 246 -22.10 14.37 -10.57
N THR A 247 -20.80 14.22 -10.37
CA THR A 247 -20.28 13.38 -9.30
C THR A 247 -19.06 14.05 -8.68
N ILE A 248 -18.99 14.04 -7.35
CA ILE A 248 -17.84 14.58 -6.63
C ILE A 248 -17.29 13.47 -5.74
N ILE A 249 -15.98 13.22 -5.86
CA ILE A 249 -15.28 12.21 -5.10
C ILE A 249 -14.17 12.89 -4.31
N TRP A 250 -14.19 12.73 -2.99
CA TRP A 250 -13.19 13.32 -2.12
C TRP A 250 -12.56 12.28 -1.22
N SER A 251 -11.32 12.55 -0.82
CA SER A 251 -10.56 11.66 0.04
C SER A 251 -9.46 12.47 0.71
N GLN A 252 -8.81 11.87 1.70
CA GLN A 252 -7.64 12.47 2.32
C GLN A 252 -6.33 12.01 1.69
N GLU A 253 -6.39 11.14 0.67
CA GLU A 253 -5.20 10.67 -0.03
C GLU A 253 -5.31 10.95 -1.51
N TYR A 254 -4.17 11.32 -2.10
CA TYR A 254 -4.06 11.51 -3.54
C TYR A 254 -4.14 10.20 -4.31
N SER A 255 -3.47 9.16 -3.83
CA SER A 255 -3.53 7.88 -4.50
C SER A 255 -4.96 7.39 -4.65
N LYS A 256 -5.79 7.65 -3.63
CA LYS A 256 -7.18 7.22 -3.69
C LYS A 256 -7.93 7.91 -4.82
N ILE A 257 -7.77 9.23 -4.95
CA ILE A 257 -8.48 9.93 -6.00
C ILE A 257 -7.99 9.50 -7.37
N CYS A 258 -6.69 9.24 -7.51
CA CYS A 258 -6.21 8.75 -8.80
C CYS A 258 -6.78 7.37 -9.12
N ASN A 259 -6.84 6.49 -8.11
CA ASN A 259 -7.44 5.19 -8.31
C ASN A 259 -8.92 5.31 -8.63
N ALA A 260 -9.59 6.33 -8.10
CA ALA A 260 -10.98 6.57 -8.46
C ALA A 260 -11.11 7.00 -9.90
N PHE A 261 -10.19 7.83 -10.38
CA PHE A 261 -10.16 8.18 -11.78
C PHE A 261 -10.07 6.92 -12.63
N ASN A 262 -9.17 6.01 -12.25
CA ASN A 262 -9.04 4.76 -12.98
C ASN A 262 -10.32 3.93 -12.92
N ILE A 263 -10.96 3.89 -11.75
CA ILE A 263 -12.19 3.12 -11.59
C ILE A 263 -13.26 3.66 -12.53
N ILE A 264 -13.39 4.98 -12.58
CA ILE A 264 -14.40 5.60 -13.44
C ILE A 264 -14.11 5.29 -14.90
N THR A 265 -12.84 5.33 -15.29
CA THR A 265 -12.50 4.99 -16.67
C THR A 265 -12.86 3.55 -16.99
N ASN A 266 -12.55 2.62 -16.09
CA ASN A 266 -12.85 1.22 -16.35
C ASN A 266 -14.35 0.98 -16.44
N PHE A 267 -15.11 1.62 -15.54
CA PHE A 267 -16.57 1.49 -15.58
C PHE A 267 -17.14 2.08 -16.86
N SER A 268 -16.54 3.18 -17.35
CA SER A 268 -16.95 3.74 -18.62
C SER A 268 -16.70 2.76 -19.76
N LYS A 269 -15.54 2.11 -19.77
CA LYS A 269 -15.26 1.14 -20.82
C LYS A 269 -16.26 -0.01 -20.74
N SER A 270 -16.55 -0.50 -19.54
CA SER A 270 -17.53 -1.56 -19.41
C SER A 270 -18.90 -1.12 -19.91
N ALA A 271 -19.20 0.17 -19.82
CA ALA A 271 -20.48 0.69 -20.26
C ALA A 271 -20.54 1.03 -21.74
N GLY A 272 -19.40 1.09 -22.42
CA GLY A 272 -19.40 1.49 -23.82
C GLY A 272 -19.64 2.96 -24.03
N ILE A 273 -19.57 3.77 -22.98
CA ILE A 273 -19.78 5.20 -23.05
C ILE A 273 -18.88 5.87 -22.02
N LYS A 274 -18.46 7.09 -22.31
CA LYS A 274 -17.38 7.72 -21.56
C LYS A 274 -17.91 8.73 -20.55
N ILE A 275 -17.18 8.85 -19.44
CA ILE A 275 -17.42 9.86 -18.42
C ILE A 275 -16.22 10.81 -18.42
N ASN A 276 -16.49 12.11 -18.50
CA ASN A 276 -15.44 13.10 -18.58
C ASN A 276 -15.48 14.05 -17.39
N PRO A 277 -14.33 14.40 -16.82
CA PRO A 277 -14.33 15.38 -15.73
C PRO A 277 -14.70 16.77 -16.22
N LYS A 278 -15.25 17.56 -15.29
CA LYS A 278 -15.67 18.93 -15.60
C LYS A 278 -14.52 19.74 -16.17
N GLY A 282 -10.82 19.40 -12.79
CA GLY A 282 -11.07 17.98 -12.68
C GLY A 282 -10.65 17.40 -11.33
N ILE A 283 -9.40 17.64 -10.95
CA ILE A 283 -8.85 17.14 -9.69
C ILE A 283 -8.04 18.25 -9.02
N SER A 284 -8.19 18.37 -7.69
CA SER A 284 -7.54 19.44 -6.94
C SER A 284 -7.44 19.06 -5.47
N LEU A 285 -6.78 19.93 -4.70
CA LEU A 285 -6.61 19.78 -3.26
C LEU A 285 -7.15 21.01 -2.56
N LEU A 286 -8.05 20.81 -1.60
CA LEU A 286 -8.54 21.88 -0.75
C LEU A 286 -7.77 21.85 0.56
N THR A 287 -7.23 23.01 0.94
CA THR A 287 -6.39 23.14 2.11
C THR A 287 -6.87 24.36 2.89
N LYS A 288 -6.47 24.43 4.15
CA LYS A 288 -6.79 25.62 4.94
C LYS A 288 -6.24 26.84 4.22
N LYS A 289 -7.04 27.91 4.22
CA LYS A 289 -6.60 29.12 3.53
C LYS A 289 -5.28 29.59 4.12
N GLY A 290 -4.43 30.12 3.26
CA GLY A 290 -3.09 30.52 3.68
C GLY A 290 -2.06 29.42 3.51
N LEU A 291 -2.38 28.21 3.97
CA LEU A 291 -1.46 27.10 3.77
C LEU A 291 -1.27 26.86 2.27
N PRO A 292 -0.07 26.51 1.82
CA PRO A 292 0.13 26.29 0.39
C PRO A 292 -0.32 24.92 -0.07
N SER A 293 -0.07 24.58 -1.32
CA SER A 293 -0.38 23.27 -1.83
C SER A 293 0.66 22.85 -2.86
N GLU A 294 0.77 21.54 -3.05
CA GLU A 294 1.76 20.97 -3.95
C GLU A 294 1.17 20.81 -5.34
N ILE A 295 0.03 20.15 -5.42
CA ILE A 295 -0.72 19.96 -6.65
C ILE A 295 -1.52 21.23 -6.91
N THR A 296 -2.09 21.34 -8.10
CA THR A 296 -3.03 22.43 -8.36
C THR A 296 -4.12 22.39 -7.30
N SER A 297 -4.37 23.54 -6.67
CA SER A 297 -5.22 23.59 -5.50
C SER A 297 -6.23 24.71 -5.62
N LYS A 298 -7.36 24.52 -4.94
CA LYS A 298 -8.40 25.52 -4.80
C LYS A 298 -8.90 25.45 -3.38
N ASN A 299 -9.07 26.62 -2.75
CA ASN A 299 -9.52 26.70 -1.37
C ASN A 299 -11.03 26.90 -1.27
N ASN A 300 -11.76 26.62 -2.34
CA ASN A 300 -13.20 26.75 -2.36
C ASN A 300 -13.75 25.75 -3.36
N LEU A 301 -14.88 25.12 -3.03
CA LEU A 301 -15.53 24.14 -3.88
C LEU A 301 -16.98 24.54 -4.09
N ASP A 302 -17.42 24.60 -5.34
CA ASP A 302 -18.77 25.02 -5.68
C ASP A 302 -19.67 23.79 -5.75
N PHE A 303 -20.44 23.56 -4.69
CA PHE A 303 -21.38 22.44 -4.58
C PHE A 303 -22.79 23.03 -4.62
N LEU A 304 -23.43 22.97 -5.78
CA LEU A 304 -24.78 23.52 -5.99
C LEU A 304 -24.71 25.01 -5.68
N GLY A 305 -25.55 25.54 -4.78
CA GLY A 305 -25.57 26.95 -4.47
C GLY A 305 -24.69 27.26 -3.28
N TYR A 306 -23.72 26.39 -3.02
CA TYR A 306 -22.82 26.52 -1.89
C TYR A 306 -21.39 26.65 -2.37
N THR A 307 -20.61 27.45 -1.66
CA THR A 307 -19.15 27.41 -1.74
C THR A 307 -18.65 26.85 -0.42
N LEU A 308 -18.15 25.62 -0.46
CA LEU A 308 -17.68 24.90 0.71
C LEU A 308 -16.17 25.05 0.79
N SER A 309 -15.67 25.46 1.94
CA SER A 309 -14.25 25.65 2.17
C SER A 309 -13.88 24.99 3.48
N VAL A 310 -12.57 24.81 3.69
CA VAL A 310 -12.10 24.15 4.89
C VAL A 310 -12.53 24.90 6.14
N GLU A 311 -12.89 26.18 6.00
CA GLU A 311 -13.23 27.02 7.14
C GLU A 311 -14.71 27.28 7.28
N ASN A 312 -15.45 27.42 6.19
CA ASN A 312 -16.85 27.81 6.27
C ASN A 312 -17.62 27.20 5.10
N VAL A 313 -18.95 27.25 5.24
CA VAL A 313 -19.89 27.00 4.16
C VAL A 313 -20.56 28.32 3.85
N SER A 314 -20.49 28.75 2.61
CA SER A 314 -20.98 30.06 2.21
C SER A 314 -21.85 29.88 0.98
N ILE A 315 -22.50 30.97 0.58
CA ILE A 315 -23.32 30.95 -0.62
C ILE A 315 -22.44 31.24 -1.83
N LYS A 316 -22.59 30.45 -2.87
CA LYS A 316 -21.83 30.64 -4.10
C LYS A 316 -22.03 32.05 -4.62
N GLU A 317 -21.04 32.53 -5.38
CA GLU A 317 -21.08 33.90 -5.88
C GLU A 317 -22.27 34.10 -6.82
N LYS A 318 -22.57 33.10 -7.65
CA LYS A 318 -23.72 33.18 -8.53
C LYS A 318 -25.03 33.24 -7.74
N SER A 319 -25.11 32.49 -6.64
CA SER A 319 -26.30 32.54 -5.80
C SER A 319 -26.44 33.90 -5.14
N VAL A 320 -25.33 34.50 -4.71
CA VAL A 320 -25.38 35.83 -4.12
C VAL A 320 -25.78 36.87 -5.16
N LYS A 321 -25.27 36.72 -6.38
CA LYS A 321 -25.66 37.64 -7.45
C LYS A 321 -27.15 37.52 -7.74
N LYS A 322 -27.68 36.30 -7.71
CA LYS A 322 -29.11 36.09 -7.91
C LYS A 322 -29.94 36.68 -6.78
N ILE A 323 -29.48 36.53 -5.54
CA ILE A 323 -30.19 37.13 -4.41
C ILE A 323 -30.21 38.64 -4.53
N LYS A 324 -29.06 39.22 -4.89
CA LYS A 324 -28.97 40.66 -5.09
C LYS A 324 -29.83 41.10 -6.26
N LYS A 325 -29.88 40.30 -7.32
CA LYS A 325 -30.73 40.60 -8.45
C LYS A 325 -32.18 40.70 -8.03
N GLN A 326 -32.64 39.74 -7.23
CA GLN A 326 -34.04 39.74 -6.84
C GLN A 326 -34.36 40.92 -5.93
N ILE A 327 -33.51 41.18 -4.94
CA ILE A 327 -33.78 42.31 -4.04
C ILE A 327 -33.74 43.63 -4.81
N SER A 328 -32.73 43.79 -5.68
CA SER A 328 -32.61 45.01 -6.45
C SER A 328 -33.79 45.19 -7.37
N TYR A 329 -34.27 44.12 -7.99
CA TYR A 329 -35.42 44.27 -8.87
C TYR A 329 -36.68 44.53 -8.08
N ILE A 330 -36.81 44.00 -6.87
CA ILE A 330 -37.95 44.38 -6.03
C ILE A 330 -37.98 45.88 -5.85
N LEU A 331 -36.84 46.45 -5.43
CA LEU A 331 -36.79 47.89 -5.19
C LEU A 331 -36.97 48.68 -6.48
N TYR A 332 -36.38 48.24 -7.57
CA TYR A 332 -36.54 48.92 -8.86
C TYR A 332 -38.00 48.90 -9.32
N ARG A 333 -38.62 47.73 -9.28
CA ARG A 333 -40.00 47.58 -9.75
C ARG A 333 -40.94 48.42 -8.93
N ASN A 334 -40.71 48.53 -7.63
CA ASN A 334 -41.66 49.20 -6.75
C ASN A 334 -41.39 50.70 -6.62
N LEU A 335 -40.14 51.13 -6.73
CA LEU A 335 -39.76 52.49 -6.39
C LEU A 335 -39.15 53.29 -7.54
N ILE A 336 -38.81 52.66 -8.67
CA ILE A 336 -38.19 53.38 -9.76
C ILE A 336 -38.96 53.18 -11.06
N GLN A 337 -39.19 51.93 -11.44
CA GLN A 337 -39.84 51.63 -12.73
C GLN A 337 -41.15 52.39 -12.92
N PRO A 338 -42.07 52.40 -11.96
CA PRO A 338 -43.34 53.09 -12.19
C PRO A 338 -43.14 54.55 -12.55
N LEU A 339 -42.10 55.16 -12.01
CA LEU A 339 -41.81 56.57 -12.21
C LEU A 339 -40.96 56.84 -13.44
N LYS A 340 -40.48 55.80 -14.12
CA LYS A 340 -39.78 55.96 -15.38
C LYS A 340 -40.70 55.75 -16.57
N LYS A 341 -42.00 55.65 -16.32
CA LYS A 341 -43.00 55.45 -17.35
C LYS A 341 -43.35 56.80 -17.99
N THR A 342 -43.95 56.73 -19.19
CA THR A 342 -44.25 57.95 -19.91
C THR A 342 -45.19 58.85 -19.11
N SER A 343 -46.24 58.27 -18.55
CA SER A 343 -47.18 58.99 -17.74
C SER A 343 -47.31 58.34 -16.37
N LEU A 344 -47.58 59.16 -15.36
CA LEU A 344 -47.82 58.70 -14.00
C LEU A 344 -49.31 58.68 -13.68
N ALA A 345 -50.13 58.42 -14.68
CA ALA A 345 -51.58 58.35 -14.49
C ALA A 345 -51.94 57.13 -13.68
N GLY A 346 -52.62 57.33 -12.55
CA GLY A 346 -53.04 56.23 -11.71
C GLY A 346 -51.96 55.63 -10.86
N GLN A 347 -50.82 56.29 -10.71
CA GLN A 347 -49.72 55.81 -9.87
C GLN A 347 -49.68 56.71 -8.63
N THR A 348 -50.06 56.15 -7.48
CA THR A 348 -50.04 56.90 -6.24
C THR A 348 -48.65 57.47 -5.97
N ILE A 349 -48.60 58.76 -5.66
CA ILE A 349 -47.36 59.48 -5.44
C ILE A 349 -47.09 59.54 -3.94
N PRO A 350 -45.88 59.25 -3.48
CA PRO A 350 -45.62 59.31 -2.03
C PRO A 350 -45.83 60.72 -1.50
N ALA A 351 -46.50 60.80 -0.35
CA ALA A 351 -46.81 62.07 0.29
C ALA A 351 -47.18 61.79 1.73
N ASN A 352 -47.31 62.85 2.51
CA ASN A 352 -47.74 62.73 3.90
C ASN A 352 -46.83 61.82 4.70
N ASP A 353 -45.54 61.78 4.35
CA ASP A 353 -44.58 60.92 5.04
C ASP A 353 -44.94 59.44 4.91
N ARG A 354 -45.58 59.05 3.81
CA ARG A 354 -45.92 57.66 3.59
C ARG A 354 -45.69 57.30 2.13
N ASP A 355 -44.85 56.30 1.88
CA ASP A 355 -44.59 55.77 0.55
C ASP A 355 -45.08 54.34 0.54
N LYS A 356 -46.25 54.11 -0.05
CA LYS A 356 -46.81 52.77 -0.05
C LYS A 356 -45.93 51.81 -0.83
N ASN A 357 -45.35 52.30 -1.93
CA ASN A 357 -44.44 51.49 -2.72
C ASN A 357 -43.27 50.99 -1.89
N PHE A 358 -42.80 51.80 -0.93
CA PHE A 358 -41.71 51.37 -0.07
C PHE A 358 -42.14 50.26 0.89
N LEU A 359 -43.36 50.36 1.43
CA LEU A 359 -43.86 49.24 2.23
C LEU A 359 -43.97 47.97 1.38
N ILE A 360 -44.47 48.10 0.15
CA ILE A 360 -44.60 46.92 -0.70
C ILE A 360 -43.23 46.31 -0.98
N ALA A 361 -42.23 47.16 -1.27
CA ALA A 361 -40.90 46.64 -1.55
C ALA A 361 -40.29 45.98 -0.32
N ILE A 362 -40.41 46.60 0.84
CA ILE A 362 -39.83 46.01 2.04
C ILE A 362 -40.49 44.68 2.34
N CYS A 363 -41.81 44.60 2.15
CA CYS A 363 -42.50 43.34 2.42
C CYS A 363 -42.13 42.28 1.41
N GLU A 364 -41.95 42.66 0.14
CA GLU A 364 -41.51 41.70 -0.86
C GLU A 364 -40.13 41.17 -0.52
N ILE A 365 -39.22 42.04 -0.07
CA ILE A 365 -37.89 41.58 0.31
C ILE A 365 -37.97 40.67 1.52
N ARG A 366 -38.83 41.01 2.48
CA ARG A 366 -38.98 40.16 3.67
C ARG A 366 -39.50 38.79 3.28
N ARG A 367 -40.46 38.73 2.35
CA ARG A 367 -40.97 37.44 1.89
C ARG A 367 -39.87 36.65 1.20
N TYR A 368 -39.13 37.30 0.30
CA TYR A 368 -38.05 36.63 -0.41
C TYR A 368 -36.98 36.11 0.55
N MET A 369 -36.71 36.87 1.61
CA MET A 369 -35.62 36.53 2.54
C MET A 369 -36.14 35.70 3.71
N TYR A 370 -37.05 36.28 4.48
CA TYR A 370 -37.53 35.64 5.69
C TYR A 370 -38.67 34.68 5.43
N GLY A 371 -39.47 34.94 4.40
CA GLY A 371 -40.75 34.31 4.26
C GLY A 371 -41.87 35.10 4.90
N GLY A 372 -41.60 36.31 5.36
CA GLY A 372 -42.57 37.14 6.03
C GLY A 372 -42.42 37.20 7.53
N LEU A 373 -41.40 36.57 8.08
CA LEU A 373 -41.19 36.59 9.52
C LEU A 373 -40.84 38.00 9.97
N SER A 374 -41.25 38.33 11.19
CA SER A 374 -40.84 39.56 11.83
C SER A 374 -39.63 39.29 12.70
N LYS A 375 -38.81 40.33 12.89
CA LYS A 375 -37.65 40.17 13.75
C LYS A 375 -38.07 39.83 15.17
N SER A 376 -39.27 40.24 15.58
CA SER A 376 -39.81 39.81 16.86
C SER A 376 -40.04 38.31 16.89
N GLN A 377 -40.59 37.75 15.81
CA GLN A 377 -40.79 36.31 15.77
C GLN A 377 -39.46 35.56 15.82
N ILE A 378 -38.47 36.03 15.05
CA ILE A 378 -37.19 35.34 15.01
C ILE A 378 -36.51 35.42 16.37
N LYS A 379 -36.63 36.56 17.05
CA LYS A 379 -36.04 36.68 18.38
C LYS A 379 -36.80 35.87 19.42
N ASP A 380 -38.12 35.76 19.28
CA ASP A 380 -38.88 34.88 20.14
C ASP A 380 -38.39 33.45 19.99
N TYR A 381 -38.10 33.03 18.76
CA TYR A 381 -37.58 31.68 18.56
C TYR A 381 -36.17 31.54 19.10
N LEU A 382 -35.35 32.58 18.96
CA LEU A 382 -33.96 32.53 19.41
C LEU A 382 -33.81 32.69 20.91
N SER A 383 -34.84 33.14 21.62
CA SER A 383 -34.77 33.35 23.05
C SER A 383 -35.34 32.17 23.84
N GLY A 384 -36.34 31.49 23.29
CA GLY A 384 -36.99 30.41 23.99
C GLY A 384 -38.48 30.66 24.12
N ARG A 385 -38.88 31.90 23.83
CA ARG A 385 -40.29 32.27 23.93
C ARG A 385 -41.12 31.42 22.99
N SER A 386 -40.66 31.25 21.76
CA SER A 386 -41.33 30.44 20.75
C SER A 386 -40.60 29.12 20.59
N ASN A 387 -41.35 28.04 20.48
CA ASN A 387 -40.80 26.71 20.34
C ASN A 387 -40.69 26.29 18.89
N ARG A 388 -41.03 27.18 17.97
CA ARG A 388 -41.08 26.85 16.55
C ARG A 388 -41.12 28.11 15.72
N LEU A 389 -40.38 28.10 14.61
CA LEU A 389 -40.37 29.17 13.63
C LEU A 389 -40.43 28.54 12.25
N TYR A 390 -41.31 29.04 11.38
CA TYR A 390 -41.36 28.50 10.03
C TYR A 390 -40.19 29.07 9.24
N PHE A 391 -39.46 28.22 8.56
CA PHE A 391 -38.28 28.64 7.83
C PHE A 391 -38.60 28.59 6.34
N LYS A 392 -38.76 29.77 5.73
CA LYS A 392 -39.09 29.89 4.32
C LYS A 392 -38.23 30.98 3.70
N GLY A 393 -38.46 31.31 2.44
CA GLY A 393 -37.65 32.31 1.78
C GLY A 393 -36.35 31.74 1.26
N ILE A 394 -35.47 32.66 0.86
CA ILE A 394 -34.24 32.26 0.20
C ILE A 394 -33.38 31.41 1.13
N MET A 395 -33.30 31.79 2.40
CA MET A 395 -32.38 31.11 3.31
C MET A 395 -32.79 29.67 3.59
N SER A 396 -34.03 29.28 3.28
CA SER A 396 -34.40 27.89 3.41
C SER A 396 -33.68 27.01 2.40
N PHE A 397 -33.09 27.61 1.37
CA PHE A 397 -32.35 26.87 0.36
C PHE A 397 -30.86 26.84 0.66
N TYR A 398 -30.41 27.60 1.65
CA TYR A 398 -29.01 27.66 2.05
C TYR A 398 -28.92 27.44 3.56
N PRO A 399 -29.41 26.30 4.04
CA PRO A 399 -29.47 26.08 5.49
C PRO A 399 -28.14 25.78 6.14
N LEU A 400 -27.13 25.39 5.37
CA LEU A 400 -25.84 24.98 5.92
C LEU A 400 -24.84 26.12 5.93
N VAL A 401 -25.27 27.33 5.57
CA VAL A 401 -24.36 28.47 5.53
C VAL A 401 -23.92 28.81 6.95
N ASN A 402 -22.60 29.03 7.11
CA ASN A 402 -22.05 29.41 8.40
C ASN A 402 -21.04 30.54 8.27
N ASP A 403 -21.08 31.31 7.18
CA ASP A 403 -20.18 32.44 6.96
C ASP A 403 -20.91 33.72 7.38
N VAL A 404 -20.61 34.20 8.59
CA VAL A 404 -21.28 35.39 9.09
C VAL A 404 -20.85 36.63 8.33
N GLU A 405 -19.60 36.69 7.84
CA GLU A 405 -19.15 37.86 7.11
C GLU A 405 -19.95 38.06 5.83
N GLN A 406 -20.22 36.98 5.09
CA GLN A 406 -20.99 37.11 3.86
C GLN A 406 -22.37 37.70 4.14
N LEU A 407 -23.04 37.21 5.17
CA LEU A 407 -24.37 37.69 5.49
C LEU A 407 -24.32 39.13 5.98
N LYS A 408 -23.26 39.49 6.70
CA LYS A 408 -23.09 40.86 7.15
C LYS A 408 -22.89 41.80 5.96
N GLN A 409 -22.14 41.36 4.97
CA GLN A 409 -21.92 42.16 3.77
C GLN A 409 -23.21 42.32 2.98
N LEU A 410 -24.01 41.26 2.92
CA LEU A 410 -25.29 41.36 2.23
C LEU A 410 -26.24 42.28 2.97
N ASP A 411 -26.18 42.29 4.31
CA ASP A 411 -26.95 43.26 5.08
C ASP A 411 -26.57 44.69 4.69
N GLY A 412 -25.27 44.97 4.69
CA GLY A 412 -24.82 46.28 4.26
C GLY A 412 -25.30 46.63 2.86
N TRP A 413 -25.23 45.66 1.95
CA TRP A 413 -25.65 45.89 0.57
C TRP A 413 -27.14 46.19 0.49
N ILE A 414 -27.95 45.47 1.26
CA ILE A 414 -29.39 45.72 1.25
C ILE A 414 -29.66 47.14 1.70
N VAL A 415 -29.02 47.58 2.78
CA VAL A 415 -29.27 48.93 3.27
C VAL A 415 -28.83 49.96 2.23
N SER A 416 -27.66 49.76 1.64
CA SER A 416 -27.15 50.71 0.66
C SER A 416 -28.06 50.79 -0.56
N VAL A 417 -28.52 49.65 -1.06
CA VAL A 417 -29.38 49.67 -2.23
C VAL A 417 -30.71 50.30 -1.89
N ILE A 418 -31.24 50.08 -0.68
CA ILE A 418 -32.48 50.73 -0.28
C ILE A 418 -32.28 52.23 -0.34
N TYR A 419 -31.18 52.72 0.24
CA TYR A 419 -30.92 54.16 0.23
C TYR A 419 -30.84 54.70 -1.20
N ARG A 420 -30.05 54.03 -2.05
CA ARG A 420 -29.80 54.55 -3.39
C ARG A 420 -31.06 54.55 -4.23
N ALA A 421 -31.84 53.46 -4.14
CA ALA A 421 -33.08 53.41 -4.89
C ALA A 421 -34.05 54.47 -4.40
N LEU A 422 -34.14 54.68 -3.09
CA LEU A 422 -35.00 55.74 -2.57
C LEU A 422 -34.52 57.10 -3.05
N LYS A 423 -33.21 57.29 -3.13
CA LYS A 423 -32.66 58.56 -3.58
C LYS A 423 -33.03 58.82 -5.04
N LEU A 424 -32.82 57.82 -5.90
CA LEU A 424 -33.20 57.99 -7.31
C LEU A 424 -34.71 58.15 -7.45
N ARG A 425 -35.49 57.52 -6.57
CA ARG A 425 -36.93 57.71 -6.61
C ARG A 425 -37.29 59.15 -6.26
N CYS A 426 -36.60 59.73 -5.26
CA CYS A 426 -36.79 61.15 -4.96
C CYS A 426 -36.42 62.02 -6.13
N GLN A 427 -35.31 61.69 -6.79
CA GLN A 427 -34.87 62.49 -7.94
C GLN A 427 -35.92 62.45 -9.05
N LEU A 428 -36.41 61.25 -9.38
CA LEU A 428 -37.41 61.12 -10.43
C LEU A 428 -38.71 61.81 -10.04
N LEU A 429 -39.12 61.68 -8.77
CA LEU A 429 -40.34 62.33 -8.32
C LEU A 429 -40.23 63.84 -8.46
N SER A 430 -39.12 64.41 -8.00
CA SER A 430 -38.90 65.84 -8.17
C SER A 430 -38.87 66.21 -9.65
N LYS A 431 -38.38 65.33 -10.51
CA LYS A 431 -38.45 65.60 -11.94
C LYS A 431 -39.90 65.71 -12.40
N TRP A 432 -40.75 64.79 -11.94
CA TRP A 432 -42.16 64.85 -12.31
C TRP A 432 -42.85 66.07 -11.70
N GLY A 433 -42.35 66.56 -10.57
CA GLY A 433 -42.87 67.77 -9.98
C GLY A 433 -43.11 67.66 -8.49
N TYR A 434 -42.82 66.50 -7.91
CA TYR A 434 -43.11 66.21 -6.52
C TYR A 434 -41.81 66.30 -5.72
N ASN A 435 -41.71 67.31 -4.86
CA ASN A 435 -40.56 67.44 -3.96
C ASN A 435 -40.88 66.72 -2.66
N ARG A 436 -40.11 65.67 -2.36
CA ARG A 436 -40.37 64.85 -1.19
C ARG A 436 -39.09 64.49 -0.44
N SER A 437 -38.01 65.24 -0.64
CA SER A 437 -36.76 64.92 0.05
C SER A 437 -36.90 65.02 1.55
N HIS A 438 -37.78 65.90 2.03
CA HIS A 438 -37.99 66.04 3.46
C HIS A 438 -38.86 64.93 4.04
N ASN A 439 -39.62 64.23 3.21
CA ASN A 439 -40.52 63.21 3.72
C ASN A 439 -39.74 62.02 4.28
N PHE A 440 -40.42 61.21 5.07
CA PHE A 440 -39.76 60.10 5.76
C PHE A 440 -39.01 59.17 4.81
N PRO A 441 -39.60 58.68 3.72
CA PRO A 441 -38.90 57.69 2.91
C PRO A 441 -37.58 58.20 2.36
N PHE A 442 -37.48 59.50 2.11
CA PHE A 442 -36.37 60.06 1.35
C PHE A 442 -35.44 60.94 2.18
N ILE A 443 -35.69 61.06 3.49
CA ILE A 443 -34.87 61.93 4.33
C ILE A 443 -33.81 61.12 5.08
N LEU A 444 -34.04 59.83 5.28
CA LEU A 444 -33.14 59.03 6.10
C LEU A 444 -31.77 58.88 5.44
N ASP A 445 -30.72 59.10 6.21
CA ASP A 445 -29.38 58.77 5.79
C ASP A 445 -29.19 57.25 5.81
N ARG A 446 -28.20 56.78 5.06
CA ARG A 446 -27.99 55.33 4.98
C ARG A 446 -27.74 54.74 6.36
N GLU A 447 -27.05 55.48 7.23
CA GLU A 447 -26.75 55.01 8.56
C GLU A 447 -27.93 55.20 9.52
N ASP A 448 -29.08 55.63 9.02
CA ASP A 448 -30.28 55.81 9.82
C ASP A 448 -31.46 55.00 9.33
N ILE A 449 -31.36 54.37 8.16
CA ILE A 449 -32.53 53.69 7.59
C ILE A 449 -33.00 52.57 8.52
N VAL A 450 -32.07 51.74 8.98
CA VAL A 450 -32.47 50.55 9.74
C VAL A 450 -33.15 50.96 11.04
N ASP A 451 -32.57 51.91 11.78
CA ASP A 451 -33.16 52.32 13.04
C ASP A 451 -34.54 52.92 12.83
N LYS A 452 -34.63 53.90 11.93
CA LYS A 452 -35.90 54.61 11.73
C LYS A 452 -36.98 53.63 11.30
N CYS A 453 -36.64 52.73 10.38
CA CYS A 453 -37.61 51.76 9.89
C CYS A 453 -38.02 50.80 10.99
N SER A 454 -37.07 50.39 11.85
CA SER A 454 -37.40 49.52 12.96
C SER A 454 -38.42 50.18 13.88
N LYS A 455 -38.33 51.50 14.04
CA LYS A 455 -39.25 52.19 14.94
C LYS A 455 -40.64 52.36 14.33
N LYS A 456 -40.75 52.57 13.02
CA LYS A 456 -42.06 52.79 12.42
C LYS A 456 -42.95 51.55 12.57
N THR A 457 -44.22 51.79 12.83
CA THR A 457 -45.20 50.73 12.99
C THR A 457 -46.50 51.10 12.29
N ILE A 458 -47.00 50.19 11.46
CA ILE A 458 -48.29 50.35 10.79
C ILE A 458 -49.18 49.22 11.25
N ALA A 459 -50.38 49.57 11.73
CA ALA A 459 -51.32 48.61 12.29
C ALA A 459 -50.78 47.91 13.52
N GLY A 460 -49.83 48.54 14.21
CA GLY A 460 -49.20 47.90 15.36
C GLY A 460 -48.15 46.88 15.01
N ARG A 461 -47.85 46.69 13.72
CA ARG A 461 -46.85 45.74 13.27
C ARG A 461 -45.74 46.49 12.53
N LYS A 462 -44.49 46.20 12.89
CA LYS A 462 -43.32 46.86 12.31
C LYS A 462 -43.05 46.26 10.94
N LEU A 463 -43.71 46.83 9.92
CA LEU A 463 -43.59 46.33 8.57
C LEU A 463 -42.58 47.12 7.73
N PHE A 464 -41.76 47.95 8.35
CA PHE A 464 -40.69 48.65 7.65
C PHE A 464 -39.32 48.12 7.98
N GLU A 465 -39.18 47.31 9.01
CA GLU A 465 -37.87 46.82 9.44
C GLU A 465 -37.15 46.18 8.26
N ILE A 466 -35.91 46.59 8.05
CA ILE A 466 -35.13 46.15 6.90
C ILE A 466 -34.69 44.70 7.16
N PRO A 467 -35.06 43.75 6.30
CA PRO A 467 -34.74 42.35 6.58
C PRO A 467 -33.23 42.12 6.64
N SER A 468 -32.81 41.34 7.63
CA SER A 468 -31.40 41.07 7.89
C SER A 468 -31.12 39.57 7.74
N PHE A 469 -30.08 39.23 6.98
CA PHE A 469 -29.71 37.83 6.81
C PHE A 469 -29.15 37.21 8.09
N LEU A 470 -28.49 38.01 8.92
CA LEU A 470 -27.82 37.45 10.10
C LEU A 470 -28.81 36.96 11.13
N LEU A 471 -29.92 37.66 11.30
CA LEU A 471 -30.93 37.24 12.26
C LEU A 471 -31.51 35.89 11.88
N ILE A 472 -31.94 35.74 10.63
CA ILE A 472 -32.50 34.48 10.19
C ILE A 472 -31.42 33.41 10.09
N HIS A 473 -30.16 33.79 9.96
CA HIS A 473 -29.07 32.80 10.02
C HIS A 473 -28.92 32.23 11.42
N LYS A 474 -29.00 33.09 12.44
CA LYS A 474 -29.01 32.59 13.80
C LYS A 474 -30.19 31.66 14.03
N ALA A 475 -31.35 32.05 13.50
CA ALA A 475 -32.54 31.20 13.62
C ALA A 475 -32.34 29.87 12.91
N LEU A 476 -31.71 29.90 11.74
CA LEU A 476 -31.43 28.68 11.00
C LEU A 476 -30.50 27.76 11.78
N GLN A 477 -29.51 28.33 12.46
CA GLN A 477 -28.60 27.50 13.25
C GLN A 477 -29.34 26.84 14.40
N LYS A 478 -30.15 27.61 15.12
CA LYS A 478 -30.92 27.01 16.21
C LYS A 478 -31.86 25.93 15.68
N GLY A 479 -32.51 26.20 14.55
CA GLY A 479 -33.47 25.24 14.01
C GLY A 479 -32.84 24.02 13.39
N LEU A 480 -31.57 24.10 13.03
CA LEU A 480 -30.85 22.92 12.59
C LEU A 480 -30.29 22.13 13.76
N GLN A 481 -30.02 22.78 14.89
CA GLN A 481 -29.68 22.06 16.10
C GLN A 481 -30.90 21.54 16.84
N GLU A 482 -32.11 21.95 16.44
CA GLU A 482 -33.32 21.51 17.09
C GLU A 482 -34.15 20.53 16.26
N SER A 483 -34.07 20.59 14.93
CA SER A 483 -34.94 19.76 14.10
C SER A 483 -34.16 18.95 13.08
N GLY A 484 -33.10 19.52 12.52
CA GLY A 484 -32.31 18.89 11.50
C GLY A 484 -32.55 19.53 10.13
N ILE A 485 -31.77 19.04 9.15
CA ILE A 485 -31.89 19.58 7.80
C ILE A 485 -33.28 19.30 7.24
N GLU A 486 -33.76 18.07 7.43
CA GLU A 486 -35.01 17.65 6.78
C GLU A 486 -36.19 18.49 7.25
N LYS A 487 -36.26 18.77 8.55
CA LYS A 487 -37.39 19.50 9.09
C LYS A 487 -37.41 20.94 8.59
N ILE A 488 -36.27 21.61 8.61
CA ILE A 488 -36.22 23.01 8.19
C ILE A 488 -36.39 23.13 6.69
N MET A 489 -35.89 22.16 5.92
CA MET A 489 -36.03 22.25 4.47
C MET A 489 -37.49 22.11 4.06
N ASN A 490 -38.19 21.16 4.66
CA ASN A 490 -39.63 20.98 4.42
C ASN A 490 -40.30 20.88 5.77
N PRO A 491 -41.33 21.70 6.07
CA PRO A 491 -42.05 21.54 7.33
C PRO A 491 -43.32 20.68 7.19
N MET C 1 -47.30 22.81 20.48
CA MET C 1 -47.05 21.49 21.12
C MET C 1 -46.02 21.65 22.23
N LYS C 2 -46.50 21.71 23.46
CA LYS C 2 -45.63 21.89 24.61
C LYS C 2 -45.04 20.55 25.04
N LEU C 3 -43.93 20.61 25.77
CA LEU C 3 -43.24 19.39 26.17
C LEU C 3 -44.12 18.52 27.05
N GLU C 4 -44.93 19.13 27.91
CA GLU C 4 -45.81 18.34 28.77
C GLU C 4 -46.81 17.55 27.94
N GLN C 5 -47.36 18.15 26.90
CA GLN C 5 -48.31 17.44 26.05
C GLN C 5 -47.65 16.26 25.35
N GLN C 6 -46.42 16.48 24.87
CA GLN C 6 -45.68 15.40 24.23
C GLN C 6 -45.43 14.26 25.23
N ILE C 7 -45.01 14.60 26.45
CA ILE C 7 -44.72 13.59 27.46
C ILE C 7 -45.98 12.82 27.81
N GLN C 8 -47.10 13.53 27.97
CA GLN C 8 -48.36 12.87 28.25
C GLN C 8 -48.72 11.90 27.13
N ARG C 9 -48.58 12.35 25.88
CA ARG C 9 -48.88 11.48 24.74
C ARG C 9 -48.05 10.19 24.79
N VAL C 10 -46.74 10.32 24.96
CA VAL C 10 -45.87 9.15 24.87
C VAL C 10 -46.10 8.23 26.05
N ILE C 11 -46.21 8.79 27.27
CA ILE C 11 -46.41 7.95 28.44
C ILE C 11 -47.74 7.22 28.34
N LEU C 12 -48.78 7.92 27.90
CA LEU C 12 -50.08 7.29 27.80
C LEU C 12 -50.06 6.16 26.78
N GLU C 13 -49.38 6.36 25.64
CA GLU C 13 -49.32 5.30 24.64
C GLU C 13 -48.52 4.11 25.13
N GLU C 14 -47.38 4.35 25.80
CA GLU C 14 -46.60 3.24 26.33
C GLU C 14 -47.42 2.43 27.34
N ALA C 15 -48.06 3.12 28.29
CA ALA C 15 -48.87 2.40 29.27
C ALA C 15 -50.02 1.66 28.59
N LYS C 16 -50.64 2.29 27.60
CA LYS C 16 -51.77 1.67 26.94
C LYS C 16 -51.35 0.40 26.20
N ALA C 17 -50.18 0.45 25.55
CA ALA C 17 -49.70 -0.74 24.86
C ALA C 17 -49.40 -1.86 25.84
N LEU C 18 -48.78 -1.54 26.98
CA LEU C 18 -48.52 -2.56 27.98
C LEU C 18 -49.82 -3.15 28.55
N ILE C 19 -50.84 -2.31 28.76
CA ILE C 19 -52.14 -2.79 29.23
C ILE C 19 -52.78 -3.70 28.19
N LYS C 20 -52.70 -3.32 26.92
CA LYS C 20 -53.20 -4.20 25.86
C LYS C 20 -52.50 -5.54 25.87
N ASP C 21 -51.17 -5.51 26.05
CA ASP C 21 -50.40 -6.76 26.09
C ASP C 21 -50.84 -7.63 27.25
N TYR C 22 -51.05 -7.05 28.43
CA TYR C 22 -51.47 -7.85 29.58
C TYR C 22 -52.87 -8.42 29.37
N HIS C 23 -53.78 -7.61 28.81
CA HIS C 23 -55.12 -8.10 28.57
C HIS C 23 -55.09 -9.29 27.63
N GLU C 24 -54.34 -9.16 26.54
CA GLU C 24 -54.22 -10.28 25.61
C GLU C 24 -53.52 -11.46 26.27
N TYR C 25 -52.61 -11.20 27.21
CA TYR C 25 -51.94 -12.28 27.91
C TYR C 25 -52.94 -13.13 28.66
N HIS C 26 -53.77 -12.50 29.50
CA HIS C 26 -54.65 -13.31 30.32
C HIS C 26 -55.77 -13.92 29.49
N ASN C 27 -56.20 -13.23 28.43
CA ASN C 27 -57.18 -13.84 27.53
C ASN C 27 -56.62 -15.09 26.86
N ARG C 28 -55.36 -15.02 26.41
CA ARG C 28 -54.72 -16.18 25.82
C ARG C 28 -54.58 -17.30 26.85
N VAL C 29 -54.24 -16.94 28.09
CA VAL C 29 -54.10 -17.95 29.13
C VAL C 29 -55.42 -18.67 29.36
N HIS C 30 -56.53 -17.92 29.35
CA HIS C 30 -57.83 -18.58 29.48
C HIS C 30 -58.12 -19.50 28.31
N LEU C 31 -57.91 -19.03 27.09
CA LEU C 31 -58.21 -19.90 25.94
C LEU C 31 -57.35 -21.15 25.97
N GLU C 32 -56.06 -20.99 26.27
CA GLU C 32 -55.16 -22.13 26.36
C GLU C 32 -55.55 -23.05 27.51
N SER C 33 -56.07 -22.50 28.60
CA SER C 33 -56.49 -23.36 29.71
C SER C 33 -57.74 -24.15 29.34
N VAL C 34 -58.64 -23.57 28.57
CA VAL C 34 -59.78 -24.34 28.06
C VAL C 34 -59.27 -25.50 27.20
N ARG C 35 -58.38 -25.21 26.25
CA ARG C 35 -57.91 -26.28 25.38
C ARG C 35 -57.12 -27.32 26.15
N ASN C 36 -56.35 -26.90 27.16
CA ASN C 36 -55.59 -27.83 27.97
C ASN C 36 -56.48 -28.67 28.86
N LYS C 37 -57.60 -28.11 29.33
CA LYS C 37 -58.57 -28.94 30.05
C LYS C 37 -59.09 -30.03 29.12
N LYS C 38 -59.46 -29.64 27.90
CA LYS C 38 -59.94 -30.64 26.94
C LYS C 38 -58.86 -31.67 26.62
N ARG C 39 -57.60 -31.25 26.60
CA ARG C 39 -56.51 -32.15 26.24
C ARG C 39 -56.20 -33.13 27.36
N LEU C 40 -55.86 -32.62 28.54
CA LEU C 40 -55.41 -33.43 29.65
C LEU C 40 -56.53 -33.83 30.62
N GLY C 41 -57.79 -33.65 30.24
CA GLY C 41 -58.86 -34.17 31.07
C GLY C 41 -58.80 -33.61 32.47
N ASP C 42 -59.02 -34.48 33.46
CA ASP C 42 -58.99 -34.03 34.85
C ASP C 42 -57.58 -33.69 35.29
N SER C 43 -56.58 -34.37 34.71
CA SER C 43 -55.19 -34.08 35.07
C SER C 43 -54.77 -32.68 34.68
N ALA C 44 -55.53 -32.02 33.81
CA ALA C 44 -55.17 -30.68 33.37
C ALA C 44 -55.03 -29.75 34.57
N PRO C 45 -53.91 -29.04 34.72
CA PRO C 45 -53.76 -28.11 35.83
C PRO C 45 -54.77 -26.97 35.73
N ASP C 46 -54.68 -26.07 36.71
CA ASP C 46 -55.56 -24.91 36.76
C ASP C 46 -54.81 -23.68 36.25
N LYS C 47 -55.59 -22.70 35.78
CA LYS C 47 -55.01 -21.45 35.34
C LYS C 47 -54.35 -20.71 36.50
N LYS C 48 -53.25 -20.01 36.17
CA LYS C 48 -52.54 -19.14 37.12
C LYS C 48 -52.11 -17.88 36.37
N ILE C 49 -52.96 -16.85 36.38
CA ILE C 49 -52.59 -15.58 35.77
C ILE C 49 -51.57 -14.88 36.65
N HIS C 50 -50.42 -14.56 36.07
CA HIS C 50 -49.37 -13.82 36.73
C HIS C 50 -49.44 -12.35 36.33
N ARG C 51 -48.65 -11.53 37.04
CA ARG C 51 -48.45 -10.14 36.69
C ARG C 51 -46.95 -9.92 36.67
N PRO C 52 -46.40 -9.26 35.65
CA PRO C 52 -44.94 -9.07 35.60
C PRO C 52 -44.42 -8.60 36.95
N ASN C 53 -43.39 -9.29 37.43
CA ASN C 53 -42.93 -9.07 38.80
C ASN C 53 -42.47 -7.63 38.99
N TYR C 54 -41.78 -7.07 38.01
CA TYR C 54 -41.23 -5.73 38.18
C TYR C 54 -42.33 -4.70 38.40
N TRP C 55 -43.58 -5.05 38.10
CA TRP C 55 -44.68 -4.13 38.35
C TRP C 55 -44.76 -3.75 39.82
N SER C 56 -44.33 -4.64 40.72
CA SER C 56 -44.42 -4.39 42.14
C SER C 56 -43.17 -3.77 42.73
N PHE C 57 -42.05 -3.79 42.00
CA PHE C 57 -40.84 -3.15 42.50
C PHE C 57 -41.04 -1.66 42.67
N ASP C 58 -41.72 -1.03 41.70
CA ASP C 58 -42.14 0.36 41.81
C ASP C 58 -43.48 0.48 41.13
N LYS C 59 -44.26 1.48 41.54
CA LYS C 59 -45.59 1.65 41.00
C LYS C 59 -45.58 2.25 39.61
N LYS C 60 -44.51 2.91 39.21
CA LYS C 60 -44.39 3.49 37.89
C LYS C 60 -43.93 2.48 36.85
N PHE C 61 -43.56 1.27 37.27
CA PHE C 61 -43.38 0.15 36.36
C PHE C 61 -44.72 -0.41 35.90
N ASP C 62 -45.74 -0.29 36.73
CA ASP C 62 -47.04 -0.88 36.45
C ASP C 62 -47.80 -0.01 35.43
N PRO C 63 -48.20 -0.57 34.29
CA PRO C 63 -48.89 0.28 33.30
C PRO C 63 -50.19 0.85 33.79
N PHE C 64 -50.92 0.10 34.62
CA PHE C 64 -52.23 0.55 35.07
C PHE C 64 -52.11 1.80 35.93
N TYR C 65 -51.16 1.81 36.86
CA TYR C 65 -50.95 2.99 37.67
C TYR C 65 -50.50 4.17 36.84
N VAL C 66 -49.57 3.94 35.90
CA VAL C 66 -49.07 5.04 35.08
C VAL C 66 -50.22 5.65 34.28
N LYS C 67 -51.09 4.80 33.71
CA LYS C 67 -52.29 5.33 33.08
C LYS C 67 -53.18 6.07 34.07
N SER C 68 -53.18 5.66 35.33
CA SER C 68 -54.02 6.32 36.32
C SER C 68 -53.60 7.77 36.52
N ASN C 69 -52.30 8.04 36.59
CA ASN C 69 -51.77 9.36 36.88
C ASN C 69 -50.70 9.77 35.87
N TYR C 70 -51.00 9.60 34.57
CA TYR C 70 -50.01 10.00 33.56
C TYR C 70 -49.96 11.51 33.40
N LYS C 71 -51.06 12.21 33.70
CA LYS C 71 -51.05 13.67 33.58
C LYS C 71 -50.15 14.30 34.65
N SER C 72 -50.30 13.88 35.91
CA SER C 72 -49.42 14.40 36.94
C SER C 72 -47.98 13.99 36.69
N ILE C 73 -47.78 12.74 36.25
CA ILE C 73 -46.44 12.26 35.97
C ILE C 73 -45.77 13.13 34.92
N ALA C 74 -46.49 13.39 33.82
CA ALA C 74 -45.92 14.19 32.74
C ALA C 74 -45.76 15.65 33.15
N ARG C 75 -46.68 16.17 33.97
CA ARG C 75 -46.54 17.53 34.48
C ARG C 75 -45.23 17.68 35.23
N SER C 76 -44.98 16.78 36.18
CA SER C 76 -43.75 16.83 36.95
C SER C 76 -42.53 16.58 36.08
N ILE C 77 -42.62 15.64 35.13
CA ILE C 77 -41.47 15.37 34.27
C ILE C 77 -41.13 16.60 33.44
N ALA C 78 -42.14 17.28 32.90
CA ALA C 78 -41.89 18.47 32.10
C ALA C 78 -41.27 19.57 32.94
N ASN C 79 -41.78 19.79 34.16
CA ASN C 79 -41.15 20.77 35.02
C ASN C 79 -39.70 20.39 35.31
N LYS C 80 -39.45 19.11 35.59
CA LYS C 80 -38.09 18.69 35.92
C LYS C 80 -37.15 18.89 34.74
N ILE C 81 -37.63 18.63 33.53
CA ILE C 81 -36.80 18.84 32.35
C ILE C 81 -36.53 20.33 32.15
N GLU C 82 -37.56 21.17 32.33
CA GLU C 82 -37.37 22.61 32.15
C GLU C 82 -36.48 23.20 33.21
N ASN C 83 -36.56 22.71 34.45
CA ASN C 83 -35.66 23.18 35.50
C ASN C 83 -34.34 22.44 35.51
N ARG C 84 -34.12 21.52 34.59
CA ARG C 84 -32.85 20.81 34.47
C ARG C 84 -32.52 20.07 35.77
N THR C 85 -33.55 19.45 36.35
CA THR C 85 -33.40 18.60 37.52
C THR C 85 -33.85 17.18 37.27
N TYR C 86 -34.32 16.86 36.06
CA TYR C 86 -34.81 15.53 35.77
C TYR C 86 -33.67 14.52 35.81
N LEU C 87 -33.93 13.39 36.45
CA LEU C 87 -33.01 12.26 36.51
C LEU C 87 -33.85 11.00 36.44
N PRO C 88 -33.64 10.13 35.45
CA PRO C 88 -34.45 8.91 35.38
C PRO C 88 -34.23 8.03 36.61
N ASN C 89 -35.29 7.35 37.02
CA ASN C 89 -35.20 6.44 38.15
C ASN C 89 -34.34 5.24 37.78
N GLU C 90 -34.10 4.36 38.74
CA GLU C 90 -33.24 3.23 38.48
C GLU C 90 -33.98 2.20 37.63
N PRO C 91 -33.43 1.79 36.50
CA PRO C 91 -34.06 0.71 35.75
C PRO C 91 -34.08 -0.56 36.58
N PHE C 92 -35.17 -1.31 36.46
CA PHE C 92 -35.20 -2.63 37.03
C PHE C 92 -34.27 -3.47 36.16
N THR C 93 -33.09 -3.74 36.68
CA THR C 93 -32.08 -4.46 35.94
C THR C 93 -32.05 -5.92 36.37
N LYS C 94 -31.76 -6.77 35.41
CA LYS C 94 -31.69 -8.22 35.60
C LYS C 94 -30.59 -8.73 34.67
N ASP C 95 -29.45 -9.05 35.26
CA ASP C 95 -28.39 -9.72 34.52
C ASP C 95 -28.82 -11.13 34.17
N VAL C 96 -28.55 -11.55 32.93
CA VAL C 96 -28.96 -12.87 32.47
C VAL C 96 -27.75 -13.61 31.92
N PRO C 97 -27.61 -14.91 32.17
CA PRO C 97 -26.47 -15.64 31.61
C PRO C 97 -26.49 -15.64 30.09
N LYS C 98 -25.32 -15.40 29.50
CA LYS C 98 -25.13 -15.47 28.06
C LYS C 98 -24.47 -16.78 27.67
N PRO C 99 -24.70 -17.24 26.43
CA PRO C 99 -24.12 -18.53 26.02
C PRO C 99 -22.60 -18.59 26.12
N ASP C 100 -21.91 -17.48 25.89
CA ASP C 100 -20.46 -17.47 26.04
C ASP C 100 -20.02 -17.55 27.50
N GLY C 101 -20.95 -17.43 28.45
CA GLY C 101 -20.63 -17.42 29.86
C GLY C 101 -20.64 -16.05 30.48
N GLY C 102 -20.87 -15.00 29.69
CA GLY C 102 -20.99 -13.65 30.21
C GLY C 102 -22.39 -13.37 30.69
N ILE C 103 -22.65 -12.09 30.96
CA ILE C 103 -23.95 -11.66 31.47
C ILE C 103 -24.44 -10.51 30.60
N ARG C 104 -25.68 -10.63 30.13
CA ARG C 104 -26.35 -9.58 29.37
C ARG C 104 -27.23 -8.86 30.38
N LYS C 105 -26.92 -7.59 30.63
CA LYS C 105 -27.66 -6.80 31.62
C LYS C 105 -28.94 -6.25 30.98
N VAL C 106 -30.06 -6.95 31.20
CA VAL C 106 -31.36 -6.45 30.77
C VAL C 106 -31.74 -5.29 31.68
N SER C 107 -32.21 -4.20 31.08
CA SER C 107 -32.59 -3.01 31.84
C SER C 107 -33.97 -2.56 31.39
N ILE C 108 -34.91 -2.50 32.32
CA ILE C 108 -36.25 -2.01 32.05
C ILE C 108 -36.42 -0.70 32.80
N TYR C 109 -36.44 0.41 32.07
CA TYR C 109 -36.74 1.67 32.70
C TYR C 109 -38.23 1.77 32.98
N GLN C 110 -38.59 2.56 33.99
CA GLN C 110 -39.99 2.74 34.30
C GLN C 110 -40.70 3.43 33.15
N ILE C 111 -42.02 3.23 33.10
CA ILE C 111 -42.77 3.66 31.92
C ILE C 111 -42.53 5.11 31.59
N PRO C 112 -42.58 6.06 32.54
CA PRO C 112 -42.26 7.45 32.18
C PRO C 112 -40.85 7.63 31.65
N ASP C 113 -39.87 6.97 32.28
CA ASP C 113 -38.49 7.12 31.83
C ASP C 113 -38.31 6.55 30.43
N ALA C 114 -38.93 5.40 30.16
CA ALA C 114 -38.82 4.80 28.83
C ALA C 114 -39.55 5.64 27.79
N ALA C 115 -40.68 6.24 28.16
CA ALA C 115 -41.39 7.12 27.24
C ALA C 115 -40.55 8.34 26.91
N ILE C 116 -39.89 8.92 27.90
CA ILE C 116 -38.99 10.05 27.63
C ILE C 116 -37.86 9.60 26.71
N SER C 117 -37.29 8.43 27.00
CA SER C 117 -36.19 7.91 26.18
C SER C 117 -36.62 7.78 24.73
N LYS C 118 -37.79 7.18 24.50
CA LYS C 118 -38.26 7.08 23.12
C LYS C 118 -38.47 8.47 22.53
N LEU C 119 -39.23 9.32 23.22
CA LEU C 119 -39.59 10.62 22.66
C LEU C 119 -38.36 11.38 22.19
N PHE C 120 -37.28 11.34 22.97
CA PHE C 120 -36.14 12.19 22.66
C PHE C 120 -35.13 11.49 21.76
N PHE C 121 -34.78 10.25 22.09
CA PHE C 121 -33.73 9.58 21.35
C PHE C 121 -34.20 9.08 19.99
N ASN C 122 -35.50 8.83 19.80
CA ASN C 122 -36.00 8.57 18.46
C ASN C 122 -35.86 9.81 17.59
N ARG C 123 -36.17 10.98 18.15
CA ARG C 123 -35.97 12.23 17.43
C ARG C 123 -34.49 12.41 17.08
N LEU C 124 -33.61 12.15 18.04
CA LEU C 124 -32.18 12.32 17.79
C LEU C 124 -31.71 11.39 16.70
N LEU C 125 -32.16 10.14 16.72
CA LEU C 125 -31.75 9.18 15.70
C LEU C 125 -32.29 9.60 14.34
N ALA C 126 -33.53 10.09 14.29
CA ALA C 126 -34.12 10.51 13.03
C ALA C 126 -33.36 11.70 12.44
N LYS C 127 -32.98 12.65 13.28
CA LYS C 127 -32.34 13.87 12.80
C LYS C 127 -30.85 13.68 12.50
N ASN C 128 -30.24 12.61 13.00
CA ASN C 128 -28.82 12.33 12.75
C ASN C 128 -28.61 11.03 11.99
N ARG C 129 -29.64 10.57 11.28
CA ARG C 129 -29.55 9.29 10.58
C ARG C 129 -28.39 9.26 9.59
N HIS C 130 -28.26 10.27 8.75
CA HIS C 130 -27.27 10.24 7.69
C HIS C 130 -25.85 10.39 8.21
N ARG C 131 -25.70 10.74 9.50
CA ARG C 131 -24.38 10.79 10.10
C ARG C 131 -23.93 9.43 10.62
N PHE C 132 -24.82 8.45 10.68
CA PHE C 132 -24.49 7.15 11.22
C PHE C 132 -24.11 6.18 10.10
N SER C 133 -23.54 5.06 10.50
CA SER C 133 -23.18 4.02 9.54
C SER C 133 -24.43 3.30 9.06
N SER C 134 -24.27 2.51 8.01
CA SER C 134 -25.40 1.79 7.44
C SER C 134 -25.90 0.70 8.38
N PHE C 135 -25.05 -0.27 8.69
CA PHE C 135 -25.46 -1.46 9.42
C PHE C 135 -25.16 -1.38 10.90
N SER C 136 -25.68 -0.37 11.58
CA SER C 136 -25.57 -0.24 13.03
C SER C 136 -26.93 -0.54 13.64
N TYR C 137 -27.00 -1.52 14.53
CA TYR C 137 -28.26 -1.93 15.13
C TYR C 137 -28.07 -2.06 16.63
N ALA C 138 -29.18 -1.89 17.36
CA ALA C 138 -29.16 -1.90 18.81
C ALA C 138 -29.59 -3.23 19.41
N TYR C 139 -30.62 -3.84 18.86
CA TYR C 139 -31.11 -5.12 19.31
C TYR C 139 -30.77 -6.18 18.25
N ARG C 140 -30.51 -7.40 18.70
CA ARG C 140 -30.24 -8.48 17.77
C ARG C 140 -31.52 -9.02 17.14
N ASN C 141 -32.69 -8.63 17.66
CA ASN C 141 -33.96 -8.93 17.05
C ASN C 141 -34.41 -7.82 16.10
N ASP C 142 -33.64 -6.75 15.96
CA ASP C 142 -33.98 -5.68 15.05
C ASP C 142 -34.18 -6.26 13.66
N ARG C 143 -35.33 -5.93 13.07
CA ARG C 143 -35.69 -6.52 11.79
C ARG C 143 -34.69 -6.12 10.72
N ASN C 144 -34.25 -4.87 10.75
CA ASN C 144 -33.37 -4.31 9.74
C ASN C 144 -31.99 -4.95 9.75
N VAL C 145 -31.66 -5.72 10.78
CA VAL C 145 -30.39 -6.44 10.74
C VAL C 145 -30.36 -7.34 9.52
N HIS C 146 -31.51 -7.79 9.04
CA HIS C 146 -31.48 -8.68 7.89
C HIS C 146 -30.87 -8.00 6.68
N PHE C 147 -30.98 -6.68 6.56
CA PHE C 147 -30.33 -5.98 5.47
C PHE C 147 -28.83 -6.15 5.52
N ALA C 148 -28.25 -6.02 6.71
CA ALA C 148 -26.82 -6.27 6.85
C ALA C 148 -26.51 -7.69 6.44
N ILE C 149 -27.35 -8.64 6.87
CA ILE C 149 -27.14 -10.02 6.47
C ILE C 149 -27.13 -10.11 4.96
N GLN C 150 -28.13 -9.48 4.31
CA GLN C 150 -28.14 -9.51 2.85
C GLN C 150 -26.80 -9.05 2.31
N ASP C 151 -26.32 -7.91 2.80
CA ASP C 151 -25.07 -7.38 2.28
C ASP C 151 -23.98 -8.43 2.38
N ILE C 152 -23.76 -8.97 3.58
CA ILE C 152 -22.66 -9.91 3.72
C ILE C 152 -22.89 -11.10 2.81
N SER C 153 -24.12 -11.61 2.77
CA SER C 153 -24.40 -12.75 1.93
C SER C 153 -24.00 -12.45 0.49
N VAL C 154 -24.42 -11.29 -0.01
CA VAL C 154 -24.13 -10.96 -1.40
C VAL C 154 -22.62 -10.96 -1.62
N ASP C 155 -21.88 -10.31 -0.71
CA ASP C 155 -20.45 -10.28 -0.89
C ASP C 155 -19.87 -11.68 -0.83
N LEU C 156 -20.33 -12.48 0.13
CA LEU C 156 -19.74 -13.81 0.26
C LEU C 156 -19.98 -14.62 -0.99
N LYS C 157 -20.98 -14.26 -1.80
CA LYS C 157 -21.18 -14.93 -3.07
C LYS C 157 -20.29 -14.32 -4.14
N LYS C 158 -20.34 -12.99 -4.27
CA LYS C 158 -19.57 -12.31 -5.31
C LYS C 158 -18.08 -12.46 -5.05
N ASN C 159 -17.66 -12.14 -3.84
CA ASN C 159 -16.30 -12.41 -3.40
C ASN C 159 -16.24 -13.86 -2.96
N GLU C 160 -15.60 -14.70 -3.77
CA GLU C 160 -15.50 -16.11 -3.43
C GLU C 160 -14.47 -16.38 -2.34
N ARG C 161 -13.75 -15.36 -1.90
CA ARG C 161 -12.81 -15.46 -0.80
C ARG C 161 -12.91 -14.17 0.00
N THR C 162 -13.41 -14.25 1.23
CA THR C 162 -13.65 -13.07 2.04
C THR C 162 -13.07 -13.26 3.43
N PHE C 163 -12.19 -12.34 3.83
CA PHE C 163 -11.66 -12.33 5.18
C PHE C 163 -12.66 -11.66 6.12
N LEU C 164 -13.10 -12.39 7.14
CA LEU C 164 -14.03 -11.86 8.12
C LEU C 164 -13.37 -11.85 9.49
N ALA C 165 -13.95 -11.03 10.37
CA ALA C 165 -13.53 -10.95 11.76
C ALA C 165 -14.72 -10.55 12.61
N GLU C 166 -14.78 -11.09 13.82
CA GLU C 166 -15.88 -10.82 14.74
C GLU C 166 -15.35 -10.28 16.05
N PHE C 167 -16.15 -9.40 16.67
CA PHE C 167 -15.75 -8.70 17.88
C PHE C 167 -16.92 -8.62 18.83
N ASP C 168 -16.59 -8.55 20.13
CA ASP C 168 -17.56 -8.36 21.20
C ASP C 168 -17.33 -6.99 21.82
N PHE C 169 -18.36 -6.15 21.79
CA PHE C 169 -18.29 -4.81 22.36
C PHE C 169 -19.01 -4.73 23.71
N SER C 170 -19.26 -5.87 24.35
CA SER C 170 -20.08 -5.89 25.55
C SER C 170 -19.45 -5.02 26.66
N ASP C 171 -18.16 -5.21 26.91
CA ASP C 171 -17.51 -4.42 27.95
C ASP C 171 -17.41 -2.96 27.56
N PHE C 172 -17.30 -2.66 26.27
CA PHE C 172 -17.25 -1.27 25.84
C PHE C 172 -18.48 -0.52 26.32
N PHE C 173 -19.66 -1.08 26.06
CA PHE C 173 -20.90 -0.41 26.42
C PHE C 173 -21.22 -0.55 27.90
N GLY C 174 -20.79 -1.64 28.53
CA GLY C 174 -20.95 -1.76 29.96
C GLY C 174 -20.14 -0.73 30.73
N SER C 175 -18.90 -0.48 30.27
CA SER C 175 -18.08 0.60 30.82
C SER C 175 -17.41 1.41 29.71
N ILE C 176 -18.08 2.46 29.27
CA ILE C 176 -17.50 3.49 28.40
C ILE C 176 -17.46 4.80 29.18
N SER C 177 -16.31 5.45 29.16
CA SER C 177 -16.18 6.73 29.83
C SER C 177 -17.23 7.70 29.30
N HIS C 178 -18.04 8.24 30.21
CA HIS C 178 -19.04 9.20 29.82
C HIS C 178 -18.42 10.50 29.33
N SER C 179 -17.16 10.73 29.69
CA SER C 179 -16.44 11.88 29.16
C SER C 179 -16.23 11.74 27.65
N PHE C 180 -15.90 10.53 27.20
CA PHE C 180 -15.75 10.29 25.77
C PHE C 180 -17.06 10.56 25.03
N LEU C 181 -18.16 10.04 25.57
CA LEU C 181 -19.46 10.32 24.98
C LEU C 181 -19.71 11.81 24.91
N ASN C 182 -19.51 12.51 26.02
CA ASN C 182 -19.79 13.94 26.05
C ASN C 182 -18.90 14.70 25.08
N GLU C 183 -17.68 14.21 24.85
CA GLU C 183 -16.82 14.82 23.84
C GLU C 183 -17.41 14.67 22.45
N GLN C 184 -17.99 13.50 22.15
CA GLN C 184 -18.51 13.29 20.79
C GLN C 184 -19.76 14.12 20.50
N PHE C 185 -20.34 14.78 21.49
CA PHE C 185 -21.61 15.48 21.30
C PHE C 185 -21.57 16.52 20.18
N ASN C 186 -20.40 17.13 19.92
CA ASN C 186 -20.30 18.22 18.97
C ASN C 186 -19.31 17.88 17.86
N GLU C 187 -19.37 16.66 17.37
CA GLU C 187 -18.52 16.21 16.28
C GLU C 187 -19.36 15.49 15.23
N ASN C 188 -18.81 15.40 14.03
CA ASN C 188 -19.40 14.60 12.95
C ASN C 188 -20.72 15.19 12.44
N GLY C 189 -20.91 16.49 12.62
CA GLY C 189 -22.12 17.11 12.15
C GLY C 189 -23.36 16.72 12.91
N PHE C 190 -23.21 16.06 14.07
CA PHE C 190 -24.38 15.68 14.85
C PHE C 190 -25.16 16.91 15.29
N TYR C 191 -26.49 16.80 15.27
CA TYR C 191 -27.40 17.85 15.72
C TYR C 191 -28.06 17.38 17.01
N ILE C 192 -27.53 17.86 18.14
CA ILE C 192 -28.09 17.56 19.46
C ILE C 192 -28.40 18.90 20.10
N SER C 193 -29.68 19.17 20.34
CA SER C 193 -30.10 20.43 20.96
C SER C 193 -29.72 20.43 22.43
N PRO C 194 -29.68 21.61 23.08
CA PRO C 194 -29.28 21.64 24.49
C PRO C 194 -30.15 20.79 25.40
N GLU C 195 -31.46 20.75 25.15
CA GLU C 195 -32.32 19.92 25.98
C GLU C 195 -32.08 18.44 25.74
N GLU C 196 -31.83 18.05 24.48
CA GLU C 196 -31.49 16.66 24.21
C GLU C 196 -30.16 16.30 24.86
N LYS C 197 -29.21 17.23 24.87
CA LYS C 197 -27.96 16.99 25.59
C LYS C 197 -28.22 16.80 27.08
N PHE C 198 -29.12 17.60 27.64
CA PHE C 198 -29.46 17.45 29.05
C PHE C 198 -30.06 16.08 29.32
N ILE C 199 -30.98 15.63 28.48
CA ILE C 199 -31.58 14.31 28.66
C ILE C 199 -30.53 13.20 28.52
N ILE C 200 -29.64 13.32 27.55
CA ILE C 200 -28.58 12.34 27.41
C ILE C 200 -27.74 12.28 28.68
N ARG C 201 -27.32 13.44 29.16
CA ARG C 201 -26.50 13.50 30.36
C ARG C 201 -27.26 13.02 31.58
N SER C 202 -28.59 13.18 31.59
CA SER C 202 -29.38 12.72 32.72
C SER C 202 -29.45 11.20 32.75
N PHE C 203 -29.70 10.59 31.59
CA PHE C 203 -29.71 9.13 31.56
C PHE C 203 -28.33 8.56 31.82
N LEU C 204 -27.28 9.29 31.46
CA LEU C 204 -25.93 8.84 31.79
C LEU C 204 -25.62 9.06 33.27
N ARG C 205 -26.21 10.08 33.88
CA ARG C 205 -25.99 10.35 35.30
C ARG C 205 -26.70 9.34 36.17
N GLU C 206 -27.89 8.90 35.76
CA GLU C 206 -28.54 7.79 36.45
C GLU C 206 -27.67 6.55 36.40
N ARG C 207 -26.99 6.34 35.29
CA ARG C 207 -25.89 5.39 35.22
C ARG C 207 -24.64 6.07 35.74
N LYS C 208 -23.54 5.33 35.78
CA LYS C 208 -22.25 5.91 36.18
C LYS C 208 -21.21 5.77 35.09
N VAL C 209 -21.03 4.55 34.57
CA VAL C 209 -20.22 4.32 33.38
C VAL C 209 -20.99 3.34 32.51
N GLY C 210 -20.78 3.43 31.21
CA GLY C 210 -21.44 2.54 30.28
C GLY C 210 -22.75 3.08 29.77
N ILE C 211 -23.19 2.50 28.66
CA ILE C 211 -24.46 2.84 28.04
C ILE C 211 -25.47 1.74 28.37
N PRO C 212 -26.68 2.09 28.81
CA PRO C 212 -27.69 1.04 29.03
C PRO C 212 -28.04 0.35 27.72
N GLN C 213 -27.89 -0.96 27.71
CA GLN C 213 -28.03 -1.78 26.52
C GLN C 213 -29.44 -2.36 26.43
N GLY C 214 -29.89 -2.58 25.20
CA GLY C 214 -31.25 -3.05 24.98
C GLY C 214 -32.30 -2.07 25.42
N THR C 215 -32.07 -0.78 25.17
CA THR C 215 -32.97 0.29 25.56
C THR C 215 -33.15 1.25 24.40
N SER C 216 -34.09 2.19 24.57
CA SER C 216 -34.35 3.17 23.52
C SER C 216 -33.14 4.03 23.24
N ILE C 217 -32.31 4.30 24.27
CA ILE C 217 -31.19 5.22 24.11
C ILE C 217 -29.94 4.50 23.65
N SER C 218 -29.99 3.18 23.51
CA SER C 218 -28.80 2.40 23.20
C SER C 218 -28.24 2.76 21.82
N LEU C 219 -29.09 2.75 20.80
CA LEU C 219 -28.58 2.95 19.44
C LEU C 219 -27.94 4.31 19.28
N PHE C 220 -28.57 5.37 19.77
CA PHE C 220 -28.00 6.69 19.59
C PHE C 220 -26.64 6.80 20.25
N LEU C 221 -26.54 6.45 21.53
CA LEU C 221 -25.28 6.61 22.22
C LEU C 221 -24.21 5.67 21.67
N ALA C 222 -24.59 4.47 21.23
CA ALA C 222 -23.63 3.58 20.62
C ALA C 222 -23.09 4.17 19.32
N ASN C 223 -23.98 4.67 18.46
CA ASN C 223 -23.54 5.25 17.20
C ASN C 223 -22.73 6.51 17.43
N LEU C 224 -23.11 7.30 18.42
CA LEU C 224 -22.39 8.52 18.74
C LEU C 224 -21.01 8.20 19.28
N THR C 225 -20.88 7.09 20.01
CA THR C 225 -19.60 6.70 20.57
C THR C 225 -18.68 6.07 19.53
N CYS C 226 -19.23 5.27 18.62
CA CYS C 226 -18.45 4.50 17.67
C CYS C 226 -18.34 5.19 16.33
N TRP C 227 -18.62 6.49 16.26
CA TRP C 227 -18.65 7.18 14.98
C TRP C 227 -17.26 7.29 14.36
N LYS C 228 -16.23 7.47 15.18
CA LYS C 228 -14.88 7.49 14.64
C LYS C 228 -14.38 6.10 14.28
N LEU C 229 -14.78 5.07 15.03
CA LEU C 229 -14.44 3.72 14.63
C LEU C 229 -15.06 3.39 13.27
N ASP C 230 -16.32 3.79 13.08
CA ASP C 230 -16.96 3.56 11.80
C ASP C 230 -16.29 4.35 10.69
N GLN C 231 -15.94 5.61 10.94
CA GLN C 231 -15.29 6.38 9.88
C GLN C 231 -13.94 5.79 9.51
N ASP C 232 -13.15 5.37 10.50
CA ASP C 232 -11.85 4.79 10.23
C ASP C 232 -11.99 3.49 9.46
N LEU C 233 -12.94 2.63 9.87
CA LEU C 233 -13.13 1.37 9.17
C LEU C 233 -13.62 1.60 7.75
N GLU C 234 -14.43 2.64 7.54
CA GLU C 234 -14.92 2.93 6.20
C GLU C 234 -13.81 3.48 5.31
N ARG C 235 -12.90 4.26 5.88
CA ARG C 235 -11.75 4.69 5.10
C ARG C 235 -10.81 3.54 4.78
N GLU C 236 -10.67 2.58 5.69
CA GLU C 236 -9.88 1.38 5.40
C GLU C 236 -10.50 0.54 4.30
N GLY C 237 -11.75 0.77 3.95
CA GLY C 237 -12.41 0.00 2.92
C GLY C 237 -13.06 -1.27 3.42
N VAL C 238 -13.01 -1.52 4.72
CA VAL C 238 -13.66 -2.70 5.28
C VAL C 238 -15.14 -2.41 5.44
N LYS C 239 -15.96 -3.42 5.24
CA LYS C 239 -17.39 -3.31 5.48
C LYS C 239 -17.68 -3.93 6.83
N PHE C 240 -18.66 -3.38 7.54
CA PHE C 240 -18.88 -3.84 8.90
C PHE C 240 -20.33 -3.64 9.29
N SER C 241 -20.74 -4.38 10.32
CA SER C 241 -22.06 -4.28 10.90
C SER C 241 -21.96 -4.49 12.39
N ARG C 242 -22.53 -3.57 13.16
CA ARG C 242 -22.65 -3.73 14.60
C ARG C 242 -24.09 -4.05 14.95
N TYR C 243 -24.30 -5.13 15.69
CA TYR C 243 -25.61 -5.51 16.19
C TYR C 243 -25.49 -5.80 17.68
N ALA C 244 -26.17 -4.98 18.50
CA ALA C 244 -26.11 -5.10 19.95
C ALA C 244 -24.64 -5.03 20.35
N ASP C 245 -24.09 -6.03 21.05
CA ASP C 245 -22.72 -6.01 21.51
C ASP C 245 -21.80 -6.83 20.60
N ASP C 246 -22.15 -6.98 19.33
CA ASP C 246 -21.36 -7.75 18.39
C ASP C 246 -21.03 -6.89 17.18
N THR C 247 -19.88 -7.15 16.57
CA THR C 247 -19.48 -6.47 15.35
C THR C 247 -18.83 -7.47 14.41
N ILE C 248 -19.22 -7.43 13.15
CA ILE C 248 -18.60 -8.26 12.12
C ILE C 248 -18.02 -7.33 11.07
N ILE C 249 -16.72 -7.51 10.78
CA ILE C 249 -16.02 -6.73 9.77
C ILE C 249 -15.50 -7.70 8.71
N TRP C 250 -15.85 -7.46 7.47
CA TRP C 250 -15.42 -8.29 6.36
C TRP C 250 -14.78 -7.46 5.26
N SER C 251 -13.90 -8.11 4.50
CA SER C 251 -13.18 -7.49 3.39
C SER C 251 -12.72 -8.59 2.45
N GLN C 252 -12.25 -8.19 1.28
CA GLN C 252 -11.60 -9.10 0.36
C GLN C 252 -10.08 -9.15 0.53
N GLU C 253 -9.54 -8.39 1.49
CA GLU C 253 -8.10 -8.30 1.71
C GLU C 253 -7.79 -8.63 3.16
N TYR C 254 -6.67 -9.34 3.37
CA TYR C 254 -6.22 -9.65 4.72
C TYR C 254 -5.63 -8.44 5.42
N SER C 255 -4.85 -7.64 4.69
CA SER C 255 -4.28 -6.43 5.26
C SER C 255 -5.37 -5.53 5.81
N LYS C 256 -6.47 -5.40 5.08
CA LYS C 256 -7.56 -4.54 5.52
C LYS C 256 -8.11 -5.00 6.86
N ILE C 257 -8.36 -6.31 7.01
CA ILE C 257 -8.98 -6.79 8.24
C ILE C 257 -8.00 -6.65 9.41
N CYS C 258 -6.71 -6.88 9.17
CA CYS C 258 -5.74 -6.68 10.24
C CYS C 258 -5.68 -5.20 10.64
N ASN C 259 -5.70 -4.31 9.65
CA ASN C 259 -5.74 -2.88 9.97
C ASN C 259 -6.99 -2.52 10.72
N ALA C 260 -8.10 -3.20 10.43
CA ALA C 260 -9.33 -2.97 11.20
C ALA C 260 -9.14 -3.40 12.64
N PHE C 261 -8.44 -4.50 12.85
CA PHE C 261 -8.11 -4.92 14.21
C PHE C 261 -7.33 -3.83 14.93
N ASN C 262 -6.34 -3.26 14.25
CA ASN C 262 -5.56 -2.18 14.84
C ASN C 262 -6.44 -0.97 15.14
N ILE C 263 -7.36 -0.65 14.23
CA ILE C 263 -8.27 0.48 14.43
C ILE C 263 -9.11 0.26 15.68
N ILE C 264 -9.65 -0.95 15.82
CA ILE C 264 -10.49 -1.26 16.97
C ILE C 264 -9.66 -1.14 18.26
N THR C 265 -8.42 -1.61 18.23
CA THR C 265 -7.59 -1.52 19.42
C THR C 265 -7.30 -0.05 19.78
N ASN C 266 -6.99 0.77 18.77
CA ASN C 266 -6.73 2.17 19.04
C ASN C 266 -7.96 2.87 19.57
N PHE C 267 -9.12 2.57 19.01
CA PHE C 267 -10.37 3.16 19.49
C PHE C 267 -10.67 2.70 20.90
N SER C 268 -10.31 1.45 21.23
CA SER C 268 -10.46 0.96 22.59
C SER C 268 -9.59 1.75 23.55
N LYS C 269 -8.34 2.01 23.16
CA LYS C 269 -7.47 2.80 24.02
C LYS C 269 -8.00 4.21 24.20
N SER C 270 -8.45 4.83 23.11
CA SER C 270 -9.03 6.16 23.21
C SER C 270 -10.25 6.16 24.12
N ALA C 271 -10.98 5.05 24.16
CA ALA C 271 -12.16 4.95 25.00
C ALA C 271 -11.83 4.58 26.45
N GLY C 272 -10.58 4.23 26.75
CA GLY C 272 -10.25 3.78 28.07
C GLY C 272 -10.78 2.41 28.42
N ILE C 273 -11.25 1.64 27.43
CA ILE C 273 -11.87 0.35 27.64
C ILE C 273 -11.62 -0.56 26.45
N LYS C 274 -11.54 -1.85 26.70
CA LYS C 274 -11.07 -2.82 25.70
C LYS C 274 -12.23 -3.52 25.01
N ILE C 275 -12.02 -3.81 23.72
CA ILE C 275 -12.95 -4.57 22.89
C ILE C 275 -12.23 -5.83 22.44
N ASN C 276 -12.82 -6.99 22.73
CA ASN C 276 -12.17 -8.27 22.54
C ASN C 276 -12.90 -9.08 21.47
N PRO C 277 -12.18 -9.79 20.62
CA PRO C 277 -12.84 -10.66 19.64
C PRO C 277 -13.52 -11.85 20.32
N LYS C 278 -14.53 -12.38 19.64
CA LYS C 278 -15.25 -13.54 20.13
C LYS C 278 -14.28 -14.71 20.33
N GLY C 282 -11.93 -15.32 15.93
CA GLY C 282 -11.71 -13.89 15.76
C GLY C 282 -11.56 -13.48 14.31
N ILE C 283 -10.62 -14.10 13.59
CA ILE C 283 -10.32 -13.76 12.21
C ILE C 283 -10.19 -15.02 11.38
N SER C 284 -10.83 -15.03 10.20
CA SER C 284 -10.86 -16.22 9.36
C SER C 284 -11.14 -15.83 7.91
N LEU C 285 -11.12 -16.83 7.04
CA LEU C 285 -11.42 -16.69 5.62
C LEU C 285 -12.58 -17.61 5.25
N LEU C 286 -13.58 -17.04 4.59
CA LEU C 286 -14.67 -17.82 4.00
C LEU C 286 -14.42 -17.97 2.51
N THR C 287 -14.41 -19.21 2.06
CA THR C 287 -14.02 -19.56 0.70
C THR C 287 -15.07 -20.51 0.14
N LYS C 288 -15.14 -20.61 -1.18
CA LYS C 288 -16.04 -21.57 -1.79
C LYS C 288 -15.72 -22.95 -1.22
N LYS C 289 -16.76 -23.70 -0.88
CA LYS C 289 -16.53 -25.03 -0.32
C LYS C 289 -15.69 -25.86 -1.27
N GLY C 290 -14.83 -26.68 -0.70
CA GLY C 290 -13.90 -27.47 -1.50
C GLY C 290 -12.57 -26.78 -1.71
N LEU C 291 -12.62 -25.51 -2.10
CA LEU C 291 -11.39 -24.75 -2.25
C LEU C 291 -10.68 -24.65 -0.92
N PRO C 292 -9.35 -24.73 -0.88
CA PRO C 292 -8.63 -24.67 0.40
C PRO C 292 -8.41 -23.25 0.88
N SER C 293 -7.69 -23.09 1.98
CA SER C 293 -7.38 -21.78 2.52
C SER C 293 -6.00 -21.77 3.13
N GLU C 294 -5.43 -20.57 3.21
CA GLU C 294 -4.09 -20.39 3.77
C GLU C 294 -4.17 -20.28 5.28
N ILE C 295 -4.91 -19.28 5.73
CA ILE C 295 -5.11 -18.92 7.12
C ILE C 295 -6.18 -19.84 7.68
N THR C 296 -6.34 -19.86 8.99
CA THR C 296 -7.46 -20.58 9.57
C THR C 296 -8.74 -20.14 8.89
N SER C 297 -9.50 -21.10 8.38
CA SER C 297 -10.64 -20.79 7.54
C SER C 297 -11.87 -21.56 8.00
N LYS C 298 -13.02 -20.97 7.70
CA LYS C 298 -14.32 -21.55 7.95
C LYS C 298 -15.20 -21.25 6.75
N ASN C 299 -15.95 -22.24 6.28
CA ASN C 299 -16.82 -22.07 5.13
C ASN C 299 -18.25 -21.75 5.53
N ASN C 300 -18.46 -21.33 6.78
CA ASN C 300 -19.78 -20.97 7.27
C ASN C 300 -19.61 -19.92 8.36
N LEU C 301 -20.52 -18.95 8.38
CA LEU C 301 -20.51 -17.87 9.37
C LEU C 301 -21.89 -17.79 10.03
N ASP C 302 -21.93 -17.80 11.36
CA ASP C 302 -23.18 -17.72 12.09
C ASP C 302 -23.51 -16.26 12.34
N PHE C 303 -24.45 -15.71 11.57
CA PHE C 303 -24.95 -14.35 11.71
C PHE C 303 -26.38 -14.47 12.23
N LEU C 304 -26.56 -14.27 13.54
CA LEU C 304 -27.86 -14.40 14.21
C LEU C 304 -28.37 -15.82 13.97
N GLY C 305 -29.56 -16.01 13.42
CA GLY C 305 -30.12 -17.33 13.20
C GLY C 305 -29.83 -17.82 11.80
N TYR C 306 -28.79 -17.27 11.18
CA TYR C 306 -28.40 -17.64 9.84
C TYR C 306 -27.00 -18.24 9.86
N THR C 307 -26.79 -19.24 9.02
CA THR C 307 -25.45 -19.67 8.62
C THR C 307 -25.25 -19.21 7.18
N LEU C 308 -24.40 -18.21 7.01
CA LEU C 308 -24.10 -17.63 5.71
C LEU C 308 -22.82 -18.24 5.17
N SER C 309 -22.90 -18.77 3.96
CA SER C 309 -21.76 -19.39 3.29
C SER C 309 -21.64 -18.80 1.90
N VAL C 310 -20.49 -19.05 1.27
CA VAL C 310 -20.24 -18.52 -0.06
C VAL C 310 -21.26 -19.01 -1.06
N GLU C 311 -21.93 -20.12 -0.77
CA GLU C 311 -22.87 -20.73 -1.70
C GLU C 311 -24.33 -20.46 -1.37
N ASN C 312 -24.69 -20.41 -0.09
CA ASN C 312 -26.08 -20.32 0.29
C ASN C 312 -26.22 -19.55 1.59
N VAL C 313 -27.46 -19.21 1.90
CA VAL C 313 -27.87 -18.72 3.21
C VAL C 313 -28.77 -19.79 3.80
N SER C 314 -28.43 -20.31 4.97
CA SER C 314 -29.19 -21.37 5.59
C SER C 314 -29.53 -20.97 7.01
N ILE C 315 -30.36 -21.78 7.65
CA ILE C 315 -30.70 -21.57 9.04
C ILE C 315 -29.62 -22.20 9.92
N LYS C 316 -29.16 -21.47 10.92
CA LYS C 316 -28.16 -21.99 11.83
C LYS C 316 -28.63 -23.28 12.50
N GLU C 317 -27.66 -24.10 12.91
CA GLU C 317 -27.99 -25.40 13.49
C GLU C 317 -28.78 -25.24 14.78
N LYS C 318 -28.42 -24.26 15.61
CA LYS C 318 -29.19 -24.01 16.82
C LYS C 318 -30.63 -23.64 16.49
N SER C 319 -30.82 -22.84 15.45
CA SER C 319 -32.18 -22.45 15.06
C SER C 319 -32.96 -23.64 14.52
N VAL C 320 -32.32 -24.51 13.74
CA VAL C 320 -32.99 -25.71 13.26
C VAL C 320 -33.37 -26.61 14.43
N LYS C 321 -32.48 -26.72 15.42
CA LYS C 321 -32.80 -27.47 16.61
C LYS C 321 -33.98 -26.87 17.36
N LYS C 322 -34.05 -25.54 17.41
CA LYS C 322 -35.17 -24.89 18.08
C LYS C 322 -36.48 -25.17 17.35
N ILE C 323 -36.44 -25.11 16.02
CA ILE C 323 -37.63 -25.40 15.21
C ILE C 323 -38.08 -26.84 15.42
N LYS C 324 -37.12 -27.76 15.38
CA LYS C 324 -37.45 -29.17 15.59
C LYS C 324 -37.99 -29.37 16.99
N LYS C 325 -37.44 -28.65 17.97
CA LYS C 325 -37.94 -28.74 19.33
C LYS C 325 -39.40 -28.32 19.40
N GLN C 326 -39.75 -27.22 18.74
CA GLN C 326 -41.13 -26.75 18.81
C GLN C 326 -42.09 -27.73 18.13
N ILE C 327 -41.72 -28.21 16.94
CA ILE C 327 -42.61 -29.14 16.25
C ILE C 327 -42.75 -30.44 17.03
N SER C 328 -41.63 -30.97 17.51
CA SER C 328 -41.66 -32.21 18.27
C SER C 328 -42.47 -32.06 19.54
N TYR C 329 -42.35 -30.92 20.22
CA TYR C 329 -43.15 -30.73 21.42
C TYR C 329 -44.62 -30.55 21.09
N ILE C 330 -44.95 -29.94 19.96
CA ILE C 330 -46.36 -29.88 19.56
C ILE C 330 -46.93 -31.28 19.48
N LEU C 331 -46.24 -32.15 18.74
CA LEU C 331 -46.74 -33.51 18.56
C LEU C 331 -46.75 -34.29 19.88
N TYR C 332 -45.72 -34.11 20.70
CA TYR C 332 -45.67 -34.78 22.00
C TYR C 332 -46.82 -34.33 22.89
N ARG C 333 -47.04 -33.02 22.98
CA ARG C 333 -48.05 -32.49 23.89
C ARG C 333 -49.45 -32.89 23.44
N ASN C 334 -49.68 -32.96 22.13
CA ASN C 334 -51.02 -33.25 21.64
C ASN C 334 -51.30 -34.74 21.51
N LEU C 335 -50.28 -35.57 21.30
CA LEU C 335 -50.47 -36.97 20.94
C LEU C 335 -49.82 -37.97 21.89
N ILE C 336 -48.93 -37.54 22.79
CA ILE C 336 -48.25 -38.49 23.66
C ILE C 336 -48.45 -38.12 25.12
N GLN C 337 -48.15 -36.87 25.48
CA GLN C 337 -48.25 -36.44 26.88
C GLN C 337 -49.59 -36.74 27.51
N PRO C 338 -50.73 -36.42 26.89
CA PRO C 338 -52.02 -36.70 27.54
C PRO C 338 -52.17 -38.16 27.89
N LEU C 339 -51.60 -39.05 27.08
CA LEU C 339 -51.73 -40.48 27.27
C LEU C 339 -50.67 -41.05 28.18
N LYS C 340 -49.71 -40.25 28.63
CA LYS C 340 -48.73 -40.67 29.61
C LYS C 340 -49.09 -40.20 31.01
N LYS C 341 -50.32 -39.73 31.20
CA LYS C 341 -50.82 -39.32 32.50
C LYS C 341 -51.28 -40.55 33.28
N THR C 342 -51.48 -40.37 34.57
CA THR C 342 -51.92 -41.47 35.42
C THR C 342 -53.28 -41.99 34.99
N SER C 343 -54.23 -41.07 34.81
CA SER C 343 -55.58 -41.41 34.36
C SER C 343 -55.90 -40.67 33.08
N LEU C 344 -56.76 -41.28 32.25
CA LEU C 344 -57.23 -40.65 31.02
C LEU C 344 -58.64 -40.10 31.19
N ALA C 345 -59.00 -39.68 32.38
CA ALA C 345 -60.33 -39.14 32.64
C ALA C 345 -60.49 -37.80 31.92
N GLY C 346 -61.54 -37.68 31.12
CA GLY C 346 -61.82 -36.44 30.43
C GLY C 346 -60.96 -36.16 29.23
N GLN C 347 -60.20 -37.15 28.75
CA GLN C 347 -59.37 -37.03 27.55
C GLN C 347 -60.02 -37.84 26.44
N THR C 348 -60.50 -37.15 25.41
CA THR C 348 -61.13 -37.81 24.27
C THR C 348 -60.16 -38.80 23.62
N ILE C 349 -60.65 -39.99 23.34
CA ILE C 349 -59.85 -41.07 22.79
C ILE C 349 -60.09 -41.13 21.28
N PRO C 350 -59.05 -41.22 20.45
CA PRO C 350 -59.28 -41.31 19.01
C PRO C 350 -60.12 -42.54 18.66
N ALA C 351 -61.10 -42.34 17.79
CA ALA C 351 -61.99 -43.40 17.35
C ALA C 351 -62.61 -42.96 16.04
N ASN C 352 -63.37 -43.86 15.43
CA ASN C 352 -64.15 -43.53 14.23
C ASN C 352 -63.28 -42.93 13.15
N ASP C 353 -62.01 -43.31 13.11
CA ASP C 353 -61.06 -42.77 12.13
C ASP C 353 -60.94 -41.26 12.23
N ARG C 354 -61.03 -40.72 13.44
CA ARG C 354 -60.83 -39.29 13.67
C ARG C 354 -60.04 -39.12 14.96
N ASP C 355 -58.89 -38.46 14.87
CA ASP C 355 -58.07 -38.13 16.02
C ASP C 355 -58.03 -36.61 16.10
N LYS C 356 -58.81 -36.04 17.02
CA LYS C 356 -58.85 -34.59 17.14
C LYS C 356 -57.50 -34.05 17.55
N ASN C 357 -56.80 -34.76 18.43
CA ASN C 357 -55.47 -34.34 18.85
C ASN C 357 -54.53 -34.20 17.66
N PHE C 358 -54.65 -35.07 16.66
CA PHE C 358 -53.81 -34.94 15.47
C PHE C 358 -54.18 -33.71 14.66
N LEU C 359 -55.46 -33.37 14.57
CA LEU C 359 -55.82 -32.11 13.93
C LEU C 359 -55.24 -30.93 14.68
N ILE C 360 -55.34 -30.94 16.01
CA ILE C 360 -54.81 -29.83 16.79
C ILE C 360 -53.31 -29.70 16.59
N ALA C 361 -52.60 -30.84 16.57
CA ALA C 361 -51.15 -30.80 16.40
C ALA C 361 -50.77 -30.32 15.01
N ILE C 362 -51.44 -30.81 13.97
CA ILE C 362 -51.10 -30.37 12.62
C ILE C 362 -51.37 -28.89 12.48
N CYS C 363 -52.46 -28.39 13.07
CA CYS C 363 -52.76 -26.98 12.97
C CYS C 363 -51.77 -26.13 13.76
N GLU C 364 -51.32 -26.63 14.91
CA GLU C 364 -50.30 -25.92 15.67
C GLU C 364 -49.00 -25.84 14.86
N ILE C 365 -48.62 -26.93 14.21
CA ILE C 365 -47.41 -26.89 13.40
C ILE C 365 -47.58 -25.95 12.21
N ARG C 366 -48.78 -25.93 11.62
CA ARG C 366 -49.03 -25.02 10.51
C ARG C 366 -48.93 -23.57 10.95
N ARG C 367 -49.45 -23.25 12.14
CA ARG C 367 -49.31 -21.88 12.65
C ARG C 367 -47.85 -21.56 12.88
N TYR C 368 -47.12 -22.46 13.54
CA TYR C 368 -45.71 -22.21 13.82
C TYR C 368 -44.90 -22.03 12.54
N MET C 369 -45.24 -22.77 11.49
CA MET C 369 -44.47 -22.75 10.24
C MET C 369 -45.03 -21.74 9.24
N TYR C 370 -46.28 -21.94 8.85
CA TYR C 370 -46.91 -21.12 7.82
C TYR C 370 -47.55 -19.87 8.40
N GLY C 371 -47.98 -19.91 9.65
CA GLY C 371 -48.86 -18.90 10.18
C GLY C 371 -50.32 -19.23 9.99
N GLY C 372 -50.63 -20.44 9.53
CA GLY C 372 -51.98 -20.86 9.25
C GLY C 372 -52.33 -20.91 7.78
N LEU C 373 -51.39 -20.60 6.91
CA LEU C 373 -51.66 -20.61 5.48
C LEU C 373 -51.93 -22.02 5.01
N SER C 374 -52.82 -22.14 4.05
CA SER C 374 -53.09 -23.40 3.39
C SER C 374 -52.22 -23.50 2.14
N LYS C 375 -51.92 -24.73 1.75
CA LYS C 375 -51.08 -24.90 0.57
C LYS C 375 -51.77 -24.34 -0.67
N SER C 376 -53.10 -24.34 -0.67
CA SER C 376 -53.83 -23.71 -1.77
C SER C 376 -53.56 -22.21 -1.80
N GLN C 377 -53.53 -21.56 -0.64
CA GLN C 377 -53.23 -20.14 -0.61
C GLN C 377 -51.84 -19.86 -1.14
N ILE C 378 -50.85 -20.65 -0.70
CA ILE C 378 -49.49 -20.41 -1.12
C ILE C 378 -49.34 -20.63 -2.62
N LYS C 379 -49.99 -21.66 -3.16
CA LYS C 379 -49.90 -21.90 -4.59
C LYS C 379 -50.67 -20.86 -5.39
N ASP C 380 -51.77 -20.35 -4.85
CA ASP C 380 -52.44 -19.22 -5.48
C ASP C 380 -51.50 -18.03 -5.59
N TYR C 381 -50.75 -17.77 -4.52
CA TYR C 381 -49.79 -16.66 -4.57
C TYR C 381 -48.67 -16.95 -5.55
N LEU C 382 -48.18 -18.18 -5.58
CA LEU C 382 -47.06 -18.54 -6.44
C LEU C 382 -47.44 -18.63 -7.91
N SER C 383 -48.72 -18.72 -8.22
CA SER C 383 -49.17 -18.86 -9.59
C SER C 383 -49.56 -17.53 -10.21
N GLY C 384 -50.06 -16.60 -9.40
CA GLY C 384 -50.52 -15.32 -9.91
C GLY C 384 -51.98 -15.11 -9.54
N ARG C 385 -52.63 -16.17 -9.07
CA ARG C 385 -54.03 -16.07 -8.70
C ARG C 385 -54.23 -15.05 -7.59
N SER C 386 -53.41 -15.10 -6.55
CA SER C 386 -53.43 -14.15 -5.46
C SER C 386 -52.30 -13.16 -5.64
N ASN C 387 -52.57 -11.89 -5.34
CA ASN C 387 -51.59 -10.84 -5.44
C ASN C 387 -50.91 -10.55 -4.12
N ARG C 388 -51.24 -11.30 -3.07
CA ARG C 388 -50.69 -11.04 -1.74
C ARG C 388 -50.87 -12.27 -0.86
N LEU C 389 -49.84 -12.56 -0.06
CA LEU C 389 -49.85 -13.63 0.91
C LEU C 389 -49.25 -13.11 2.20
N TYR C 390 -49.93 -13.34 3.32
CA TYR C 390 -49.37 -12.91 4.61
C TYR C 390 -48.26 -13.88 4.99
N PHE C 391 -47.11 -13.33 5.36
CA PHE C 391 -45.94 -14.14 5.72
C PHE C 391 -45.76 -14.06 7.23
N LYS C 392 -46.15 -15.14 7.91
CA LYS C 392 -45.98 -15.23 9.37
C LYS C 392 -45.36 -16.58 9.70
N GLY C 393 -45.25 -16.89 10.97
CA GLY C 393 -44.63 -18.13 11.38
C GLY C 393 -43.13 -18.03 11.44
N ILE C 394 -42.51 -19.20 11.60
CA ILE C 394 -41.07 -19.26 11.81
C ILE C 394 -40.34 -18.70 10.60
N MET C 395 -40.82 -19.01 9.39
CA MET C 395 -40.07 -18.64 8.20
C MET C 395 -40.09 -17.14 7.95
N SER C 396 -40.96 -16.40 8.63
CA SER C 396 -40.91 -14.95 8.55
C SER C 396 -39.67 -14.39 9.22
N PHE C 397 -39.03 -15.17 10.10
CA PHE C 397 -37.80 -14.75 10.76
C PHE C 397 -36.55 -15.17 10.00
N TYR C 398 -36.71 -15.96 8.94
CA TYR C 398 -35.59 -16.43 8.12
C TYR C 398 -35.90 -16.15 6.66
N PRO C 399 -36.17 -14.90 6.31
CA PRO C 399 -36.58 -14.58 4.93
C PRO C 399 -35.47 -14.70 3.91
N LEU C 400 -34.22 -14.77 4.32
CA LEU C 400 -33.10 -14.79 3.38
C LEU C 400 -32.56 -16.19 3.14
N VAL C 401 -33.25 -17.22 3.63
CA VAL C 401 -32.80 -18.59 3.43
C VAL C 401 -32.98 -18.98 1.98
N ASN C 402 -31.93 -19.58 1.40
CA ASN C 402 -32.00 -20.06 0.02
C ASN C 402 -31.43 -21.47 -0.11
N ASP C 403 -31.34 -22.22 0.98
CA ASP C 403 -30.83 -23.59 0.97
C ASP C 403 -32.02 -24.54 0.88
N VAL C 404 -32.28 -25.02 -0.34
CA VAL C 404 -33.41 -25.91 -0.57
C VAL C 404 -33.18 -27.26 0.11
N GLU C 405 -31.93 -27.72 0.17
CA GLU C 405 -31.66 -29.02 0.78
C GLU C 405 -32.01 -29.03 2.26
N GLN C 406 -31.68 -27.96 2.99
CA GLN C 406 -32.01 -27.90 4.41
C GLN C 406 -33.52 -28.00 4.61
N LEU C 407 -34.29 -27.25 3.83
CA LEU C 407 -35.74 -27.26 3.97
C LEU C 407 -36.31 -28.62 3.58
N LYS C 408 -35.71 -29.24 2.57
CA LYS C 408 -36.15 -30.57 2.15
C LYS C 408 -35.91 -31.59 3.26
N GLN C 409 -34.77 -31.48 3.93
CA GLN C 409 -34.46 -32.37 5.03
C GLN C 409 -35.41 -32.15 6.20
N LEU C 410 -35.75 -30.89 6.48
CA LEU C 410 -36.72 -30.62 7.53
C LEU C 410 -38.10 -31.13 7.18
N ASP C 411 -38.48 -31.08 5.91
CA ASP C 411 -39.74 -31.69 5.48
C ASP C 411 -39.74 -33.19 5.80
N GLY C 412 -38.67 -33.89 5.41
CA GLY C 412 -38.57 -35.29 5.75
C GLY C 412 -38.64 -35.53 7.25
N TRP C 413 -37.97 -34.68 8.03
CA TRP C 413 -37.97 -34.83 9.47
C TRP C 413 -39.37 -34.64 10.04
N ILE C 414 -40.13 -33.68 9.52
CA ILE C 414 -41.49 -33.48 10.00
C ILE C 414 -42.33 -34.72 9.74
N VAL C 415 -42.24 -35.27 8.53
CA VAL C 415 -43.06 -36.45 8.22
C VAL C 415 -42.66 -37.61 9.11
N SER C 416 -41.35 -37.82 9.30
CA SER C 416 -40.89 -38.93 10.11
C SER C 416 -41.33 -38.79 11.56
N VAL C 417 -41.22 -37.58 12.11
CA VAL C 417 -41.62 -37.39 13.50
C VAL C 417 -43.11 -37.55 13.66
N ILE C 418 -43.90 -37.12 12.66
CA ILE C 418 -45.34 -37.33 12.74
C ILE C 418 -45.64 -38.81 12.79
N TYR C 419 -44.99 -39.59 11.91
CA TYR C 419 -45.22 -41.03 11.90
C TYR C 419 -44.86 -41.65 13.24
N ARG C 420 -43.70 -41.30 13.77
CA ARG C 420 -43.23 -41.94 15.01
C ARG C 420 -44.09 -41.55 16.20
N ALA C 421 -44.46 -40.28 16.31
CA ALA C 421 -45.31 -39.86 17.41
C ALA C 421 -46.67 -40.52 17.33
N LEU C 422 -47.24 -40.62 16.12
CA LEU C 422 -48.51 -41.32 15.97
C LEU C 422 -48.38 -42.79 16.34
N LYS C 423 -47.24 -43.40 15.99
CA LYS C 423 -47.04 -44.80 16.32
C LYS C 423 -46.97 -45.01 17.82
N LEU C 424 -46.19 -44.17 18.52
CA LEU C 424 -46.15 -44.26 19.97
C LEU C 424 -47.50 -43.97 20.59
N ARG C 425 -48.28 -43.08 19.98
CA ARG C 425 -49.63 -42.82 20.47
C ARG C 425 -50.50 -44.06 20.33
N CYS C 426 -50.40 -44.76 19.21
CA CYS C 426 -51.12 -46.02 19.04
C CYS C 426 -50.69 -47.04 20.09
N GLN C 427 -49.38 -47.13 20.34
CA GLN C 427 -48.88 -48.06 21.34
C GLN C 427 -49.44 -47.74 22.72
N LEU C 428 -49.38 -46.47 23.12
CA LEU C 428 -49.88 -46.08 24.43
C LEU C 428 -51.39 -46.31 24.52
N LEU C 429 -52.12 -45.99 23.46
CA LEU C 429 -53.55 -46.20 23.46
C LEU C 429 -53.89 -47.67 23.64
N SER C 430 -53.18 -48.54 22.92
CA SER C 430 -53.41 -49.98 23.08
C SER C 430 -53.05 -50.43 24.49
N LYS C 431 -52.02 -49.81 25.08
CA LYS C 431 -51.70 -50.12 26.48
C LYS C 431 -52.85 -49.75 27.39
N TRP C 432 -53.50 -48.62 27.13
CA TRP C 432 -54.67 -48.24 27.91
C TRP C 432 -55.86 -49.15 27.62
N GLY C 433 -55.96 -49.68 26.41
CA GLY C 433 -57.02 -50.62 26.06
C GLY C 433 -57.68 -50.34 24.74
N TYR C 434 -57.24 -49.28 24.07
CA TYR C 434 -57.82 -48.83 22.81
C TYR C 434 -56.95 -49.31 21.66
N ASN C 435 -57.47 -50.23 20.86
CA ASN C 435 -56.77 -50.68 19.66
C ASN C 435 -57.23 -49.84 18.48
N ARG C 436 -56.30 -49.07 17.91
CA ARG C 436 -56.64 -48.12 16.86
C ARG C 436 -55.65 -48.15 15.71
N SER C 437 -54.87 -49.23 15.58
CA SER C 437 -53.87 -49.30 14.52
C SER C 437 -54.53 -49.28 13.13
N HIS C 438 -55.75 -49.80 13.02
CA HIS C 438 -56.44 -49.82 11.74
C HIS C 438 -57.02 -48.47 11.36
N ASN C 439 -57.21 -47.56 12.32
CA ASN C 439 -57.87 -46.29 12.02
C ASN C 439 -56.97 -45.40 11.16
N PHE C 440 -57.57 -44.34 10.63
CA PHE C 440 -56.82 -43.46 9.73
C PHE C 440 -55.56 -42.90 10.35
N PRO C 441 -55.59 -42.29 11.54
CA PRO C 441 -54.37 -41.60 11.99
C PRO C 441 -53.19 -42.54 12.16
N PHE C 442 -53.43 -43.80 12.53
CA PHE C 442 -52.36 -44.71 12.89
C PHE C 442 -52.09 -45.79 11.85
N ILE C 443 -52.82 -45.80 10.73
CA ILE C 443 -52.63 -46.82 9.72
C ILE C 443 -51.70 -46.38 8.60
N LEU C 444 -51.50 -45.08 8.41
CA LEU C 444 -50.71 -44.57 7.29
C LEU C 444 -49.23 -44.92 7.47
N ASP C 445 -48.61 -45.41 6.41
CA ASP C 445 -47.16 -45.55 6.39
C ASP C 445 -46.51 -44.18 6.22
N ARG C 446 -45.24 -44.08 6.62
CA ARG C 446 -44.56 -42.80 6.55
C ARG C 446 -44.55 -42.25 5.13
N GLU C 447 -44.46 -43.13 4.13
CA GLU C 447 -44.48 -42.70 2.74
C GLU C 447 -45.89 -42.41 2.24
N ASP C 448 -46.90 -42.53 3.10
CA ASP C 448 -48.28 -42.26 2.72
C ASP C 448 -48.92 -41.14 3.52
N ILE C 449 -48.27 -40.65 4.57
CA ILE C 449 -48.89 -39.65 5.42
C ILE C 449 -49.24 -38.41 4.63
N VAL C 450 -48.28 -37.89 3.85
CA VAL C 450 -48.48 -36.59 3.19
C VAL C 450 -49.65 -36.68 2.21
N ASP C 451 -49.69 -37.73 1.39
CA ASP C 451 -50.77 -37.83 0.40
C ASP C 451 -52.13 -37.99 1.07
N LYS C 452 -52.23 -38.94 2.00
CA LYS C 452 -53.50 -39.21 2.64
C LYS C 452 -54.00 -37.97 3.36
N CYS C 453 -53.12 -37.29 4.08
CA CYS C 453 -53.51 -36.08 4.79
C CYS C 453 -53.90 -34.97 3.82
N SER C 454 -53.19 -34.87 2.69
CA SER C 454 -53.55 -33.88 1.70
C SER C 454 -54.96 -34.08 1.19
N LYS C 455 -55.38 -35.34 1.05
CA LYS C 455 -56.72 -35.60 0.53
C LYS C 455 -57.81 -35.37 1.58
N LYS C 456 -57.54 -35.64 2.85
CA LYS C 456 -58.58 -35.46 3.86
C LYS C 456 -59.03 -34.00 3.94
N THR C 457 -60.34 -33.81 4.12
CA THR C 457 -60.93 -32.49 4.21
C THR C 457 -61.98 -32.46 5.31
N ILE C 458 -61.89 -31.48 6.19
CA ILE C 458 -62.88 -31.23 7.23
C ILE C 458 -63.45 -29.84 7.02
N ALA C 459 -64.77 -29.73 6.96
CA ALA C 459 -65.46 -28.48 6.68
C ALA C 459 -65.10 -27.92 5.31
N GLY C 460 -64.66 -28.79 4.39
CA GLY C 460 -64.27 -28.33 3.08
C GLY C 460 -62.87 -27.73 3.00
N ARG C 461 -62.13 -27.73 4.11
CA ARG C 461 -60.79 -27.17 4.16
C ARG C 461 -59.79 -28.25 4.58
N LYS C 462 -58.69 -28.36 3.85
CA LYS C 462 -57.72 -29.44 4.02
C LYS C 462 -56.82 -29.12 5.21
N LEU C 463 -57.29 -29.46 6.40
CA LEU C 463 -56.59 -29.15 7.63
C LEU C 463 -55.73 -30.29 8.15
N PHE C 464 -55.47 -31.31 7.33
CA PHE C 464 -54.52 -32.35 7.70
C PHE C 464 -53.23 -32.27 6.91
N GLU C 465 -53.18 -31.45 5.87
CA GLU C 465 -51.99 -31.37 5.02
C GLU C 465 -50.76 -31.05 5.85
N ILE C 466 -49.71 -31.84 5.68
CA ILE C 466 -48.50 -31.72 6.48
C ILE C 466 -47.76 -30.48 6.03
N PRO C 467 -47.52 -29.49 6.91
CA PRO C 467 -46.84 -28.27 6.47
C PRO C 467 -45.46 -28.55 5.90
N SER C 468 -45.12 -27.89 4.81
CA SER C 468 -43.86 -28.05 4.11
C SER C 468 -43.09 -26.73 4.11
N PHE C 469 -41.80 -26.80 4.48
CA PHE C 469 -40.97 -25.60 4.45
C PHE C 469 -40.68 -25.14 3.02
N LEU C 470 -40.61 -26.06 2.06
CA LEU C 470 -40.20 -25.68 0.71
C LEU C 470 -41.25 -24.82 0.02
N LEU C 471 -42.54 -25.12 0.22
CA LEU C 471 -43.59 -24.32 -0.40
C LEU C 471 -43.53 -22.88 0.08
N ILE C 472 -43.49 -22.69 1.40
CA ILE C 472 -43.45 -21.35 1.93
C ILE C 472 -42.11 -20.67 1.64
N HIS C 473 -41.05 -21.45 1.42
CA HIS C 473 -39.81 -20.86 0.95
C HIS C 473 -39.96 -20.30 -0.46
N LYS C 474 -40.62 -21.03 -1.34
CA LYS C 474 -40.91 -20.49 -2.67
C LYS C 474 -41.73 -19.22 -2.56
N ALA C 475 -42.73 -19.24 -1.69
CA ALA C 475 -43.57 -18.06 -1.49
C ALA C 475 -42.74 -16.89 -0.97
N LEU C 476 -41.82 -17.17 -0.06
CA LEU C 476 -40.97 -16.13 0.50
C LEU C 476 -40.05 -15.54 -0.56
N GLN C 477 -39.52 -16.37 -1.45
CA GLN C 477 -38.68 -15.84 -2.52
C GLN C 477 -39.50 -14.93 -3.44
N LYS C 478 -40.71 -15.35 -3.79
CA LYS C 478 -41.55 -14.49 -4.62
C LYS C 478 -41.89 -13.20 -3.90
N GLY C 479 -42.16 -13.26 -2.60
CA GLY C 479 -42.50 -12.06 -1.85
C GLY C 479 -41.32 -11.14 -1.60
N LEU C 480 -40.11 -11.68 -1.62
CA LEU C 480 -38.92 -10.85 -1.56
C LEU C 480 -38.60 -10.21 -2.89
N GLN C 481 -38.94 -10.87 -4.00
CA GLN C 481 -38.80 -10.24 -5.30
C GLN C 481 -39.97 -9.33 -5.63
N GLU C 482 -41.04 -9.37 -4.84
CA GLU C 482 -42.20 -8.51 -5.07
C GLU C 482 -42.33 -7.37 -4.08
N SER C 483 -41.85 -7.53 -2.85
CA SER C 483 -42.07 -6.53 -1.82
C SER C 483 -40.79 -6.05 -1.16
N GLY C 484 -39.84 -6.94 -0.94
CA GLY C 484 -38.62 -6.63 -0.23
C GLY C 484 -38.64 -7.20 1.18
N ILE C 485 -37.50 -7.06 1.85
CA ILE C 485 -37.35 -7.63 3.19
C ILE C 485 -38.33 -6.98 4.15
N GLU C 486 -38.39 -5.65 4.14
CA GLU C 486 -39.18 -4.94 5.14
C GLU C 486 -40.65 -5.32 5.07
N LYS C 487 -41.18 -5.46 3.86
CA LYS C 487 -42.61 -5.74 3.72
C LYS C 487 -42.96 -7.12 4.25
N ILE C 488 -42.18 -8.15 3.92
CA ILE C 488 -42.53 -9.48 4.42
C ILE C 488 -42.29 -9.53 5.92
N MET C 489 -41.20 -8.94 6.38
CA MET C 489 -40.82 -9.03 7.78
C MET C 489 -41.88 -8.41 8.69
N ASN C 490 -42.45 -7.28 8.28
CA ASN C 490 -43.57 -6.68 8.98
C ASN C 490 -44.59 -6.21 7.94
N PRO C 491 -45.80 -6.79 7.90
CA PRO C 491 -46.81 -6.30 6.96
C PRO C 491 -47.54 -5.07 7.48
N MET E 1 22.25 10.76 50.78
CA MET E 1 22.05 12.04 50.04
C MET E 1 20.60 12.48 50.17
N LYS E 2 20.35 13.44 51.04
CA LYS E 2 19.00 13.91 51.28
C LYS E 2 18.62 14.98 50.27
N LEU E 3 17.31 15.13 50.07
CA LEU E 3 16.84 16.06 49.04
C LEU E 3 17.30 17.47 49.32
N GLU E 4 17.42 17.84 50.60
CA GLU E 4 17.88 19.17 50.94
C GLU E 4 19.32 19.39 50.48
N GLN E 5 20.18 18.39 50.68
CA GLN E 5 21.57 18.53 50.26
C GLN E 5 21.65 18.67 48.75
N GLN E 6 20.85 17.90 48.03
CA GLN E 6 20.81 17.98 46.57
C GLN E 6 20.34 19.36 46.11
N ILE E 7 19.27 19.88 46.73
CA ILE E 7 18.78 21.20 46.37
C ILE E 7 19.84 22.25 46.65
N GLN E 8 20.51 22.14 47.80
CA GLN E 8 21.56 23.09 48.14
C GLN E 8 22.66 23.07 47.10
N ARG E 9 23.09 21.88 46.70
CA ARG E 9 24.18 21.77 45.72
C ARG E 9 23.76 22.41 44.40
N VAL E 10 22.54 22.11 43.93
CA VAL E 10 22.11 22.64 42.64
C VAL E 10 22.00 24.16 42.72
N ILE E 11 21.35 24.67 43.76
CA ILE E 11 21.11 26.11 43.86
C ILE E 11 22.44 26.85 44.00
N LEU E 12 23.35 26.33 44.81
CA LEU E 12 24.64 26.97 44.98
C LEU E 12 25.41 27.00 43.67
N GLU E 13 25.38 25.90 42.92
CA GLU E 13 26.12 25.88 41.65
C GLU E 13 25.50 26.84 40.64
N GLU E 14 24.18 26.88 40.55
CA GLU E 14 23.55 27.81 39.61
C GLU E 14 23.89 29.25 39.97
N ALA E 15 23.77 29.60 41.25
CA ALA E 15 24.06 30.97 41.65
C ALA E 15 25.53 31.30 41.42
N LYS E 16 26.42 30.34 41.70
CA LYS E 16 27.85 30.57 41.53
C LYS E 16 28.20 30.76 40.06
N ALA E 17 27.57 30.00 39.18
CA ALA E 17 27.81 30.18 37.75
C ALA E 17 27.33 31.56 37.30
N LEU E 18 26.15 31.98 37.76
CA LEU E 18 25.68 33.31 37.39
C LEU E 18 26.57 34.40 37.94
N ILE E 19 27.13 34.21 39.14
CA ILE E 19 28.04 35.21 39.72
C ILE E 19 29.33 35.28 38.93
N LYS E 20 29.88 34.12 38.55
CA LYS E 20 31.04 34.10 37.67
C LYS E 20 30.76 34.83 36.37
N ASP E 21 29.57 34.60 35.80
CA ASP E 21 29.21 35.26 34.55
C ASP E 21 29.17 36.77 34.73
N TYR E 22 28.57 37.26 35.81
CA TYR E 22 28.54 38.70 36.04
C TYR E 22 29.94 39.26 36.24
N HIS E 23 30.78 38.54 36.97
CA HIS E 23 32.13 39.03 37.22
C HIS E 23 32.88 39.17 35.91
N GLU E 24 32.80 38.14 35.05
CA GLU E 24 33.45 38.21 33.76
C GLU E 24 32.84 39.28 32.89
N TYR E 25 31.53 39.51 33.02
CA TYR E 25 30.89 40.56 32.26
C TYR E 25 31.50 41.92 32.58
N HIS E 26 31.55 42.26 33.87
CA HIS E 26 32.05 43.59 34.19
C HIS E 26 33.55 43.70 33.95
N ASN E 27 34.30 42.60 34.11
CA ASN E 27 35.72 42.66 33.80
C ASN E 27 35.95 42.90 32.32
N ARG E 28 35.17 42.23 31.47
CA ARG E 28 35.25 42.45 30.03
C ARG E 28 34.87 43.87 29.68
N VAL E 29 33.82 44.39 30.32
CA VAL E 29 33.43 45.78 30.08
C VAL E 29 34.58 46.72 30.39
N HIS E 30 35.30 46.48 31.49
CA HIS E 30 36.43 47.35 31.81
C HIS E 30 37.52 47.26 30.75
N LEU E 31 37.90 46.04 30.36
CA LEU E 31 38.97 45.91 29.37
C LEU E 31 38.55 46.56 28.05
N GLU E 32 37.30 46.33 27.65
CA GLU E 32 36.79 46.92 26.41
C GLU E 32 36.74 48.43 26.51
N SER E 33 36.44 48.97 27.70
CA SER E 33 36.42 50.41 27.84
C SER E 33 37.81 51.00 27.77
N VAL E 34 38.81 50.27 28.28
CA VAL E 34 40.20 50.72 28.10
C VAL E 34 40.54 50.79 26.62
N ARG E 35 40.23 49.72 25.89
CA ARG E 35 40.55 49.72 24.46
C ARG E 35 39.74 50.76 23.69
N ASN E 36 38.48 50.97 24.08
CA ASN E 36 37.66 51.98 23.42
C ASN E 36 38.14 53.40 23.74
N LYS E 37 38.65 53.63 24.95
CA LYS E 37 39.29 54.91 25.23
C LYS E 37 40.47 55.10 24.30
N LYS E 38 41.31 54.08 24.16
CA LYS E 38 42.45 54.19 23.27
C LYS E 38 42.01 54.44 21.82
N ARG E 39 40.89 53.83 21.43
CA ARG E 39 40.42 53.91 20.05
C ARG E 39 39.83 55.29 19.75
N LEU E 40 38.80 55.67 20.49
CA LEU E 40 38.04 56.89 20.24
C LEU E 40 38.55 58.08 21.03
N GLY E 41 39.75 58.02 21.58
CA GLY E 41 40.34 59.22 22.16
C GLY E 41 39.44 59.82 23.22
N ASP E 42 39.34 61.15 23.21
CA ASP E 42 38.48 61.82 24.20
C ASP E 42 37.02 61.55 23.92
N SER E 43 36.65 61.35 22.65
CA SER E 43 35.26 61.08 22.30
C SER E 43 34.77 59.77 22.90
N ALA E 44 35.68 58.89 23.32
CA ALA E 44 35.27 57.61 23.84
C ALA E 44 34.30 57.79 25.01
N PRO E 45 33.16 57.10 25.03
CA PRO E 45 32.22 57.25 26.14
C PRO E 45 32.80 56.63 27.41
N ASP E 46 32.02 56.71 28.47
CA ASP E 46 32.42 56.17 29.76
C ASP E 46 31.78 54.80 29.98
N LYS E 47 32.42 54.00 30.82
CA LYS E 47 31.88 52.68 31.15
C LYS E 47 30.57 52.82 31.89
N LYS E 48 29.65 51.88 31.63
CA LYS E 48 28.36 51.85 32.32
C LYS E 48 28.04 50.38 32.63
N ILE E 49 28.43 49.93 33.82
CA ILE E 49 28.18 48.55 34.21
C ILE E 49 26.72 48.40 34.63
N HIS E 50 26.01 47.51 33.94
CA HIS E 50 24.62 47.20 34.23
C HIS E 50 24.51 45.99 35.15
N ARG E 51 23.29 45.74 35.62
CA ARG E 51 22.95 44.53 36.33
C ARG E 51 21.67 44.01 35.67
N PRO E 52 21.59 42.72 35.37
CA PRO E 52 20.38 42.20 34.72
C PRO E 52 19.14 42.72 35.43
N ASN E 53 18.20 43.24 34.65
CA ASN E 53 17.07 43.94 35.23
C ASN E 53 16.24 43.00 36.10
N TYR E 54 16.03 41.76 35.66
CA TYR E 54 15.16 40.86 36.40
C TYR E 54 15.70 40.58 37.78
N TRP E 55 16.97 40.88 38.03
CA TRP E 55 17.52 40.71 39.37
C TRP E 55 16.74 41.51 40.40
N SER E 56 16.16 42.64 39.99
CA SER E 56 15.43 43.49 40.91
C SER E 56 13.94 43.16 40.96
N PHE E 57 13.43 42.37 40.01
CA PHE E 57 12.02 41.99 40.05
C PHE E 57 11.73 41.15 41.28
N ASP E 58 12.62 40.23 41.60
CA ASP E 58 12.57 39.48 42.84
C ASP E 58 13.99 39.24 43.32
N LYS E 59 14.14 39.04 44.63
CA LYS E 59 15.48 38.88 45.19
C LYS E 59 16.05 37.50 44.92
N LYS E 60 15.21 36.50 44.64
CA LYS E 60 15.67 35.17 44.31
C LYS E 60 16.08 35.05 42.85
N PHE E 61 15.83 36.07 42.05
CA PHE E 61 16.41 36.15 40.72
C PHE E 61 17.88 36.54 40.78
N ASP E 62 18.26 37.29 41.79
CA ASP E 62 19.62 37.78 41.93
C ASP E 62 20.52 36.64 42.41
N PRO E 63 21.57 36.29 41.66
CA PRO E 63 22.43 35.19 42.13
C PRO E 63 23.11 35.46 43.45
N PHE E 64 23.49 36.71 43.70
CA PHE E 64 24.22 37.04 44.91
C PHE E 64 23.38 36.78 46.16
N TYR E 65 22.12 37.20 46.12
CA TYR E 65 21.23 36.94 47.25
C TYR E 65 21.02 35.45 47.45
N VAL E 66 20.80 34.72 46.35
CA VAL E 66 20.54 33.29 46.49
C VAL E 66 21.76 32.61 47.10
N LYS E 67 22.96 33.00 46.69
CA LYS E 67 24.15 32.48 47.36
C LYS E 67 24.19 32.90 48.82
N SER E 68 23.63 34.07 49.15
CA SER E 68 23.65 34.51 50.54
C SER E 68 22.83 33.58 51.42
N ASN E 69 21.65 33.14 50.95
CA ASN E 69 20.72 32.35 51.75
C ASN E 69 20.27 31.11 50.99
N TYR E 70 21.22 30.38 50.41
CA TYR E 70 20.84 29.16 49.70
C TYR E 70 20.52 28.02 50.65
N LYS E 71 21.08 28.02 51.86
CA LYS E 71 20.78 26.96 52.81
C LYS E 71 19.34 27.04 53.30
N SER E 72 18.90 28.23 53.70
CA SER E 72 17.50 28.38 54.11
C SER E 72 16.57 28.13 52.94
N ILE E 73 16.95 28.61 51.75
CA ILE E 73 16.12 28.42 50.56
C ILE E 73 15.92 26.95 50.31
N ALA E 74 17.00 26.18 50.34
CA ALA E 74 16.90 24.74 50.09
C ALA E 74 16.18 24.02 51.22
N ARG E 75 16.39 24.46 52.47
CA ARG E 75 15.65 23.88 53.58
C ARG E 75 14.15 23.98 53.32
N SER E 76 13.69 25.18 53.01
CA SER E 76 12.27 25.40 52.80
C SER E 76 11.78 24.67 51.56
N ILE E 77 12.57 24.68 50.49
CA ILE E 77 12.17 23.99 49.27
C ILE E 77 12.01 22.50 49.53
N ALA E 78 12.95 21.91 50.27
CA ALA E 78 12.88 20.48 50.57
C ALA E 78 11.66 20.18 51.42
N ASN E 79 11.39 21.00 52.43
CA ASN E 79 10.18 20.78 53.21
C ASN E 79 8.93 20.89 52.34
N LYS E 80 8.89 21.89 51.46
CA LYS E 80 7.70 22.07 50.62
C LYS E 80 7.51 20.89 49.69
N ILE E 81 8.61 20.34 49.17
CA ILE E 81 8.51 19.17 48.30
C ILE E 81 8.03 17.97 49.10
N GLU E 82 8.55 17.78 50.31
CA GLU E 82 8.16 16.63 51.11
C GLU E 82 6.72 16.73 51.60
N ASN E 83 6.26 17.93 51.92
CA ASN E 83 4.87 18.14 52.32
C ASN E 83 3.95 18.30 51.12
N ARG E 84 4.48 18.26 49.90
CA ARG E 84 3.67 18.35 48.70
C ARG E 84 2.91 19.67 48.66
N THR E 85 3.62 20.76 48.99
CA THR E 85 3.08 22.10 48.87
C THR E 85 3.93 22.99 47.97
N TYR E 86 5.05 22.50 47.46
CA TYR E 86 5.93 23.32 46.64
C TYR E 86 5.24 23.75 45.36
N LEU E 87 5.42 25.02 45.01
CA LEU E 87 4.91 25.58 43.77
C LEU E 87 5.92 26.62 43.28
N PRO E 88 6.47 26.47 42.09
CA PRO E 88 7.48 27.43 41.62
C PRO E 88 6.89 28.82 41.51
N ASN E 89 7.72 29.83 41.80
CA ASN E 89 7.29 31.20 41.67
C ASN E 89 7.08 31.54 40.19
N GLU E 90 6.60 32.75 39.94
CA GLU E 90 6.31 33.12 38.55
C GLU E 90 7.61 33.39 37.81
N PRO E 91 7.83 32.75 36.67
CA PRO E 91 9.00 33.11 35.86
C PRO E 91 8.89 34.54 35.38
N PHE E 92 10.02 35.24 35.37
CA PHE E 92 10.08 36.53 34.74
C PHE E 92 10.03 36.25 33.24
N THR E 93 8.85 36.46 32.67
CA THR E 93 8.62 36.18 31.27
C THR E 93 8.73 37.46 30.46
N LYS E 94 9.23 37.32 29.24
CA LYS E 94 9.35 38.43 28.31
C LYS E 94 9.09 37.86 26.92
N ASP E 95 7.90 38.13 26.41
CA ASP E 95 7.55 37.74 25.05
C ASP E 95 8.27 38.63 24.05
N VAL E 96 8.92 38.00 23.07
CA VAL E 96 9.83 38.70 22.17
C VAL E 96 9.34 38.52 20.74
N PRO E 97 9.42 39.53 19.87
CA PRO E 97 8.94 39.36 18.50
C PRO E 97 9.75 38.32 17.74
N LYS E 98 9.05 37.47 17.01
CA LYS E 98 9.66 36.45 16.17
C LYS E 98 9.67 36.89 14.72
N PRO E 99 10.60 36.39 13.91
CA PRO E 99 10.67 36.83 12.50
C PRO E 99 9.40 36.57 11.73
N ASP E 100 8.66 35.50 12.04
CA ASP E 100 7.40 35.24 11.37
C ASP E 100 6.31 36.20 11.79
N GLY E 101 6.55 37.01 12.82
CA GLY E 101 5.55 37.92 13.35
C GLY E 101 4.89 37.44 14.63
N GLY E 102 5.22 36.24 15.09
CA GLY E 102 4.72 35.72 16.34
C GLY E 102 5.55 36.21 17.51
N ILE E 103 5.29 35.62 18.68
CA ILE E 103 5.99 35.97 19.90
C ILE E 103 6.57 34.71 20.51
N ARG E 104 7.87 34.75 20.80
CA ARG E 104 8.55 33.67 21.52
C ARG E 104 8.59 34.14 22.98
N LYS E 105 7.83 33.45 23.83
CA LYS E 105 7.74 33.83 25.24
C LYS E 105 8.94 33.27 25.98
N VAL E 106 9.93 34.12 26.26
CA VAL E 106 11.04 33.67 27.09
C VAL E 106 10.57 33.63 28.53
N SER E 107 11.03 32.62 29.28
CA SER E 107 10.69 32.46 30.69
C SER E 107 11.98 32.23 31.46
N ILE E 108 12.24 33.07 32.46
CA ILE E 108 13.36 32.88 33.36
C ILE E 108 12.79 32.60 34.74
N TYR E 109 12.89 31.35 35.19
CA TYR E 109 12.48 31.02 36.53
C TYR E 109 13.54 31.52 37.52
N GLN E 110 13.11 31.74 38.76
CA GLN E 110 14.06 32.17 39.77
C GLN E 110 15.08 31.07 40.03
N ILE E 111 16.24 31.47 40.55
CA ILE E 111 17.37 30.55 40.67
C ILE E 111 16.97 29.27 41.40
N PRO E 112 16.29 29.33 42.54
CA PRO E 112 15.86 28.06 43.17
C PRO E 112 14.97 27.23 42.28
N ASP E 113 14.03 27.86 41.56
CA ASP E 113 13.09 27.10 40.75
C ASP E 113 13.80 26.47 39.56
N ALA E 114 14.72 27.22 38.93
CA ALA E 114 15.48 26.64 37.82
C ALA E 114 16.41 25.54 38.32
N ALA E 115 16.94 25.69 39.53
CA ALA E 115 17.76 24.63 40.12
C ALA E 115 16.93 23.37 40.32
N ILE E 116 15.72 23.50 40.85
CA ILE E 116 14.87 22.33 41.03
C ILE E 116 14.53 21.72 39.67
N SER E 117 14.23 22.56 38.69
CA SER E 117 13.88 22.07 37.36
C SER E 117 15.01 21.27 36.77
N LYS E 118 16.23 21.80 36.84
CA LYS E 118 17.37 21.02 36.35
C LYS E 118 17.48 19.72 37.14
N LEU E 119 17.52 19.81 38.46
CA LEU E 119 17.77 18.63 39.29
C LEU E 119 16.83 17.49 38.94
N PHE E 120 15.55 17.80 38.73
CA PHE E 120 14.57 16.75 38.57
C PHE E 120 14.38 16.35 37.11
N PHE E 121 14.26 17.32 36.21
CA PHE E 121 13.96 16.99 34.83
C PHE E 121 15.18 16.45 34.09
N ASN E 122 16.40 16.80 34.49
CA ASN E 122 17.55 16.14 33.91
C ASN E 122 17.57 14.67 34.28
N ARG E 123 17.24 14.34 35.52
CA ARG E 123 17.15 12.95 35.93
C ARG E 123 16.06 12.23 35.14
N LEU E 124 14.90 12.88 34.98
CA LEU E 124 13.82 12.27 34.24
C LEU E 124 14.21 12.01 32.78
N LEU E 125 14.90 12.96 32.16
CA LEU E 125 15.33 12.78 30.77
C LEU E 125 16.37 11.68 30.67
N ALA E 126 17.31 11.61 31.61
CA ALA E 126 18.33 10.58 31.58
C ALA E 126 17.73 9.19 31.74
N LYS E 127 16.80 9.04 32.66
CA LYS E 127 16.22 7.74 32.96
C LYS E 127 15.22 7.28 31.91
N ASN E 128 14.68 8.19 31.11
CA ASN E 128 13.72 7.86 30.06
C ASN E 128 14.29 8.14 28.68
N ARG E 129 15.61 8.20 28.55
CA ARG E 129 16.23 8.63 27.30
C ARG E 129 15.87 7.69 26.15
N HIS E 130 15.91 6.39 26.37
CA HIS E 130 15.65 5.45 25.29
C HIS E 130 14.17 5.38 24.91
N ARG E 131 13.30 6.02 25.67
CA ARG E 131 11.89 6.10 25.30
C ARG E 131 11.60 7.26 24.35
N PHE E 132 12.54 8.18 24.20
CA PHE E 132 12.32 9.37 23.38
C PHE E 132 12.82 9.15 21.96
N SER E 133 12.36 10.00 21.06
CA SER E 133 12.80 9.93 19.68
C SER E 133 14.25 10.40 19.57
N SER E 134 14.85 10.14 18.40
CA SER E 134 16.25 10.48 18.22
C SER E 134 16.47 11.98 18.17
N PHE E 135 15.89 12.66 17.17
CA PHE E 135 16.17 14.07 16.92
C PHE E 135 15.14 14.99 17.56
N SER E 136 14.98 14.90 18.87
CA SER E 136 14.10 15.80 19.62
C SER E 136 14.95 16.72 20.46
N TYR E 137 14.78 18.02 20.27
CA TYR E 137 15.60 19.01 20.95
C TYR E 137 14.70 20.10 21.53
N ALA E 138 15.19 20.74 22.58
CA ALA E 138 14.44 21.80 23.25
C ALA E 138 14.83 23.19 22.80
N TYR E 139 16.12 23.45 22.65
CA TYR E 139 16.61 24.74 22.20
C TYR E 139 17.10 24.64 20.77
N ARG E 140 16.97 25.73 20.02
CA ARG E 140 17.51 25.76 18.67
C ARG E 140 19.01 26.03 18.67
N ASN E 141 19.58 26.37 19.82
CA ASN E 141 21.02 26.48 19.99
C ASN E 141 21.64 25.20 20.54
N ASP E 142 20.82 24.19 20.84
CA ASP E 142 21.35 22.91 21.29
C ASP E 142 22.38 22.40 20.29
N ARG E 143 23.54 22.02 20.81
CA ARG E 143 24.61 21.55 19.94
C ARG E 143 24.17 20.30 19.18
N ASN E 144 23.45 19.41 19.85
CA ASN E 144 23.11 18.11 19.30
C ASN E 144 22.15 18.21 18.13
N VAL E 145 21.53 19.37 17.89
CA VAL E 145 20.73 19.52 16.69
C VAL E 145 21.56 19.25 15.46
N HIS E 146 22.87 19.48 15.52
CA HIS E 146 23.67 19.24 14.33
C HIS E 146 23.61 17.78 13.90
N PHE E 147 23.41 16.86 14.83
CA PHE E 147 23.29 15.47 14.44
C PHE E 147 22.08 15.26 13.56
N ALA E 148 20.96 15.87 13.94
CA ALA E 148 19.79 15.81 13.08
C ALA E 148 20.10 16.41 11.72
N ILE E 149 20.82 17.54 11.71
CA ILE E 149 21.18 18.14 10.45
C ILE E 149 21.99 17.15 9.62
N GLN E 150 22.97 16.50 10.26
CA GLN E 150 23.74 15.51 9.53
C GLN E 150 22.81 14.49 8.89
N ASP E 151 21.89 13.94 9.67
CA ASP E 151 21.00 12.93 9.13
C ASP E 151 20.33 13.43 7.86
N ILE E 152 19.69 14.60 7.94
CA ILE E 152 18.93 15.06 6.79
C ILE E 152 19.88 15.25 5.62
N SER E 153 21.04 15.86 5.86
CA SER E 153 21.99 16.08 4.79
C SER E 153 22.32 14.77 4.11
N VAL E 154 22.65 13.75 4.91
CA VAL E 154 23.04 12.48 4.32
C VAL E 154 21.90 11.96 3.46
N ASP E 155 20.68 12.00 3.99
CA ASP E 155 19.56 11.49 3.20
C ASP E 155 19.38 12.32 1.94
N LEU E 156 19.45 13.65 2.07
CA LEU E 156 19.22 14.48 0.91
C LEU E 156 20.25 14.20 -0.16
N LYS E 157 21.41 13.70 0.22
CA LYS E 157 22.41 13.32 -0.76
C LYS E 157 22.09 11.95 -1.33
N LYS E 158 21.84 10.98 -0.44
CA LYS E 158 21.61 9.61 -0.87
C LYS E 158 20.30 9.49 -1.62
N ASN E 159 19.23 10.00 -1.03
CA ASN E 159 17.95 10.15 -1.70
C ASN E 159 18.02 11.40 -2.56
N GLU E 160 18.13 11.22 -3.88
CA GLU E 160 18.23 12.38 -4.75
C GLU E 160 16.88 13.06 -4.97
N ARG E 161 15.82 12.56 -4.37
CA ARG E 161 14.51 13.21 -4.38
C ARG E 161 13.87 12.91 -3.03
N THR E 162 13.72 13.94 -2.20
CA THR E 162 13.21 13.77 -0.84
C THR E 162 12.07 14.75 -0.61
N PHE E 163 10.91 14.22 -0.21
CA PHE E 163 9.77 15.07 0.12
C PHE E 163 9.87 15.50 1.58
N LEU E 164 9.91 16.82 1.80
CA LEU E 164 10.03 17.38 3.13
C LEU E 164 8.79 18.19 3.48
N ALA E 165 8.60 18.41 4.77
CA ALA E 165 7.52 19.23 5.28
C ALA E 165 7.94 19.83 6.62
N GLU E 166 7.53 21.07 6.86
CA GLU E 166 7.90 21.78 8.07
C GLU E 166 6.66 22.23 8.83
N PHE E 167 6.79 22.31 10.15
CA PHE E 167 5.68 22.59 11.04
C PHE E 167 6.13 23.49 12.18
N ASP E 168 5.18 24.27 12.69
CA ASP E 168 5.35 25.08 13.88
C ASP E 168 4.52 24.47 14.98
N PHE E 169 5.15 24.12 16.10
CA PHE E 169 4.47 23.57 17.25
C PHE E 169 4.24 24.62 18.33
N SER E 170 4.38 25.90 17.96
CA SER E 170 4.45 26.95 18.98
C SER E 170 3.18 27.00 19.82
N ASP E 171 2.03 27.01 19.16
CA ASP E 171 0.77 27.11 19.90
C ASP E 171 0.45 25.83 20.65
N PHE E 172 0.91 24.67 20.14
CA PHE E 172 0.74 23.43 20.89
C PHE E 172 1.34 23.57 22.29
N PHE E 173 2.59 24.04 22.36
CA PHE E 173 3.26 24.18 23.64
C PHE E 173 2.78 25.39 24.41
N GLY E 174 2.31 26.43 23.72
CA GLY E 174 1.71 27.55 24.42
C GLY E 174 0.41 27.18 25.11
N SER E 175 -0.44 26.40 24.43
CA SER E 175 -1.65 25.86 25.04
C SER E 175 -1.79 24.37 24.67
N ILE E 176 -1.22 23.51 25.49
CA ILE E 176 -1.49 22.09 25.48
C ILE E 176 -2.21 21.74 26.77
N SER E 177 -3.33 21.01 26.66
CA SER E 177 -4.09 20.63 27.83
C SER E 177 -3.18 19.87 28.80
N HIS E 178 -3.16 20.32 30.05
CA HIS E 178 -2.37 19.64 31.06
C HIS E 178 -2.92 18.27 31.38
N SER E 179 -4.21 18.05 31.07
CA SER E 179 -4.79 16.72 31.24
C SER E 179 -4.10 15.72 30.30
N PHE E 180 -3.85 16.14 29.06
CA PHE E 180 -3.16 15.26 28.12
C PHE E 180 -1.78 14.90 28.64
N LEU E 181 -1.03 15.90 29.11
CA LEU E 181 0.29 15.63 29.68
C LEU E 181 0.19 14.64 30.82
N ASN E 182 -0.77 14.85 31.73
CA ASN E 182 -0.89 13.96 32.87
C ASN E 182 -1.30 12.55 32.44
N GLU E 183 -2.08 12.43 31.36
CA GLU E 183 -2.42 11.11 30.84
C GLU E 183 -1.18 10.39 30.32
N GLN E 184 -0.24 11.12 29.73
CA GLN E 184 0.96 10.46 29.21
C GLN E 184 1.92 9.97 30.28
N PHE E 185 1.69 10.33 31.55
CA PHE E 185 2.67 10.00 32.60
C PHE E 185 2.96 8.52 32.73
N ASN E 186 1.99 7.66 32.44
CA ASN E 186 2.11 6.23 32.72
C ASN E 186 2.04 5.40 31.45
N GLU E 187 2.57 5.95 30.36
CA GLU E 187 2.53 5.29 29.06
C GLU E 187 3.95 5.23 28.48
N ASN E 188 4.13 4.36 27.50
CA ASN E 188 5.37 4.29 26.73
C ASN E 188 6.56 3.89 27.60
N GLY E 189 6.31 3.20 28.70
CA GLY E 189 7.38 2.74 29.55
C GLY E 189 8.07 3.82 30.34
N PHE E 190 7.51 5.02 30.39
CA PHE E 190 8.14 6.11 31.11
C PHE E 190 8.26 5.79 32.60
N TYR E 191 9.39 6.17 33.19
CA TYR E 191 9.65 5.98 34.61
C TYR E 191 9.64 7.35 35.27
N ILE E 192 8.50 7.73 35.83
CA ILE E 192 8.35 8.99 36.55
C ILE E 192 7.96 8.64 37.98
N SER E 193 8.86 8.91 38.92
CA SER E 193 8.61 8.60 40.33
C SER E 193 7.49 9.49 40.85
N PRO E 194 6.86 9.13 41.97
CA PRO E 194 5.78 9.99 42.49
C PRO E 194 6.23 11.42 42.78
N GLU E 195 7.43 11.60 43.34
CA GLU E 195 7.91 12.94 43.60
C GLU E 195 8.19 13.70 42.31
N GLU E 196 8.72 13.00 41.30
CA GLU E 196 8.90 13.63 40.02
C GLU E 196 7.56 14.03 39.41
N LYS E 197 6.54 13.19 39.59
CA LYS E 197 5.21 13.57 39.12
C LYS E 197 4.71 14.80 39.86
N PHE E 198 4.99 14.89 41.17
CA PHE E 198 4.57 16.06 41.92
C PHE E 198 5.27 17.32 41.41
N ILE E 199 6.56 17.24 41.15
CA ILE E 199 7.28 18.41 40.64
C ILE E 199 6.78 18.79 39.25
N ILE E 200 6.50 17.82 38.39
CA ILE E 200 5.96 18.12 37.08
C ILE E 200 4.63 18.84 37.23
N ARG E 201 3.74 18.29 38.06
CA ARG E 201 2.43 18.88 38.26
C ARG E 201 2.54 20.25 38.93
N SER E 202 3.55 20.46 39.76
CA SER E 202 3.72 21.76 40.41
C SER E 202 4.14 22.81 39.40
N PHE E 203 5.10 22.49 38.54
CA PHE E 203 5.48 23.45 37.51
C PHE E 203 4.35 23.69 36.54
N LEU E 204 3.54 22.66 36.25
CA LEU E 204 2.39 22.86 35.39
C LEU E 204 1.29 23.66 36.07
N ARG E 205 1.22 23.58 37.40
CA ARG E 205 0.23 24.34 38.16
C ARG E 205 0.62 25.81 38.22
N GLU E 206 1.92 26.10 38.37
CA GLU E 206 2.35 27.48 38.30
C GLU E 206 1.96 28.10 36.96
N ARG E 207 2.07 27.32 35.90
CA ARG E 207 1.49 27.67 34.62
C ARG E 207 0.02 27.24 34.65
N LYS E 208 -0.73 27.54 33.60
CA LYS E 208 -2.12 27.11 33.53
C LYS E 208 -2.36 26.18 32.36
N VAL E 209 -1.96 26.57 31.16
CA VAL E 209 -1.99 25.71 29.99
C VAL E 209 -0.68 25.89 29.25
N GLY E 210 -0.20 24.81 28.66
CA GLY E 210 1.02 24.85 27.90
C GLY E 210 2.24 24.50 28.73
N ILE E 211 3.34 24.25 28.04
CA ILE E 211 4.61 23.89 28.64
C ILE E 211 5.52 25.11 28.58
N PRO E 212 6.20 25.47 29.67
CA PRO E 212 7.16 26.57 29.58
C PRO E 212 8.28 26.23 28.61
N GLN E 213 8.46 27.08 27.62
CA GLN E 213 9.42 26.84 26.55
C GLN E 213 10.74 27.54 26.85
N GLY E 214 11.81 26.96 26.31
CA GLY E 214 13.15 27.45 26.59
C GLY E 214 13.54 27.32 28.05
N THR E 215 13.19 26.19 28.67
CA THR E 215 13.44 25.95 30.08
C THR E 215 13.97 24.53 30.28
N SER E 216 14.39 24.25 31.52
CA SER E 216 14.92 22.92 31.83
C SER E 216 13.87 21.84 31.70
N ILE E 217 12.59 22.18 31.97
CA ILE E 217 11.52 21.19 31.89
C ILE E 217 10.93 21.10 30.49
N SER E 218 11.40 21.91 29.55
CA SER E 218 10.80 21.95 28.23
C SER E 218 10.95 20.61 27.50
N LEU E 219 12.18 20.08 27.42
CA LEU E 219 12.40 18.88 26.63
C LEU E 219 11.60 17.69 27.15
N PHE E 220 11.62 17.48 28.46
CA PHE E 220 10.92 16.32 29.01
C PHE E 220 9.43 16.37 28.68
N LEU E 221 8.79 17.51 28.96
CA LEU E 221 7.36 17.59 28.74
C LEU E 221 7.01 17.57 27.26
N ALA E 222 7.87 18.15 26.42
CA ALA E 222 7.65 18.08 24.98
C ALA E 222 7.72 16.64 24.49
N ASN E 223 8.75 15.91 24.90
CA ASN E 223 8.89 14.52 24.47
C ASN E 223 7.76 13.66 25.03
N LEU E 224 7.37 13.89 26.28
CA LEU E 224 6.29 13.13 26.89
C LEU E 224 4.97 13.41 26.20
N THR E 225 4.77 14.65 25.74
CA THR E 225 3.54 15.00 25.07
C THR E 225 3.50 14.47 23.64
N CYS E 226 4.64 14.43 22.96
CA CYS E 226 4.72 14.06 21.56
C CYS E 226 5.19 12.64 21.35
N TRP E 227 5.13 11.79 22.38
CA TRP E 227 5.60 10.42 22.23
C TRP E 227 4.73 9.63 21.27
N LYS E 228 3.42 9.87 21.26
CA LYS E 228 2.56 9.13 20.34
C LYS E 228 2.68 9.65 18.92
N LEU E 229 2.84 10.97 18.74
CA LEU E 229 3.12 11.49 17.40
C LEU E 229 4.42 10.91 16.87
N ASP E 230 5.45 10.83 17.70
CA ASP E 230 6.70 10.26 17.25
C ASP E 230 6.54 8.79 16.88
N GLN E 231 5.82 8.02 17.69
CA GLN E 231 5.62 6.61 17.35
C GLN E 231 4.85 6.45 16.05
N ASP E 232 3.80 7.25 15.86
CA ASP E 232 3.02 7.14 14.64
C ASP E 232 3.86 7.50 13.41
N LEU E 233 4.61 8.59 13.51
CA LEU E 233 5.46 8.98 12.38
C LEU E 233 6.54 7.94 12.12
N GLU E 234 7.08 7.32 13.17
CA GLU E 234 8.09 6.30 12.99
C GLU E 234 7.51 5.05 12.34
N ARG E 235 6.25 4.72 12.66
CA ARG E 235 5.61 3.60 11.98
C ARG E 235 5.32 3.92 10.51
N GLU E 236 4.99 5.18 10.22
CA GLU E 236 4.76 5.56 8.83
C GLU E 236 6.04 5.50 8.00
N GLY E 237 7.20 5.41 8.63
CA GLY E 237 8.46 5.38 7.91
C GLY E 237 9.05 6.73 7.63
N VAL E 238 8.40 7.80 8.08
CA VAL E 238 8.93 9.14 7.90
C VAL E 238 9.99 9.39 8.97
N LYS E 239 11.01 10.16 8.60
CA LYS E 239 12.01 10.58 9.56
C LYS E 239 11.70 12.03 9.95
N PHE E 240 12.00 12.39 11.19
CA PHE E 240 11.62 13.71 11.64
C PHE E 240 12.56 14.20 12.73
N SER E 241 12.56 15.51 12.91
CA SER E 241 13.31 16.16 13.97
C SER E 241 12.49 17.33 14.50
N ARG E 242 12.34 17.39 15.81
CA ARG E 242 11.74 18.53 16.48
C ARG E 242 12.83 19.31 17.18
N TYR E 243 12.89 20.61 16.91
CA TYR E 243 13.80 21.53 17.59
C TYR E 243 13.01 22.74 18.04
N ALA E 244 12.96 22.94 19.36
CA ALA E 244 12.18 24.03 19.97
C ALA E 244 10.75 23.90 19.46
N ASP E 245 10.18 24.93 18.85
CA ASP E 245 8.80 24.91 18.36
C ASP E 245 8.73 24.58 16.88
N ASP E 246 9.71 23.84 16.38
CA ASP E 246 9.82 23.55 14.96
C ASP E 246 9.88 22.04 14.76
N THR E 247 9.33 21.57 13.66
CA THR E 247 9.45 20.16 13.30
C THR E 247 9.65 20.04 11.79
N ILE E 248 10.56 19.17 11.39
CA ILE E 248 10.78 18.85 9.99
C ILE E 248 10.62 17.35 9.81
N ILE E 249 9.78 16.96 8.85
CA ILE E 249 9.54 15.56 8.53
C ILE E 249 9.94 15.34 7.07
N TRP E 250 10.83 14.39 6.83
CA TRP E 250 11.28 14.05 5.49
C TRP E 250 11.10 12.57 5.20
N SER E 251 10.91 12.28 3.92
CA SER E 251 10.71 10.92 3.44
C SER E 251 11.09 10.87 1.97
N GLN E 252 11.20 9.65 1.45
CA GLN E 252 11.38 9.46 0.02
C GLN E 252 10.07 9.23 -0.71
N GLU E 253 8.94 9.26 0.00
CA GLU E 253 7.64 9.00 -0.58
C GLU E 253 6.70 10.16 -0.29
N TYR E 254 5.90 10.54 -1.27
CA TYR E 254 4.91 11.59 -1.10
C TYR E 254 3.75 11.14 -0.22
N SER E 255 3.29 9.90 -0.42
CA SER E 255 2.22 9.37 0.40
C SER E 255 2.60 9.42 1.87
N LYS E 256 3.86 9.14 2.19
CA LYS E 256 4.29 9.15 3.58
C LYS E 256 4.18 10.54 4.18
N ILE E 257 4.62 11.57 3.47
CA ILE E 257 4.58 12.90 4.05
C ILE E 257 3.13 13.36 4.20
N CYS E 258 2.26 13.00 3.25
CA CYS E 258 0.85 13.36 3.41
C CYS E 258 0.23 12.63 4.60
N ASN E 259 0.56 11.36 4.78
CA ASN E 259 0.08 10.63 5.94
C ASN E 259 0.62 11.23 7.23
N ALA E 260 1.83 11.80 7.19
CA ALA E 260 2.35 12.50 8.35
C ALA E 260 1.55 13.76 8.63
N PHE E 261 1.15 14.48 7.58
CA PHE E 261 0.24 15.60 7.75
C PHE E 261 -1.02 15.16 8.48
N ASN E 262 -1.60 14.04 8.05
CA ASN E 262 -2.81 13.53 8.70
C ASN E 262 -2.53 13.15 10.15
N ILE E 263 -1.38 12.53 10.41
CA ILE E 263 -1.02 12.13 11.77
C ILE E 263 -0.94 13.36 12.67
N ILE E 264 -0.28 14.41 12.18
CA ILE E 264 -0.11 15.61 12.98
C ILE E 264 -1.47 16.25 13.24
N THR E 265 -2.37 16.24 12.25
CA THR E 265 -3.69 16.80 12.48
C THR E 265 -4.46 16.00 13.52
N ASN E 266 -4.39 14.67 13.45
CA ASN E 266 -5.07 13.84 14.44
C ASN E 266 -4.51 14.06 15.83
N PHE E 267 -3.18 14.13 15.95
CA PHE E 267 -2.57 14.39 17.24
C PHE E 267 -2.94 15.77 17.77
N SER E 268 -3.06 16.74 16.86
CA SER E 268 -3.52 18.07 17.22
C SER E 268 -4.91 18.02 17.83
N LYS E 269 -5.82 17.29 17.19
CA LYS E 269 -7.17 17.16 17.74
C LYS E 269 -7.15 16.47 19.09
N SER E 270 -6.37 15.40 19.23
CA SER E 270 -6.30 14.69 20.49
C SER E 270 -5.79 15.61 21.60
N ALA E 271 -4.93 16.56 21.27
CA ALA E 271 -4.41 17.49 22.26
C ALA E 271 -5.32 18.68 22.50
N GLY E 272 -6.34 18.87 21.67
CA GLY E 272 -7.20 20.02 21.82
C GLY E 272 -6.55 21.32 21.43
N ILE E 273 -5.42 21.25 20.72
CA ILE E 273 -4.70 22.42 20.23
C ILE E 273 -4.19 22.11 18.84
N LYS E 274 -4.12 23.14 17.99
CA LYS E 274 -3.81 22.94 16.59
C LYS E 274 -2.33 23.23 16.32
N ILE E 275 -1.77 22.46 15.38
CA ILE E 275 -0.41 22.63 14.89
C ILE E 275 -0.47 23.01 13.41
N ASN E 276 0.19 24.09 13.05
CA ASN E 276 0.09 24.66 11.72
C ASN E 276 1.43 24.63 11.01
N PRO E 277 1.47 24.32 9.72
CA PRO E 277 2.73 24.39 8.98
C PRO E 277 3.17 25.83 8.78
N LYS E 278 4.48 25.99 8.57
CA LYS E 278 5.06 27.30 8.32
C LYS E 278 4.37 27.96 7.13
N GLY E 282 5.02 24.64 3.27
CA GLY E 282 4.53 23.53 4.06
C GLY E 282 5.08 22.20 3.61
N ILE E 283 4.81 21.83 2.36
CA ILE E 283 5.23 20.55 1.79
C ILE E 283 5.93 20.79 0.46
N SER E 284 7.08 20.15 0.26
CA SER E 284 7.87 20.39 -0.95
C SER E 284 8.75 19.17 -1.25
N LEU E 285 9.41 19.22 -2.39
CA LEU E 285 10.32 18.15 -2.83
C LEU E 285 11.69 18.75 -3.13
N LEU E 286 12.72 18.18 -2.52
CA LEU E 286 14.10 18.55 -2.79
C LEU E 286 14.72 17.55 -3.75
N THR E 287 15.24 18.07 -4.86
CA THR E 287 15.78 17.27 -5.94
C THR E 287 17.14 17.82 -6.30
N LYS E 288 17.94 17.02 -6.99
CA LYS E 288 19.22 17.50 -7.47
C LYS E 288 19.00 18.74 -8.32
N LYS E 289 19.86 19.74 -8.15
CA LYS E 289 19.72 20.95 -8.92
C LYS E 289 19.73 20.64 -10.41
N GLY E 290 18.93 21.35 -11.16
CA GLY E 290 18.78 21.10 -12.59
C GLY E 290 17.64 20.14 -12.91
N LEU E 291 17.57 19.03 -12.20
CA LEU E 291 16.46 18.11 -12.40
C LEU E 291 15.16 18.82 -12.03
N PRO E 292 14.06 18.57 -12.75
CA PRO E 292 12.81 19.26 -12.45
C PRO E 292 12.03 18.59 -11.33
N SER E 293 10.83 19.10 -11.06
CA SER E 293 9.96 18.53 -10.04
C SER E 293 8.51 18.63 -10.47
N GLU E 294 7.68 17.78 -9.86
CA GLU E 294 6.27 17.70 -10.22
C GLU E 294 5.45 18.62 -9.33
N ILE E 295 5.60 18.43 -8.03
CA ILE E 295 4.97 19.19 -6.97
C ILE E 295 5.77 20.48 -6.80
N THR E 296 5.24 21.44 -6.04
CA THR E 296 6.04 22.60 -5.70
C THR E 296 7.35 22.13 -5.08
N SER E 297 8.46 22.62 -5.60
CA SER E 297 9.77 22.13 -5.20
C SER E 297 10.69 23.28 -4.83
N LYS E 298 11.65 22.95 -3.98
CA LYS E 298 12.74 23.83 -3.62
C LYS E 298 14.00 22.99 -3.57
N ASN E 299 15.10 23.54 -4.07
CA ASN E 299 16.38 22.84 -4.07
C ASN E 299 17.27 23.26 -2.91
N ASN E 300 16.69 23.87 -1.87
CA ASN E 300 17.42 24.29 -0.69
C ASN E 300 16.47 24.31 0.51
N LEU E 301 16.96 23.87 1.66
CA LEU E 301 16.19 23.83 2.90
C LEU E 301 16.96 24.57 3.99
N ASP E 302 16.29 25.47 4.68
CA ASP E 302 16.91 26.28 5.73
C ASP E 302 16.71 25.58 7.06
N PHE E 303 17.75 24.88 7.53
CA PHE E 303 17.75 24.17 8.81
C PHE E 303 18.68 24.96 9.73
N LEU E 304 18.10 25.78 10.60
CA LEU E 304 18.85 26.63 11.53
C LEU E 304 19.75 27.53 10.70
N GLY E 305 21.06 27.57 10.93
CA GLY E 305 21.95 28.46 10.21
C GLY E 305 22.55 27.78 9.01
N TYR E 306 21.90 26.72 8.54
CA TYR E 306 22.38 25.92 7.43
C TYR E 306 21.37 25.99 6.29
N THR E 307 21.90 26.00 5.07
CA THR E 307 21.13 25.70 3.88
C THR E 307 21.58 24.33 3.39
N LEU E 308 20.71 23.34 3.53
CA LEU E 308 20.97 21.97 3.16
C LEU E 308 20.36 21.70 1.80
N SER E 309 21.17 21.18 0.88
CA SER E 309 20.72 20.83 -0.46
C SER E 309 21.17 19.41 -0.75
N VAL E 310 20.67 18.87 -1.87
CA VAL E 310 21.04 17.52 -2.25
C VAL E 310 22.52 17.41 -2.53
N GLU E 311 23.19 18.52 -2.81
CA GLU E 311 24.59 18.51 -3.21
C GLU E 311 25.54 18.92 -2.09
N ASN E 312 25.19 19.96 -1.33
CA ASN E 312 26.12 20.53 -0.36
C ASN E 312 25.34 20.93 0.88
N VAL E 313 26.09 21.15 1.96
CA VAL E 313 25.62 21.83 3.16
C VAL E 313 26.35 23.16 3.20
N SER E 314 25.59 24.26 3.20
CA SER E 314 26.16 25.58 3.14
C SER E 314 25.60 26.40 4.28
N ILE E 315 26.12 27.60 4.44
CA ILE E 315 25.62 28.51 5.45
C ILE E 315 24.44 29.29 4.87
N LYS E 316 23.39 29.42 5.67
CA LYS E 316 22.21 30.16 5.23
C LYS E 316 22.57 31.60 4.89
N GLU E 317 21.76 32.21 4.02
CA GLU E 317 22.05 33.57 3.58
C GLU E 317 22.00 34.56 4.74
N LYS E 318 21.04 34.38 5.67
CA LYS E 318 21.02 35.27 6.82
C LYS E 318 22.29 35.12 7.66
N SER E 319 22.76 33.89 7.82
CA SER E 319 23.98 33.68 8.59
C SER E 319 25.19 34.31 7.90
N VAL E 320 25.25 34.21 6.57
CA VAL E 320 26.35 34.85 5.85
C VAL E 320 26.26 36.36 5.97
N LYS E 321 25.05 36.92 5.93
CA LYS E 321 24.88 38.34 6.13
C LYS E 321 25.31 38.75 7.52
N LYS E 322 25.03 37.92 8.51
CA LYS E 322 25.44 38.22 9.89
C LYS E 322 26.95 38.18 10.03
N ILE E 323 27.59 37.19 9.41
CA ILE E 323 29.05 37.10 9.44
C ILE E 323 29.67 38.33 8.77
N LYS E 324 29.12 38.71 7.61
CA LYS E 324 29.62 39.88 6.92
C LYS E 324 29.38 41.15 7.73
N LYS E 325 28.24 41.22 8.39
CA LYS E 325 27.97 42.35 9.27
C LYS E 325 29.03 42.47 10.34
N GLN E 326 29.39 41.35 10.97
CA GLN E 326 30.34 41.43 12.06
C GLN E 326 31.72 41.83 11.54
N ILE E 327 32.17 41.21 10.46
CA ILE E 327 33.50 41.54 9.93
C ILE E 327 33.54 43.00 9.49
N SER E 328 32.51 43.44 8.77
CA SER E 328 32.45 44.81 8.30
C SER E 328 32.45 45.78 9.47
N TYR E 329 31.72 45.44 10.54
CA TYR E 329 31.70 46.36 11.67
C TYR E 329 33.01 46.35 12.43
N ILE E 330 33.72 45.22 12.49
CA ILE E 330 35.05 45.27 13.09
C ILE E 330 35.90 46.29 12.35
N LEU E 331 35.92 46.18 11.01
CA LEU E 331 36.76 47.09 10.24
C LEU E 331 36.28 48.53 10.36
N TYR E 332 34.97 48.75 10.33
CA TYR E 332 34.42 50.09 10.49
C TYR E 332 34.77 50.69 11.84
N ARG E 333 34.58 49.91 12.90
CA ARG E 333 34.80 50.42 14.25
C ARG E 333 36.27 50.74 14.48
N ASN E 334 37.18 49.94 13.93
CA ASN E 334 38.59 50.17 14.22
C ASN E 334 39.24 51.15 13.26
N LEU E 335 38.77 51.21 12.01
CA LEU E 335 39.47 51.93 10.95
C LEU E 335 38.70 53.10 10.37
N ILE E 336 37.41 53.25 10.66
CA ILE E 336 36.64 54.33 10.07
C ILE E 336 35.94 55.17 11.14
N GLN E 337 35.18 54.51 12.02
CA GLN E 337 34.41 55.24 13.03
C GLN E 337 35.26 56.21 13.84
N PRO E 338 36.41 55.84 14.36
CA PRO E 338 37.20 56.79 15.17
C PRO E 338 37.52 58.06 14.42
N LEU E 339 37.73 57.96 13.10
CA LEU E 339 38.10 59.08 12.26
C LEU E 339 36.89 59.84 11.72
N LYS E 340 35.68 59.40 12.03
CA LYS E 340 34.48 60.16 11.70
C LYS E 340 33.96 60.95 12.90
N LYS E 341 34.73 60.98 13.98
CA LYS E 341 34.36 61.73 15.17
C LYS E 341 34.67 63.20 14.96
N THR E 342 34.08 64.04 15.82
CA THR E 342 34.27 65.48 15.68
C THR E 342 35.74 65.85 15.85
N SER E 343 36.37 65.31 16.89
CA SER E 343 37.78 65.54 17.14
C SER E 343 38.52 64.22 17.25
N LEU E 344 39.77 64.22 16.80
CA LEU E 344 40.68 63.10 16.94
C LEU E 344 41.65 63.29 18.10
N ALA E 345 41.20 63.92 19.18
CA ALA E 345 42.02 64.04 20.38
C ALA E 345 42.20 62.66 21.01
N GLY E 346 43.46 62.26 21.19
CA GLY E 346 43.77 61.01 21.85
C GLY E 346 43.57 59.78 21.00
N GLN E 347 43.44 59.94 19.68
CA GLN E 347 43.31 58.83 18.75
C GLN E 347 44.63 58.72 17.99
N THR E 348 45.40 57.68 18.27
CA THR E 348 46.66 57.46 17.56
C THR E 348 46.41 57.37 16.07
N ILE E 349 47.20 58.12 15.32
CA ILE E 349 47.07 58.21 13.86
C ILE E 349 48.09 57.26 13.24
N PRO E 350 47.73 56.51 12.20
CA PRO E 350 48.73 55.63 11.56
C PRO E 350 49.87 56.45 10.99
N ALA E 351 51.09 55.93 11.19
CA ALA E 351 52.30 56.56 10.70
C ALA E 351 53.38 55.50 10.70
N ASN E 352 54.54 55.84 10.15
CA ASN E 352 55.71 54.99 10.20
C ASN E 352 55.42 53.60 9.64
N ASP E 353 54.50 53.52 8.68
CA ASP E 353 54.09 52.25 8.07
C ASP E 353 53.55 51.29 9.11
N ARG E 354 52.88 51.80 10.13
CA ARG E 354 52.24 50.95 11.13
C ARG E 354 50.89 51.55 11.48
N ASP E 355 49.82 50.78 11.26
CA ASP E 355 48.46 51.16 11.66
C ASP E 355 48.03 50.19 12.74
N LYS E 356 48.06 50.64 14.00
CA LYS E 356 47.68 49.76 15.09
C LYS E 356 46.23 49.34 14.95
N ASN E 357 45.36 50.28 14.56
CA ASN E 357 43.96 49.95 14.37
C ASN E 357 43.77 48.79 13.41
N PHE E 358 44.61 48.69 12.38
CA PHE E 358 44.51 47.58 11.45
C PHE E 358 44.92 46.26 12.09
N LEU E 359 45.95 46.27 12.93
CA LEU E 359 46.26 45.07 13.68
C LEU E 359 45.10 44.66 14.56
N ILE E 360 44.49 45.62 15.27
CA ILE E 360 43.38 45.28 16.14
C ILE E 360 42.23 44.71 15.33
N ALA E 361 41.92 45.31 14.18
CA ALA E 361 40.80 44.84 13.37
C ALA E 361 41.08 43.44 12.83
N ILE E 362 42.29 43.20 12.32
CA ILE E 362 42.61 41.88 11.78
C ILE E 362 42.54 40.85 12.89
N CYS E 363 43.02 41.20 14.08
CA CYS E 363 42.99 40.24 15.19
C CYS E 363 41.56 39.99 15.66
N GLU E 364 40.71 41.02 15.65
CA GLU E 364 39.31 40.81 15.98
C GLU E 364 38.64 39.89 14.96
N ILE E 365 38.95 40.08 13.68
CA ILE E 365 38.38 39.19 12.66
C ILE E 365 38.90 37.77 12.83
N ARG E 366 40.19 37.63 13.17
CA ARG E 366 40.75 36.30 13.40
C ARG E 366 40.07 35.63 14.59
N ARG E 367 39.81 36.39 15.65
CA ARG E 367 39.11 35.82 16.80
C ARG E 367 37.71 35.39 16.40
N TYR E 368 36.98 36.26 15.70
CA TYR E 368 35.61 35.94 15.31
C TYR E 368 35.58 34.71 14.41
N MET E 369 36.56 34.56 13.52
CA MET E 369 36.57 33.47 12.54
C MET E 369 37.33 32.26 13.06
N TYR E 370 38.61 32.43 13.32
CA TYR E 370 39.46 31.31 13.71
C TYR E 370 39.40 31.01 15.19
N GLY E 371 39.09 32.00 16.01
CA GLY E 371 39.30 31.88 17.43
C GLY E 371 40.67 32.30 17.87
N GLY E 372 41.47 32.87 16.98
CA GLY E 372 42.82 33.28 17.26
C GLY E 372 43.88 32.38 16.70
N LEU E 373 43.49 31.34 15.98
CA LEU E 373 44.46 30.45 15.37
C LEU E 373 45.27 31.18 14.31
N SER E 374 46.53 30.79 14.20
CA SER E 374 47.38 31.21 13.10
C SER E 374 47.28 30.19 11.98
N LYS E 375 47.55 30.64 10.76
CA LYS E 375 47.53 29.72 9.63
C LYS E 375 48.59 28.65 9.78
N SER E 376 49.66 28.95 10.51
CA SER E 376 50.66 27.93 10.82
C SER E 376 50.07 26.85 11.70
N GLN E 377 49.29 27.23 12.72
CA GLN E 377 48.66 26.23 13.58
C GLN E 377 47.71 25.35 12.78
N ILE E 378 46.89 25.97 11.93
CA ILE E 378 45.92 25.20 11.15
C ILE E 378 46.65 24.25 10.20
N LYS E 379 47.75 24.70 9.60
CA LYS E 379 48.48 23.83 8.69
C LYS E 379 49.26 22.75 9.43
N ASP E 380 49.75 23.04 10.63
CA ASP E 380 50.34 22.00 11.45
C ASP E 380 49.32 20.92 11.74
N TYR E 381 48.07 21.33 12.00
CA TYR E 381 47.03 20.33 12.25
C TYR E 381 46.67 19.57 10.97
N LEU E 382 46.65 20.26 9.84
CA LEU E 382 46.28 19.64 8.57
C LEU E 382 47.37 18.78 7.98
N SER E 383 48.60 18.89 8.48
CA SER E 383 49.72 18.12 7.96
C SER E 383 50.03 16.88 8.79
N GLY E 384 49.78 16.94 10.10
CA GLY E 384 50.11 15.85 10.98
C GLY E 384 51.07 16.31 12.06
N ARG E 385 51.61 17.52 11.88
CA ARG E 385 52.55 18.04 12.88
C ARG E 385 51.87 18.19 14.23
N SER E 386 50.68 18.75 14.25
CA SER E 386 49.90 18.89 15.47
C SER E 386 48.82 17.83 15.48
N ASN E 387 48.57 17.25 16.66
CA ASN E 387 47.55 16.22 16.81
C ASN E 387 46.25 16.78 17.37
N ARG E 388 46.15 18.09 17.54
CA ARG E 388 44.97 18.73 18.06
C ARG E 388 44.96 20.20 17.70
N LEU E 389 43.77 20.71 17.38
CA LEU E 389 43.55 22.13 17.12
C LEU E 389 42.26 22.51 17.81
N TYR E 390 42.26 23.61 18.56
CA TYR E 390 41.02 24.05 19.18
C TYR E 390 40.18 24.74 18.11
N PHE E 391 38.91 24.37 18.03
CA PHE E 391 38.00 24.91 17.02
C PHE E 391 37.07 25.89 17.73
N LYS E 392 37.27 27.18 17.46
CA LYS E 392 36.43 28.21 18.05
C LYS E 392 36.06 29.23 16.98
N GLY E 393 35.34 30.27 17.35
CA GLY E 393 34.91 31.25 16.38
C GLY E 393 33.61 30.88 15.70
N ILE E 394 33.33 31.60 14.62
CA ILE E 394 32.08 31.42 13.91
C ILE E 394 31.96 30.02 13.34
N MET E 395 33.05 29.50 12.76
CA MET E 395 32.98 28.22 12.07
C MET E 395 32.75 27.06 13.02
N SER E 396 32.94 27.25 14.32
CA SER E 396 32.58 26.21 15.28
C SER E 396 31.07 26.00 15.32
N PHE E 397 30.29 26.98 14.85
CA PHE E 397 28.84 26.88 14.82
C PHE E 397 28.32 26.33 13.50
N TYR E 398 29.18 26.17 12.50
CA TYR E 398 28.79 25.62 11.20
C TYR E 398 29.76 24.50 10.83
N PRO E 399 29.85 23.46 11.66
CA PRO E 399 30.84 22.40 11.41
C PRO E 399 30.51 21.52 10.23
N LEU E 400 29.27 21.51 9.75
CA LEU E 400 28.84 20.59 8.71
C LEU E 400 28.90 21.22 7.32
N VAL E 401 29.42 22.44 7.22
CA VAL E 401 29.48 23.12 5.93
C VAL E 401 30.48 22.41 5.04
N ASN E 402 30.06 22.13 3.80
CA ASN E 402 30.93 21.49 2.83
C ASN E 402 30.91 22.20 1.48
N ASP E 403 30.48 23.47 1.45
CA ASP E 403 30.42 24.26 0.23
C ASP E 403 31.69 25.09 0.13
N VAL E 404 32.62 24.64 -0.71
CA VAL E 404 33.89 25.33 -0.89
C VAL E 404 33.69 26.68 -1.56
N GLU E 405 32.75 26.77 -2.51
CA GLU E 405 32.56 28.01 -3.26
C GLU E 405 32.09 29.14 -2.35
N GLN E 406 31.16 28.85 -1.43
CA GLN E 406 30.70 29.89 -0.52
C GLN E 406 31.84 30.44 0.32
N LEU E 407 32.70 29.57 0.82
CA LEU E 407 33.82 30.02 1.64
C LEU E 407 34.82 30.80 0.80
N LYS E 408 35.02 30.38 -0.44
CA LYS E 408 35.92 31.11 -1.33
C LYS E 408 35.37 32.51 -1.61
N GLN E 409 34.05 32.61 -1.78
CA GLN E 409 33.43 33.91 -2.02
C GLN E 409 33.55 34.81 -0.80
N LEU E 410 33.39 34.23 0.40
CA LEU E 410 33.56 35.03 1.61
C LEU E 410 35.01 35.46 1.80
N ASP E 411 35.96 34.62 1.39
CA ASP E 411 37.36 35.03 1.39
C ASP E 411 37.54 36.28 0.52
N GLY E 412 37.04 36.21 -0.72
CA GLY E 412 37.13 37.37 -1.59
C GLY E 412 36.48 38.60 -0.98
N TRP E 413 35.32 38.42 -0.36
CA TRP E 413 34.61 39.55 0.26
C TRP E 413 35.43 40.15 1.39
N ILE E 414 36.09 39.31 2.20
CA ILE E 414 36.91 39.83 3.29
C ILE E 414 38.03 40.69 2.74
N VAL E 415 38.73 40.19 1.72
CA VAL E 415 39.83 40.98 1.18
C VAL E 415 39.33 42.30 0.60
N SER E 416 38.22 42.24 -0.15
CA SER E 416 37.70 43.45 -0.77
C SER E 416 37.28 44.47 0.28
N VAL E 417 36.61 44.02 1.34
CA VAL E 417 36.16 44.95 2.37
C VAL E 417 37.36 45.53 3.12
N ILE E 418 38.39 44.71 3.36
CA ILE E 418 39.59 45.25 3.99
C ILE E 418 40.17 46.36 3.13
N TYR E 419 40.26 46.11 1.82
CA TYR E 419 40.84 47.10 0.92
C TYR E 419 40.01 48.39 0.94
N ARG E 420 38.69 48.26 0.83
CA ARG E 420 37.84 49.44 0.73
C ARG E 420 37.83 50.23 2.03
N ALA E 421 37.75 49.54 3.17
CA ALA E 421 37.77 50.25 4.44
C ALA E 421 39.10 50.96 4.65
N LEU E 422 40.22 50.31 4.28
CA LEU E 422 41.50 50.97 4.39
C LEU E 422 41.56 52.18 3.48
N LYS E 423 40.97 52.08 2.29
CA LYS E 423 40.96 53.20 1.37
C LYS E 423 40.19 54.38 1.95
N LEU E 424 38.99 54.12 2.47
CA LEU E 424 38.22 55.21 3.08
C LEU E 424 38.92 55.76 4.31
N ARG E 425 39.64 54.91 5.06
CA ARG E 425 40.41 55.39 6.18
C ARG E 425 41.50 56.35 5.71
N CYS E 426 42.17 56.01 4.61
CA CYS E 426 43.17 56.90 4.03
C CYS E 426 42.55 58.22 3.60
N GLN E 427 41.37 58.15 2.96
CA GLN E 427 40.70 59.37 2.52
C GLN E 427 40.37 60.27 3.71
N LEU E 428 39.78 59.67 4.75
CA LEU E 428 39.43 60.46 5.94
C LEU E 428 40.67 61.02 6.60
N LEU E 429 41.74 60.23 6.67
CA LEU E 429 42.97 60.71 7.29
C LEU E 429 43.53 61.90 6.54
N SER E 430 43.57 61.82 5.20
CA SER E 430 44.04 62.95 4.42
C SER E 430 43.13 64.15 4.61
N LYS E 431 41.82 63.92 4.77
CA LYS E 431 40.92 65.02 5.09
C LYS E 431 41.28 65.68 6.40
N TRP E 432 41.62 64.88 7.42
CA TRP E 432 42.03 65.45 8.70
C TRP E 432 43.40 66.11 8.59
N GLY E 433 44.22 65.67 7.64
CA GLY E 433 45.46 66.36 7.35
C GLY E 433 46.67 65.44 7.21
N TYR E 434 46.44 64.14 7.37
CA TYR E 434 47.53 63.16 7.40
C TYR E 434 47.50 62.38 6.09
N ASN E 435 48.55 62.54 5.28
CA ASN E 435 48.68 61.80 4.03
C ASN E 435 49.45 60.51 4.30
N ARG E 436 48.80 59.37 4.06
CA ARG E 436 49.42 58.08 4.35
C ARG E 436 49.19 57.06 3.25
N SER E 437 48.85 57.50 2.04
CA SER E 437 48.61 56.55 0.95
C SER E 437 49.86 55.73 0.63
N HIS E 438 51.04 56.30 0.86
CA HIS E 438 52.28 55.56 0.62
C HIS E 438 52.59 54.55 1.70
N ASN E 439 52.03 54.71 2.89
CA ASN E 439 52.36 53.83 4.00
C ASN E 439 51.82 52.42 3.74
N PHE E 440 52.38 51.47 4.48
CA PHE E 440 52.03 50.06 4.25
C PHE E 440 50.53 49.80 4.28
N PRO E 441 49.79 50.22 5.30
CA PRO E 441 48.38 49.82 5.38
C PRO E 441 47.58 50.27 4.18
N PHE E 442 47.95 51.39 3.56
CA PHE E 442 47.13 52.05 2.55
C PHE E 442 47.73 51.99 1.15
N ILE E 443 48.84 51.30 0.96
CA ILE E 443 49.47 51.25 -0.36
C ILE E 443 49.13 49.95 -1.09
N LEU E 444 48.78 48.90 -0.35
CA LEU E 444 48.59 47.59 -0.95
C LEU E 444 47.38 47.56 -1.86
N ASP E 445 47.54 47.01 -3.06
CA ASP E 445 46.42 46.76 -3.93
C ASP E 445 45.64 45.54 -3.44
N ARG E 446 44.35 45.49 -3.79
CA ARG E 446 43.50 44.42 -3.28
C ARG E 446 44.08 43.05 -3.60
N GLU E 447 44.72 42.91 -4.76
CA GLU E 447 45.34 41.65 -5.13
C GLU E 447 46.69 41.45 -4.47
N ASP E 448 47.09 42.35 -3.57
CA ASP E 448 48.35 42.24 -2.87
C ASP E 448 48.20 42.19 -1.35
N ILE E 449 47.00 42.43 -0.82
CA ILE E 449 46.83 42.53 0.62
C ILE E 449 47.22 41.21 1.29
N VAL E 450 46.71 40.09 0.78
CA VAL E 450 46.90 38.82 1.45
C VAL E 450 48.38 38.46 1.52
N ASP E 451 49.09 38.62 0.40
CA ASP E 451 50.52 38.27 0.39
C ASP E 451 51.31 39.17 1.33
N LYS E 452 51.15 40.49 1.19
CA LYS E 452 51.94 41.40 2.00
C LYS E 452 51.67 41.18 3.47
N CYS E 453 50.40 41.00 3.82
CA CYS E 453 50.03 40.78 5.22
C CYS E 453 50.58 39.45 5.72
N SER E 454 50.60 38.43 4.87
CA SER E 454 51.18 37.15 5.28
C SER E 454 52.66 37.30 5.59
N LYS E 455 53.36 38.15 4.85
CA LYS E 455 54.79 38.30 5.08
C LYS E 455 55.08 39.08 6.36
N LYS E 456 54.30 40.13 6.66
CA LYS E 456 54.58 40.95 7.82
C LYS E 456 54.55 40.13 9.10
N THR E 457 55.47 40.43 10.01
CA THR E 457 55.55 39.75 11.30
C THR E 457 55.82 40.77 12.40
N ILE E 458 55.04 40.69 13.48
CA ILE E 458 55.27 41.47 14.69
C ILE E 458 55.53 40.51 15.82
N ALA E 459 56.60 40.75 16.58
CA ALA E 459 57.01 39.90 17.69
C ALA E 459 57.30 38.48 17.24
N GLY E 460 57.63 38.30 15.97
CA GLY E 460 57.87 36.97 15.44
C GLY E 460 56.61 36.19 15.11
N ARG E 461 55.44 36.82 15.23
CA ARG E 461 54.17 36.18 14.94
C ARG E 461 53.45 36.96 13.84
N LYS E 462 52.99 36.25 12.82
CA LYS E 462 52.31 36.85 11.67
C LYS E 462 50.89 37.23 12.06
N LEU E 463 50.74 38.40 12.67
CA LEU E 463 49.45 38.86 13.16
C LEU E 463 48.72 39.76 12.17
N PHE E 464 49.18 39.82 10.92
CA PHE E 464 48.44 40.54 9.89
C PHE E 464 47.78 39.63 8.88
N GLU E 465 48.09 38.34 8.89
CA GLU E 465 47.55 37.44 7.88
C GLU E 465 46.04 37.52 7.85
N ILE E 466 45.49 37.71 6.65
CA ILE E 466 44.05 37.90 6.48
C ILE E 466 43.36 36.56 6.72
N PRO E 467 42.49 36.44 7.72
CA PRO E 467 41.88 35.14 8.01
C PRO E 467 41.09 34.60 6.83
N SER E 468 41.24 33.31 6.56
CA SER E 468 40.60 32.63 5.45
C SER E 468 39.64 31.56 5.97
N PHE E 469 38.39 31.59 5.50
CA PHE E 469 37.43 30.56 5.89
C PHE E 469 37.83 29.19 5.37
N LEU E 470 38.50 29.11 4.22
CA LEU E 470 38.74 27.82 3.60
C LEU E 470 39.78 26.99 4.37
N LEU E 471 40.79 27.65 4.93
CA LEU E 471 41.79 26.94 5.71
C LEU E 471 41.14 26.28 6.94
N ILE E 472 40.37 27.06 7.69
CA ILE E 472 39.72 26.51 8.87
C ILE E 472 38.62 25.55 8.48
N HIS E 473 38.07 25.65 7.27
CA HIS E 473 37.13 24.65 6.80
C HIS E 473 37.83 23.31 6.57
N LYS E 474 39.01 23.33 5.96
CA LYS E 474 39.79 22.10 5.83
C LYS E 474 40.09 21.52 7.20
N ALA E 475 40.45 22.38 8.15
CA ALA E 475 40.74 21.92 9.50
C ALA E 475 39.50 21.31 10.15
N LEU E 476 38.34 21.93 9.93
CA LEU E 476 37.08 21.43 10.47
C LEU E 476 36.75 20.07 9.89
N GLN E 477 37.01 19.86 8.60
CA GLN E 477 36.78 18.54 8.02
C GLN E 477 37.69 17.50 8.66
N LYS E 478 38.98 17.82 8.81
CA LYS E 478 39.88 16.85 9.44
C LYS E 478 39.45 16.54 10.86
N GLY E 479 39.06 17.56 11.63
CA GLY E 479 38.67 17.35 13.01
C GLY E 479 37.32 16.69 13.18
N LEU E 480 36.47 16.77 12.17
CA LEU E 480 35.22 16.01 12.19
C LEU E 480 35.45 14.56 11.80
N GLN E 481 36.44 14.29 10.94
CA GLN E 481 36.82 12.91 10.68
C GLN E 481 37.70 12.33 11.77
N GLU E 482 38.20 13.17 12.69
CA GLU E 482 39.07 12.70 13.76
C GLU E 482 38.40 12.69 15.13
N SER E 483 37.44 13.58 15.39
CA SER E 483 36.86 13.69 16.72
C SER E 483 35.35 13.59 16.70
N GLY E 484 34.70 14.10 15.66
CA GLY E 484 33.26 14.06 15.55
C GLY E 484 32.63 15.42 15.84
N ILE E 485 31.31 15.46 15.68
CA ILE E 485 30.60 16.71 15.87
C ILE E 485 30.69 17.15 17.34
N GLU E 486 30.46 16.23 18.27
CA GLU E 486 30.40 16.62 19.67
C GLU E 486 31.73 17.18 20.15
N LYS E 487 32.84 16.57 19.74
CA LYS E 487 34.14 17.05 20.19
C LYS E 487 34.44 18.44 19.66
N ILE E 488 34.17 18.68 18.37
CA ILE E 488 34.49 19.97 17.78
C ILE E 488 33.58 21.05 18.33
N MET E 489 32.30 20.72 18.53
CA MET E 489 31.35 21.74 19.00
C MET E 489 31.71 22.22 20.40
N ASN E 490 32.02 21.29 21.30
CA ASN E 490 32.44 21.62 22.66
C ASN E 490 33.68 20.81 23.00
N PRO E 491 34.85 21.43 23.18
CA PRO E 491 36.04 20.67 23.56
C PRO E 491 36.10 20.38 25.05
N MET G 1 48.91 14.72 24.16
CA MET G 1 48.65 13.27 24.41
C MET G 1 49.06 12.47 23.18
N LYS G 2 50.21 11.83 23.27
CA LYS G 2 50.73 11.06 22.15
C LYS G 2 50.16 9.65 22.16
N LEU G 3 50.15 9.02 20.98
CA LEU G 3 49.52 7.72 20.85
C LEU G 3 50.20 6.71 21.78
N GLU G 4 51.51 6.85 21.99
CA GLU G 4 52.20 5.92 22.87
C GLU G 4 51.68 6.04 24.30
N GLN G 5 51.46 7.27 24.77
CA GLN G 5 50.96 7.45 26.12
C GLN G 5 49.57 6.85 26.27
N GLN G 6 48.72 7.04 25.26
CA GLN G 6 47.39 6.45 25.27
C GLN G 6 47.46 4.92 25.31
N ILE G 7 48.33 4.33 24.49
CA ILE G 7 48.46 2.89 24.48
C ILE G 7 48.96 2.39 25.82
N GLN G 8 49.93 3.09 26.41
CA GLN G 8 50.45 2.68 27.71
C GLN G 8 49.35 2.71 28.75
N ARG G 9 48.54 3.77 28.75
CA ARG G 9 47.47 3.88 29.73
C ARG G 9 46.48 2.73 29.57
N VAL G 10 46.08 2.45 28.33
CA VAL G 10 45.08 1.40 28.11
C VAL G 10 45.63 0.05 28.52
N ILE G 11 46.86 -0.26 28.07
CA ILE G 11 47.43 -1.57 28.33
C ILE G 11 47.65 -1.76 29.82
N LEU G 12 48.15 -0.73 30.49
CA LEU G 12 48.39 -0.84 31.93
C LEU G 12 47.07 -1.06 32.67
N GLU G 13 46.02 -0.34 32.29
CA GLU G 13 44.75 -0.52 32.99
C GLU G 13 44.16 -1.90 32.74
N GLU G 14 44.23 -2.39 31.51
CA GLU G 14 43.72 -3.74 31.23
C GLU G 14 44.48 -4.77 32.05
N ALA G 15 45.81 -4.71 32.03
CA ALA G 15 46.60 -5.68 32.78
C ALA G 15 46.32 -5.57 34.26
N LYS G 16 46.17 -4.35 34.77
CA LYS G 16 45.93 -4.15 36.19
C LYS G 16 44.58 -4.71 36.61
N ALA G 17 43.57 -4.52 35.77
CA ALA G 17 42.26 -5.10 36.06
C ALA G 17 42.33 -6.61 36.09
N LEU G 18 43.02 -7.22 35.11
CA LEU G 18 43.15 -8.67 35.12
C LEU G 18 43.93 -9.17 36.33
N ILE G 19 44.94 -8.42 36.78
CA ILE G 19 45.71 -8.82 37.96
C ILE G 19 44.85 -8.72 39.22
N LYS G 20 44.06 -7.65 39.33
CA LYS G 20 43.10 -7.55 40.43
C LYS G 20 42.14 -8.74 40.42
N ASP G 21 41.65 -9.11 39.23
CA ASP G 21 40.74 -10.23 39.13
C ASP G 21 41.39 -11.51 39.61
N TYR G 22 42.63 -11.77 39.20
CA TYR G 22 43.29 -12.99 39.63
C TYR G 22 43.53 -12.97 41.14
N HIS G 23 43.90 -11.81 41.69
CA HIS G 23 44.13 -11.73 43.12
C HIS G 23 42.86 -12.05 43.89
N GLU G 24 41.75 -11.46 43.46
CA GLU G 24 40.48 -11.74 44.11
C GLU G 24 40.08 -13.19 43.91
N TYR G 25 40.42 -13.77 42.76
CA TYR G 25 40.10 -15.16 42.52
C TYR G 25 40.78 -16.05 43.54
N HIS G 26 42.10 -15.92 43.70
CA HIS G 26 42.77 -16.82 44.62
C HIS G 26 42.40 -16.52 46.06
N ASN G 27 42.13 -15.25 46.39
CA ASN G 27 41.71 -14.95 47.75
C ASN G 27 40.36 -15.59 48.06
N ARG G 28 39.43 -15.51 47.12
CA ARG G 28 38.13 -16.16 47.27
C ARG G 28 38.29 -17.66 47.39
N VAL G 29 39.16 -18.25 46.57
CA VAL G 29 39.40 -19.69 46.66
C VAL G 29 39.87 -20.06 48.06
N HIS G 30 40.75 -19.25 48.65
CA HIS G 30 41.21 -19.57 50.00
C HIS G 30 40.08 -19.45 51.02
N LEU G 31 39.30 -18.38 50.97
CA LEU G 31 38.20 -18.26 51.93
C LEU G 31 37.23 -19.41 51.77
N GLU G 32 36.90 -19.76 50.52
CA GLU G 32 35.99 -20.85 50.25
C GLU G 32 36.58 -22.18 50.71
N SER G 33 37.90 -22.35 50.61
CA SER G 33 38.50 -23.58 51.08
C SER G 33 38.48 -23.67 52.60
N VAL G 34 38.60 -22.54 53.29
CA VAL G 34 38.44 -22.54 54.74
C VAL G 34 37.03 -22.99 55.09
N ARG G 35 36.02 -22.40 54.45
CA ARG G 35 34.65 -22.78 54.76
C ARG G 35 34.35 -24.22 54.36
N ASN G 36 34.91 -24.67 53.24
CA ASN G 36 34.71 -26.06 52.81
C ASN G 36 35.40 -27.04 53.74
N LYS G 37 36.55 -26.68 54.28
CA LYS G 37 37.17 -27.51 55.32
C LYS G 37 36.23 -27.62 56.51
N LYS G 38 35.67 -26.49 56.95
CA LYS G 38 34.75 -26.53 58.08
C LYS G 38 33.51 -27.37 57.75
N ARG G 39 33.07 -27.32 56.49
CA ARG G 39 31.86 -28.03 56.09
C ARG G 39 32.08 -29.53 55.99
N LEU G 40 33.00 -29.95 55.15
CA LEU G 40 33.23 -31.35 54.85
C LEU G 40 34.31 -31.99 55.73
N GLY G 41 34.69 -31.35 56.84
CA GLY G 41 35.55 -32.03 57.78
C GLY G 41 36.84 -32.48 57.14
N ASP G 42 37.27 -33.70 57.48
CA ASP G 42 38.49 -34.23 56.90
C ASP G 42 38.30 -34.57 55.42
N SER G 43 37.08 -34.94 55.03
CA SER G 43 36.83 -35.26 53.63
C SER G 43 37.02 -34.07 52.72
N ALA G 44 37.03 -32.85 53.28
CA ALA G 44 37.15 -31.66 52.45
C ALA G 44 38.41 -31.75 51.59
N PRO G 45 38.33 -31.50 50.29
CA PRO G 45 39.53 -31.57 49.45
C PRO G 45 40.47 -30.42 49.77
N ASP G 46 41.59 -30.38 49.06
CA ASP G 46 42.60 -29.36 49.24
C ASP G 46 42.45 -28.27 48.17
N LYS G 47 42.95 -27.09 48.49
CA LYS G 47 42.86 -25.97 47.57
C LYS G 47 43.74 -26.21 46.35
N LYS G 48 43.26 -25.77 45.19
CA LYS G 48 44.04 -25.90 43.95
C LYS G 48 43.85 -24.62 43.13
N ILE G 49 44.78 -23.68 43.33
CA ILE G 49 44.75 -22.41 42.62
C ILE G 49 45.23 -22.62 41.19
N HIS G 50 44.38 -22.27 40.22
CA HIS G 50 44.71 -22.35 38.82
C HIS G 50 45.18 -20.99 38.29
N ARG G 51 45.70 -21.00 37.08
CA ARG G 51 46.01 -19.79 36.34
C ARG G 51 45.38 -19.97 34.95
N PRO G 52 44.66 -18.98 34.44
CA PRO G 52 44.02 -19.14 33.13
C PRO G 52 44.99 -19.76 32.14
N ASN G 53 44.53 -20.80 31.44
CA ASN G 53 45.42 -21.58 30.60
C ASN G 53 46.03 -20.72 29.50
N TYR G 54 45.23 -19.86 28.89
CA TYR G 54 45.73 -19.08 27.76
C TYR G 54 46.91 -18.20 28.16
N TRP G 55 47.09 -17.97 29.46
CA TRP G 55 48.23 -17.18 29.91
C TRP G 55 49.54 -17.78 29.44
N SER G 56 49.59 -19.11 29.28
CA SER G 56 50.81 -19.77 28.87
C SER G 56 50.92 -19.95 27.36
N PHE G 57 49.83 -19.74 26.62
CA PHE G 57 49.90 -19.84 25.17
C PHE G 57 50.82 -18.78 24.60
N ASP G 58 50.73 -17.55 25.13
CA ASP G 58 51.67 -16.49 24.81
C ASP G 58 51.88 -15.66 26.06
N LYS G 59 53.04 -15.01 26.13
CA LYS G 59 53.38 -14.24 27.32
C LYS G 59 52.60 -12.93 27.40
N LYS G 60 52.13 -12.42 26.27
CA LYS G 60 51.34 -11.19 26.26
C LYS G 60 49.89 -11.44 26.62
N PHE G 61 49.48 -12.71 26.74
CA PHE G 61 48.19 -13.05 27.32
C PHE G 61 48.23 -12.91 28.83
N ASP G 62 49.38 -13.10 29.44
CA ASP G 62 49.52 -13.05 30.88
C ASP G 62 49.50 -11.59 31.34
N PRO G 63 48.57 -11.19 32.22
CA PRO G 63 48.56 -9.79 32.66
C PRO G 63 49.82 -9.37 33.38
N PHE G 64 50.42 -10.27 34.16
CA PHE G 64 51.59 -9.91 34.94
C PHE G 64 52.75 -9.52 34.05
N TYR G 65 52.99 -10.32 33.00
CA TYR G 65 54.06 -9.98 32.07
C TYR G 65 53.80 -8.67 31.36
N VAL G 66 52.56 -8.45 30.91
CA VAL G 66 52.25 -7.23 30.20
C VAL G 66 52.48 -6.03 31.09
N LYS G 67 52.09 -6.14 32.37
CA LYS G 67 52.43 -5.08 33.31
C LYS G 67 53.94 -4.94 33.48
N SER G 68 54.68 -6.04 33.35
CA SER G 68 56.13 -5.96 33.49
C SER G 68 56.74 -5.09 32.40
N ASN G 69 56.29 -5.24 31.16
CA ASN G 69 56.89 -4.56 30.01
C ASN G 69 55.83 -3.87 29.16
N TYR G 70 54.94 -3.11 29.81
CA TYR G 70 53.92 -2.39 29.05
C TYR G 70 54.48 -1.16 28.35
N LYS G 71 55.57 -0.59 28.88
CA LYS G 71 56.15 0.58 28.23
C LYS G 71 56.79 0.20 26.89
N SER G 72 57.60 -0.85 26.88
CA SER G 72 58.19 -1.30 25.62
C SER G 72 57.10 -1.77 24.67
N ILE G 73 56.10 -2.47 25.19
CA ILE G 73 55.01 -2.97 24.36
C ILE G 73 54.31 -1.82 23.67
N ALA G 74 53.97 -0.78 24.42
CA ALA G 74 53.29 0.37 23.84
C ALA G 74 54.20 1.16 22.92
N ARG G 75 55.49 1.24 23.24
CA ARG G 75 56.43 1.88 22.34
C ARG G 75 56.39 1.22 20.97
N SER G 76 56.54 -0.10 20.96
CA SER G 76 56.56 -0.81 19.68
C SER G 76 55.22 -0.74 18.99
N ILE G 77 54.12 -0.83 19.75
CA ILE G 77 52.80 -0.75 19.14
C ILE G 77 52.59 0.60 18.48
N ALA G 78 52.99 1.68 19.17
CA ALA G 78 52.83 3.01 18.61
C ALA G 78 53.65 3.18 17.35
N ASN G 79 54.90 2.70 17.37
CA ASN G 79 55.70 2.77 16.15
C ASN G 79 55.04 1.98 15.02
N LYS G 80 54.54 0.79 15.33
CA LYS G 80 53.92 -0.03 14.29
C LYS G 80 52.68 0.64 13.71
N ILE G 81 51.90 1.31 14.57
CA ILE G 81 50.73 2.02 14.09
C ILE G 81 51.16 3.20 13.21
N GLU G 82 52.18 3.94 13.64
CA GLU G 82 52.61 5.10 12.88
C GLU G 82 53.24 4.71 11.55
N ASN G 83 53.98 3.61 11.51
CA ASN G 83 54.56 3.11 10.28
C ASN G 83 53.59 2.27 9.47
N ARG G 84 52.37 2.08 9.97
CA ARG G 84 51.35 1.32 9.25
C ARG G 84 51.82 -0.11 8.98
N THR G 85 52.40 -0.73 10.00
CA THR G 85 52.78 -2.13 9.96
C THR G 85 52.13 -2.95 11.05
N TYR G 86 51.37 -2.32 11.94
CA TYR G 86 50.77 -3.05 13.06
C TYR G 86 49.78 -4.09 12.57
N LEU G 87 49.84 -5.27 13.17
CA LEU G 87 48.91 -6.35 12.90
C LEU G 87 48.67 -7.10 14.21
N PRO G 88 47.44 -7.20 14.70
CA PRO G 88 47.21 -7.88 15.97
C PRO G 88 47.61 -9.35 15.89
N ASN G 89 48.11 -9.86 17.01
CA ASN G 89 48.47 -11.27 17.06
C ASN G 89 47.22 -12.13 17.00
N GLU G 90 47.41 -13.43 16.95
CA GLU G 90 46.26 -14.32 16.81
C GLU G 90 45.50 -14.40 18.12
N PRO G 91 44.20 -14.13 18.13
CA PRO G 91 43.43 -14.35 19.36
C PRO G 91 43.45 -15.82 19.74
N PHE G 92 43.56 -16.07 21.03
CA PHE G 92 43.37 -17.42 21.54
C PHE G 92 41.89 -17.71 21.40
N THR G 93 41.55 -18.46 20.37
CA THR G 93 40.18 -18.78 20.05
C THR G 93 39.81 -20.16 20.57
N LYS G 94 38.55 -20.28 20.95
CA LYS G 94 38.01 -21.51 21.52
C LYS G 94 36.54 -21.55 21.08
N ASP G 95 36.27 -22.38 20.07
CA ASP G 95 34.89 -22.57 19.64
C ASP G 95 34.16 -23.45 20.64
N VAL G 96 32.97 -23.02 21.04
CA VAL G 96 32.24 -23.67 22.14
C VAL G 96 30.88 -24.14 21.63
N PRO G 97 30.40 -25.30 22.06
CA PRO G 97 29.08 -25.76 21.59
C PRO G 97 27.97 -24.80 21.99
N LYS G 98 27.07 -24.55 21.04
CA LYS G 98 25.89 -23.72 21.27
C LYS G 98 24.66 -24.60 21.44
N PRO G 99 23.63 -24.13 22.15
CA PRO G 99 22.45 -24.98 22.38
C PRO G 99 21.76 -25.43 21.10
N ASP G 100 21.79 -24.61 20.05
CA ASP G 100 21.21 -25.01 18.78
C ASP G 100 22.04 -26.08 18.08
N GLY G 101 23.25 -26.38 18.57
CA GLY G 101 24.14 -27.31 17.92
C GLY G 101 25.25 -26.66 17.15
N GLY G 102 25.28 -25.33 17.05
CA GLY G 102 26.35 -24.62 16.40
C GLY G 102 27.52 -24.39 17.34
N ILE G 103 28.44 -23.54 16.88
CA ILE G 103 29.64 -23.23 17.65
C ILE G 103 29.75 -21.72 17.76
N ARG G 104 29.92 -21.24 19.00
CA ARG G 104 30.18 -19.82 19.27
C ARG G 104 31.69 -19.71 19.44
N LYS G 105 32.34 -19.04 18.50
CA LYS G 105 33.80 -18.94 18.51
C LYS G 105 34.22 -17.85 19.48
N VAL G 106 34.60 -18.23 20.69
CA VAL G 106 35.16 -17.28 21.65
C VAL G 106 36.54 -16.87 21.15
N SER G 107 36.85 -15.58 21.24
CA SER G 107 38.14 -15.05 20.83
C SER G 107 38.68 -14.15 21.93
N ILE G 108 39.87 -14.45 22.42
CA ILE G 108 40.54 -13.61 23.40
C ILE G 108 41.81 -13.07 22.75
N TYR G 109 41.81 -11.79 22.43
CA TYR G 109 43.02 -11.17 21.92
C TYR G 109 43.99 -10.94 23.08
N GLN G 110 45.28 -10.86 22.74
CA GLN G 110 46.28 -10.58 23.77
C GLN G 110 46.05 -9.20 24.35
N ILE G 111 46.54 -9.00 25.58
CA ILE G 111 46.22 -7.80 26.32
C ILE G 111 46.55 -6.54 25.52
N PRO G 112 47.72 -6.42 24.89
CA PRO G 112 47.95 -5.23 24.05
C PRO G 112 46.94 -5.08 22.93
N ASP G 113 46.58 -6.17 22.27
CA ASP G 113 45.66 -6.07 21.13
C ASP G 113 44.26 -5.70 21.59
N ALA G 114 43.81 -6.27 22.71
CA ALA G 114 42.51 -5.89 23.24
C ALA G 114 42.52 -4.45 23.74
N ALA G 115 43.65 -4.01 24.29
CA ALA G 115 43.78 -2.62 24.69
C ALA G 115 43.65 -1.69 23.50
N ILE G 116 44.33 -2.02 22.41
CA ILE G 116 44.21 -1.19 21.20
C ILE G 116 42.77 -1.20 20.69
N SER G 117 42.15 -2.38 20.71
CA SER G 117 40.78 -2.50 20.22
C SER G 117 39.84 -1.62 21.02
N LYS G 118 39.95 -1.68 22.34
CA LYS G 118 39.13 -0.79 23.16
C LYS G 118 39.42 0.67 22.83
N LEU G 119 40.70 1.04 22.88
CA LEU G 119 41.08 2.44 22.71
C LEU G 119 40.49 3.02 21.43
N PHE G 120 40.52 2.27 20.35
CA PHE G 120 40.13 2.83 19.06
C PHE G 120 38.66 2.63 18.76
N PHE G 121 38.13 1.43 18.98
CA PHE G 121 36.76 1.16 18.59
C PHE G 121 35.76 1.78 19.56
N ASN G 122 36.12 2.00 20.82
CA ASN G 122 35.23 2.76 21.69
C ASN G 122 35.12 4.19 21.21
N ARG G 123 36.23 4.80 20.78
CA ARG G 123 36.18 6.13 20.21
C ARG G 123 35.32 6.15 18.96
N LEU G 124 35.49 5.15 18.10
CA LEU G 124 34.71 5.10 16.87
C LEU G 124 33.22 4.96 17.17
N LEU G 125 32.86 4.12 18.14
CA LEU G 125 31.46 3.94 18.49
C LEU G 125 30.89 5.22 19.10
N ALA G 126 31.65 5.89 19.95
CA ALA G 126 31.17 7.13 20.57
C ALA G 126 30.95 8.21 19.53
N LYS G 127 31.87 8.36 18.59
CA LYS G 127 31.79 9.42 17.61
C LYS G 127 30.77 9.16 16.52
N ASN G 128 30.36 7.90 16.32
CA ASN G 128 29.37 7.52 15.32
C ASN G 128 28.10 6.99 15.96
N ARG G 129 27.86 7.32 17.22
CA ARG G 129 26.75 6.73 17.96
C ARG G 129 25.41 7.05 17.31
N HIS G 130 25.19 8.29 16.91
CA HIS G 130 23.91 8.69 16.36
C HIS G 130 23.69 8.16 14.96
N ARG G 131 24.71 7.56 14.34
CA ARG G 131 24.53 6.93 13.05
C ARG G 131 24.05 5.49 13.17
N PHE G 132 24.09 4.91 14.36
CA PHE G 132 23.73 3.52 14.56
C PHE G 132 22.27 3.40 14.96
N SER G 133 21.74 2.19 14.84
CA SER G 133 20.37 1.93 15.23
C SER G 133 20.26 1.95 16.75
N SER G 134 19.02 1.97 17.24
CA SER G 134 18.79 2.05 18.68
C SER G 134 19.21 0.77 19.38
N PHE G 135 18.55 -0.34 19.08
CA PHE G 135 18.74 -1.59 19.81
C PHE G 135 19.74 -2.52 19.14
N SER G 136 20.97 -2.04 18.97
CA SER G 136 22.06 -2.85 18.43
C SER G 136 23.04 -3.12 19.57
N TYR G 137 23.29 -4.40 19.84
CA TYR G 137 24.16 -4.80 20.94
C TYR G 137 25.14 -5.84 20.45
N ALA G 138 26.30 -5.90 21.10
CA ALA G 138 27.33 -6.85 20.74
C ALA G 138 27.30 -8.11 21.58
N TYR G 139 27.11 -7.98 22.90
CA TYR G 139 27.07 -9.12 23.79
C TYR G 139 25.64 -9.33 24.27
N ARG G 140 25.28 -10.59 24.50
CA ARG G 140 23.97 -10.90 25.03
C ARG G 140 23.89 -10.66 26.53
N ASN G 141 25.04 -10.42 27.17
CA ASN G 141 25.08 -9.96 28.56
C ASN G 141 25.13 -8.45 28.68
N ASP G 142 25.17 -7.73 27.56
CA ASP G 142 25.13 -6.28 27.60
C ASP G 142 23.93 -5.84 28.40
N ARG G 143 24.18 -4.96 29.37
CA ARG G 143 23.12 -4.53 30.26
C ARG G 143 22.04 -3.80 29.48
N ASN G 144 22.43 -3.00 28.50
CA ASN G 144 21.53 -2.16 27.73
C ASN G 144 20.56 -2.95 26.88
N VAL G 145 20.79 -4.24 26.69
CA VAL G 145 19.80 -5.03 25.98
C VAL G 145 18.46 -4.93 26.68
N HIS G 146 18.45 -4.69 27.98
CA HIS G 146 17.16 -4.62 28.66
C HIS G 146 16.30 -3.51 28.11
N PHE G 147 16.90 -2.44 27.61
CA PHE G 147 16.09 -1.38 27.03
C PHE G 147 15.32 -1.89 25.82
N ALA G 148 15.98 -2.67 24.97
CA ALA G 148 15.28 -3.28 23.85
C ALA G 148 14.15 -4.16 24.37
N ILE G 149 14.44 -4.92 25.42
CA ILE G 149 13.40 -5.77 25.99
C ILE G 149 12.22 -4.91 26.41
N GLN G 150 12.50 -3.81 27.11
CA GLN G 150 11.42 -2.93 27.51
C GLN G 150 10.59 -2.54 26.29
N ASP G 151 11.25 -2.09 25.22
CA ASP G 151 10.52 -1.66 24.06
C ASP G 151 9.56 -2.75 23.60
N ILE G 152 10.07 -3.96 23.39
CA ILE G 152 9.21 -5.00 22.84
C ILE G 152 8.07 -5.26 23.81
N SER G 153 8.38 -5.33 25.10
CA SER G 153 7.34 -5.59 26.08
C SER G 153 6.25 -4.55 25.95
N VAL G 154 6.64 -3.27 25.93
CA VAL G 154 5.64 -2.22 25.86
C VAL G 154 4.78 -2.42 24.64
N ASP G 155 5.42 -2.66 23.49
CA ASP G 155 4.64 -2.84 22.28
C ASP G 155 3.74 -4.05 22.40
N LEU G 156 4.28 -5.17 22.90
CA LEU G 156 3.47 -6.38 22.98
C LEU G 156 2.26 -6.15 23.86
N LYS G 157 2.33 -5.18 24.77
CA LYS G 157 1.18 -4.85 25.59
C LYS G 157 0.25 -3.93 24.82
N LYS G 158 0.80 -2.85 24.27
CA LYS G 158 -0.04 -1.87 23.58
C LYS G 158 -0.64 -2.46 22.32
N ASN G 159 0.21 -3.05 21.49
CA ASN G 159 -0.23 -3.83 20.34
C ASN G 159 -0.65 -5.19 20.85
N GLU G 160 -1.96 -5.45 20.88
CA GLU G 160 -2.41 -6.74 21.39
C GLU G 160 -2.27 -7.85 20.36
N ARG G 161 -1.75 -7.54 19.17
CA ARG G 161 -1.40 -8.54 18.17
C ARG G 161 -0.17 -8.02 17.45
N THR G 162 0.96 -8.71 17.64
CA THR G 162 2.24 -8.25 17.09
C THR G 162 2.89 -9.40 16.34
N PHE G 163 3.20 -9.19 15.07
CA PHE G 163 3.91 -10.18 14.27
C PHE G 163 5.41 -10.04 14.52
N LEU G 164 6.02 -11.12 14.98
CA LEU G 164 7.43 -11.16 15.32
C LEU G 164 8.17 -12.14 14.41
N ALA G 165 9.47 -11.96 14.32
CA ALA G 165 10.34 -12.84 13.56
C ALA G 165 11.74 -12.79 14.14
N GLU G 166 12.41 -13.93 14.17
CA GLU G 166 13.75 -14.04 14.74
C GLU G 166 14.73 -14.57 13.70
N PHE G 167 15.98 -14.16 13.84
CA PHE G 167 17.03 -14.49 12.87
C PHE G 167 18.33 -14.74 13.59
N ASP G 168 19.17 -15.55 12.95
CA ASP G 168 20.53 -15.82 13.38
C ASP G 168 21.48 -15.18 12.38
N PHE G 169 22.34 -14.30 12.86
CA PHE G 169 23.33 -13.64 12.02
C PHE G 169 24.70 -14.29 12.16
N SER G 170 24.76 -15.49 12.72
CA SER G 170 26.04 -16.06 13.14
C SER G 170 26.98 -16.23 11.97
N ASP G 171 26.49 -16.82 10.87
CA ASP G 171 27.35 -17.06 9.72
C ASP G 171 27.69 -15.77 8.99
N PHE G 172 26.79 -14.77 9.01
CA PHE G 172 27.12 -13.48 8.44
C PHE G 172 28.41 -12.94 9.04
N PHE G 173 28.50 -12.94 10.37
CA PHE G 173 29.68 -12.42 11.05
C PHE G 173 30.84 -13.39 11.00
N GLY G 174 30.56 -14.69 10.90
CA GLY G 174 31.63 -15.64 10.72
C GLY G 174 32.31 -15.49 9.36
N SER G 175 31.51 -15.30 8.29
CA SER G 175 32.04 -15.00 6.96
C SER G 175 31.24 -13.85 6.34
N ILE G 176 31.67 -12.62 6.59
CA ILE G 176 31.23 -11.45 5.85
C ILE G 176 32.41 -10.94 5.04
N SER G 177 32.19 -10.70 3.75
CA SER G 177 33.27 -10.22 2.89
C SER G 177 33.84 -8.93 3.48
N HIS G 178 35.16 -8.91 3.63
CA HIS G 178 35.81 -7.70 4.15
C HIS G 178 35.73 -6.57 3.16
N SER G 179 35.50 -6.87 1.87
CA SER G 179 35.29 -5.83 0.88
C SER G 179 34.02 -5.05 1.20
N PHE G 180 32.96 -5.75 1.59
CA PHE G 180 31.71 -5.07 1.95
C PHE G 180 31.93 -4.13 3.14
N LEU G 181 32.62 -4.62 4.17
CA LEU G 181 32.94 -3.78 5.32
C LEU G 181 33.70 -2.54 4.87
N ASN G 182 34.71 -2.73 4.03
CA ASN G 182 35.52 -1.60 3.60
C ASN G 182 34.70 -0.63 2.76
N GLU G 183 33.74 -1.13 1.99
CA GLU G 183 32.85 -0.25 1.23
C GLU G 183 32.00 0.62 2.15
N GLN G 184 31.59 0.07 3.30
CA GLN G 184 30.75 0.86 4.21
C GLN G 184 31.51 1.98 4.92
N PHE G 185 32.84 2.01 4.83
CA PHE G 185 33.62 2.96 5.61
C PHE G 185 33.24 4.42 5.38
N ASN G 186 32.80 4.77 4.19
CA ASN G 186 32.60 6.17 3.81
C ASN G 186 31.15 6.46 3.49
N GLU G 187 30.23 5.77 4.18
CA GLU G 187 28.81 5.91 3.93
C GLU G 187 28.10 6.23 5.24
N ASN G 188 26.88 6.73 5.12
CA ASN G 188 26.00 6.92 6.27
C ASN G 188 26.56 7.95 7.26
N GLY G 189 27.39 8.86 6.77
CA GLY G 189 27.93 9.90 7.62
C GLY G 189 28.95 9.43 8.62
N PHE G 190 29.43 8.19 8.51
CA PHE G 190 30.38 7.67 9.47
C PHE G 190 31.66 8.49 9.47
N TYR G 191 32.22 8.71 10.65
CA TYR G 191 33.48 9.44 10.83
C TYR G 191 34.53 8.45 11.27
N ILE G 192 35.31 7.94 10.32
CA ILE G 192 36.41 7.03 10.59
C ILE G 192 37.68 7.70 10.09
N SER G 193 38.57 8.06 11.01
CA SER G 193 39.82 8.72 10.68
C SER G 193 40.71 7.75 9.91
N PRO G 194 41.72 8.24 9.19
CA PRO G 194 42.60 7.31 8.46
C PRO G 194 43.29 6.30 9.36
N GLU G 195 43.74 6.71 10.54
CA GLU G 195 44.37 5.76 11.45
C GLU G 195 43.37 4.76 11.98
N GLU G 196 42.14 5.20 12.24
CA GLU G 196 41.10 4.27 12.64
C GLU G 196 40.80 3.28 11.52
N LYS G 197 40.82 3.75 10.27
CA LYS G 197 40.65 2.83 9.15
C LYS G 197 41.79 1.83 9.09
N PHE G 198 43.01 2.28 9.38
CA PHE G 198 44.15 1.36 9.37
C PHE G 198 43.98 0.30 10.46
N ILE G 199 43.57 0.70 11.66
CA ILE G 199 43.39 -0.28 12.73
C ILE G 199 42.26 -1.25 12.40
N ILE G 200 41.17 -0.75 11.83
CA ILE G 200 40.08 -1.65 11.42
C ILE G 200 40.60 -2.66 10.42
N ARG G 201 41.28 -2.18 9.39
CA ARG G 201 41.81 -3.06 8.35
C ARG G 201 42.86 -4.00 8.91
N SER G 202 43.60 -3.59 9.92
CA SER G 202 44.61 -4.46 10.52
C SER G 202 43.96 -5.60 11.28
N PHE G 203 42.94 -5.30 12.08
CA PHE G 203 42.25 -6.38 12.77
C PHE G 203 41.54 -7.29 11.79
N LEU G 204 41.04 -6.73 10.68
CA LEU G 204 40.40 -7.57 9.67
C LEU G 204 41.44 -8.39 8.90
N ARG G 205 42.66 -7.89 8.79
CA ARG G 205 43.72 -8.62 8.12
C ARG G 205 44.22 -9.77 8.98
N GLU G 206 44.30 -9.57 10.29
CA GLU G 206 44.63 -10.69 11.18
C GLU G 206 43.61 -11.80 11.02
N ARG G 207 42.34 -11.43 10.88
CA ARG G 207 41.31 -12.36 10.46
C ARG G 207 41.37 -12.44 8.94
N LYS G 208 40.56 -13.30 8.34
CA LYS G 208 40.50 -13.39 6.89
C LYS G 208 39.12 -13.04 6.35
N VAL G 209 38.08 -13.67 6.88
CA VAL G 209 36.70 -13.32 6.56
C VAL G 209 35.92 -13.30 7.87
N GLY G 210 34.96 -12.40 7.96
CA GLY G 210 34.14 -12.30 9.14
C GLY G 210 34.68 -11.31 10.16
N ILE G 211 33.82 -10.97 11.10
CA ILE G 211 34.14 -10.04 12.18
C ILE G 211 34.39 -10.85 13.45
N PRO G 212 35.44 -10.57 14.21
CA PRO G 212 35.60 -11.27 15.49
C PRO G 212 34.47 -10.92 16.44
N GLN G 213 33.79 -11.95 16.93
CA GLN G 213 32.60 -11.79 17.75
C GLN G 213 32.94 -11.87 19.22
N GLY G 214 32.14 -11.19 20.03
CA GLY G 214 32.40 -11.08 21.46
C GLY G 214 33.68 -10.35 21.77
N THR G 215 33.98 -9.28 21.04
CA THR G 215 35.22 -8.53 21.18
C THR G 215 34.90 -7.04 21.19
N SER G 216 35.93 -6.24 21.48
CA SER G 216 35.76 -4.79 21.53
C SER G 216 35.39 -4.22 20.16
N ILE G 217 35.89 -4.84 19.08
CA ILE G 217 35.61 -4.34 17.73
C ILE G 217 34.32 -4.92 17.16
N SER G 218 33.64 -5.80 17.89
CA SER G 218 32.46 -6.47 17.33
C SER G 218 31.35 -5.48 17.03
N LEU G 219 30.98 -4.65 18.01
CA LEU G 219 29.82 -3.79 17.82
C LEU G 219 30.01 -2.81 16.68
N PHE G 220 31.18 -2.17 16.59
CA PHE G 220 31.39 -1.19 15.54
C PHE G 220 31.26 -1.83 14.17
N LEU G 221 31.97 -2.92 13.94
CA LEU G 221 31.93 -3.54 12.62
C LEU G 221 30.57 -4.13 12.32
N ALA G 222 29.87 -4.65 13.32
CA ALA G 222 28.52 -5.15 13.08
C ALA G 222 27.58 -4.02 12.67
N ASN G 223 27.63 -2.90 13.39
CA ASN G 223 26.76 -1.78 13.06
C ASN G 223 27.12 -1.19 11.70
N LEU G 224 28.42 -1.09 11.40
CA LEU G 224 28.87 -0.56 10.13
C LEU G 224 28.45 -1.48 8.99
N THR G 225 28.43 -2.78 9.22
CA THR G 225 28.04 -3.72 8.18
C THR G 225 26.53 -3.75 7.99
N CYS G 226 25.76 -3.58 9.06
CA CYS G 226 24.30 -3.71 9.03
C CYS G 226 23.60 -2.36 9.00
N TRP G 227 24.30 -1.29 8.62
CA TRP G 227 23.67 0.03 8.61
C TRP G 227 22.60 0.13 7.53
N LYS G 228 22.81 -0.50 6.38
CA LYS G 228 21.80 -0.43 5.33
C LYS G 228 20.63 -1.34 5.62
N LEU G 229 20.86 -2.50 6.22
CA LEU G 229 19.75 -3.33 6.66
C LEU G 229 18.92 -2.60 7.70
N ASP G 230 19.57 -1.90 8.63
CA ASP G 230 18.83 -1.15 9.63
C ASP G 230 18.03 -0.03 8.98
N GLN G 231 18.62 0.69 8.02
CA GLN G 231 17.88 1.76 7.37
C GLN G 231 16.68 1.24 6.60
N ASP G 232 16.85 0.13 5.88
CA ASP G 232 15.73 -0.43 5.13
C ASP G 232 14.63 -0.91 6.05
N LEU G 233 14.99 -1.60 7.14
CA LEU G 233 13.98 -2.05 8.08
C LEU G 233 13.29 -0.88 8.75
N GLU G 234 14.02 0.20 9.04
CA GLU G 234 13.41 1.38 9.64
C GLU G 234 12.46 2.07 8.68
N ARG G 235 12.78 2.05 7.38
CA ARG G 235 11.86 2.62 6.40
C ARG G 235 10.62 1.75 6.25
N GLU G 236 10.76 0.43 6.36
CA GLU G 236 9.60 -0.44 6.30
C GLU G 236 8.67 -0.26 7.47
N GLY G 237 9.11 0.41 8.53
CA GLY G 237 8.29 0.60 9.71
C GLY G 237 8.38 -0.52 10.72
N VAL G 238 9.23 -1.51 10.48
CA VAL G 238 9.42 -2.58 11.44
C VAL G 238 10.40 -2.11 12.51
N LYS G 239 10.20 -2.59 13.73
CA LYS G 239 11.13 -2.32 14.81
C LYS G 239 11.98 -3.56 15.00
N PHE G 240 13.24 -3.37 15.38
CA PHE G 240 14.14 -4.51 15.46
C PHE G 240 15.21 -4.27 16.50
N SER G 241 15.80 -5.38 16.94
CA SER G 241 16.93 -5.35 17.87
C SER G 241 17.88 -6.47 17.48
N ARG G 242 19.16 -6.13 17.35
CA ARG G 242 20.21 -7.10 17.16
C ARG G 242 21.01 -7.22 18.46
N TYR G 243 21.16 -8.43 18.96
CA TYR G 243 21.99 -8.72 20.11
C TYR G 243 22.90 -9.89 19.78
N ALA G 244 24.20 -9.64 19.78
CA ALA G 244 25.21 -10.64 19.41
C ALA G 244 24.84 -11.17 18.03
N ASP G 245 24.65 -12.47 17.84
CA ASP G 245 24.34 -13.05 16.54
C ASP G 245 22.85 -13.29 16.38
N ASP G 246 22.04 -12.49 17.05
CA ASP G 246 20.59 -12.68 17.07
C ASP G 246 19.91 -11.39 16.62
N THR G 247 18.78 -11.53 15.95
CA THR G 247 17.98 -10.36 15.59
C THR G 247 16.51 -10.69 15.75
N ILE G 248 15.76 -9.77 16.32
CA ILE G 248 14.31 -9.88 16.43
C ILE G 248 13.68 -8.66 15.77
N ILE G 249 12.74 -8.91 14.86
CA ILE G 249 12.00 -7.86 14.16
C ILE G 249 10.52 -8.04 14.47
N TRP G 250 9.90 -7.00 15.00
CA TRP G 250 8.48 -7.01 15.33
C TRP G 250 7.76 -5.85 14.66
N SER G 251 6.47 -6.07 14.39
CA SER G 251 5.62 -5.08 13.75
C SER G 251 4.18 -5.41 14.09
N GLN G 252 3.29 -4.49 13.79
CA GLN G 252 1.85 -4.73 13.91
C GLN G 252 1.23 -5.21 12.62
N GLU G 253 2.02 -5.37 11.55
CA GLU G 253 1.55 -5.75 10.23
C GLU G 253 2.29 -6.99 9.77
N TYR G 254 1.56 -7.90 9.13
CA TYR G 254 2.17 -9.09 8.54
C TYR G 254 2.98 -8.76 7.30
N SER G 255 2.44 -7.90 6.45
CA SER G 255 3.17 -7.47 5.26
C SER G 255 4.52 -6.90 5.63
N LYS G 256 4.59 -6.13 6.72
CA LYS G 256 5.85 -5.53 7.11
C LYS G 256 6.88 -6.58 7.47
N ILE G 257 6.49 -7.60 8.23
CA ILE G 257 7.46 -8.61 8.65
C ILE G 257 7.92 -9.42 7.43
N CYS G 258 7.00 -9.72 6.51
CA CYS G 258 7.42 -10.43 5.30
C CYS G 258 8.38 -9.58 4.47
N ASN G 259 8.09 -8.28 4.33
CA ASN G 259 9.00 -7.40 3.62
C ASN G 259 10.35 -7.32 4.33
N ALA G 260 10.35 -7.40 5.66
CA ALA G 260 11.62 -7.44 6.39
C ALA G 260 12.39 -8.70 6.06
N PHE G 261 11.68 -9.83 5.92
CA PHE G 261 12.33 -11.05 5.50
C PHE G 261 13.00 -10.87 4.14
N ASN G 262 12.28 -10.24 3.20
CA ASN G 262 12.85 -9.98 1.88
C ASN G 262 14.07 -9.06 1.99
N ILE G 263 13.99 -8.05 2.86
CA ILE G 263 15.10 -7.13 3.03
C ILE G 263 16.33 -7.88 3.53
N ILE G 264 16.13 -8.77 4.51
CA ILE G 264 17.25 -9.51 5.06
C ILE G 264 17.85 -10.41 4.00
N THR G 265 17.01 -11.02 3.16
CA THR G 265 17.54 -11.88 2.09
C THR G 265 18.35 -11.06 1.09
N ASN G 266 17.84 -9.88 0.71
CA ASN G 266 18.58 -9.04 -0.23
C ASN G 266 19.91 -8.58 0.36
N PHE G 267 19.91 -8.19 1.63
CA PHE G 267 21.14 -7.77 2.29
C PHE G 267 22.10 -8.95 2.41
N SER G 268 21.57 -10.16 2.61
CA SER G 268 22.40 -11.35 2.63
C SER G 268 23.09 -11.56 1.29
N LYS G 269 22.34 -11.39 0.20
CA LYS G 269 22.94 -11.51 -1.13
C LYS G 269 24.01 -10.45 -1.35
N SER G 270 23.71 -9.21 -0.95
CA SER G 270 24.69 -8.14 -1.14
C SER G 270 25.97 -8.42 -0.36
N ALA G 271 25.86 -9.09 0.77
CA ALA G 271 27.04 -9.42 1.57
C ALA G 271 27.75 -10.68 1.11
N GLY G 272 27.14 -11.45 0.22
CA GLY G 272 27.75 -12.70 -0.20
C GLY G 272 27.72 -13.78 0.86
N ILE G 273 26.91 -13.58 1.90
CA ILE G 273 26.75 -14.56 2.98
C ILE G 273 25.28 -14.58 3.37
N LYS G 274 24.81 -15.76 3.79
CA LYS G 274 23.39 -15.95 4.04
C LYS G 274 23.08 -15.82 5.52
N ILE G 275 21.89 -15.29 5.80
CA ILE G 275 21.33 -15.17 7.15
C ILE G 275 20.08 -16.03 7.23
N ASN G 276 20.03 -16.90 8.23
CA ASN G 276 18.97 -17.88 8.33
C ASN G 276 18.16 -17.67 9.61
N PRO G 277 16.84 -17.85 9.56
CA PRO G 277 16.04 -17.75 10.77
C PRO G 277 16.27 -18.93 11.69
N LYS G 278 15.95 -18.72 12.97
CA LYS G 278 16.07 -19.77 13.96
C LYS G 278 15.23 -20.98 13.56
N GLY G 282 10.48 -19.12 13.05
CA GLY G 282 10.92 -18.02 12.20
C GLY G 282 10.00 -16.82 12.28
N ILE G 283 8.74 -17.00 11.91
CA ILE G 283 7.75 -15.93 11.87
C ILE G 283 6.50 -16.38 12.62
N SER G 284 5.96 -15.50 13.46
CA SER G 284 4.81 -15.86 14.29
C SER G 284 4.05 -14.59 14.68
N LEU G 285 2.91 -14.80 15.34
CA LEU G 285 2.07 -13.73 15.83
C LEU G 285 1.86 -13.91 17.33
N LEU G 286 2.13 -12.87 18.11
CA LEU G 286 1.87 -12.85 19.53
C LEU G 286 0.56 -12.12 19.80
N THR G 287 -0.35 -12.79 20.48
CA THR G 287 -1.69 -12.28 20.73
C THR G 287 -2.00 -12.44 22.21
N LYS G 288 -3.00 -11.71 22.67
CA LYS G 288 -3.44 -11.87 24.05
C LYS G 288 -3.81 -13.33 24.28
N LYS G 289 -3.44 -13.86 25.44
CA LYS G 289 -3.76 -15.25 25.72
C LYS G 289 -5.27 -15.46 25.64
N GLY G 290 -5.65 -16.61 25.14
CA GLY G 290 -7.07 -16.90 24.92
C GLY G 290 -7.55 -16.54 23.54
N LEU G 291 -7.23 -15.33 23.08
CA LEU G 291 -7.59 -14.95 21.72
C LEU G 291 -6.88 -15.87 20.72
N PRO G 292 -7.53 -16.24 19.62
CA PRO G 292 -6.90 -17.15 18.66
C PRO G 292 -5.97 -16.44 17.70
N SER G 293 -5.43 -17.19 16.73
CA SER G 293 -4.56 -16.62 15.72
C SER G 293 -4.78 -17.32 14.39
N GLU G 294 -4.37 -16.64 13.31
CA GLU G 294 -4.58 -17.13 11.96
C GLU G 294 -3.37 -17.91 11.48
N ILE G 295 -2.23 -17.25 11.55
CA ILE G 295 -0.92 -17.77 11.21
C ILE G 295 -0.43 -18.58 12.40
N THR G 296 0.64 -19.34 12.24
CA THR G 296 1.25 -20.00 13.39
C THR G 296 1.56 -18.94 14.44
N SER G 297 1.11 -19.19 15.67
CA SER G 297 1.19 -18.19 16.72
C SER G 297 1.81 -18.78 17.97
N LYS G 298 2.40 -17.89 18.75
CA LYS G 298 2.91 -18.20 20.08
C LYS G 298 2.58 -17.03 21.00
N ASN G 299 2.12 -17.34 22.20
CA ASN G 299 1.76 -16.33 23.18
C ASN G 299 2.90 -16.04 24.14
N ASN G 300 4.13 -16.40 23.78
CA ASN G 300 5.30 -16.15 24.60
C ASN G 300 6.52 -16.08 23.70
N LEU G 301 7.42 -15.15 24.01
CA LEU G 301 8.66 -14.95 23.27
C LEU G 301 9.84 -15.00 24.23
N ASP G 302 10.86 -15.78 23.88
CA ASP G 302 12.03 -15.93 24.74
C ASP G 302 13.10 -14.93 24.31
N PHE G 303 13.18 -13.83 25.03
CA PHE G 303 14.17 -12.76 24.79
C PHE G 303 15.19 -12.85 25.93
N LEU G 304 16.33 -13.47 25.65
CA LEU G 304 17.39 -13.67 26.65
C LEU G 304 16.81 -14.46 27.80
N GLY G 305 16.89 -13.99 29.04
CA GLY G 305 16.41 -14.72 30.18
C GLY G 305 14.99 -14.33 30.53
N TYR G 306 14.29 -13.76 29.55
CA TYR G 306 12.94 -13.27 29.74
C TYR G 306 11.99 -14.04 28.84
N THR G 307 10.80 -14.30 29.35
CA THR G 307 9.66 -14.69 28.52
C THR G 307 8.71 -13.49 28.49
N LEU G 308 8.63 -12.84 27.33
CA LEU G 308 7.80 -11.67 27.13
C LEU G 308 6.50 -12.10 26.48
N SER G 309 5.38 -11.68 27.06
CA SER G 309 4.06 -11.96 26.55
C SER G 309 3.28 -10.66 26.49
N VAL G 310 2.10 -10.73 25.86
CA VAL G 310 1.27 -9.54 25.75
C VAL G 310 0.81 -9.07 27.12
N GLU G 311 0.84 -9.95 28.11
CA GLU G 311 0.30 -9.64 29.43
C GLU G 311 1.37 -9.35 30.47
N ASN G 312 2.50 -10.07 30.44
CA ASN G 312 3.52 -9.92 31.47
C ASN G 312 4.89 -10.11 30.87
N VAL G 313 5.89 -9.70 31.64
CA VAL G 313 7.28 -10.06 31.43
C VAL G 313 7.66 -10.98 32.57
N SER G 314 8.08 -12.19 32.23
CA SER G 314 8.39 -13.20 33.23
C SER G 314 9.79 -13.73 32.97
N ILE G 315 10.26 -14.57 33.87
CA ILE G 315 11.55 -15.21 33.70
C ILE G 315 11.38 -16.47 32.86
N LYS G 316 12.29 -16.67 31.91
CA LYS G 316 12.23 -17.83 31.04
C LYS G 316 12.32 -19.11 31.88
N GLU G 317 11.79 -20.20 31.33
CA GLU G 317 11.78 -21.46 32.06
C GLU G 317 13.19 -21.96 32.32
N LYS G 318 14.11 -21.79 31.36
CA LYS G 318 15.49 -22.18 31.62
C LYS G 318 16.09 -21.35 32.75
N SER G 319 15.80 -20.06 32.79
CA SER G 319 16.33 -19.21 33.86
C SER G 319 15.75 -19.62 35.21
N VAL G 320 14.47 -19.97 35.26
CA VAL G 320 13.88 -20.44 36.50
C VAL G 320 14.50 -21.75 36.93
N LYS G 321 14.76 -22.64 35.97
CA LYS G 321 15.43 -23.89 36.29
C LYS G 321 16.83 -23.64 36.83
N LYS G 322 17.53 -22.65 36.27
CA LYS G 322 18.88 -22.33 36.75
C LYS G 322 18.82 -21.76 38.17
N ILE G 323 17.84 -20.90 38.44
CA ILE G 323 17.68 -20.35 39.78
C ILE G 323 17.39 -21.46 40.78
N LYS G 324 16.48 -22.37 40.40
CA LYS G 324 16.14 -23.49 41.27
C LYS G 324 17.34 -24.40 41.47
N LYS G 325 18.11 -24.61 40.41
CA LYS G 325 19.33 -25.41 40.54
C LYS G 325 20.25 -24.80 41.57
N GLN G 326 20.45 -23.48 41.52
CA GLN G 326 21.39 -22.88 42.44
C GLN G 326 20.89 -22.98 43.88
N ILE G 327 19.62 -22.65 44.10
CA ILE G 327 19.09 -22.69 45.47
C ILE G 327 19.13 -24.12 46.01
N SER G 328 18.71 -25.07 45.19
CA SER G 328 18.71 -26.47 45.60
C SER G 328 20.12 -26.92 45.91
N TYR G 329 21.10 -26.50 45.11
CA TYR G 329 22.46 -26.93 45.39
C TYR G 329 23.04 -26.26 46.62
N ILE G 330 22.66 -25.00 46.91
CA ILE G 330 23.09 -24.44 48.18
C ILE G 330 22.62 -25.33 49.32
N LEU G 331 21.33 -25.66 49.33
CA LEU G 331 20.80 -26.47 50.42
C LEU G 331 21.43 -27.86 50.45
N TYR G 332 21.62 -28.48 49.28
CA TYR G 332 22.26 -29.79 49.22
C TYR G 332 23.68 -29.74 49.75
N ARG G 333 24.46 -28.76 49.30
CA ARG G 333 25.87 -28.66 49.67
C ARG G 333 26.03 -28.41 51.16
N ASN G 334 25.17 -27.59 51.74
CA ASN G 334 25.36 -27.25 53.15
C ASN G 334 24.70 -28.24 54.10
N LEU G 335 23.59 -28.87 53.69
CA LEU G 335 22.76 -29.64 54.59
C LEU G 335 22.67 -31.12 54.26
N ILE G 336 23.13 -31.57 53.09
CA ILE G 336 23.01 -32.97 52.74
C ILE G 336 24.36 -33.57 52.36
N GLN G 337 25.05 -32.94 51.40
CA GLN G 337 26.31 -33.49 50.92
C GLN G 337 27.30 -33.82 52.04
N PRO G 338 27.52 -32.94 53.02
CA PRO G 338 28.50 -33.27 54.06
C PRO G 338 28.16 -34.55 54.80
N LEU G 339 26.88 -34.82 54.99
CA LEU G 339 26.41 -35.99 55.74
C LEU G 339 26.29 -37.22 54.85
N LYS G 340 26.57 -37.10 53.55
CA LYS G 340 26.63 -38.24 52.65
C LYS G 340 28.07 -38.64 52.36
N LYS G 341 29.02 -38.12 53.13
CA LYS G 341 30.43 -38.50 53.03
C LYS G 341 30.67 -39.78 53.82
N THR G 342 31.81 -40.42 53.55
CA THR G 342 32.11 -41.69 54.23
C THR G 342 32.23 -41.48 55.73
N SER G 343 32.95 -40.45 56.15
CA SER G 343 33.13 -40.13 57.55
C SER G 343 32.72 -38.69 57.82
N LEU G 344 32.17 -38.46 59.01
CA LEU G 344 31.85 -37.12 59.49
C LEU G 344 32.90 -36.59 60.46
N ALA G 345 34.16 -36.94 60.23
CA ALA G 345 35.25 -36.36 61.02
C ALA G 345 35.36 -34.87 60.73
N GLY G 346 35.26 -34.05 61.78
CA GLY G 346 35.45 -32.63 61.64
C GLY G 346 34.28 -31.89 61.04
N GLN G 347 33.11 -32.51 60.99
CA GLN G 347 31.89 -31.87 60.49
C GLN G 347 31.00 -31.60 61.70
N THR G 348 30.84 -30.33 62.06
CA THR G 348 29.99 -29.96 63.18
C THR G 348 28.58 -30.48 62.97
N ILE G 349 28.04 -31.09 64.01
CA ILE G 349 26.73 -31.75 63.96
C ILE G 349 25.69 -30.82 64.59
N PRO G 350 24.52 -30.65 63.98
CA PRO G 350 23.52 -29.77 64.59
C PRO G 350 23.08 -30.29 65.94
N ALA G 351 23.00 -29.38 66.90
CA ALA G 351 22.61 -29.70 68.26
C ALA G 351 22.17 -28.41 68.92
N ASN G 352 21.65 -28.53 70.14
CA ASN G 352 21.32 -27.37 70.95
C ASN G 352 20.38 -26.40 70.22
N ASP G 353 19.53 -26.95 69.36
CA ASP G 353 18.59 -26.14 68.58
C ASP G 353 19.30 -25.15 67.65
N ARG G 354 20.51 -25.50 67.20
CA ARG G 354 21.24 -24.62 66.29
C ARG G 354 21.92 -25.47 65.22
N ASP G 355 21.57 -25.21 63.96
CA ASP G 355 22.22 -25.85 62.82
C ASP G 355 22.97 -24.76 62.06
N LYS G 356 24.30 -24.73 62.23
CA LYS G 356 25.08 -23.70 61.56
C LYS G 356 24.96 -23.83 60.06
N ASN G 357 24.99 -25.07 59.56
CA ASN G 357 24.86 -25.30 58.13
C ASN G 357 23.60 -24.66 57.57
N PHE G 358 22.51 -24.65 58.34
CA PHE G 358 21.29 -24.01 57.86
C PHE G 358 21.43 -22.50 57.80
N LEU G 359 22.12 -21.89 58.77
CA LEU G 359 22.41 -20.47 58.66
C LEU G 359 23.23 -20.18 57.42
N ILE G 360 24.25 -21.00 57.15
CA ILE G 360 25.10 -20.77 55.99
C ILE G 360 24.28 -20.91 54.71
N ALA G 361 23.42 -21.92 54.64
CA ALA G 361 22.62 -22.13 53.44
C ALA G 361 21.63 -20.99 53.22
N ILE G 362 20.95 -20.56 54.29
CA ILE G 362 19.99 -19.48 54.15
C ILE G 362 20.71 -18.20 53.73
N CYS G 363 21.90 -17.95 54.29
CA CYS G 363 22.63 -16.75 53.92
C CYS G 363 23.14 -16.83 52.49
N GLU G 364 23.54 -18.01 52.04
CA GLU G 364 23.93 -18.18 50.65
C GLU G 364 22.76 -17.91 49.71
N ILE G 365 21.58 -18.40 50.08
CA ILE G 365 20.40 -18.14 49.25
C ILE G 365 20.05 -16.66 49.27
N ARG G 366 20.20 -16.01 50.42
CA ARG G 366 19.94 -14.58 50.50
C ARG G 366 20.90 -13.80 49.62
N ARG G 367 22.18 -14.19 49.62
CA ARG G 367 23.15 -13.53 48.77
C ARG G 367 22.79 -13.73 47.31
N TYR G 368 22.47 -14.97 46.92
CA TYR G 368 22.14 -15.25 45.53
C TYR G 368 20.90 -14.49 45.10
N MET G 369 19.92 -14.34 45.99
CA MET G 369 18.64 -13.72 45.65
C MET G 369 18.65 -12.23 45.93
N TYR G 370 18.83 -11.86 47.19
CA TYR G 370 18.74 -10.46 47.59
C TYR G 370 20.05 -9.71 47.40
N GLY G 371 21.17 -10.42 47.47
CA GLY G 371 22.45 -9.77 47.61
C GLY G 371 22.86 -9.55 49.04
N GLY G 372 22.11 -10.09 49.99
CA GLY G 372 22.37 -9.95 51.40
C GLY G 372 21.43 -8.99 52.11
N LEU G 373 20.46 -8.43 51.39
CA LEU G 373 19.49 -7.55 52.00
C LEU G 373 18.65 -8.29 53.02
N SER G 374 18.27 -7.58 54.07
CA SER G 374 17.28 -8.06 55.01
C SER G 374 15.91 -7.55 54.59
N LYS G 375 14.88 -8.27 55.00
CA LYS G 375 13.53 -7.82 54.68
C LYS G 375 13.23 -6.48 55.33
N SER G 376 13.90 -6.18 56.44
CA SER G 376 13.77 -4.86 57.04
C SER G 376 14.32 -3.78 56.10
N GLN G 377 15.47 -4.04 55.48
CA GLN G 377 16.03 -3.06 54.55
C GLN G 377 15.10 -2.85 53.36
N ILE G 378 14.59 -3.96 52.80
CA ILE G 378 13.73 -3.84 51.63
C ILE G 378 12.45 -3.09 51.99
N LYS G 379 11.92 -3.34 53.19
CA LYS G 379 10.70 -2.65 53.60
C LYS G 379 10.95 -1.20 53.97
N ASP G 380 12.11 -0.90 54.53
CA ASP G 380 12.49 0.49 54.72
C ASP G 380 12.52 1.22 53.38
N TYR G 381 13.03 0.55 52.35
CA TYR G 381 13.05 1.19 51.03
C TYR G 381 11.65 1.31 50.45
N LEU G 382 10.81 0.30 50.67
CA LEU G 382 9.46 0.30 50.12
C LEU G 382 8.51 1.22 50.88
N SER G 383 8.89 1.69 52.06
CA SER G 383 8.04 2.55 52.85
C SER G 383 8.39 4.03 52.70
N GLY G 384 9.66 4.34 52.48
CA GLY G 384 10.11 5.71 52.43
C GLY G 384 11.17 5.97 53.46
N ARG G 385 11.34 5.01 54.38
CA ARG G 385 12.33 5.18 55.44
C ARG G 385 13.73 5.30 54.85
N SER G 386 14.06 4.43 53.91
CA SER G 386 15.34 4.47 53.21
C SER G 386 15.12 5.06 51.84
N ASN G 387 16.06 5.90 51.40
CA ASN G 387 15.98 6.54 50.10
C ASN G 387 16.81 5.81 49.05
N ARG G 388 17.42 4.68 49.41
CA ARG G 388 18.25 3.92 48.49
C ARG G 388 18.37 2.49 49.00
N LEU G 389 18.36 1.55 48.06
CA LEU G 389 18.59 0.13 48.32
C LEU G 389 19.51 -0.38 47.22
N TYR G 390 20.56 -1.11 47.60
CA TYR G 390 21.41 -1.68 46.57
C TYR G 390 20.71 -2.92 46.02
N PHE G 391 20.65 -3.02 44.71
CA PHE G 391 19.99 -4.13 44.03
C PHE G 391 21.06 -5.06 43.48
N LYS G 392 21.20 -6.22 44.11
CA LYS G 392 22.17 -7.21 43.66
C LYS G 392 21.52 -8.59 43.67
N GLY G 393 22.28 -9.62 43.33
CA GLY G 393 21.72 -10.94 43.27
C GLY G 393 21.09 -11.26 41.92
N ILE G 394 20.33 -12.35 41.91
CA ILE G 394 19.75 -12.84 40.67
C ILE G 394 18.76 -11.84 40.11
N MET G 395 17.94 -11.21 40.97
CA MET G 395 16.89 -10.34 40.47
C MET G 395 17.43 -9.06 39.87
N SER G 396 18.70 -8.73 40.11
CA SER G 396 19.30 -7.61 39.40
C SER G 396 19.43 -7.89 37.91
N PHE G 397 19.40 -9.17 37.51
CA PHE G 397 19.50 -9.55 36.11
C PHE G 397 18.14 -9.68 35.44
N TYR G 398 17.06 -9.60 36.20
CA TYR G 398 15.70 -9.67 35.65
C TYR G 398 14.89 -8.49 36.18
N PRO G 399 15.33 -7.26 35.90
CA PRO G 399 14.65 -6.10 36.47
C PRO G 399 13.28 -5.82 35.87
N LEU G 400 12.97 -6.38 34.71
CA LEU G 400 11.74 -6.06 34.01
C LEU G 400 10.64 -7.07 34.28
N VAL G 401 10.86 -8.01 35.20
CA VAL G 401 9.86 -9.03 35.49
C VAL G 401 8.68 -8.38 36.20
N ASN G 402 7.47 -8.70 35.74
CA ASN G 402 6.26 -8.18 36.34
C ASN G 402 5.22 -9.27 36.56
N ASP G 403 5.64 -10.54 36.59
CA ASP G 403 4.75 -11.68 36.80
C ASP G 403 4.80 -12.04 38.29
N VAL G 404 3.79 -11.62 39.03
CA VAL G 404 3.77 -11.89 40.46
C VAL G 404 3.56 -13.38 40.73
N GLU G 405 2.77 -14.05 39.89
CA GLU G 405 2.47 -15.46 40.14
C GLU G 405 3.72 -16.32 40.06
N GLN G 406 4.60 -16.05 39.09
CA GLN G 406 5.83 -16.81 38.99
C GLN G 406 6.68 -16.66 40.25
N LEU G 407 6.78 -15.44 40.76
CA LEU G 407 7.58 -15.21 41.95
C LEU G 407 6.94 -15.86 43.17
N LYS G 408 5.60 -15.85 43.22
CA LYS G 408 4.90 -16.52 44.31
C LYS G 408 5.13 -18.02 44.27
N GLN G 409 5.15 -18.59 43.06
CA GLN G 409 5.42 -20.01 42.92
C GLN G 409 6.85 -20.35 43.32
N LEU G 410 7.81 -19.49 42.98
CA LEU G 410 9.18 -19.72 43.39
C LEU G 410 9.33 -19.58 44.90
N ASP G 411 8.58 -18.66 45.52
CA ASP G 411 8.56 -18.58 46.97
C ASP G 411 8.12 -19.90 47.58
N GLY G 412 6.99 -20.43 47.10
CA GLY G 412 6.54 -21.73 47.57
C GLY G 412 7.56 -22.81 47.38
N TRP G 413 8.22 -22.81 46.22
CA TRP G 413 9.24 -23.83 45.94
C TRP G 413 10.41 -23.72 46.90
N ILE G 414 10.83 -22.49 47.23
CA ILE G 414 11.93 -22.32 48.16
C ILE G 414 11.57 -22.91 49.52
N VAL G 415 10.37 -22.58 50.02
CA VAL G 415 10.00 -23.13 51.33
C VAL G 415 9.93 -24.65 51.28
N SER G 416 9.34 -25.19 50.23
CA SER G 416 9.19 -26.64 50.15
C SER G 416 10.55 -27.33 50.09
N VAL G 417 11.47 -26.79 49.30
CA VAL G 417 12.79 -27.41 49.20
C VAL G 417 13.55 -27.28 50.51
N ILE G 418 13.39 -26.16 51.21
CA ILE G 418 14.03 -26.03 52.52
C ILE G 418 13.52 -27.12 53.45
N TYR G 419 12.20 -27.30 53.47
CA TYR G 419 11.62 -28.31 54.34
C TYR G 419 12.12 -29.71 54.00
N ARG G 420 12.12 -30.05 52.71
CA ARG G 420 12.49 -31.40 52.30
C ARG G 420 13.97 -31.67 52.55
N ALA G 421 14.83 -30.70 52.24
CA ALA G 421 16.26 -30.88 52.49
C ALA G 421 16.53 -31.01 53.97
N LEU G 422 15.87 -30.21 54.80
CA LEU G 422 16.05 -30.35 56.24
C LEU G 422 15.57 -31.71 56.72
N LYS G 423 14.49 -32.21 56.14
CA LYS G 423 13.98 -33.52 56.51
C LYS G 423 14.98 -34.62 56.18
N LEU G 424 15.52 -34.59 54.96
CA LEU G 424 16.52 -35.59 54.60
C LEU G 424 17.78 -35.43 55.44
N ARG G 425 18.13 -34.20 55.81
CA ARG G 425 19.26 -34.00 56.70
C ARG G 425 19.01 -34.66 58.05
N CYS G 426 17.79 -34.52 58.57
CA CYS G 426 17.43 -35.19 59.81
C CYS G 426 17.51 -36.70 59.68
N GLN G 427 17.01 -37.23 58.56
CA GLN G 427 17.06 -38.67 58.34
C GLN G 427 18.50 -39.18 58.31
N LEU G 428 19.35 -38.50 57.55
CA LEU G 428 20.76 -38.90 57.46
C LEU G 428 21.43 -38.78 58.83
N LEU G 429 21.14 -37.71 59.56
CA LEU G 429 21.76 -37.52 60.87
C LEU G 429 21.37 -38.65 61.82
N SER G 430 20.09 -39.02 61.83
CA SER G 430 19.65 -40.14 62.67
C SER G 430 20.31 -41.44 62.22
N LYS G 431 20.51 -41.61 60.91
CA LYS G 431 21.25 -42.76 60.44
C LYS G 431 22.66 -42.79 61.01
N TRP G 432 23.31 -41.63 61.09
CA TRP G 432 24.66 -41.57 61.64
C TRP G 432 24.64 -41.76 63.16
N GLY G 433 23.54 -41.41 63.82
CA GLY G 433 23.40 -41.67 65.24
C GLY G 433 22.85 -40.49 66.01
N TYR G 434 22.57 -39.39 65.30
CA TYR G 434 22.12 -38.14 65.92
C TYR G 434 20.62 -37.98 65.68
N ASN G 435 19.85 -38.03 66.76
CA ASN G 435 18.41 -37.78 66.68
C ASN G 435 18.17 -36.31 66.97
N ARG G 436 17.65 -35.58 65.99
CA ARG G 436 17.47 -34.13 66.11
C ARG G 436 16.13 -33.67 65.57
N SER G 437 15.16 -34.57 65.40
CA SER G 437 13.87 -34.17 64.86
C SER G 437 13.17 -33.16 65.75
N HIS G 438 13.39 -33.25 67.06
CA HIS G 438 12.80 -32.29 67.99
C HIS G 438 13.45 -30.92 67.92
N ASN G 439 14.68 -30.82 67.45
CA ASN G 439 15.38 -29.55 67.45
C ASN G 439 14.75 -28.59 66.44
N PHE G 440 15.07 -27.31 66.61
CA PHE G 440 14.45 -26.26 65.79
C PHE G 440 14.58 -26.54 64.30
N PRO G 441 15.77 -26.78 63.75
CA PRO G 441 15.89 -26.83 62.29
C PRO G 441 15.01 -27.91 61.69
N PHE G 442 14.72 -28.96 62.44
CA PHE G 442 14.07 -30.15 61.91
C PHE G 442 12.66 -30.37 62.46
N ILE G 443 12.14 -29.47 63.28
CA ILE G 443 10.82 -29.65 63.87
C ILE G 443 9.76 -28.86 63.12
N LEU G 444 10.15 -27.79 62.43
CA LEU G 444 9.18 -26.89 61.82
C LEU G 444 8.45 -27.56 60.68
N ASP G 445 7.14 -27.41 60.66
CA ASP G 445 6.34 -27.85 59.52
C ASP G 445 6.51 -26.86 58.37
N ARG G 446 6.30 -27.34 57.14
CA ARG G 446 6.52 -26.49 55.97
C ARG G 446 5.71 -25.21 56.06
N GLU G 447 4.52 -25.26 56.64
CA GLU G 447 3.70 -24.08 56.80
C GLU G 447 4.11 -23.23 57.99
N ASP G 448 5.20 -23.59 58.67
CA ASP G 448 5.70 -22.85 59.82
C ASP G 448 7.13 -22.37 59.63
N ILE G 449 7.82 -22.79 58.58
CA ILE G 449 9.23 -22.45 58.43
C ILE G 449 9.41 -20.93 58.34
N VAL G 450 8.62 -20.27 57.49
CA VAL G 450 8.82 -18.86 57.24
C VAL G 450 8.62 -18.05 58.52
N ASP G 451 7.53 -18.33 59.25
CA ASP G 451 7.26 -17.57 60.47
C ASP G 451 8.35 -17.80 61.51
N LYS G 452 8.65 -19.06 61.80
CA LYS G 452 9.63 -19.35 62.85
C LYS G 452 10.97 -18.73 62.51
N CYS G 453 11.38 -18.87 61.24
CA CYS G 453 12.65 -18.32 60.82
C CYS G 453 12.66 -16.80 60.89
N SER G 454 11.52 -16.17 60.56
CA SER G 454 11.43 -14.71 60.66
C SER G 454 11.62 -14.26 62.11
N LYS G 455 11.09 -15.02 63.06
CA LYS G 455 11.21 -14.61 64.46
C LYS G 455 12.64 -14.75 64.98
N LYS G 456 13.36 -15.80 64.60
CA LYS G 456 14.69 -16.03 65.15
C LYS G 456 15.62 -14.88 64.83
N THR G 457 16.50 -14.56 65.77
CA THR G 457 17.50 -13.52 65.62
C THR G 457 18.82 -13.98 66.20
N ILE G 458 19.89 -13.83 65.43
CA ILE G 458 21.26 -14.04 65.91
C ILE G 458 21.99 -12.73 65.81
N ALA G 459 22.66 -12.35 66.90
CA ALA G 459 23.38 -11.08 66.99
C ALA G 459 22.47 -9.88 66.79
N GLY G 460 21.18 -10.04 67.05
CA GLY G 460 20.24 -8.97 66.82
C GLY G 460 19.81 -8.80 65.38
N ARG G 461 20.24 -9.70 64.48
CA ARG G 461 19.89 -9.65 63.08
C ARG G 461 19.20 -10.94 62.68
N LYS G 462 18.05 -10.81 62.02
CA LYS G 462 17.23 -11.96 61.61
C LYS G 462 17.87 -12.61 60.39
N LEU G 463 18.85 -13.48 60.64
CA LEU G 463 19.58 -14.12 59.57
C LEU G 463 19.02 -15.49 59.20
N PHE G 464 17.81 -15.81 59.64
CA PHE G 464 17.14 -17.03 59.22
C PHE G 464 15.97 -16.78 58.28
N GLU G 465 15.52 -15.54 58.15
CA GLU G 465 14.34 -15.25 57.35
C GLU G 465 14.51 -15.81 55.94
N ILE G 466 13.51 -16.55 55.48
CA ILE G 466 13.57 -17.23 54.20
C ILE G 466 13.45 -16.19 53.09
N PRO G 467 14.43 -16.04 52.22
CA PRO G 467 14.36 -14.99 51.20
C PRO G 467 13.17 -15.16 50.28
N SER G 468 12.49 -14.06 50.00
CA SER G 468 11.29 -14.03 49.18
C SER G 468 11.52 -13.22 47.92
N PHE G 469 11.18 -13.79 46.75
CA PHE G 469 11.33 -13.05 45.50
C PHE G 469 10.35 -11.89 45.40
N LEU G 470 9.16 -12.02 46.00
CA LEU G 470 8.14 -11.00 45.82
C LEU G 470 8.54 -9.69 46.49
N LEU G 471 9.17 -9.76 47.66
CA LEU G 471 9.56 -8.55 48.36
C LEU G 471 10.58 -7.75 47.55
N ILE G 472 11.63 -8.42 47.08
CA ILE G 472 12.63 -7.75 46.27
C ILE G 472 12.08 -7.37 44.91
N HIS G 473 11.03 -8.04 44.44
CA HIS G 473 10.36 -7.63 43.21
C HIS G 473 9.63 -6.30 43.41
N LYS G 474 8.94 -6.14 44.53
CA LYS G 474 8.33 -4.86 44.86
C LYS G 474 9.40 -3.78 44.94
N ALA G 475 10.54 -4.10 45.56
CA ALA G 475 11.64 -3.16 45.66
C ALA G 475 12.18 -2.81 44.28
N LEU G 476 12.30 -3.80 43.41
CA LEU G 476 12.78 -3.57 42.05
C LEU G 476 11.82 -2.67 41.28
N GLN G 477 10.53 -2.83 41.47
CA GLN G 477 9.58 -1.91 40.82
C GLN G 477 9.77 -0.49 41.34
N LYS G 478 9.90 -0.32 42.65
CA LYS G 478 10.08 1.04 43.17
C LYS G 478 11.37 1.66 42.65
N GLY G 479 12.45 0.89 42.61
CA GLY G 479 13.73 1.41 42.16
C GLY G 479 13.82 1.60 40.66
N LEU G 480 12.97 0.91 39.89
CA LEU G 480 12.88 1.22 38.48
C LEU G 480 12.02 2.43 38.20
N GLN G 481 11.04 2.72 39.06
CA GLN G 481 10.32 3.96 38.94
C GLN G 481 11.05 5.14 39.56
N GLU G 482 12.12 4.87 40.31
CA GLU G 482 12.89 5.93 40.94
C GLU G 482 14.24 6.19 40.29
N SER G 483 14.87 5.17 39.69
CA SER G 483 16.22 5.33 39.17
C SER G 483 16.34 4.93 37.70
N GLY G 484 15.59 3.93 37.28
CA GLY G 484 15.62 3.46 35.91
C GLY G 484 16.39 2.16 35.78
N ILE G 485 16.38 1.64 34.55
CA ILE G 485 17.05 0.37 34.29
C ILE G 485 18.54 0.49 34.54
N GLU G 486 19.16 1.54 33.99
CA GLU G 486 20.61 1.65 34.07
C GLU G 486 21.09 1.74 35.51
N LYS G 487 20.39 2.50 36.35
CA LYS G 487 20.83 2.65 37.72
C LYS G 487 20.73 1.34 38.49
N ILE G 488 19.61 0.62 38.35
CA ILE G 488 19.46 -0.62 39.09
C ILE G 488 20.41 -1.68 38.59
N MET G 489 20.61 -1.74 37.27
CA MET G 489 21.47 -2.78 36.71
C MET G 489 22.91 -2.63 37.16
N ASN G 490 23.44 -1.41 37.16
CA ASN G 490 24.77 -1.12 37.67
C ASN G 490 24.69 0.10 38.57
N PRO G 491 24.99 -0.02 39.87
CA PRO G 491 24.97 1.17 40.73
C PRO G 491 26.27 1.96 40.66
N MET I 1 31.61 -28.43 -36.99
CA MET I 1 31.75 -26.97 -37.21
C MET I 1 32.75 -26.41 -36.19
N LYS I 2 33.98 -26.19 -36.64
CA LYS I 2 35.02 -25.68 -35.77
C LYS I 2 34.94 -24.17 -35.66
N LEU I 3 35.52 -23.63 -34.59
CA LEU I 3 35.42 -22.19 -34.35
C LEU I 3 36.08 -21.40 -35.48
N GLU I 4 37.17 -21.94 -36.05
CA GLU I 4 37.81 -21.23 -37.16
C GLU I 4 36.89 -21.13 -38.36
N GLN I 5 36.16 -22.19 -38.68
CA GLN I 5 35.24 -22.14 -39.81
C GLN I 5 34.14 -21.13 -39.57
N GLN I 6 33.61 -21.09 -38.34
CA GLN I 6 32.60 -20.11 -38.00
C GLN I 6 33.14 -18.69 -38.16
N ILE I 7 34.36 -18.46 -37.66
CA ILE I 7 34.95 -17.11 -37.74
C ILE I 7 35.16 -16.72 -39.20
N GLN I 8 35.66 -17.66 -40.00
CA GLN I 8 35.84 -17.38 -41.43
C GLN I 8 34.52 -17.01 -42.08
N ARG I 9 33.46 -17.77 -41.79
CA ARG I 9 32.17 -17.46 -42.38
C ARG I 9 31.71 -16.06 -42.01
N VAL I 10 31.78 -15.70 -40.72
CA VAL I 10 31.22 -14.41 -40.31
C VAL I 10 32.07 -13.27 -40.84
N ILE I 11 33.39 -13.39 -40.77
CA ILE I 11 34.26 -12.33 -41.25
C ILE I 11 34.07 -12.14 -42.75
N LEU I 12 33.99 -13.23 -43.50
CA LEU I 12 33.80 -13.13 -44.94
C LEU I 12 32.48 -12.47 -45.28
N GLU I 13 31.42 -12.81 -44.55
CA GLU I 13 30.12 -12.18 -44.84
C GLU I 13 30.12 -10.70 -44.49
N GLU I 14 30.73 -10.32 -43.36
CA GLU I 14 30.79 -8.90 -43.02
C GLU I 14 31.56 -8.11 -44.07
N ALA I 15 32.74 -8.62 -44.45
CA ALA I 15 33.54 -7.92 -45.45
C ALA I 15 32.80 -7.86 -46.78
N LYS I 16 32.11 -8.94 -47.15
CA LYS I 16 31.38 -8.97 -48.40
C LYS I 16 30.25 -7.97 -48.40
N ALA I 17 29.53 -7.85 -47.28
CA ALA I 17 28.45 -6.88 -47.22
C ALA I 17 28.99 -5.46 -47.33
N LEU I 18 30.11 -5.17 -46.65
CA LEU I 18 30.69 -3.84 -46.76
C LEU I 18 31.17 -3.56 -48.19
N ILE I 19 31.74 -4.57 -48.86
CA ILE I 19 32.19 -4.37 -50.23
C ILE I 19 31.00 -4.12 -51.16
N LYS I 20 29.91 -4.87 -50.96
CA LYS I 20 28.69 -4.60 -51.71
C LYS I 20 28.20 -3.18 -51.49
N ASP I 21 28.23 -2.72 -50.24
CA ASP I 21 27.78 -1.37 -49.93
C ASP I 21 28.64 -0.33 -50.64
N TYR I 22 29.96 -0.51 -50.64
CA TYR I 22 30.82 0.43 -51.33
C TYR I 22 30.58 0.42 -52.83
N HIS I 23 30.40 -0.78 -53.40
CA HIS I 23 30.17 -0.86 -54.84
C HIS I 23 28.91 -0.10 -55.21
N GLU I 24 27.83 -0.34 -54.46
CA GLU I 24 26.60 0.38 -54.71
C GLU I 24 26.77 1.86 -54.46
N TYR I 25 27.65 2.24 -53.53
CA TYR I 25 27.88 3.65 -53.28
C TYR I 25 28.45 4.33 -54.51
N HIS I 26 29.53 3.78 -55.06
CA HIS I 26 30.14 4.47 -56.19
C HIS I 26 29.25 4.39 -57.43
N ASN I 27 28.50 3.31 -57.60
CA ASN I 27 27.56 3.25 -58.72
C ASN I 27 26.48 4.31 -58.58
N ARG I 28 25.94 4.51 -57.37
CA ARG I 28 24.94 5.54 -57.15
C ARG I 28 25.53 6.91 -57.40
N VAL I 29 26.76 7.12 -56.95
CA VAL I 29 27.43 8.41 -57.18
C VAL I 29 27.53 8.69 -58.68
N HIS I 30 27.87 7.67 -59.47
CA HIS I 30 27.97 7.90 -60.91
C HIS I 30 26.61 8.22 -61.53
N LEU I 31 25.58 7.45 -61.17
CA LEU I 31 24.25 7.74 -61.72
C LEU I 31 23.79 9.14 -61.33
N GLU I 32 23.99 9.49 -60.05
CA GLU I 32 23.61 10.82 -59.58
C GLU I 32 24.41 11.90 -60.26
N SER I 33 25.69 11.65 -60.55
CA SER I 33 26.49 12.65 -61.25
C SER I 33 26.03 12.81 -62.68
N VAL I 34 25.58 11.73 -63.33
CA VAL I 34 25.01 11.87 -64.66
C VAL I 34 23.79 12.77 -64.61
N ARG I 35 22.88 12.48 -63.68
CA ARG I 35 21.66 13.28 -63.59
C ARG I 35 21.97 14.73 -63.20
N ASN I 36 22.95 14.93 -62.31
CA ASN I 36 23.32 16.27 -61.91
C ASN I 36 23.99 17.04 -63.04
N LYS I 37 24.74 16.35 -63.90
CA LYS I 37 25.27 17.00 -65.09
C LYS I 37 24.13 17.47 -65.97
N LYS I 38 23.14 16.62 -66.19
CA LYS I 38 21.98 17.03 -66.98
C LYS I 38 21.23 18.17 -66.31
N ARG I 39 21.17 18.19 -64.98
CA ARG I 39 20.43 19.21 -64.25
C ARG I 39 21.12 20.56 -64.30
N LEU I 40 22.37 20.62 -63.83
CA LEU I 40 23.10 21.87 -63.68
C LEU I 40 23.99 22.19 -64.88
N GLY I 41 23.84 21.50 -66.00
CA GLY I 41 24.57 21.90 -67.18
C GLY I 41 26.07 21.90 -66.95
N ASP I 42 26.73 22.94 -67.45
CA ASP I 42 28.18 23.03 -67.27
C ASP I 42 28.55 23.34 -65.83
N SER I 43 27.67 24.04 -65.11
CA SER I 43 27.95 24.36 -63.71
C SER I 43 28.00 23.11 -62.84
N ALA I 44 27.49 21.98 -63.32
CA ALA I 44 27.47 20.76 -62.53
C ALA I 44 28.89 20.39 -62.11
N PRO I 45 29.13 20.13 -60.83
CA PRO I 45 30.46 19.73 -60.39
C PRO I 45 30.83 18.36 -60.95
N ASP I 46 32.02 17.91 -60.57
CA ASP I 46 32.54 16.63 -61.00
C ASP I 46 32.38 15.60 -59.89
N LYS I 47 32.38 14.33 -60.28
CA LYS I 47 32.26 13.27 -59.29
C LYS I 47 33.52 13.22 -58.43
N LYS I 48 33.34 12.91 -57.15
CA LYS I 48 34.43 12.73 -56.20
C LYS I 48 34.12 11.51 -55.34
N ILE I 49 34.61 10.35 -55.79
CA ILE I 49 34.33 9.10 -55.11
C ILE I 49 35.24 8.98 -53.89
N HIS I 50 34.65 8.89 -52.71
CA HIS I 50 35.38 8.79 -51.45
C HIS I 50 35.49 7.34 -51.01
N ARG I 51 36.33 7.13 -50.01
CA ARG I 51 36.43 5.84 -49.33
C ARG I 51 36.32 6.13 -47.85
N PRO I 52 35.54 5.36 -47.10
CA PRO I 52 35.40 5.63 -45.67
C PRO I 52 36.77 5.85 -45.04
N ASN I 53 36.88 6.95 -44.29
CA ASN I 53 38.20 7.36 -43.79
C ASN I 53 38.80 6.29 -42.89
N TYR I 54 37.98 5.67 -42.04
CA TYR I 54 38.52 4.73 -41.08
C TYR I 54 39.17 3.54 -41.77
N TRP I 55 38.90 3.34 -43.06
CA TRP I 55 39.55 2.27 -43.79
C TRP I 55 41.06 2.40 -43.76
N SER I 56 41.57 3.63 -43.64
CA SER I 56 43.01 3.87 -43.65
C SER I 56 43.63 3.91 -42.26
N PHE I 57 42.81 4.06 -41.21
CA PHE I 57 43.34 4.04 -39.86
C PHE I 57 43.99 2.69 -39.55
N ASP I 58 43.36 1.61 -39.97
CA ASP I 58 43.96 0.28 -39.90
C ASP I 58 43.48 -0.50 -41.13
N LYS I 59 44.28 -1.48 -41.52
CA LYS I 59 43.97 -2.24 -42.72
C LYS I 59 42.83 -3.23 -42.51
N LYS I 60 42.56 -3.61 -41.26
CA LYS I 60 41.47 -4.53 -40.96
C LYS I 60 40.12 -3.82 -40.88
N PHE I 61 40.11 -2.49 -40.90
CA PHE I 61 38.88 -1.74 -41.09
C PHE I 61 38.42 -1.81 -42.54
N ASP I 62 39.37 -1.95 -43.46
CA ASP I 62 39.06 -1.97 -44.89
C ASP I 62 38.48 -3.31 -45.28
N PRO I 63 37.26 -3.35 -45.83
CA PRO I 63 36.66 -4.65 -46.16
C PRO I 63 37.44 -5.42 -47.21
N PHE I 64 38.04 -4.73 -48.17
CA PHE I 64 38.73 -5.42 -49.25
C PHE I 64 39.94 -6.18 -48.73
N TYR I 65 40.72 -5.55 -47.85
CA TYR I 65 41.86 -6.24 -47.26
C TYR I 65 41.40 -7.44 -46.43
N VAL I 66 40.35 -7.27 -45.64
CA VAL I 66 39.88 -8.35 -44.80
C VAL I 66 39.44 -9.53 -45.65
N LYS I 67 38.72 -9.26 -46.75
CA LYS I 67 38.42 -10.32 -47.69
C LYS I 67 39.67 -10.92 -48.28
N SER I 68 40.73 -10.12 -48.42
CA SER I 68 41.96 -10.64 -49.00
C SER I 68 42.57 -11.73 -48.12
N ASN I 69 42.57 -11.53 -46.81
CA ASN I 69 43.22 -12.43 -45.87
C ASN I 69 42.29 -12.81 -44.72
N TYR I 70 41.05 -13.19 -45.04
CA TYR I 70 40.13 -13.57 -43.98
C TYR I 70 40.44 -14.95 -43.42
N LYS I 71 41.06 -15.82 -44.21
CA LYS I 71 41.42 -17.14 -43.72
C LYS I 71 42.52 -17.05 -42.67
N SER I 72 43.58 -16.30 -42.95
CA SER I 72 44.63 -16.13 -41.96
C SER I 72 44.12 -15.38 -40.74
N ILE I 73 43.29 -14.37 -40.97
CA ILE I 73 42.72 -13.60 -39.87
C ILE I 73 41.94 -14.51 -38.95
N ALA I 74 41.07 -15.35 -39.51
CA ALA I 74 40.26 -16.25 -38.70
C ALA I 74 41.09 -17.34 -38.07
N ARG I 75 42.12 -17.83 -38.76
CA ARG I 75 43.02 -18.81 -38.16
C ARG I 75 43.64 -18.27 -36.89
N SER I 76 44.22 -17.07 -36.98
CA SER I 76 44.83 -16.46 -35.81
C SER I 76 43.80 -16.15 -34.74
N ILE I 77 42.61 -15.67 -35.13
CA ILE I 77 41.59 -15.35 -34.14
C ILE I 77 41.16 -16.60 -33.39
N ALA I 78 40.98 -17.70 -34.11
CA ALA I 78 40.57 -18.95 -33.47
C ALA I 78 41.65 -19.44 -32.52
N ASN I 79 42.91 -19.38 -32.94
CA ASN I 79 43.98 -19.77 -32.02
C ASN I 79 43.98 -18.88 -30.79
N LYS I 80 43.83 -17.57 -30.97
CA LYS I 80 43.86 -16.66 -29.83
C LYS I 80 42.71 -16.95 -28.88
N ILE I 81 41.52 -17.25 -29.42
CA ILE I 81 40.39 -17.58 -28.56
C ILE I 81 40.65 -18.88 -27.81
N GLU I 82 41.21 -19.88 -28.48
CA GLU I 82 41.46 -21.15 -27.82
C GLU I 82 42.56 -21.05 -26.78
N ASN I 83 43.58 -20.22 -27.02
CA ASN I 83 44.63 -20.01 -26.04
C ASN I 83 44.26 -18.93 -25.03
N ARG I 84 43.08 -18.33 -25.13
CA ARG I 84 42.62 -17.34 -24.18
C ARG I 84 43.58 -16.15 -24.13
N THR I 85 44.01 -15.72 -25.32
CA THR I 85 44.82 -14.53 -25.47
C THR I 85 44.18 -13.49 -26.38
N TYR I 86 43.00 -13.79 -26.93
CA TYR I 86 42.35 -12.85 -27.83
C TYR I 86 41.95 -11.58 -27.10
N LEU I 87 42.21 -10.45 -27.72
CA LEU I 87 41.81 -9.14 -27.23
C LEU I 87 41.42 -8.31 -28.44
N PRO I 88 40.19 -7.81 -28.53
CA PRO I 88 39.82 -7.01 -29.70
C PRO I 88 40.67 -5.75 -29.80
N ASN I 89 40.96 -5.35 -31.04
CA ASN I 89 41.73 -4.14 -31.25
C ASN I 89 40.89 -2.93 -30.86
N GLU I 90 41.50 -1.75 -30.94
CA GLU I 90 40.80 -0.55 -30.51
C GLU I 90 39.75 -0.18 -31.56
N PRO I 91 38.49 0.00 -31.18
CA PRO I 91 37.51 0.50 -32.14
C PRO I 91 37.89 1.89 -32.59
N PHE I 92 37.65 2.16 -33.87
CA PHE I 92 37.77 3.53 -34.35
C PHE I 92 36.57 4.26 -33.78
N THR I 93 36.84 5.10 -32.79
CA THR I 93 35.80 5.79 -32.06
C THR I 93 35.69 7.22 -32.53
N LYS I 94 34.47 7.74 -32.52
CA LYS I 94 34.21 9.12 -32.91
C LYS I 94 33.08 9.63 -32.02
N ASP I 95 33.45 10.50 -31.09
CA ASP I 95 32.46 11.22 -30.31
C ASP I 95 31.70 12.18 -31.23
N VAL I 96 30.37 12.17 -31.14
CA VAL I 96 29.55 13.02 -31.99
C VAL I 96 28.63 13.84 -31.10
N PRO I 97 28.42 15.12 -31.38
CA PRO I 97 27.58 15.94 -30.49
C PRO I 97 26.14 15.47 -30.48
N LYS I 98 25.54 15.46 -29.28
CA LYS I 98 24.13 15.10 -29.10
C LYS I 98 23.28 16.35 -28.93
N PRO I 99 21.98 16.27 -29.27
CA PRO I 99 21.13 17.47 -29.16
C PRO I 99 21.04 18.05 -27.76
N ASP I 100 21.10 17.20 -26.73
CA ASP I 100 21.07 17.71 -25.36
C ASP I 100 22.37 18.42 -24.98
N GLY I 101 23.40 18.35 -25.83
CA GLY I 101 24.70 18.90 -25.52
C GLY I 101 25.71 17.88 -25.03
N GLY I 102 25.30 16.62 -24.86
CA GLY I 102 26.19 15.54 -24.52
C GLY I 102 26.91 15.02 -25.75
N ILE I 103 27.59 13.90 -25.56
CA ILE I 103 28.42 13.32 -26.61
C ILE I 103 28.03 11.85 -26.74
N ARG I 104 27.71 11.42 -27.97
CA ARG I 104 27.39 10.02 -28.25
C ARG I 104 28.65 9.42 -28.83
N LYS I 105 29.21 8.43 -28.14
CA LYS I 105 30.47 7.83 -28.57
C LYS I 105 30.18 6.72 -29.57
N VAL I 106 30.33 7.02 -30.86
CA VAL I 106 30.23 6.02 -31.91
C VAL I 106 31.50 5.18 -31.87
N SER I 107 31.34 3.85 -31.96
CA SER I 107 32.48 2.93 -31.94
C SER I 107 32.33 1.95 -33.09
N ILE I 108 33.33 1.91 -33.96
CA ILE I 108 33.37 0.95 -35.07
C ILE I 108 34.52 0.00 -34.80
N TYR I 109 34.19 -1.23 -34.42
CA TYR I 109 35.22 -2.25 -34.28
C TYR I 109 35.68 -2.71 -35.65
N GLN I 110 36.91 -3.20 -35.72
CA GLN I 110 37.42 -3.70 -36.98
C GLN I 110 36.61 -4.91 -37.43
N ILE I 111 36.65 -5.17 -38.72
CA ILE I 111 35.77 -6.19 -39.29
C ILE I 111 35.92 -7.52 -38.56
N PRO I 112 37.12 -8.03 -38.29
CA PRO I 112 37.21 -9.28 -37.52
C PRO I 112 36.59 -9.17 -36.14
N ASP I 113 36.87 -8.07 -35.43
CA ASP I 113 36.34 -7.92 -34.08
C ASP I 113 34.82 -7.82 -34.10
N ALA I 114 34.27 -7.09 -35.07
CA ALA I 114 32.81 -6.97 -35.16
C ALA I 114 32.18 -8.30 -35.55
N ALA I 115 32.84 -9.06 -36.42
CA ALA I 115 32.33 -10.38 -36.78
C ALA I 115 32.31 -11.31 -35.58
N ILE I 116 33.36 -11.27 -34.75
CA ILE I 116 33.37 -12.07 -33.54
C ILE I 116 32.24 -11.62 -32.61
N SER I 117 32.07 -10.31 -32.47
CA SER I 117 31.02 -9.78 -31.61
C SER I 117 29.67 -10.30 -32.05
N LYS I 118 29.38 -10.21 -33.34
CA LYS I 118 28.11 -10.74 -33.82
C LYS I 118 28.01 -12.23 -33.54
N LEU I 119 29.01 -12.99 -33.97
CA LEU I 119 28.94 -14.45 -33.86
C LEU I 119 28.62 -14.89 -32.45
N PHE I 120 29.22 -14.26 -31.45
CA PHE I 120 29.08 -14.75 -30.09
C PHE I 120 27.90 -14.12 -29.37
N PHE I 121 27.76 -12.79 -29.45
CA PHE I 121 26.75 -12.11 -28.69
C PHE I 121 25.36 -12.28 -29.29
N ASN I 122 25.23 -12.52 -30.60
CA ASN I 122 23.93 -12.90 -31.15
C ASN I 122 23.51 -14.25 -30.58
N ARG I 123 24.44 -15.20 -30.49
CA ARG I 123 24.12 -16.48 -29.87
C ARG I 123 23.69 -16.29 -28.41
N LEU I 124 24.43 -15.45 -27.68
CA LEU I 124 24.08 -15.21 -26.29
C LEU I 124 22.70 -14.61 -26.16
N LEU I 125 22.37 -13.63 -27.00
CA LEU I 125 21.05 -13.01 -26.93
C LEU I 125 19.96 -13.99 -27.29
N ALA I 126 20.20 -14.84 -28.28
CA ALA I 126 19.21 -15.84 -28.67
C ALA I 126 18.96 -16.84 -27.56
N LYS I 127 20.01 -17.27 -26.88
CA LYS I 127 19.89 -18.31 -25.87
C LYS I 127 19.40 -17.80 -24.52
N ASN I 128 19.48 -16.48 -24.28
CA ASN I 128 19.01 -15.89 -23.03
C ASN I 128 17.83 -14.95 -23.26
N ARG I 129 17.13 -15.11 -24.39
CA ARG I 129 16.11 -14.15 -24.79
C ARG I 129 14.98 -14.07 -23.77
N HIS I 130 14.53 -15.21 -23.26
CA HIS I 130 13.41 -15.22 -22.33
C HIS I 130 13.81 -14.75 -20.94
N ARG I 131 15.10 -14.57 -20.69
CA ARG I 131 15.56 -13.98 -19.43
C ARG I 131 15.54 -12.46 -19.46
N PHE I 132 15.38 -11.86 -20.63
CA PHE I 132 15.44 -10.41 -20.76
C PHE I 132 14.03 -9.81 -20.72
N SER I 133 13.98 -8.50 -20.56
CA SER I 133 12.73 -7.79 -20.56
C SER I 133 12.18 -7.69 -21.98
N SER I 134 10.91 -7.27 -22.08
CA SER I 134 10.27 -7.18 -23.37
C SER I 134 10.86 -6.06 -24.22
N PHE I 135 10.75 -4.83 -23.74
CA PHE I 135 11.09 -3.66 -24.55
C PHE I 135 12.49 -3.13 -24.24
N SER I 136 13.51 -3.97 -24.40
CA SER I 136 14.90 -3.56 -24.26
C SER I 136 15.52 -3.54 -25.65
N TYR I 137 16.06 -2.39 -26.05
CA TYR I 137 16.63 -2.22 -27.38
C TYR I 137 17.98 -1.55 -27.26
N ALA I 138 18.84 -1.81 -28.25
CA ALA I 138 20.20 -1.31 -28.25
C ALA I 138 20.39 -0.08 -29.11
N TYR I 139 19.77 -0.04 -30.28
CA TYR I 139 19.83 1.10 -31.18
C TYR I 139 18.47 1.78 -31.20
N ARG I 140 18.48 3.10 -31.36
CA ARG I 140 17.23 3.83 -31.47
C ARG I 140 16.61 3.70 -32.85
N ASN I 141 17.35 3.15 -33.81
CA ASN I 141 16.81 2.78 -35.11
C ASN I 141 16.33 1.34 -35.16
N ASP I 142 16.44 0.60 -34.05
CA ASP I 142 15.95 -0.76 -34.01
C ASP I 142 14.48 -0.79 -34.41
N ARG I 143 14.18 -1.65 -35.38
CA ARG I 143 12.84 -1.71 -35.91
C ARG I 143 11.84 -2.10 -34.82
N ASN I 144 12.23 -3.05 -33.97
CA ASN I 144 11.36 -3.60 -32.96
C ASN I 144 11.00 -2.59 -31.88
N VAL I 145 11.69 -1.45 -31.82
CA VAL I 145 11.27 -0.43 -30.89
C VAL I 145 9.84 -0.04 -31.14
N HIS I 146 9.36 -0.17 -32.38
CA HIS I 146 7.99 0.24 -32.64
C HIS I 146 7.00 -0.56 -31.81
N PHE I 147 7.34 -1.80 -31.47
CA PHE I 147 6.45 -2.58 -30.62
C PHE I 147 6.28 -1.93 -29.26
N ALA I 148 7.38 -1.46 -28.67
CA ALA I 148 7.27 -0.73 -27.42
C ALA I 148 6.41 0.50 -27.61
N ILE I 149 6.60 1.21 -28.73
CA ILE I 149 5.76 2.37 -28.98
C ILE I 149 4.31 1.94 -29.01
N GLN I 150 4.01 0.86 -29.72
CA GLN I 150 2.63 0.39 -29.74
C GLN I 150 2.12 0.23 -28.32
N ASP I 151 2.89 -0.47 -27.49
CA ASP I 151 2.44 -0.69 -26.12
C ASP I 151 2.09 0.62 -25.45
N ILE I 152 3.01 1.57 -25.45
CA ILE I 152 2.73 2.81 -24.72
C ILE I 152 1.52 3.48 -25.33
N SER I 153 1.44 3.52 -26.65
CA SER I 153 0.30 4.15 -27.29
C SER I 153 -0.98 3.53 -26.80
N VAL I 154 -1.05 2.20 -26.82
CA VAL I 154 -2.28 1.53 -26.42
C VAL I 154 -2.63 1.93 -24.99
N ASP I 155 -1.65 1.90 -24.10
CA ASP I 155 -1.95 2.27 -22.72
C ASP I 155 -2.42 3.70 -22.65
N LEU I 156 -1.73 4.60 -23.34
CA LEU I 156 -2.09 6.00 -23.25
C LEU I 156 -3.51 6.22 -23.75
N LYS I 157 -4.03 5.30 -24.56
CA LYS I 157 -5.42 5.38 -24.97
C LYS I 157 -6.32 4.77 -23.92
N LYS I 158 -6.02 3.53 -23.51
CA LYS I 158 -6.87 2.85 -22.54
C LYS I 158 -6.80 3.55 -21.19
N ASN I 159 -5.60 3.85 -20.73
CA ASN I 159 -5.41 4.66 -19.54
C ASN I 159 -5.48 6.13 -19.96
N GLU I 160 -6.59 6.79 -19.64
CA GLU I 160 -6.74 8.18 -20.01
C GLU I 160 -5.92 9.10 -19.14
N ARG I 161 -5.26 8.57 -18.11
CA ARG I 161 -4.33 9.34 -17.27
C ARG I 161 -3.17 8.42 -16.94
N THR I 162 -1.99 8.74 -17.46
CA THR I 162 -0.82 7.87 -17.29
C THR I 162 0.36 8.71 -16.82
N PHE I 163 0.95 8.32 -15.71
CA PHE I 163 2.15 8.98 -15.21
C PHE I 163 3.37 8.37 -15.87
N LEU I 164 4.14 9.20 -16.57
CA LEU I 164 5.33 8.76 -17.28
C LEU I 164 6.56 9.41 -16.67
N ALA I 165 7.71 8.80 -16.95
CA ALA I 165 9.00 9.33 -16.53
C ALA I 165 10.06 8.88 -17.51
N GLU I 166 11.04 9.74 -17.75
CA GLU I 166 12.11 9.46 -18.70
C GLU I 166 13.46 9.59 -18.01
N PHE I 167 14.41 8.79 -18.50
CA PHE I 167 15.73 8.69 -17.92
C PHE I 167 16.79 8.55 -19.00
N ASP I 168 18.00 9.02 -18.67
CA ASP I 168 19.16 8.91 -19.52
C ASP I 168 20.16 7.97 -18.86
N PHE I 169 20.50 6.90 -19.55
CA PHE I 169 21.44 5.89 -19.07
C PHE I 169 22.81 6.05 -19.70
N SER I 170 23.09 7.20 -20.32
CA SER I 170 24.32 7.36 -21.09
C SER I 170 25.55 7.17 -20.21
N ASP I 171 25.58 7.82 -19.04
CA ASP I 171 26.74 7.69 -18.17
C ASP I 171 26.82 6.30 -17.56
N PHE I 172 25.70 5.61 -17.41
CA PHE I 172 25.76 4.24 -16.91
C PHE I 172 26.61 3.38 -17.81
N PHE I 173 26.30 3.39 -19.10
CA PHE I 173 26.97 2.53 -20.06
C PHE I 173 28.34 3.07 -20.43
N GLY I 174 28.54 4.38 -20.36
CA GLY I 174 29.87 4.94 -20.55
C GLY I 174 30.83 4.54 -19.43
N SER I 175 30.36 4.56 -18.18
CA SER I 175 31.13 4.05 -17.05
C SER I 175 30.27 3.17 -16.15
N ILE I 176 30.27 1.87 -16.42
CA ILE I 176 29.72 0.86 -15.53
C ILE I 176 30.85 -0.03 -15.07
N SER I 177 30.93 -0.25 -13.75
CA SER I 177 31.96 -1.10 -13.21
C SER I 177 31.88 -2.47 -13.87
N HIS I 178 32.99 -2.90 -14.45
CA HIS I 178 33.04 -4.21 -15.07
C HIS I 178 32.94 -5.32 -14.04
N SER I 179 33.21 -5.01 -12.77
CA SER I 179 32.99 -5.97 -11.70
C SER I 179 31.51 -6.28 -11.54
N PHE I 180 30.65 -5.27 -11.64
CA PHE I 180 29.22 -5.50 -11.56
C PHE I 180 28.76 -6.39 -12.71
N LEU I 181 29.23 -6.10 -13.92
CA LEU I 181 28.90 -6.96 -15.06
C LEU I 181 29.33 -8.39 -14.80
N ASN I 182 30.58 -8.57 -14.36
CA ASN I 182 31.08 -9.91 -14.14
C ASN I 182 30.32 -10.62 -13.04
N GLU I 183 29.82 -9.88 -12.05
CA GLU I 183 28.97 -10.48 -11.03
C GLU I 183 27.67 -11.00 -11.62
N GLN I 184 27.07 -10.24 -12.55
CA GLN I 184 25.78 -10.66 -13.09
C GLN I 184 25.88 -11.92 -13.96
N PHE I 185 27.10 -12.35 -14.31
CA PHE I 185 27.25 -13.45 -15.26
C PHE I 185 26.51 -14.71 -14.87
N ASN I 186 26.36 -14.99 -13.58
CA ASN I 186 25.81 -16.25 -13.11
C ASN I 186 24.55 -16.01 -12.29
N GLU I 187 23.70 -15.11 -12.78
CA GLU I 187 22.45 -14.78 -12.10
C GLU I 187 21.32 -14.77 -13.12
N ASN I 188 20.10 -14.89 -12.61
CA ASN I 188 18.90 -14.73 -13.43
C ASN I 188 18.77 -15.83 -14.48
N GLY I 189 19.37 -16.99 -14.23
CA GLY I 189 19.25 -18.10 -15.15
C GLY I 189 19.99 -17.91 -16.46
N PHE I 190 20.87 -16.93 -16.55
CA PHE I 190 21.61 -16.69 -17.78
C PHE I 190 22.48 -17.89 -18.11
N TYR I 191 22.58 -18.21 -19.39
CA TYR I 191 23.42 -19.30 -19.90
C TYR I 191 24.57 -18.67 -20.69
N ILE I 192 25.73 -18.52 -20.05
CA ILE I 192 26.93 -17.99 -20.68
C ILE I 192 28.00 -19.05 -20.51
N SER I 193 28.44 -19.64 -21.63
CA SER I 193 29.46 -20.68 -21.59
C SER I 193 30.81 -20.06 -21.25
N PRO I 194 31.80 -20.87 -20.83
CA PRO I 194 33.11 -20.29 -20.47
C PRO I 194 33.76 -19.50 -21.59
N GLU I 195 33.66 -19.98 -22.83
CA GLU I 195 34.25 -19.25 -23.94
C GLU I 195 33.52 -17.92 -24.18
N GLU I 196 32.21 -17.92 -24.07
CA GLU I 196 31.47 -16.66 -24.23
C GLU I 196 31.80 -15.71 -23.11
N LYS I 197 32.03 -16.23 -21.89
CA LYS I 197 32.49 -15.37 -20.81
C LYS I 197 33.86 -14.79 -21.12
N PHE I 198 34.75 -15.60 -21.70
CA PHE I 198 36.07 -15.10 -22.08
C PHE I 198 35.95 -13.99 -23.11
N ILE I 199 35.10 -14.17 -24.12
CA ILE I 199 34.92 -13.13 -25.13
C ILE I 199 34.33 -11.86 -24.51
N ILE I 200 33.36 -12.01 -23.61
CA ILE I 200 32.80 -10.85 -22.95
C ILE I 200 33.88 -10.10 -22.20
N ARG I 201 34.67 -10.83 -21.42
CA ARG I 201 35.73 -10.21 -20.64
C ARG I 201 36.81 -9.62 -21.54
N SER I 202 37.02 -10.20 -22.72
CA SER I 202 38.02 -9.65 -23.63
C SER I 202 37.57 -8.32 -24.21
N PHE I 203 36.31 -8.24 -24.63
CA PHE I 203 35.81 -6.98 -25.13
C PHE I 203 35.73 -5.93 -24.03
N LEU I 204 35.50 -6.37 -22.79
CA LEU I 204 35.51 -5.43 -21.68
C LEU I 204 36.93 -5.01 -21.31
N ARG I 205 37.91 -5.88 -21.56
CA ARG I 205 39.30 -5.58 -21.26
C ARG I 205 39.88 -4.62 -22.28
N GLU I 206 39.48 -4.76 -23.55
CA GLU I 206 39.85 -3.75 -24.53
C GLU I 206 39.31 -2.38 -24.13
N ARG I 207 38.12 -2.36 -23.54
CA ARG I 207 37.62 -1.20 -22.83
C ARG I 207 38.21 -1.22 -21.42
N LYS I 208 37.90 -0.21 -20.63
CA LYS I 208 38.32 -0.17 -19.24
C LYS I 208 37.14 -0.08 -18.30
N VAL I 209 36.24 0.87 -18.53
CA VAL I 209 34.96 0.94 -17.85
C VAL I 209 33.91 1.26 -18.89
N GLY I 210 32.69 0.81 -18.65
CA GLY I 210 31.60 1.09 -19.57
C GLY I 210 31.43 0.01 -20.61
N ILE I 211 30.25 0.02 -21.22
CA ILE I 211 29.90 -0.91 -22.31
C ILE I 211 29.98 -0.14 -23.62
N PRO I 212 30.63 -0.68 -24.64
CA PRO I 212 30.61 -0.02 -25.95
C PRO I 212 29.20 0.05 -26.51
N GLN I 213 28.76 1.26 -26.83
CA GLN I 213 27.40 1.52 -27.25
C GLN I 213 27.28 1.56 -28.77
N GLY I 214 26.09 1.23 -29.25
CA GLY I 214 25.86 1.13 -30.68
C GLY I 214 26.68 0.04 -31.33
N THR I 215 26.84 -1.10 -30.66
CA THR I 215 27.65 -2.20 -31.15
C THR I 215 26.89 -3.50 -30.99
N SER I 216 27.44 -4.57 -31.55
CA SER I 216 26.80 -5.88 -31.46
C SER I 216 26.69 -6.36 -30.01
N ILE I 217 27.65 -5.99 -29.16
CA ILE I 217 27.68 -6.50 -27.79
C ILE I 217 26.88 -5.61 -26.86
N SER I 218 26.35 -4.51 -27.35
CA SER I 218 25.68 -3.55 -26.48
C SER I 218 24.44 -4.16 -25.83
N LEU I 219 23.56 -4.77 -26.63
CA LEU I 219 22.29 -5.22 -26.07
C LEU I 219 22.50 -6.28 -25.00
N PHE I 220 23.36 -7.26 -25.25
CA PHE I 220 23.57 -8.31 -24.27
C PHE I 220 24.09 -7.76 -22.96
N LEU I 221 25.17 -6.98 -23.00
CA LEU I 221 25.73 -6.48 -21.76
C LEU I 221 24.79 -5.50 -21.06
N ALA I 222 24.05 -4.71 -21.82
CA ALA I 222 23.07 -3.81 -21.20
C ALA I 222 21.99 -4.59 -20.49
N ASN I 223 21.43 -5.61 -21.14
CA ASN I 223 20.37 -6.40 -20.54
C ASN I 223 20.91 -7.19 -19.34
N LEU I 224 22.15 -7.66 -19.43
CA LEU I 224 22.76 -8.40 -18.35
C LEU I 224 23.02 -7.49 -17.15
N THR I 225 23.35 -6.23 -17.41
CA THR I 225 23.61 -5.27 -16.34
C THR I 225 22.31 -4.78 -15.69
N CYS I 226 21.26 -4.57 -16.48
CA CYS I 226 20.03 -3.98 -16.00
C CYS I 226 18.96 -5.03 -15.66
N TRP I 227 19.37 -6.29 -15.55
CA TRP I 227 18.39 -7.35 -15.30
C TRP I 227 17.69 -7.17 -13.96
N LYS I 228 18.42 -6.73 -12.93
CA LYS I 228 17.79 -6.52 -11.64
C LYS I 228 16.94 -5.27 -11.61
N LEU I 229 17.35 -4.21 -12.32
CA LEU I 229 16.49 -3.04 -12.44
C LEU I 229 15.18 -3.40 -13.14
N ASP I 230 15.27 -4.21 -14.19
CA ASP I 230 14.06 -4.65 -14.87
C ASP I 230 13.18 -5.49 -13.96
N GLN I 231 13.77 -6.40 -13.20
CA GLN I 231 12.94 -7.22 -12.32
C GLN I 231 12.26 -6.38 -11.25
N ASP I 232 12.99 -5.43 -10.66
CA ASP I 232 12.40 -4.58 -9.63
C ASP I 232 11.28 -3.73 -10.20
N LEU I 233 11.50 -3.15 -11.38
CA LEU I 233 10.47 -2.33 -11.99
C LEU I 233 9.26 -3.17 -12.36
N GLU I 234 9.47 -4.41 -12.76
CA GLU I 234 8.35 -5.28 -13.11
C GLU I 234 7.56 -5.70 -11.88
N ARG I 235 8.24 -5.90 -10.75
CA ARG I 235 7.50 -6.17 -9.52
C ARG I 235 6.75 -4.94 -9.04
N GLU I 236 7.30 -3.74 -9.24
CA GLU I 236 6.56 -2.54 -8.88
C GLU I 236 5.30 -2.35 -9.73
N GLY I 237 5.17 -3.08 -10.83
CA GLY I 237 4.03 -2.95 -11.69
C GLY I 237 4.16 -1.87 -12.73
N VAL I 238 5.31 -1.19 -12.80
CA VAL I 238 5.53 -0.18 -13.81
C VAL I 238 5.93 -0.86 -15.11
N LYS I 239 5.51 -0.28 -16.22
CA LYS I 239 5.91 -0.76 -17.52
C LYS I 239 7.03 0.15 -18.01
N PHE I 240 7.97 -0.41 -18.77
CA PHE I 240 9.12 0.38 -19.15
C PHE I 240 9.71 -0.14 -20.45
N SER I 241 10.50 0.73 -21.08
CA SER I 241 11.22 0.41 -22.29
C SER I 241 12.55 1.13 -22.28
N ARG I 242 13.63 0.40 -22.53
CA ARG I 242 14.94 0.99 -22.70
C ARG I 242 15.31 0.93 -24.18
N TYR I 243 15.69 2.07 -24.75
CA TYR I 243 16.19 2.14 -26.12
C TYR I 243 17.48 2.93 -26.11
N ALA I 244 18.58 2.27 -26.50
CA ALA I 244 19.92 2.87 -26.49
C ALA I 244 20.16 3.41 -25.08
N ASP I 245 20.46 4.69 -24.90
CA ASP I 245 20.75 5.27 -23.59
C ASP I 245 19.54 5.96 -23.00
N ASP I 246 18.34 5.52 -23.36
CA ASP I 246 17.11 6.16 -22.91
C ASP I 246 16.21 5.13 -22.27
N THR I 247 15.43 5.55 -21.29
CA THR I 247 14.45 4.67 -20.66
C THR I 247 13.18 5.45 -20.37
N ILE I 248 12.04 4.87 -20.68
CA ILE I 248 10.75 5.46 -20.37
C ILE I 248 9.98 4.46 -19.51
N ILE I 249 9.53 4.92 -18.33
CA ILE I 249 8.73 4.12 -17.42
C ILE I 249 7.38 4.80 -17.24
N TRP I 250 6.31 4.07 -17.51
CA TRP I 250 4.95 4.57 -17.39
C TRP I 250 4.12 3.66 -16.49
N SER I 251 3.10 4.27 -15.87
CA SER I 251 2.18 3.58 -14.97
C SER I 251 0.89 4.37 -14.92
N GLN I 252 -0.12 3.78 -14.32
CA GLN I 252 -1.36 4.49 -14.00
C GLN I 252 -1.37 5.05 -12.58
N GLU I 253 -0.28 4.88 -11.83
CA GLU I 253 -0.19 5.33 -10.45
C GLU I 253 1.03 6.22 -10.28
N TYR I 254 0.87 7.28 -9.48
CA TYR I 254 1.99 8.16 -9.17
C TYR I 254 2.98 7.52 -8.20
N SER I 255 2.46 6.82 -7.19
CA SER I 255 3.34 6.13 -6.26
C SER I 255 4.26 5.17 -6.99
N LYS I 256 3.73 4.48 -8.00
CA LYS I 256 4.55 3.53 -8.74
C LYS I 256 5.72 4.22 -9.42
N ILE I 257 5.47 5.35 -10.08
CA ILE I 257 6.56 6.00 -10.80
C ILE I 257 7.59 6.56 -9.83
N CYS I 258 7.14 7.09 -8.69
CA CYS I 258 8.12 7.55 -7.70
C CYS I 258 8.94 6.40 -7.16
N ASN I 259 8.31 5.26 -6.90
CA ASN I 259 9.05 4.09 -6.45
C ASN I 259 10.02 3.62 -7.53
N ALA I 260 9.65 3.75 -8.80
CA ALA I 260 10.56 3.41 -9.88
C ALA I 260 11.77 4.34 -9.86
N PHE I 261 11.55 5.62 -9.57
CA PHE I 261 12.65 6.55 -9.42
C PHE I 261 13.59 6.07 -8.32
N ASN I 262 13.03 5.67 -7.18
CA ASN I 262 13.85 5.15 -6.09
C ASN I 262 14.61 3.90 -6.52
N ILE I 263 13.95 3.02 -7.26
CA ILE I 263 14.60 1.79 -7.73
C ILE I 263 15.79 2.14 -8.60
N ILE I 264 15.61 3.08 -9.53
CA ILE I 264 16.70 3.46 -10.42
C ILE I 264 17.85 4.05 -9.61
N THR I 265 17.54 4.88 -8.62
CA THR I 265 18.60 5.46 -7.81
C THR I 265 19.36 4.38 -7.04
N ASN I 266 18.65 3.42 -6.47
CA ASN I 266 19.32 2.35 -5.73
C ASN I 266 20.19 1.51 -6.65
N PHE I 267 19.69 1.19 -7.84
CA PHE I 267 20.47 0.42 -8.81
C PHE I 267 21.68 1.22 -9.27
N SER I 268 21.54 2.55 -9.36
CA SER I 268 22.67 3.40 -9.67
C SER I 268 23.74 3.31 -8.59
N LYS I 269 23.32 3.36 -7.33
CA LYS I 269 24.29 3.23 -6.25
C LYS I 269 24.97 1.87 -6.27
N SER I 270 24.20 0.81 -6.49
CA SER I 270 24.79 -0.52 -6.58
C SER I 270 25.80 -0.60 -7.72
N ALA I 271 25.56 0.15 -8.80
CA ALA I 271 26.46 0.15 -9.94
C ALA I 271 27.66 1.06 -9.76
N GLY I 272 27.66 1.91 -8.74
CA GLY I 272 28.74 2.88 -8.58
C GLY I 272 28.71 4.02 -9.56
N ILE I 273 27.59 4.21 -10.27
CA ILE I 273 27.47 5.25 -11.28
C ILE I 273 26.02 5.67 -11.41
N LYS I 274 25.79 6.93 -11.80
CA LYS I 274 24.49 7.56 -11.64
C LYS I 274 23.70 7.59 -12.95
N ILE I 275 22.38 7.53 -12.81
CA ILE I 275 21.42 7.69 -13.90
C ILE I 275 20.59 8.93 -13.62
N ASN I 276 20.54 9.83 -14.60
CA ASN I 276 19.87 11.11 -14.43
C ASN I 276 18.69 11.23 -15.38
N PRO I 277 17.56 11.76 -14.93
CA PRO I 277 16.43 11.99 -15.84
C PRO I 277 16.76 13.07 -16.86
N LYS I 278 16.06 13.01 -17.97
CA LYS I 278 16.21 13.99 -19.03
C LYS I 278 15.93 15.39 -18.49
N GLY I 282 11.36 15.13 -16.51
CA GLY I 282 11.64 13.90 -15.79
C GLY I 282 10.40 13.07 -15.52
N ILE I 283 9.45 13.62 -14.78
CA ILE I 283 8.21 12.94 -14.42
C ILE I 283 7.01 13.84 -14.70
N SER I 284 5.99 13.28 -15.36
CA SER I 284 4.83 14.05 -15.77
C SER I 284 3.63 13.12 -15.90
N LEU I 285 2.47 13.70 -16.22
CA LEU I 285 1.23 12.96 -16.39
C LEU I 285 0.63 13.32 -17.74
N LEU I 286 0.27 12.29 -18.51
CA LEU I 286 -0.41 12.45 -19.79
C LEU I 286 -1.89 12.17 -19.61
N THR I 287 -2.72 13.13 -20.00
CA THR I 287 -4.16 13.06 -19.81
C THR I 287 -4.84 13.39 -21.13
N LYS I 288 -6.12 13.03 -21.22
CA LYS I 288 -6.89 13.41 -22.39
C LYS I 288 -6.85 14.93 -22.55
N LYS I 289 -6.69 15.38 -23.79
CA LYS I 289 -6.60 16.82 -24.02
C LYS I 289 -7.86 17.50 -23.51
N GLY I 290 -7.68 18.69 -22.97
CA GLY I 290 -8.77 19.42 -22.34
C GLY I 290 -8.87 19.14 -20.86
N LEU I 291 -8.82 17.87 -20.47
CA LEU I 291 -8.86 17.54 -19.06
C LEU I 291 -7.64 18.13 -18.36
N PRO I 292 -7.78 18.65 -17.14
CA PRO I 292 -6.63 19.27 -16.46
C PRO I 292 -5.74 18.25 -15.77
N SER I 293 -4.75 18.73 -15.02
CA SER I 293 -3.83 17.85 -14.32
C SER I 293 -3.44 18.46 -12.99
N GLU I 294 -3.03 17.59 -12.07
CA GLU I 294 -2.60 18.04 -10.75
C GLU I 294 -1.12 18.40 -10.78
N ILE I 295 -0.31 17.43 -11.16
CA ILE I 295 1.13 17.52 -11.25
C ILE I 295 1.49 18.19 -12.57
N THR I 296 2.74 18.59 -12.73
CA THR I 296 3.18 19.07 -14.04
C THR I 296 2.83 18.03 -15.08
N SER I 297 2.13 18.48 -16.13
CA SER I 297 1.56 17.55 -17.09
C SER I 297 1.91 17.98 -18.51
N LYS I 298 1.95 16.99 -19.39
CA LYS I 298 2.13 17.19 -20.81
C LYS I 298 1.21 16.23 -21.52
N ASN I 299 0.53 16.71 -22.56
CA ASN I 299 -0.44 15.90 -23.30
C ASN I 299 0.18 15.29 -24.55
N ASN I 300 1.50 15.25 -24.63
CA ASN I 300 2.20 14.71 -25.78
C ASN I 300 3.58 14.24 -25.32
N LEU I 301 3.97 13.05 -25.77
CA LEU I 301 5.24 12.43 -25.41
C LEU I 301 6.04 12.14 -26.67
N ASP I 302 7.29 12.58 -26.71
CA ASP I 302 8.14 12.38 -27.88
C ASP I 302 8.91 11.07 -27.73
N PHE I 303 8.44 10.03 -28.42
CA PHE I 303 9.07 8.71 -28.44
C PHE I 303 9.68 8.52 -29.83
N LEU I 304 10.98 8.73 -29.94
CA LEU I 304 11.72 8.64 -31.21
C LEU I 304 11.09 9.65 -32.17
N GLY I 305 10.64 9.24 -33.37
CA GLY I 305 10.08 10.17 -34.32
C GLY I 305 8.57 10.22 -34.20
N TYR I 306 8.05 9.87 -33.03
CA TYR I 306 6.62 9.88 -32.77
C TYR I 306 6.29 10.86 -31.66
N THR I 307 5.14 11.51 -31.79
CA THR I 307 4.50 12.19 -30.68
C THR I 307 3.26 11.38 -30.32
N LEU I 308 3.31 10.74 -29.16
CA LEU I 308 2.25 9.87 -28.68
C LEU I 308 1.40 10.63 -27.68
N SER I 309 0.10 10.63 -27.91
CA SER I 309 -0.84 11.32 -27.04
C SER I 309 -1.98 10.36 -26.71
N VAL I 310 -2.77 10.74 -25.70
CA VAL I 310 -3.86 9.89 -25.27
C VAL I 310 -4.85 9.66 -26.40
N GLU I 311 -4.85 10.50 -27.43
CA GLU I 311 -5.81 10.41 -28.51
C GLU I 311 -5.24 9.80 -29.77
N ASN I 312 -4.03 10.21 -30.18
CA ASN I 312 -3.49 9.81 -31.46
C ASN I 312 -2.01 9.51 -31.31
N VAL I 313 -1.47 8.90 -32.36
CA VAL I 313 -0.04 8.79 -32.58
C VAL I 313 0.27 9.62 -33.81
N SER I 314 1.18 10.58 -33.66
CA SER I 314 1.50 11.50 -34.74
C SER I 314 3.01 11.50 -34.95
N ILE I 315 3.44 12.15 -36.02
CA ILE I 315 4.86 12.32 -36.28
C ILE I 315 5.37 13.50 -35.46
N LYS I 316 6.51 13.31 -34.82
CA LYS I 316 7.11 14.39 -34.04
C LYS I 316 7.35 15.61 -34.91
N GLU I 317 7.38 16.77 -34.26
CA GLU I 317 7.53 18.03 -34.98
C GLU I 317 8.89 18.13 -35.66
N LYS I 318 9.95 17.66 -35.02
CA LYS I 318 11.25 17.60 -35.68
C LYS I 318 11.19 16.71 -36.91
N SER I 319 10.49 15.59 -36.83
CA SER I 319 10.39 14.68 -37.97
C SER I 319 9.58 15.31 -39.11
N VAL I 320 8.51 16.03 -38.78
CA VAL I 320 7.74 16.71 -39.82
C VAL I 320 8.60 17.78 -40.47
N LYS I 321 9.41 18.49 -39.68
CA LYS I 321 10.35 19.44 -40.25
C LYS I 321 11.34 18.76 -41.17
N LYS I 322 11.83 17.59 -40.80
CA LYS I 322 12.78 16.88 -41.65
C LYS I 322 12.14 16.46 -42.97
N ILE I 323 10.90 15.99 -42.91
CA ILE I 323 10.17 15.59 -44.11
C ILE I 323 9.96 16.79 -45.02
N LYS I 324 9.53 17.92 -44.44
CA LYS I 324 9.33 19.13 -45.21
C LYS I 324 10.63 19.60 -45.80
N LYS I 325 11.73 19.47 -45.05
CA LYS I 325 13.03 19.85 -45.58
C LYS I 325 13.38 19.04 -46.81
N GLN I 326 13.15 17.73 -46.76
CA GLN I 326 13.49 16.89 -47.91
C GLN I 326 12.64 17.24 -49.12
N ILE I 327 11.33 17.37 -48.93
CA ILE I 327 10.47 17.68 -50.08
C ILE I 327 10.81 19.04 -50.65
N SER I 328 10.98 20.04 -49.79
CA SER I 328 11.29 21.38 -50.23
C SER I 328 12.63 21.41 -50.96
N TYR I 329 13.63 20.67 -50.46
CA TYR I 329 14.91 20.66 -51.16
C TYR I 329 14.80 19.93 -52.48
N ILE I 330 13.96 18.90 -52.57
CA ILE I 330 13.77 18.24 -53.86
C ILE I 330 13.30 19.26 -54.88
N LEU I 331 12.25 20.02 -54.53
CA LEU I 331 11.71 21.00 -55.47
C LEU I 331 12.71 22.11 -55.73
N TYR I 332 13.44 22.58 -54.72
CA TYR I 332 14.43 23.61 -54.91
C TYR I 332 15.54 23.14 -55.86
N ARG I 333 16.07 21.95 -55.61
CA ARG I 333 17.18 21.43 -56.39
C ARG I 333 16.78 21.21 -57.84
N ASN I 334 15.56 20.74 -58.07
CA ASN I 334 15.16 20.41 -59.42
C ASN I 334 14.58 21.59 -60.19
N LEU I 335 14.03 22.59 -59.51
CA LEU I 335 13.27 23.64 -60.17
C LEU I 335 13.77 25.05 -59.91
N ILE I 336 14.64 25.27 -58.93
CA ILE I 336 15.07 26.63 -58.61
C ILE I 336 16.59 26.73 -58.67
N GLN I 337 17.29 25.85 -57.97
CA GLN I 337 18.75 25.90 -57.91
C GLN I 337 19.40 25.95 -59.29
N PRO I 338 19.03 25.10 -60.25
CA PRO I 338 19.70 25.16 -61.55
C PRO I 338 19.58 26.52 -62.20
N LEU I 339 18.47 27.20 -61.96
CA LEU I 339 18.21 28.50 -62.56
C LEU I 339 18.77 29.66 -61.75
N LYS I 340 19.37 29.38 -60.59
CA LYS I 340 20.05 30.41 -59.81
C LYS I 340 21.56 30.36 -60.02
N LYS I 341 22.01 29.61 -61.02
CA LYS I 341 23.42 29.53 -61.37
C LYS I 341 23.80 30.74 -62.24
N THR I 342 25.10 30.95 -62.38
CA THR I 342 25.58 32.08 -63.16
C THR I 342 25.17 31.95 -64.62
N SER I 343 25.40 30.78 -65.21
CA SER I 343 25.01 30.50 -66.58
C SER I 343 24.06 29.31 -66.61
N LEU I 344 23.19 29.30 -67.62
CA LEU I 344 22.28 28.18 -67.84
C LEU I 344 22.76 27.29 -68.99
N ALA I 345 24.06 27.21 -69.19
CA ALA I 345 24.62 26.38 -70.26
C ALA I 345 24.38 24.91 -69.95
N GLY I 346 23.79 24.18 -70.91
CA GLY I 346 23.60 22.76 -70.74
C GLY I 346 22.46 22.38 -69.82
N GLN I 347 21.63 23.33 -69.42
CA GLN I 347 20.45 23.07 -68.60
C GLN I 347 19.21 23.22 -69.47
N THR I 348 18.53 22.10 -69.72
CA THR I 348 17.30 22.12 -70.49
C THR I 348 16.28 23.05 -69.86
N ILE I 349 15.68 23.90 -70.68
CA ILE I 349 14.66 24.84 -70.24
C ILE I 349 13.29 24.21 -70.47
N PRO I 350 12.32 24.39 -69.56
CA PRO I 350 10.97 23.92 -69.84
C PRO I 350 10.38 24.62 -71.06
N ALA I 351 9.74 23.83 -71.91
CA ALA I 351 9.08 24.37 -73.09
C ALA I 351 8.09 23.33 -73.59
N ASN I 352 7.26 23.74 -74.54
CA ASN I 352 6.33 22.81 -75.19
C ASN I 352 5.40 22.17 -74.17
N ASP I 353 5.06 22.90 -73.11
CA ASP I 353 4.21 22.39 -72.03
C ASP I 353 4.82 21.15 -71.37
N ARG I 354 6.15 21.06 -71.31
CA ARG I 354 6.82 19.95 -70.65
C ARG I 354 7.97 20.50 -69.83
N ASP I 355 7.96 20.23 -68.53
CA ASP I 355 9.06 20.58 -67.64
C ASP I 355 9.61 19.27 -67.10
N LYS I 356 10.73 18.82 -67.65
CA LYS I 356 11.32 17.57 -67.20
C LYS I 356 11.74 17.67 -65.73
N ASN I 357 12.27 18.83 -65.34
CA ASN I 357 12.64 19.03 -63.94
C ASN I 357 11.46 18.78 -63.01
N PHE I 358 10.25 19.15 -63.43
CA PHE I 358 9.08 18.92 -62.59
C PHE I 358 8.75 17.43 -62.49
N LEU I 359 8.90 16.69 -63.59
CA LEU I 359 8.73 15.24 -63.49
C LEU I 359 9.77 14.63 -62.55
N ILE I 360 11.03 15.07 -62.66
CA ILE I 360 12.07 14.53 -61.78
C ILE I 360 11.76 14.84 -60.33
N ALA I 361 11.32 16.06 -60.04
CA ALA I 361 11.02 16.44 -58.67
C ALA I 361 9.82 15.66 -58.12
N ILE I 362 8.76 15.54 -58.92
CA ILE I 362 7.59 14.81 -58.44
C ILE I 362 7.95 13.35 -58.19
N CYS I 363 8.78 12.76 -59.05
CA CYS I 363 9.16 11.38 -58.86
C CYS I 363 10.07 11.22 -57.64
N GLU I 364 10.95 12.18 -57.40
CA GLU I 364 11.79 12.14 -56.20
C GLU I 364 10.92 12.22 -54.95
N ILE I 365 9.91 13.07 -54.95
CA ILE I 365 9.03 13.17 -53.79
C ILE I 365 8.23 11.88 -53.63
N ARG I 366 7.82 11.27 -54.75
CA ARG I 366 7.09 10.00 -54.67
C ARG I 366 7.95 8.90 -54.08
N ARG I 367 9.23 8.85 -54.48
CA ARG I 367 10.14 7.87 -53.89
C ARG I 367 10.31 8.13 -52.41
N TYR I 368 10.57 9.37 -52.03
CA TYR I 368 10.77 9.71 -50.64
C TYR I 368 9.54 9.39 -49.80
N MET I 369 8.35 9.59 -50.36
CA MET I 369 7.10 9.41 -49.62
C MET I 369 6.54 8.00 -49.81
N TYR I 370 6.25 7.64 -51.06
CA TYR I 370 5.58 6.38 -51.33
C TYR I 370 6.56 5.23 -51.51
N GLY I 371 7.78 5.54 -51.93
CA GLY I 371 8.68 4.53 -52.43
C GLY I 371 8.56 4.30 -53.91
N GLY I 372 7.79 5.12 -54.60
CA GLY I 372 7.54 4.98 -56.02
C GLY I 372 6.17 4.41 -56.35
N LEU I 373 5.35 4.14 -55.35
CA LEU I 373 4.04 3.58 -55.61
C LEU I 373 3.16 4.59 -56.33
N SER I 374 2.30 4.07 -57.20
CA SER I 374 1.30 4.88 -57.86
C SER I 374 0.00 4.82 -57.06
N LYS I 375 -0.79 5.88 -57.16
CA LYS I 375 -2.06 5.90 -56.46
C LYS I 375 -2.97 4.78 -56.94
N SER I 376 -2.81 4.35 -58.19
CA SER I 376 -3.54 3.19 -58.66
C SER I 376 -3.13 1.93 -57.90
N GLN I 377 -1.83 1.76 -57.67
CA GLN I 377 -1.37 0.60 -56.90
C GLN I 377 -1.92 0.64 -55.48
N ILE I 378 -1.86 1.80 -54.82
CA ILE I 378 -2.32 1.90 -53.45
C ILE I 378 -3.82 1.62 -53.38
N LYS I 379 -4.59 2.15 -54.33
CA LYS I 379 -6.02 1.89 -54.31
C LYS I 379 -6.34 0.44 -54.67
N ASP I 380 -5.53 -0.18 -55.52
CA ASP I 380 -5.72 -1.60 -55.80
C ASP I 380 -5.55 -2.40 -54.52
N TYR I 381 -4.54 -2.05 -53.72
CA TYR I 381 -4.35 -2.75 -52.45
C TYR I 381 -5.48 -2.44 -51.48
N LEU I 382 -5.94 -1.20 -51.44
CA LEU I 382 -6.98 -0.80 -50.51
C LEU I 382 -8.35 -1.28 -50.89
N SER I 383 -8.54 -1.75 -52.12
CA SER I 383 -9.83 -2.24 -52.57
C SER I 383 -9.95 -3.75 -52.48
N GLY I 384 -8.85 -4.47 -52.65
CA GLY I 384 -8.87 -5.91 -52.65
C GLY I 384 -8.30 -6.45 -53.94
N ARG I 385 -8.12 -5.57 -54.92
CA ARG I 385 -7.61 -6.01 -56.22
C ARG I 385 -6.21 -6.60 -56.07
N SER I 386 -5.35 -5.93 -55.32
CA SER I 386 -4.00 -6.41 -55.03
C SER I 386 -3.96 -6.98 -53.62
N ASN I 387 -3.24 -8.08 -53.46
CA ASN I 387 -3.11 -8.73 -52.17
C ASN I 387 -1.83 -8.33 -51.45
N ARG I 388 -1.08 -7.39 -52.00
CA ARG I 388 0.21 -7.01 -51.43
C ARG I 388 0.67 -5.68 -52.02
N LEU I 389 1.23 -4.84 -51.15
CA LEU I 389 1.81 -3.56 -51.53
C LEU I 389 3.12 -3.39 -50.80
N TYR I 390 4.19 -3.02 -51.51
CA TYR I 390 5.46 -2.81 -50.85
C TYR I 390 5.40 -1.47 -50.13
N PHE I 391 5.79 -1.45 -48.87
CA PHE I 391 5.75 -0.25 -48.06
C PHE I 391 7.18 0.24 -47.88
N LYS I 392 7.53 1.30 -48.61
CA LYS I 392 8.84 1.92 -48.52
C LYS I 392 8.65 3.42 -48.40
N GLY I 393 9.74 4.17 -48.38
CA GLY I 393 9.65 5.61 -48.23
C GLY I 393 9.58 6.02 -46.77
N ILE I 394 9.29 7.31 -46.59
CA ILE I 394 9.32 7.90 -45.26
C ILE I 394 8.27 7.25 -44.37
N MET I 395 7.08 6.99 -44.90
CA MET I 395 5.99 6.47 -44.08
C MET I 395 6.25 5.05 -43.61
N SER I 396 7.22 4.35 -44.18
CA SER I 396 7.60 3.05 -43.64
C SER I 396 8.28 3.18 -42.28
N PHE I 397 8.78 4.37 -41.94
CA PHE I 397 9.40 4.62 -40.65
C PHE I 397 8.42 5.13 -39.62
N TYR I 398 7.19 5.44 -40.02
CA TYR I 398 6.16 5.94 -39.12
C TYR I 398 4.91 5.11 -39.30
N PRO I 399 5.01 3.79 -39.13
CA PRO I 399 3.86 2.91 -39.39
C PRO I 399 2.74 3.05 -38.40
N LEU I 400 2.97 3.63 -37.22
CA LEU I 400 1.96 3.68 -36.17
C LEU I 400 1.23 5.01 -36.14
N VAL I 401 1.45 5.88 -37.13
CA VAL I 401 0.77 7.17 -37.16
C VAL I 401 -0.70 6.96 -37.46
N ASN I 402 -1.56 7.62 -36.68
CA ASN I 402 -3.00 7.55 -36.89
C ASN I 402 -3.64 8.94 -36.83
N ASP I 403 -2.86 10.00 -37.01
CA ASP I 403 -3.37 11.37 -37.00
C ASP I 403 -3.64 11.79 -38.44
N VAL I 404 -4.91 11.72 -38.83
CA VAL I 404 -5.29 12.08 -40.20
C VAL I 404 -5.11 13.57 -40.43
N GLU I 405 -5.32 14.39 -39.41
CA GLU I 405 -5.20 15.84 -39.59
C GLU I 405 -3.77 16.25 -39.94
N GLN I 406 -2.78 15.65 -39.27
CA GLN I 406 -1.39 15.97 -39.59
C GLN I 406 -1.07 15.64 -41.04
N LEU I 407 -1.50 14.46 -41.50
CA LEU I 407 -1.21 14.07 -42.87
C LEU I 407 -1.95 14.95 -43.87
N LYS I 408 -3.16 15.37 -43.51
CA LYS I 408 -3.92 16.26 -44.37
C LYS I 408 -3.23 17.62 -44.49
N GLN I 409 -2.70 18.11 -43.38
CA GLN I 409 -1.98 19.38 -43.40
C GLN I 409 -0.70 19.26 -44.22
N LEU I 410 -0.01 18.12 -44.12
CA LEU I 410 1.18 17.92 -44.95
C LEU I 410 0.83 17.81 -46.42
N ASP I 411 -0.32 17.22 -46.76
CA ASP I 411 -0.78 17.22 -48.14
C ASP I 411 -0.94 18.66 -48.64
N GLY I 412 -1.65 19.49 -47.87
CA GLY I 412 -1.79 20.88 -48.25
C GLY I 412 -0.45 21.56 -48.42
N TRP I 413 0.48 21.30 -47.51
CA TRP I 413 1.81 21.92 -47.59
C TRP I 413 2.55 21.50 -48.84
N ILE I 414 2.44 20.22 -49.22
CA ILE I 414 3.10 19.76 -50.43
C ILE I 414 2.54 20.51 -51.64
N VAL I 415 1.22 20.61 -51.73
CA VAL I 415 0.64 21.29 -52.89
C VAL I 415 1.07 22.74 -52.92
N SER I 416 1.04 23.42 -51.77
CA SER I 416 1.39 24.83 -51.72
C SER I 416 2.85 25.05 -52.09
N VAL I 417 3.74 24.20 -51.59
CA VAL I 417 5.15 24.36 -51.91
C VAL I 417 5.41 24.07 -53.38
N ILE I 418 4.71 23.10 -53.95
CA ILE I 418 4.85 22.84 -55.38
C ILE I 418 4.46 24.09 -56.17
N TYR I 419 3.32 24.68 -55.80
CA TYR I 419 2.87 25.88 -56.50
C TYR I 419 3.89 27.00 -56.39
N ARG I 420 4.39 27.24 -55.17
CA ARG I 420 5.29 28.36 -54.94
C ARG I 420 6.62 28.17 -55.65
N ALA I 421 7.18 26.96 -55.58
CA ALA I 421 8.44 26.70 -56.25
C ALA I 421 8.29 26.81 -57.76
N LEU I 422 7.18 26.31 -58.31
CA LEU I 422 6.95 26.46 -59.74
C LEU I 422 6.81 27.94 -60.11
N LYS I 423 6.18 28.72 -59.24
CA LYS I 423 6.01 30.14 -59.50
C LYS I 423 7.36 30.85 -59.54
N LEU I 424 8.20 30.59 -58.53
CA LEU I 424 9.54 31.18 -58.53
C LEU I 424 10.35 30.68 -59.72
N ARG I 425 10.14 29.44 -60.14
CA ARG I 425 10.83 28.94 -61.33
C ARG I 425 10.41 29.72 -62.57
N CYS I 426 9.12 30.00 -62.70
CA CYS I 426 8.64 30.82 -63.81
C CYS I 426 9.25 32.21 -63.75
N GLN I 427 9.32 32.79 -62.55
CA GLN I 427 9.90 34.12 -62.41
C GLN I 427 11.37 34.12 -62.83
N LEU I 428 12.15 33.15 -62.34
CA LEU I 428 13.56 33.10 -62.70
C LEU I 428 13.73 32.84 -64.18
N LEU I 429 12.90 31.97 -64.76
CA LEU I 429 13.00 31.70 -66.18
C LEU I 429 12.74 32.96 -66.99
N SER I 430 11.70 33.71 -66.63
CA SER I 430 11.43 34.96 -67.33
C SER I 430 12.58 35.94 -67.14
N LYS I 431 13.23 35.92 -65.98
CA LYS I 431 14.40 36.77 -65.79
C LYS I 431 15.51 36.39 -66.74
N TRP I 432 15.73 35.09 -66.93
CA TRP I 432 16.72 34.64 -67.91
C TRP I 432 16.28 34.98 -69.34
N GLY I 433 14.98 35.05 -69.59
CA GLY I 433 14.48 35.48 -70.87
C GLY I 433 13.38 34.61 -71.44
N TYR I 434 12.99 33.56 -70.73
CA TYR I 434 12.03 32.59 -71.23
C TYR I 434 10.71 32.80 -70.51
N ASN I 435 9.67 33.19 -71.26
CA ASN I 435 8.34 33.36 -70.71
C ASN I 435 7.57 32.06 -70.83
N ARG I 436 7.19 31.47 -69.70
CA ARG I 436 6.50 30.18 -69.70
C ARG I 436 5.30 30.16 -68.76
N SER I 437 4.75 31.32 -68.40
CA SER I 437 3.63 31.35 -67.47
C SER I 437 2.41 30.65 -68.06
N HIS I 438 2.26 30.67 -69.38
CA HIS I 438 1.13 30.00 -70.02
C HIS I 438 1.31 28.49 -70.11
N ASN I 439 2.53 27.99 -70.01
CA ASN I 439 2.78 26.57 -70.20
C ASN I 439 2.18 25.78 -69.04
N PHE I 440 2.04 24.47 -69.25
CA PHE I 440 1.37 23.66 -68.23
C PHE I 440 2.02 23.77 -66.86
N PRO I 441 3.33 23.62 -66.70
CA PRO I 441 3.85 23.53 -65.34
C PRO I 441 3.53 24.76 -64.52
N PHE I 442 3.46 25.92 -65.16
CA PHE I 442 3.40 27.20 -64.48
C PHE I 442 2.04 27.89 -64.59
N ILE I 443 1.06 27.27 -65.22
CA ILE I 443 -0.25 27.92 -65.40
C ILE I 443 -1.23 27.46 -64.33
N LEU I 444 -1.02 26.30 -63.73
CA LEU I 444 -2.00 25.73 -62.82
C LEU I 444 -2.10 26.55 -61.55
N ASP I 445 -3.31 26.84 -61.12
CA ASP I 445 -3.54 27.42 -59.81
C ASP I 445 -3.37 26.36 -58.73
N ARG I 446 -3.06 26.81 -57.51
CA ARG I 446 -2.79 25.86 -56.44
C ARG I 446 -3.95 24.91 -56.22
N GLU I 447 -5.18 25.36 -56.43
CA GLU I 447 -6.35 24.50 -56.29
C GLU I 447 -6.58 23.63 -57.52
N ASP I 448 -5.69 23.69 -58.51
CA ASP I 448 -5.82 22.89 -59.72
C ASP I 448 -4.65 21.96 -59.95
N ILE I 449 -3.57 22.09 -59.18
CA ILE I 449 -2.37 21.29 -59.44
C ILE I 449 -2.68 19.81 -59.34
N VAL I 450 -3.35 19.40 -58.27
CA VAL I 450 -3.54 17.97 -58.01
C VAL I 450 -4.37 17.35 -59.13
N ASP I 451 -5.48 17.97 -59.51
CA ASP I 451 -6.34 17.40 -60.54
C ASP I 451 -5.62 17.33 -61.88
N LYS I 452 -5.03 18.43 -62.31
CA LYS I 452 -4.37 18.49 -63.60
C LYS I 452 -3.26 17.46 -63.67
N CYS I 453 -2.44 17.39 -62.62
CA CYS I 453 -1.34 16.44 -62.59
C CYS I 453 -1.86 15.01 -62.56
N SER I 454 -2.98 14.78 -61.89
CA SER I 454 -3.56 13.44 -61.86
C SER I 454 -3.95 13.00 -63.26
N LYS I 455 -4.42 13.94 -64.08
CA LYS I 455 -4.82 13.57 -65.44
C LYS I 455 -3.64 13.31 -66.36
N LYS I 456 -2.54 14.04 -66.22
CA LYS I 456 -1.43 13.86 -67.15
C LYS I 456 -0.86 12.45 -67.10
N THR I 457 -0.52 11.93 -68.28
CA THR I 457 0.01 10.58 -68.44
C THR I 457 1.17 10.60 -69.42
N ILE I 458 2.33 10.16 -68.95
CA ILE I 458 3.52 9.98 -69.79
C ILE I 458 3.85 8.50 -69.81
N ALA I 459 3.95 7.94 -71.03
CA ALA I 459 4.14 6.51 -71.25
C ALA I 459 2.99 5.69 -70.69
N GLY I 460 1.80 6.28 -70.59
CA GLY I 460 0.67 5.56 -70.05
C GLY I 460 0.63 5.46 -68.54
N ARG I 461 1.58 6.11 -67.85
CA ARG I 461 1.67 6.08 -66.39
C ARG I 461 1.59 7.49 -65.84
N LYS I 462 0.72 7.68 -64.85
CA LYS I 462 0.48 9.00 -64.24
C LYS I 462 1.65 9.34 -63.33
N LEU I 463 2.70 9.90 -63.91
CA LEU I 463 3.91 10.23 -63.19
C LEU I 463 3.96 11.68 -62.74
N PHE I 464 2.83 12.39 -62.82
CA PHE I 464 2.72 13.74 -62.26
C PHE I 464 1.84 13.83 -61.03
N GLU I 465 1.09 12.78 -60.71
CA GLU I 465 0.20 12.81 -59.57
C GLU I 465 0.96 13.23 -58.31
N ILE I 466 0.43 14.22 -57.61
CA ILE I 466 1.10 14.77 -56.44
C ILE I 466 0.99 13.75 -55.30
N PRO I 467 2.11 13.28 -54.74
CA PRO I 467 2.02 12.26 -53.68
C PRO I 467 1.26 12.77 -52.46
N SER I 468 0.39 11.92 -51.93
CA SER I 468 -0.45 12.24 -50.78
C SER I 468 -0.11 11.33 -49.62
N PHE I 469 0.07 11.91 -48.43
CA PHE I 469 0.34 11.09 -47.25
C PHE I 469 -0.88 10.29 -46.82
N LEU I 470 -2.09 10.80 -47.04
CA LEU I 470 -3.28 10.15 -46.52
C LEU I 470 -3.54 8.81 -47.22
N LEU I 471 -3.28 8.74 -48.52
CA LEU I 471 -3.50 7.50 -49.26
C LEU I 471 -2.60 6.39 -48.71
N ILE I 472 -1.30 6.67 -48.60
CA ILE I 472 -0.38 5.65 -48.11
C ILE I 472 -0.59 5.40 -46.63
N HIS I 473 -1.17 6.35 -45.90
CA HIS I 473 -1.56 6.07 -44.52
C HIS I 473 -2.69 5.05 -44.47
N LYS I 474 -3.68 5.18 -45.35
CA LYS I 474 -4.72 4.17 -45.43
C LYS I 474 -4.12 2.81 -45.77
N ALA I 475 -3.19 2.81 -46.72
CA ALA I 475 -2.53 1.57 -47.11
C ALA I 475 -1.76 0.98 -45.94
N LEU I 476 -1.09 1.83 -45.17
CA LEU I 476 -0.33 1.38 -44.01
C LEU I 476 -1.24 0.79 -42.94
N GLN I 477 -2.41 1.38 -42.73
CA GLN I 477 -3.35 0.83 -41.77
C GLN I 477 -3.82 -0.55 -42.21
N LYS I 478 -4.17 -0.69 -43.49
CA LYS I 478 -4.60 -2.00 -43.98
C LYS I 478 -3.46 -3.02 -43.87
N GLY I 479 -2.23 -2.61 -44.17
CA GLY I 479 -1.11 -3.54 -44.12
C GLY I 479 -0.68 -3.87 -42.70
N LEU I 480 -0.99 -3.02 -41.74
CA LEU I 480 -0.75 -3.34 -40.34
C LEU I 480 -1.83 -4.23 -39.77
N GLN I 481 -3.05 -4.14 -40.30
CA GLN I 481 -4.09 -5.09 -39.93
C GLN I 481 -3.99 -6.40 -40.71
N GLU I 482 -3.17 -6.43 -41.76
CA GLU I 482 -3.01 -7.64 -42.55
C GLU I 482 -1.70 -8.35 -42.31
N SER I 483 -0.63 -7.65 -41.93
CA SER I 483 0.67 -8.28 -41.80
C SER I 483 1.31 -8.06 -40.44
N GLY I 484 1.12 -6.89 -39.85
CA GLY I 484 1.76 -6.53 -38.60
C GLY I 484 2.89 -5.54 -38.80
N ILE I 485 3.47 -5.12 -37.69
CA ILE I 485 4.52 -4.10 -37.74
C ILE I 485 5.75 -4.67 -38.45
N GLU I 486 6.16 -5.88 -38.08
CA GLU I 486 7.42 -6.43 -38.59
C GLU I 486 7.38 -6.57 -40.11
N LYS I 487 6.26 -7.04 -40.65
CA LYS I 487 6.19 -7.30 -42.08
C LYS I 487 6.27 -6.01 -42.88
N ILE I 488 5.51 -4.98 -42.47
CA ILE I 488 5.54 -3.72 -43.20
C ILE I 488 6.89 -3.03 -43.01
N MET I 489 7.47 -3.13 -41.82
CA MET I 489 8.70 -2.41 -41.52
C MET I 489 9.88 -2.99 -42.29
N ASN I 490 9.93 -4.31 -42.44
CA ASN I 490 10.92 -4.96 -43.28
C ASN I 490 10.22 -6.07 -44.07
N PRO I 491 10.14 -5.97 -45.41
CA PRO I 491 9.53 -7.05 -46.18
C PRO I 491 10.49 -8.20 -46.46
N MET K 1 0.85 -14.74 -54.57
CA MET K 1 0.52 -15.85 -53.65
C MET K 1 -0.96 -15.79 -53.28
N LYS K 2 -1.78 -16.54 -54.00
CA LYS K 2 -3.22 -16.53 -53.79
C LYS K 2 -3.58 -17.47 -52.63
N LEU K 3 -4.78 -17.25 -52.09
CA LEU K 3 -5.19 -18.04 -50.92
C LEU K 3 -5.29 -19.52 -51.28
N GLU K 4 -5.74 -19.84 -52.49
CA GLU K 4 -5.86 -21.24 -52.88
C GLU K 4 -4.50 -21.94 -52.88
N GLN K 5 -3.47 -21.27 -53.38
CA GLN K 5 -2.15 -21.89 -53.39
C GLN K 5 -1.65 -22.12 -51.97
N GLN K 6 -1.90 -21.17 -51.07
CA GLN K 6 -1.51 -21.34 -49.68
C GLN K 6 -2.22 -22.54 -49.05
N ILE K 7 -3.53 -22.67 -49.30
CA ILE K 7 -4.28 -23.79 -48.75
C ILE K 7 -3.76 -25.11 -49.31
N GLN K 8 -3.49 -25.14 -50.61
CA GLN K 8 -2.97 -26.36 -51.21
C GLN K 8 -1.64 -26.75 -50.57
N ARG K 9 -0.74 -25.78 -50.42
CA ARG K 9 0.55 -26.06 -49.79
C ARG K 9 0.35 -26.66 -48.41
N VAL K 10 -0.46 -26.00 -47.57
CA VAL K 10 -0.56 -26.41 -46.17
C VAL K 10 -1.24 -27.77 -46.06
N ILE K 11 -2.33 -27.99 -46.81
CA ILE K 11 -3.02 -29.26 -46.74
C ILE K 11 -2.13 -30.38 -47.25
N LEU K 12 -1.41 -30.12 -48.35
CA LEU K 12 -0.52 -31.15 -48.89
C LEU K 12 0.54 -31.51 -47.86
N GLU K 13 1.10 -30.52 -47.18
CA GLU K 13 2.15 -30.80 -46.21
C GLU K 13 1.60 -31.56 -45.01
N GLU K 14 0.41 -31.18 -44.52
CA GLU K 14 -0.17 -31.91 -43.40
C GLU K 14 -0.42 -33.37 -43.75
N ALA K 15 -1.04 -33.60 -44.92
CA ALA K 15 -1.32 -34.97 -45.33
C ALA K 15 -0.04 -35.75 -45.57
N LYS K 16 0.97 -35.11 -46.14
CA LYS K 16 2.25 -35.77 -46.37
C LYS K 16 2.91 -36.15 -45.05
N ALA K 17 2.85 -35.28 -44.05
CA ALA K 17 3.44 -35.61 -42.76
C ALA K 17 2.71 -36.79 -42.13
N LEU K 18 1.39 -36.79 -42.19
CA LEU K 18 0.63 -37.91 -41.63
C LEU K 18 0.93 -39.22 -42.38
N ILE K 19 1.10 -39.15 -43.70
CA ILE K 19 1.43 -40.35 -44.47
C ILE K 19 2.81 -40.87 -44.10
N LYS K 20 3.77 -39.97 -43.94
CA LYS K 20 5.10 -40.38 -43.48
C LYS K 20 5.02 -41.04 -42.12
N ASP K 21 4.20 -40.47 -41.22
CA ASP K 21 4.05 -41.05 -39.90
C ASP K 21 3.48 -42.46 -39.97
N TYR K 22 2.45 -42.67 -40.80
CA TYR K 22 1.88 -44.01 -40.93
C TYR K 22 2.88 -44.99 -41.52
N HIS K 23 3.63 -44.55 -42.53
CA HIS K 23 4.63 -45.42 -43.14
C HIS K 23 5.65 -45.85 -42.11
N GLU K 24 6.17 -44.89 -41.33
CA GLU K 24 7.14 -45.23 -40.31
C GLU K 24 6.51 -46.10 -39.23
N TYR K 25 5.22 -45.91 -38.96
CA TYR K 25 4.53 -46.75 -37.98
C TYR K 25 4.58 -48.21 -38.41
N HIS K 26 4.13 -48.51 -39.62
CA HIS K 26 4.05 -49.92 -39.98
C HIS K 26 5.44 -50.51 -40.19
N ASN K 27 6.40 -49.71 -40.68
CA ASN K 27 7.77 -50.20 -40.78
C ASN K 27 8.33 -50.55 -39.40
N ARG K 28 8.09 -49.69 -38.41
CA ARG K 28 8.52 -49.99 -37.06
C ARG K 28 7.85 -51.24 -36.54
N VAL K 29 6.56 -51.39 -36.81
CA VAL K 29 5.84 -52.57 -36.33
C VAL K 29 6.46 -53.83 -36.92
N HIS K 30 6.83 -53.79 -38.19
CA HIS K 30 7.47 -54.97 -38.78
C HIS K 30 8.82 -55.26 -38.15
N LEU K 31 9.65 -54.23 -37.96
CA LEU K 31 10.95 -54.47 -37.34
C LEU K 31 10.77 -55.03 -35.92
N GLU K 32 9.84 -54.45 -35.17
CA GLU K 32 9.56 -54.90 -33.82
C GLU K 32 9.02 -56.32 -33.82
N SER K 33 8.21 -56.67 -34.83
CA SER K 33 7.67 -58.03 -34.89
C SER K 33 8.74 -59.04 -35.25
N VAL K 34 9.72 -58.64 -36.06
CA VAL K 34 10.86 -59.51 -36.31
C VAL K 34 11.60 -59.78 -35.00
N ARG K 35 11.88 -58.72 -34.25
CA ARG K 35 12.61 -58.89 -32.99
C ARG K 35 11.77 -59.66 -31.98
N ASN K 36 10.45 -59.46 -31.98
CA ASN K 36 9.58 -60.19 -31.04
C ASN K 36 9.45 -61.65 -31.42
N LYS K 37 9.46 -61.97 -32.72
CA LYS K 37 9.51 -63.37 -33.12
C LYS K 37 10.79 -64.00 -32.59
N LYS K 38 11.91 -63.31 -32.76
CA LYS K 38 13.17 -63.85 -32.24
C LYS K 38 13.13 -63.97 -30.71
N ARG K 39 12.48 -63.03 -30.03
CA ARG K 39 12.44 -63.05 -28.57
C ARG K 39 11.57 -64.18 -28.03
N LEU K 40 10.30 -64.19 -28.44
CA LEU K 40 9.31 -65.11 -27.89
C LEU K 40 9.12 -66.37 -28.73
N GLY K 41 10.04 -66.65 -29.66
CA GLY K 41 9.99 -67.93 -30.34
C GLY K 41 8.68 -68.15 -31.05
N ASP K 42 8.20 -69.39 -31.03
CA ASP K 42 6.94 -69.71 -31.68
C ASP K 42 5.79 -68.97 -31.00
N SER K 43 5.89 -68.79 -29.69
CA SER K 43 4.84 -68.12 -28.93
C SER K 43 4.63 -66.68 -29.36
N ALA K 44 5.61 -66.07 -30.04
CA ALA K 44 5.48 -64.67 -30.42
C ALA K 44 4.20 -64.46 -31.23
N PRO K 45 3.41 -63.44 -30.92
CA PRO K 45 2.18 -63.20 -31.69
C PRO K 45 2.51 -62.72 -33.10
N ASP K 46 1.45 -62.48 -33.87
CA ASP K 46 1.58 -62.05 -35.24
C ASP K 46 1.38 -60.54 -35.36
N LYS K 47 1.92 -59.97 -36.42
CA LYS K 47 1.79 -58.53 -36.64
C LYS K 47 0.34 -58.18 -36.96
N LYS K 48 -0.09 -57.01 -36.46
CA LYS K 48 -1.42 -56.49 -36.72
C LYS K 48 -1.30 -54.99 -37.00
N ILE K 49 -1.15 -54.63 -38.27
CA ILE K 49 -1.04 -53.23 -38.66
C ILE K 49 -2.41 -52.58 -38.57
N HIS K 50 -2.53 -51.55 -37.74
CA HIS K 50 -3.76 -50.81 -37.59
C HIS K 50 -3.72 -49.53 -38.45
N ARG K 51 -4.89 -48.92 -38.58
CA ARG K 51 -5.02 -47.63 -39.22
C ARG K 51 -5.81 -46.76 -38.25
N PRO K 52 -5.38 -45.53 -37.99
CA PRO K 52 -6.11 -44.69 -37.03
C PRO K 52 -7.61 -44.74 -37.31
N ASN K 53 -8.37 -45.00 -36.25
CA ASN K 53 -9.80 -45.24 -36.43
C ASN K 53 -10.50 -44.05 -37.06
N TYR K 54 -10.13 -42.84 -36.64
CA TYR K 54 -10.86 -41.67 -37.11
C TYR K 54 -10.73 -41.50 -38.61
N TRP K 55 -9.78 -42.20 -39.23
CA TRP K 55 -9.64 -42.14 -40.68
C TRP K 55 -10.92 -42.58 -41.38
N SER K 56 -11.69 -43.47 -40.75
CA SER K 56 -12.91 -43.98 -41.37
C SER K 56 -14.16 -43.18 -40.99
N PHE K 57 -14.08 -42.35 -39.96
CA PHE K 57 -15.23 -41.53 -39.59
C PHE K 57 -15.58 -40.57 -40.71
N ASP K 58 -14.56 -39.98 -41.33
CA ASP K 58 -14.75 -39.17 -42.54
C ASP K 58 -13.53 -39.39 -43.43
N LYS K 59 -13.73 -39.20 -44.73
CA LYS K 59 -12.65 -39.45 -45.67
C LYS K 59 -11.58 -38.37 -45.65
N LYS K 60 -11.94 -37.17 -45.20
CA LYS K 60 -10.98 -36.07 -45.12
C LYS K 60 -10.13 -36.14 -43.86
N PHE K 61 -10.44 -37.07 -42.96
CA PHE K 61 -9.53 -37.39 -41.87
C PHE K 61 -8.36 -38.24 -42.36
N ASP K 62 -8.59 -39.02 -43.38
CA ASP K 62 -7.58 -39.93 -43.89
C ASP K 62 -6.55 -39.15 -44.69
N PRO K 63 -5.26 -39.20 -44.33
CA PRO K 63 -4.29 -38.41 -45.09
C PRO K 63 -4.17 -38.81 -46.54
N PHE K 64 -4.34 -40.10 -46.84
CA PHE K 64 -4.15 -40.57 -48.21
C PHE K 64 -5.20 -39.99 -49.14
N TYR K 65 -6.46 -40.01 -48.71
CA TYR K 65 -7.52 -39.42 -49.51
C TYR K 65 -7.30 -37.94 -49.70
N VAL K 66 -6.93 -37.24 -48.63
CA VAL K 66 -6.72 -35.80 -48.75
C VAL K 66 -5.61 -35.52 -49.74
N LYS K 67 -4.52 -36.27 -49.68
CA LYS K 67 -3.49 -36.12 -50.70
C LYS K 67 -4.03 -36.44 -52.08
N SER K 68 -5.04 -37.31 -52.16
CA SER K 68 -5.58 -37.67 -53.47
C SER K 68 -6.26 -36.49 -54.14
N ASN K 69 -7.00 -35.68 -53.38
CA ASN K 69 -7.82 -34.60 -53.92
C ASN K 69 -7.58 -33.31 -53.15
N TYR K 70 -6.32 -32.99 -52.90
CA TYR K 70 -6.03 -31.77 -52.13
C TYR K 70 -6.20 -30.52 -52.97
N LYS K 71 -6.05 -30.62 -54.29
CA LYS K 71 -6.26 -29.47 -55.15
C LYS K 71 -7.74 -29.07 -55.17
N SER K 72 -8.63 -30.05 -55.37
CA SER K 72 -10.06 -29.73 -55.33
C SER K 72 -10.47 -29.26 -53.95
N ILE K 73 -9.94 -29.91 -52.91
CA ILE K 73 -10.27 -29.52 -51.55
C ILE K 73 -9.92 -28.06 -51.33
N ALA K 74 -8.70 -27.67 -51.71
CA ALA K 74 -8.26 -26.30 -51.51
C ALA K 74 -9.03 -25.33 -52.41
N ARG K 75 -9.38 -25.76 -53.62
CA ARG K 75 -10.17 -24.92 -54.50
C ARG K 75 -11.49 -24.54 -53.82
N SER K 76 -12.20 -25.54 -53.33
CA SER K 76 -13.49 -25.28 -52.69
C SER K 76 -13.31 -24.50 -51.40
N ILE K 77 -12.27 -24.81 -50.62
CA ILE K 77 -12.04 -24.08 -49.38
C ILE K 77 -11.79 -22.60 -49.68
N ALA K 78 -10.99 -22.31 -50.71
CA ALA K 78 -10.68 -20.94 -51.04
C ALA K 78 -11.93 -20.20 -51.50
N ASN K 79 -12.75 -20.84 -52.33
CA ASN K 79 -14.01 -20.20 -52.71
C ASN K 79 -14.89 -19.95 -51.49
N LYS K 80 -14.97 -20.92 -50.58
CA LYS K 80 -15.83 -20.75 -49.41
C LYS K 80 -15.33 -19.61 -48.53
N ILE K 81 -14.01 -19.49 -48.39
CA ILE K 81 -13.45 -18.39 -47.61
C ILE K 81 -13.73 -17.06 -48.29
N GLU K 82 -13.61 -17.01 -49.62
CA GLU K 82 -13.83 -15.76 -50.34
C GLU K 82 -15.31 -15.38 -50.36
N ASN K 83 -16.21 -16.35 -50.41
CA ASN K 83 -17.63 -16.08 -50.33
C ASN K 83 -18.14 -16.01 -48.90
N ARG K 84 -17.26 -16.17 -47.91
CA ARG K 84 -17.64 -16.07 -46.51
C ARG K 84 -18.73 -17.08 -46.18
N THR K 85 -18.54 -18.31 -46.66
CA THR K 85 -19.41 -19.43 -46.35
C THR K 85 -18.64 -20.61 -45.75
N TYR K 86 -17.32 -20.51 -45.64
CA TYR K 86 -16.55 -21.60 -45.07
C TYR K 86 -16.95 -21.84 -43.62
N LEU K 87 -17.05 -23.11 -43.26
CA LEU K 87 -17.33 -23.54 -41.90
C LEU K 87 -16.63 -24.88 -41.69
N PRO K 88 -15.75 -25.00 -40.70
CA PRO K 88 -15.05 -26.28 -40.51
C PRO K 88 -16.03 -27.40 -40.22
N ASN K 89 -15.68 -28.61 -40.64
CA ASN K 89 -16.46 -29.77 -40.29
C ASN K 89 -16.30 -30.06 -38.80
N GLU K 90 -17.03 -31.06 -38.32
CA GLU K 90 -16.99 -31.37 -36.90
C GLU K 90 -15.68 -32.07 -36.57
N PRO K 91 -14.93 -31.61 -35.58
CA PRO K 91 -13.76 -32.38 -35.17
C PRO K 91 -14.17 -33.72 -34.61
N PHE K 92 -13.40 -34.75 -34.94
CA PHE K 92 -13.58 -36.03 -34.28
C PHE K 92 -13.08 -35.85 -32.87
N THR K 93 -14.01 -35.74 -31.95
CA THR K 93 -13.70 -35.47 -30.56
C THR K 93 -13.74 -36.76 -29.76
N LYS K 94 -12.89 -36.82 -28.75
CA LYS K 94 -12.85 -37.95 -27.81
C LYS K 94 -12.49 -37.37 -26.45
N ASP K 95 -13.48 -37.27 -25.58
CA ASP K 95 -13.24 -36.85 -24.21
C ASP K 95 -12.57 -37.98 -23.44
N VAL K 96 -11.52 -37.63 -22.69
CA VAL K 96 -10.67 -38.64 -22.07
C VAL K 96 -10.61 -38.39 -20.56
N PRO K 97 -10.61 -39.42 -19.72
CA PRO K 97 -10.54 -39.19 -18.27
C PRO K 97 -9.26 -38.46 -17.88
N LYS K 98 -9.40 -37.47 -17.01
CA LYS K 98 -8.25 -36.76 -16.45
C LYS K 98 -7.96 -37.26 -15.04
N PRO K 99 -6.71 -37.13 -14.58
CA PRO K 99 -6.37 -37.65 -13.24
C PRO K 99 -7.19 -37.03 -12.12
N ASP K 100 -7.59 -35.76 -12.25
CA ASP K 100 -8.44 -35.15 -11.24
C ASP K 100 -9.86 -35.68 -11.26
N GLY K 101 -10.22 -36.47 -12.27
CA GLY K 101 -11.57 -36.98 -12.43
C GLY K 101 -12.38 -36.24 -13.47
N GLY K 102 -11.83 -35.20 -14.08
CA GLY K 102 -12.50 -34.49 -15.15
C GLY K 102 -12.27 -35.16 -16.49
N ILE K 103 -12.66 -34.44 -17.54
CA ILE K 103 -12.51 -34.95 -18.90
C ILE K 103 -11.76 -33.91 -19.72
N ARG K 104 -10.71 -34.34 -20.41
CA ARG K 104 -9.96 -33.52 -21.34
C ARG K 104 -10.53 -33.87 -22.72
N LYS K 105 -11.20 -32.90 -23.34
CA LYS K 105 -11.88 -33.14 -24.61
C LYS K 105 -10.87 -33.01 -25.74
N VAL K 106 -10.34 -34.14 -26.22
CA VAL K 106 -9.46 -34.10 -27.38
C VAL K 106 -10.30 -33.83 -28.62
N SER K 107 -9.79 -32.99 -29.51
CA SER K 107 -10.48 -32.64 -30.75
C SER K 107 -9.49 -32.75 -31.90
N ILE K 108 -9.82 -33.58 -32.90
CA ILE K 108 -9.03 -33.69 -34.11
C ILE K 108 -9.87 -33.15 -35.26
N TYR K 109 -9.49 -31.98 -35.76
CA TYR K 109 -10.13 -31.46 -36.95
C TYR K 109 -9.64 -32.21 -38.18
N GLN K 110 -10.48 -32.26 -39.21
CA GLN K 110 -10.07 -32.92 -40.43
C GLN K 110 -8.88 -32.20 -41.04
N ILE K 111 -8.13 -32.93 -41.87
CA ILE K 111 -6.87 -32.41 -42.36
C ILE K 111 -7.04 -31.04 -43.02
N PRO K 112 -8.02 -30.82 -43.89
CA PRO K 112 -8.19 -29.46 -44.44
C PRO K 112 -8.44 -28.42 -43.38
N ASP K 113 -9.30 -28.74 -42.40
CA ASP K 113 -9.62 -27.76 -41.36
C ASP K 113 -8.42 -27.46 -40.49
N ALA K 114 -7.64 -28.50 -40.15
CA ALA K 114 -6.45 -28.28 -39.34
C ALA K 114 -5.39 -27.51 -40.12
N ALA K 115 -5.30 -27.75 -41.43
CA ALA K 115 -4.39 -26.98 -42.26
C ALA K 115 -4.78 -25.51 -42.29
N ILE K 116 -6.08 -25.23 -42.40
CA ILE K 116 -6.54 -23.85 -42.37
C ILE K 116 -6.22 -23.23 -41.02
N SER K 117 -6.44 -23.99 -39.94
CA SER K 117 -6.19 -23.48 -38.60
C SER K 117 -4.73 -23.11 -38.44
N LYS K 118 -3.83 -23.99 -38.86
CA LYS K 118 -2.42 -23.64 -38.78
C LYS K 118 -2.13 -22.41 -39.64
N LEU K 119 -2.52 -22.45 -40.91
CA LEU K 119 -2.17 -21.38 -41.84
C LEU K 119 -2.57 -20.02 -41.29
N PHE K 120 -3.73 -19.92 -40.66
CA PHE K 120 -4.23 -18.62 -40.26
C PHE K 120 -3.82 -18.25 -38.84
N PHE K 121 -3.98 -19.17 -37.89
CA PHE K 121 -3.74 -18.82 -36.51
C PHE K 121 -2.24 -18.77 -36.19
N ASN K 122 -1.39 -19.47 -36.94
CA ASN K 122 0.04 -19.25 -36.78
C ASN K 122 0.43 -17.84 -37.22
N ARG K 123 -0.14 -17.37 -38.33
CA ARG K 123 0.08 -15.99 -38.74
C ARG K 123 -0.41 -15.02 -37.69
N LEU K 124 -1.60 -15.26 -37.15
CA LEU K 124 -2.14 -14.36 -36.13
C LEU K 124 -1.26 -14.32 -34.90
N LEU K 125 -0.78 -15.49 -34.45
CA LEU K 125 0.08 -15.52 -33.27
C LEU K 125 1.41 -14.82 -33.54
N ALA K 126 1.97 -15.02 -34.73
CA ALA K 126 3.24 -14.38 -35.05
C ALA K 126 3.11 -12.87 -35.11
N LYS K 127 2.02 -12.37 -35.69
CA LYS K 127 1.84 -10.93 -35.87
C LYS K 127 1.40 -10.22 -34.60
N ASN K 128 0.90 -10.96 -33.60
CA ASN K 128 0.47 -10.38 -32.34
C ASN K 128 1.31 -10.89 -31.17
N ARG K 129 2.52 -11.37 -31.47
CA ARG K 129 3.33 -12.04 -30.44
C ARG K 129 3.66 -11.12 -29.28
N HIS K 130 4.04 -9.88 -29.58
CA HIS K 130 4.44 -8.94 -28.54
C HIS K 130 3.26 -8.42 -27.72
N ARG K 131 2.03 -8.71 -28.14
CA ARG K 131 0.86 -8.34 -27.37
C ARG K 131 0.50 -9.38 -26.32
N PHE K 132 1.05 -10.58 -26.41
CA PHE K 132 0.71 -11.67 -25.50
C PHE K 132 1.65 -11.68 -24.30
N SER K 133 1.24 -12.39 -23.27
CA SER K 133 2.08 -12.55 -22.10
C SER K 133 3.26 -13.46 -22.42
N SER K 134 4.24 -13.48 -21.53
CA SER K 134 5.44 -14.28 -21.77
C SER K 134 5.12 -15.77 -21.71
N PHE K 135 4.67 -16.25 -20.56
CA PHE K 135 4.54 -17.69 -20.31
C PHE K 135 3.12 -18.18 -20.55
N SER K 136 2.60 -17.99 -21.75
CA SER K 136 1.31 -18.52 -22.15
C SER K 136 1.55 -19.66 -23.13
N TYR K 137 1.06 -20.85 -22.81
CA TYR K 137 1.26 -22.02 -23.63
C TYR K 137 -0.07 -22.73 -23.84
N ALA K 138 -0.17 -23.43 -24.96
CA ALA K 138 -1.41 -24.11 -25.34
C ALA K 138 -1.40 -25.59 -24.98
N TYR K 139 -0.29 -26.27 -25.21
CA TYR K 139 -0.14 -27.68 -24.87
C TYR K 139 0.80 -27.79 -23.67
N ARG K 140 0.56 -28.80 -22.85
CA ARG K 140 1.46 -29.06 -21.73
C ARG K 140 2.73 -29.76 -22.18
N ASN K 141 2.78 -30.21 -23.44
CA ASN K 141 3.98 -30.77 -24.04
C ASN K 141 4.80 -29.72 -24.76
N ASP K 142 4.30 -28.48 -24.84
CA ASP K 142 5.05 -27.41 -25.47
C ASP K 142 6.44 -27.32 -24.86
N ARG K 143 7.44 -27.39 -25.73
CA ARG K 143 8.82 -27.34 -25.26
C ARG K 143 9.07 -26.06 -24.48
N ASN K 144 8.52 -24.95 -24.96
CA ASN K 144 8.80 -23.64 -24.41
C ASN K 144 8.27 -23.48 -22.99
N VAL K 145 7.41 -24.38 -22.54
CA VAL K 145 6.98 -24.32 -21.15
C VAL K 145 8.18 -24.42 -20.22
N HIS K 146 9.26 -25.06 -20.67
CA HIS K 146 10.41 -25.15 -19.80
C HIS K 146 10.99 -23.79 -19.46
N PHE K 147 10.85 -22.81 -20.34
CA PHE K 147 11.30 -21.46 -20.00
C PHE K 147 10.55 -20.93 -18.80
N ALA K 148 9.23 -21.13 -18.79
CA ALA K 148 8.45 -20.72 -17.63
C ALA K 148 8.94 -21.47 -16.40
N ILE K 149 9.20 -22.77 -16.55
CA ILE K 149 9.72 -23.52 -15.42
C ILE K 149 11.01 -22.87 -14.93
N GLN K 150 11.90 -22.56 -15.87
CA GLN K 150 13.15 -21.93 -15.47
C GLN K 150 12.86 -20.72 -14.61
N ASP K 151 11.96 -19.85 -15.09
CA ASP K 151 11.70 -18.62 -14.37
C ASP K 151 11.28 -18.92 -12.94
N ILE K 152 10.28 -19.80 -12.78
CA ILE K 152 9.80 -20.07 -11.43
C ILE K 152 10.94 -20.66 -10.60
N SER K 153 11.68 -21.59 -11.19
CA SER K 153 12.79 -22.18 -10.47
C SER K 153 13.73 -21.09 -9.97
N VAL K 154 14.12 -20.19 -10.87
CA VAL K 154 15.06 -19.16 -10.49
C VAL K 154 14.49 -18.37 -9.32
N ASP K 155 13.23 -17.97 -9.42
CA ASP K 155 12.65 -17.18 -8.35
C ASP K 155 12.61 -17.96 -7.06
N LEU K 156 12.21 -19.23 -7.14
CA LEU K 156 12.09 -20.01 -5.93
C LEU K 156 13.43 -20.14 -5.24
N LYS K 157 14.53 -19.94 -5.99
CA LYS K 157 15.84 -19.93 -5.37
C LYS K 157 16.17 -18.55 -4.83
N LYS K 158 16.01 -17.52 -5.66
CA LYS K 158 16.38 -16.17 -5.25
C LYS K 158 15.46 -15.69 -4.15
N ASN K 159 14.16 -15.81 -4.36
CA ASN K 159 13.17 -15.58 -3.32
C ASN K 159 13.10 -16.83 -2.46
N GLU K 160 13.61 -16.76 -1.24
CA GLU K 160 13.60 -17.93 -0.37
C GLU K 160 12.24 -18.15 0.29
N ARG K 161 11.26 -17.29 -0.02
CA ARG K 161 9.87 -17.49 0.40
C ARG K 161 8.99 -16.95 -0.70
N THR K 162 8.28 -17.83 -1.40
CA THR K 162 7.46 -17.44 -2.53
C THR K 162 6.05 -17.97 -2.34
N PHE K 163 5.06 -17.07 -2.40
CA PHE K 163 3.66 -17.46 -2.33
C PHE K 163 3.18 -17.83 -3.73
N LEU K 164 2.68 -19.05 -3.88
CA LEU K 164 2.21 -19.55 -5.16
C LEU K 164 0.73 -19.91 -5.05
N ALA K 165 0.11 -19.99 -6.22
CA ALA K 165 -1.29 -20.36 -6.33
C ALA K 165 -1.52 -20.98 -7.70
N GLU K 166 -2.35 -22.02 -7.74
CA GLU K 166 -2.63 -22.75 -8.96
C GLU K 166 -4.12 -22.68 -9.27
N PHE K 167 -4.43 -22.70 -10.57
CA PHE K 167 -5.80 -22.57 -11.06
C PHE K 167 -6.02 -23.51 -12.23
N ASP K 168 -7.27 -23.90 -12.41
CA ASP K 168 -7.71 -24.72 -13.53
C ASP K 168 -8.64 -23.90 -14.39
N PHE K 169 -8.28 -23.71 -15.66
CA PHE K 169 -9.07 -22.92 -16.59
C PHE K 169 -9.90 -23.80 -17.52
N SER K 170 -10.10 -25.06 -17.14
CA SER K 170 -10.73 -26.01 -18.06
C SER K 170 -12.14 -25.58 -18.42
N ASP K 171 -12.95 -25.23 -17.43
CA ASP K 171 -14.33 -24.86 -17.71
C ASP K 171 -14.42 -23.52 -18.42
N PHE K 172 -13.46 -22.63 -18.18
CA PHE K 172 -13.44 -21.36 -18.91
C PHE K 172 -13.39 -21.60 -20.41
N PHE K 173 -12.45 -22.44 -20.85
CA PHE K 173 -12.29 -22.72 -22.27
C PHE K 173 -13.35 -23.66 -22.78
N GLY K 174 -13.92 -24.51 -21.92
CA GLY K 174 -15.03 -25.34 -22.34
C GLY K 174 -16.28 -24.53 -22.62
N SER K 175 -16.59 -23.55 -21.77
CA SER K 175 -17.70 -22.62 -22.01
C SER K 175 -17.25 -21.18 -21.72
N ILE K 176 -16.69 -20.52 -22.73
CA ILE K 176 -16.47 -19.08 -22.72
C ILE K 176 -17.42 -18.46 -23.73
N SER K 177 -18.15 -17.43 -23.32
CA SER K 177 -19.06 -16.76 -24.22
C SER K 177 -18.28 -16.29 -25.45
N HIS K 178 -18.75 -16.70 -26.63
CA HIS K 178 -18.11 -16.28 -27.86
C HIS K 178 -18.30 -14.79 -28.07
N SER K 179 -19.28 -14.20 -27.39
CA SER K 179 -19.43 -12.76 -27.42
C SER K 179 -18.19 -12.09 -26.83
N PHE K 180 -17.71 -12.59 -25.70
CA PHE K 180 -16.55 -11.99 -25.04
C PHE K 180 -15.33 -12.05 -25.96
N LEU K 181 -15.11 -13.22 -26.58
CA LEU K 181 -14.02 -13.36 -27.53
C LEU K 181 -14.15 -12.33 -28.64
N ASN K 182 -15.35 -12.17 -29.17
CA ASN K 182 -15.55 -11.22 -30.26
C ASN K 182 -15.30 -9.78 -29.81
N GLU K 183 -15.64 -9.43 -28.57
CA GLU K 183 -15.32 -8.09 -28.11
C GLU K 183 -13.81 -7.87 -28.05
N GLN K 184 -13.05 -8.90 -27.66
CA GLN K 184 -11.62 -8.70 -27.55
C GLN K 184 -10.92 -8.47 -28.88
N PHE K 185 -11.61 -8.69 -30.01
CA PHE K 185 -10.96 -8.63 -31.31
C PHE K 185 -10.27 -7.30 -31.61
N ASN K 186 -10.74 -6.20 -31.04
CA ASN K 186 -10.24 -4.88 -31.40
C ASN K 186 -9.71 -4.16 -30.17
N GLU K 187 -9.04 -4.90 -29.29
CA GLU K 187 -8.47 -4.35 -28.07
C GLU K 187 -7.02 -4.79 -27.94
N ASN K 188 -6.26 -4.05 -27.15
CA ASN K 188 -4.89 -4.43 -26.80
C ASN K 188 -3.95 -4.41 -28.01
N GLY K 189 -4.30 -3.63 -29.03
CA GLY K 189 -3.45 -3.50 -30.19
C GLY K 189 -3.45 -4.69 -31.12
N PHE K 190 -4.34 -5.65 -30.92
CA PHE K 190 -4.34 -6.85 -31.75
C PHE K 190 -4.57 -6.49 -33.20
N TYR K 191 -3.83 -7.17 -34.09
CA TYR K 191 -3.97 -6.99 -35.54
C TYR K 191 -4.63 -8.24 -36.10
N ILE K 192 -5.94 -8.18 -36.29
CA ILE K 192 -6.71 -9.28 -36.87
C ILE K 192 -7.40 -8.73 -38.10
N SER K 193 -6.97 -9.19 -39.28
CA SER K 193 -7.55 -8.73 -40.54
C SER K 193 -8.98 -9.25 -40.66
N PRO K 194 -9.80 -8.66 -41.53
CA PRO K 194 -11.20 -9.12 -41.64
C PRO K 194 -11.32 -10.59 -41.98
N GLU K 195 -10.45 -11.11 -42.85
CA GLU K 195 -10.54 -12.52 -43.22
C GLU K 195 -10.15 -13.42 -42.05
N GLU K 196 -9.13 -13.03 -41.29
CA GLU K 196 -8.79 -13.79 -40.09
C GLU K 196 -9.94 -13.75 -39.08
N LYS K 197 -10.62 -12.59 -38.98
CA LYS K 197 -11.78 -12.54 -38.10
C LYS K 197 -12.87 -13.48 -38.58
N PHE K 198 -13.07 -13.57 -39.89
CA PHE K 198 -14.05 -14.50 -40.42
C PHE K 198 -13.69 -15.94 -40.08
N ILE K 199 -12.41 -16.30 -40.24
CA ILE K 199 -11.99 -17.67 -39.92
C ILE K 199 -12.16 -17.96 -38.44
N ILE K 200 -11.82 -16.98 -37.59
CA ILE K 200 -12.01 -17.16 -36.15
C ILE K 200 -13.48 -17.41 -35.85
N ARG K 201 -14.35 -16.55 -36.40
CA ARG K 201 -15.78 -16.69 -36.15
C ARG K 201 -16.32 -18.00 -36.72
N SER K 202 -15.73 -18.48 -37.81
CA SER K 202 -16.18 -19.74 -38.41
C SER K 202 -15.83 -20.92 -37.53
N PHE K 203 -14.59 -20.98 -37.05
CA PHE K 203 -14.23 -22.06 -36.14
C PHE K 203 -15.01 -21.98 -34.85
N LEU K 204 -15.37 -20.77 -34.42
CA LEU K 204 -16.21 -20.64 -33.24
C LEU K 204 -17.66 -21.01 -33.54
N ARG K 205 -18.08 -20.87 -34.80
CA ARG K 205 -19.45 -21.19 -35.18
C ARG K 205 -19.65 -22.69 -35.28
N GLU K 206 -18.66 -23.40 -35.80
CA GLU K 206 -18.67 -24.85 -35.70
C GLU K 206 -18.79 -25.28 -34.25
N ARG K 207 -18.13 -24.58 -33.34
CA ARG K 207 -18.40 -24.74 -31.93
C ARG K 207 -19.60 -23.89 -31.56
N LYS K 208 -20.06 -23.99 -30.32
CA LYS K 208 -21.15 -23.17 -29.85
C LYS K 208 -20.73 -22.28 -28.69
N VAL K 209 -20.09 -22.86 -27.68
CA VAL K 209 -19.44 -22.12 -26.62
C VAL K 209 -18.11 -22.78 -26.34
N GLY K 210 -17.13 -22.00 -25.93
CA GLY K 210 -15.83 -22.53 -25.61
C GLY K 210 -14.84 -22.46 -26.76
N ILE K 211 -13.58 -22.64 -26.42
CA ILE K 211 -12.49 -22.70 -27.39
C ILE K 211 -12.04 -24.14 -27.51
N PRO K 212 -11.89 -24.68 -28.73
CA PRO K 212 -11.35 -26.04 -28.86
C PRO K 212 -9.92 -26.12 -28.34
N GLN K 213 -9.70 -27.02 -27.41
CA GLN K 213 -8.44 -27.11 -26.68
C GLN K 213 -7.55 -28.18 -27.30
N GLY K 214 -6.24 -27.95 -27.20
CA GLY K 214 -5.28 -28.83 -27.84
C GLY K 214 -5.35 -28.78 -29.36
N THR K 215 -5.53 -27.59 -29.92
CA THR K 215 -5.64 -27.40 -31.36
C THR K 215 -4.77 -26.23 -31.78
N SER K 216 -4.69 -26.01 -33.09
CA SER K 216 -3.88 -24.92 -33.62
C SER K 216 -4.43 -23.55 -33.18
N ILE K 217 -5.75 -23.42 -33.06
CA ILE K 217 -6.35 -22.14 -32.75
C ILE K 217 -6.49 -21.93 -31.25
N SER K 218 -6.04 -22.90 -30.44
CA SER K 218 -6.21 -22.80 -28.99
C SER K 218 -5.42 -21.63 -28.42
N LEU K 219 -4.13 -21.53 -28.76
CA LEU K 219 -3.30 -20.50 -28.13
C LEU K 219 -3.79 -19.10 -28.47
N PHE K 220 -4.11 -18.84 -29.73
CA PHE K 220 -4.53 -17.49 -30.11
C PHE K 220 -5.76 -17.07 -29.34
N LEU K 221 -6.81 -17.90 -29.38
CA LEU K 221 -8.05 -17.53 -28.72
C LEU K 221 -7.91 -17.50 -27.21
N ALA K 222 -7.06 -18.36 -26.65
CA ALA K 222 -6.81 -18.31 -25.21
C ALA K 222 -6.13 -17.00 -24.82
N ASN K 223 -5.08 -16.62 -25.53
CA ASN K 223 -4.39 -15.39 -25.22
C ASN K 223 -5.27 -14.17 -25.48
N LEU K 224 -6.06 -14.21 -26.55
CA LEU K 224 -6.96 -13.13 -26.87
C LEU K 224 -8.03 -12.98 -25.79
N THR K 225 -8.46 -14.11 -25.23
CA THR K 225 -9.49 -14.10 -24.21
C THR K 225 -8.94 -13.65 -22.86
N CYS K 226 -7.70 -14.03 -22.55
CA CYS K 226 -7.10 -13.80 -21.25
C CYS K 226 -6.17 -12.59 -21.24
N TRP K 227 -6.27 -11.73 -22.24
CA TRP K 227 -5.34 -10.60 -22.32
C TRP K 227 -5.55 -9.63 -21.17
N LYS K 228 -6.80 -9.40 -20.75
CA LYS K 228 -7.04 -8.48 -19.66
C LYS K 228 -6.65 -9.10 -18.32
N LEU K 229 -6.85 -10.41 -18.15
CA LEU K 229 -6.38 -11.06 -16.94
C LEU K 229 -4.87 -10.96 -16.84
N ASP K 230 -4.16 -11.16 -17.95
CA ASP K 230 -2.72 -11.02 -17.92
C ASP K 230 -2.30 -9.60 -17.60
N GLN K 231 -2.98 -8.61 -18.17
CA GLN K 231 -2.60 -7.23 -17.89
C GLN K 231 -2.83 -6.87 -16.43
N ASP K 232 -3.97 -7.29 -15.86
CA ASP K 232 -4.23 -6.98 -14.45
C ASP K 232 -3.24 -7.69 -13.54
N LEU K 233 -2.95 -8.97 -13.83
CA LEU K 233 -2.00 -9.68 -13.00
C LEU K 233 -0.60 -9.09 -13.12
N GLU K 234 -0.25 -8.57 -14.30
CA GLU K 234 1.05 -7.95 -14.47
C GLU K 234 1.13 -6.62 -13.75
N ARG K 235 0.01 -5.89 -13.67
CA ARG K 235 0.01 -4.66 -12.88
C ARG K 235 0.05 -4.94 -11.39
N GLU K 236 -0.57 -6.03 -10.93
CA GLU K 236 -0.44 -6.43 -9.54
C GLU K 236 0.99 -6.81 -9.17
N GLY K 237 1.84 -7.05 -10.16
CA GLY K 237 3.20 -7.46 -9.90
C GLY K 237 3.39 -8.96 -9.75
N VAL K 238 2.33 -9.74 -9.87
CA VAL K 238 2.45 -11.18 -9.77
C VAL K 238 2.98 -11.71 -11.10
N LYS K 239 3.76 -12.78 -11.01
CA LYS K 239 4.24 -13.47 -12.19
C LYS K 239 3.38 -14.70 -12.41
N PHE K 240 3.15 -15.05 -13.66
CA PHE K 240 2.24 -16.14 -13.92
C PHE K 240 2.59 -16.85 -15.22
N SER K 241 2.12 -18.09 -15.32
CA SER K 241 2.25 -18.89 -16.52
C SER K 241 0.99 -19.71 -16.70
N ARG K 242 0.41 -19.66 -17.90
CA ARG K 242 -0.70 -20.51 -18.27
C ARG K 242 -0.17 -21.57 -19.23
N TYR K 243 -0.46 -22.83 -18.93
CA TYR K 243 -0.13 -23.96 -19.80
C TYR K 243 -1.38 -24.82 -19.94
N ALA K 244 -1.88 -24.94 -21.16
CA ALA K 244 -3.11 -25.68 -21.45
C ALA K 244 -4.20 -25.12 -20.54
N ASP K 245 -4.83 -25.93 -19.70
CA ASP K 245 -5.93 -25.49 -18.84
C ASP K 245 -5.47 -25.24 -17.41
N ASP K 246 -4.19 -24.96 -17.21
CA ASP K 246 -3.64 -24.71 -15.88
C ASP K 246 -2.97 -23.35 -15.85
N THR K 247 -2.98 -22.73 -14.68
CA THR K 247 -2.30 -21.45 -14.47
C THR K 247 -1.61 -21.46 -13.12
N ILE K 248 -0.37 -20.99 -13.07
CA ILE K 248 0.35 -20.83 -11.82
C ILE K 248 0.77 -19.37 -11.68
N ILE K 249 0.44 -18.78 -10.53
CA ILE K 249 0.78 -17.40 -10.21
C ILE K 249 1.62 -17.39 -8.95
N TRP K 250 2.81 -16.81 -9.03
CA TRP K 250 3.71 -16.72 -7.89
C TRP K 250 4.17 -15.28 -7.67
N SER K 251 4.51 -15.00 -6.42
CA SER K 251 4.93 -13.68 -5.98
C SER K 251 5.73 -13.83 -4.70
N GLN K 252 6.39 -12.75 -4.31
CA GLN K 252 7.04 -12.69 -3.00
C GLN K 252 6.14 -12.10 -1.92
N GLU K 253 4.93 -11.69 -2.26
CA GLU K 253 4.00 -11.11 -1.30
C GLU K 253 2.70 -11.90 -1.29
N TYR K 254 2.14 -12.05 -0.10
CA TYR K 254 0.84 -12.67 0.10
C TYR K 254 -0.30 -11.79 -0.41
N SER K 255 -0.23 -10.49 -0.13
CA SER K 255 -1.27 -9.59 -0.59
C SER K 255 -1.41 -9.66 -2.10
N LYS K 256 -0.29 -9.75 -2.81
CA LYS K 256 -0.33 -9.83 -4.26
C LYS K 256 -1.09 -11.06 -4.74
N ILE K 257 -0.80 -12.22 -4.14
CA ILE K 257 -1.45 -13.44 -4.60
C ILE K 257 -2.94 -13.40 -4.28
N CYS K 258 -3.31 -12.81 -3.15
CA CYS K 258 -4.73 -12.68 -2.84
C CYS K 258 -5.42 -11.75 -3.83
N ASN K 259 -4.76 -10.64 -4.17
CA ASN K 259 -5.31 -9.75 -5.17
C ASN K 259 -5.40 -10.43 -6.53
N ALA K 260 -4.51 -11.37 -6.81
CA ALA K 260 -4.62 -12.15 -8.04
C ALA K 260 -5.83 -13.06 -8.00
N PHE K 261 -6.11 -13.64 -6.83
CA PHE K 261 -7.33 -14.43 -6.67
C PHE K 261 -8.55 -13.57 -7.02
N ASN K 262 -8.58 -12.35 -6.48
CA ASN K 262 -9.69 -11.44 -6.76
C ASN K 262 -9.75 -11.09 -8.25
N ILE K 263 -8.59 -10.87 -8.88
CA ILE K 263 -8.55 -10.54 -10.30
C ILE K 263 -9.16 -11.68 -11.11
N ILE K 264 -8.77 -12.92 -10.78
CA ILE K 264 -9.28 -14.07 -11.53
C ILE K 264 -10.77 -14.20 -11.34
N THR K 265 -11.27 -13.95 -10.11
CA THR K 265 -12.71 -14.01 -9.91
C THR K 265 -13.43 -12.96 -10.74
N ASN K 266 -12.92 -11.73 -10.77
CA ASN K 266 -13.59 -10.68 -11.53
C ASN K 266 -13.57 -11.00 -13.01
N PHE K 267 -12.44 -11.50 -13.52
CA PHE K 267 -12.36 -11.87 -14.93
C PHE K 267 -13.31 -13.01 -15.26
N SER K 268 -13.45 -13.97 -14.34
CA SER K 268 -14.40 -15.05 -14.55
C SER K 268 -15.82 -14.51 -14.65
N LYS K 269 -16.18 -13.57 -13.77
CA LYS K 269 -17.52 -13.00 -13.85
C LYS K 269 -17.72 -12.25 -15.15
N SER K 270 -16.74 -11.45 -15.56
CA SER K 270 -16.85 -10.76 -16.84
C SER K 270 -17.02 -11.76 -17.97
N ALA K 271 -16.47 -12.96 -17.82
CA ALA K 271 -16.56 -13.98 -18.84
C ALA K 271 -17.83 -14.81 -18.76
N GLY K 272 -18.61 -14.69 -17.68
CA GLY K 272 -19.80 -15.50 -17.54
C GLY K 272 -19.50 -16.96 -17.27
N ILE K 273 -18.26 -17.29 -16.95
CA ILE K 273 -17.84 -18.65 -16.65
C ILE K 273 -16.84 -18.60 -15.50
N LYS K 274 -16.82 -19.64 -14.68
CA LYS K 274 -16.02 -19.62 -13.46
C LYS K 274 -14.69 -20.36 -13.66
N ILE K 275 -13.68 -19.86 -12.96
CA ILE K 275 -12.36 -20.48 -12.89
C ILE K 275 -12.11 -20.90 -11.45
N ASN K 276 -11.74 -22.17 -11.26
CA ASN K 276 -11.61 -22.73 -9.92
C ASN K 276 -10.18 -23.18 -9.67
N PRO K 277 -9.65 -22.95 -8.46
CA PRO K 277 -8.32 -23.46 -8.15
C PRO K 277 -8.30 -24.99 -8.04
N LYS K 278 -7.12 -25.54 -8.29
CA LYS K 278 -6.93 -26.99 -8.22
C LYS K 278 -7.32 -27.53 -6.85
N GLY K 282 -4.67 -24.92 -3.56
CA GLY K 282 -4.94 -23.71 -4.30
C GLY K 282 -3.94 -22.60 -4.06
N ILE K 283 -3.59 -22.37 -2.79
CA ILE K 283 -2.66 -21.30 -2.40
C ILE K 283 -1.73 -21.83 -1.32
N SER K 284 -0.44 -21.50 -1.43
CA SER K 284 0.55 -21.98 -0.46
C SER K 284 1.81 -21.11 -0.52
N LEU K 285 2.73 -21.40 0.39
CA LEU K 285 4.02 -20.72 0.48
C LEU K 285 5.14 -21.76 0.39
N LEU K 286 6.07 -21.53 -0.52
CA LEU K 286 7.27 -22.36 -0.64
C LEU K 286 8.41 -21.64 0.08
N THR K 287 9.08 -22.37 0.97
CA THR K 287 10.15 -21.83 1.79
C THR K 287 11.31 -22.78 1.75
N LYS K 288 12.49 -22.29 2.12
CA LYS K 288 13.64 -23.18 2.22
C LYS K 288 13.30 -24.33 3.15
N LYS K 289 13.71 -25.53 2.76
CA LYS K 289 13.41 -26.70 3.59
C LYS K 289 13.98 -26.49 4.98
N GLY K 290 13.25 -26.97 5.98
CA GLY K 290 13.63 -26.76 7.36
C GLY K 290 13.02 -25.51 7.96
N LEU K 291 13.09 -24.39 7.25
CA LEU K 291 12.46 -23.18 7.74
C LEU K 291 10.95 -23.41 7.84
N PRO K 292 10.29 -22.86 8.86
CA PRO K 292 8.84 -23.09 9.00
C PRO K 292 8.03 -22.15 8.12
N SER K 293 6.71 -22.21 8.26
CA SER K 293 5.83 -21.31 7.53
C SER K 293 4.61 -20.97 8.37
N GLU K 294 4.01 -19.83 8.03
CA GLU K 294 2.87 -19.32 8.78
C GLU K 294 1.57 -19.84 8.20
N ILE K 295 1.41 -19.65 6.90
CA ILE K 295 0.27 -20.13 6.13
C ILE K 295 0.52 -21.59 5.80
N THR K 296 -0.51 -22.28 5.31
CA THR K 296 -0.31 -23.63 4.79
C THR K 296 0.80 -23.59 3.75
N SER K 297 1.78 -24.48 3.90
CA SER K 297 2.99 -24.39 3.10
C SER K 297 3.35 -25.76 2.54
N LYS K 298 4.04 -25.71 1.41
CA LYS K 298 4.60 -26.88 0.77
C LYS K 298 5.99 -26.52 0.26
N ASN K 299 6.96 -27.38 0.50
CA ASN K 299 8.34 -27.13 0.09
C ASN K 299 8.65 -27.75 -1.27
N ASN K 300 7.63 -28.11 -2.03
CA ASN K 300 7.80 -28.69 -3.36
C ASN K 300 6.59 -28.34 -4.21
N LEU K 301 6.83 -28.06 -5.49
CA LEU K 301 5.77 -27.69 -6.43
C LEU K 301 5.87 -28.57 -7.67
N ASP K 302 4.77 -29.22 -8.04
CA ASP K 302 4.74 -30.07 -9.23
C ASP K 302 4.37 -29.21 -10.44
N PHE K 303 5.36 -28.91 -11.27
CA PHE K 303 5.19 -28.19 -12.53
C PHE K 303 5.49 -29.19 -13.65
N LEU K 304 4.43 -29.74 -14.25
CA LEU K 304 4.54 -30.74 -15.31
C LEU K 304 5.30 -31.94 -14.75
N GLY K 305 6.39 -32.38 -15.37
CA GLY K 305 7.14 -33.53 -14.90
C GLY K 305 8.27 -33.11 -14.01
N TYR K 306 8.16 -31.94 -13.40
CA TYR K 306 9.18 -31.39 -12.53
C TYR K 306 8.62 -31.20 -11.13
N THR K 307 9.44 -31.45 -10.13
CA THR K 307 9.21 -30.98 -8.78
C THR K 307 10.22 -29.87 -8.51
N LEU K 308 9.74 -28.64 -8.44
CA LEU K 308 10.56 -27.47 -8.23
C LEU K 308 10.53 -27.10 -6.76
N SER K 309 11.69 -26.91 -6.17
CA SER K 309 11.82 -26.54 -4.77
C SER K 309 12.80 -25.38 -4.66
N VAL K 310 12.80 -24.73 -3.50
CA VAL K 310 13.68 -23.59 -3.29
C VAL K 310 15.13 -23.98 -3.47
N GLU K 311 15.45 -25.27 -3.37
CA GLU K 311 16.83 -25.74 -3.40
C GLU K 311 17.21 -26.40 -4.72
N ASN K 312 16.29 -27.14 -5.34
CA ASN K 312 16.64 -27.90 -6.53
C ASN K 312 15.43 -28.01 -7.45
N VAL K 313 15.72 -28.42 -8.68
CA VAL K 313 14.71 -28.86 -9.65
C VAL K 313 14.92 -30.35 -9.84
N SER K 314 13.87 -31.13 -9.59
CA SER K 314 13.98 -32.58 -9.62
C SER K 314 12.85 -33.12 -10.48
N ILE K 315 12.89 -34.41 -10.73
CA ILE K 315 11.84 -35.07 -11.49
C ILE K 315 10.72 -35.46 -10.54
N LYS K 316 9.48 -35.15 -10.94
CA LYS K 316 8.32 -35.49 -10.13
C LYS K 316 8.30 -36.99 -9.86
N GLU K 317 7.62 -37.36 -8.76
CA GLU K 317 7.59 -38.75 -8.34
C GLU K 317 6.90 -39.62 -9.39
N LYS K 318 5.83 -39.09 -9.99
CA LYS K 318 5.15 -39.83 -11.05
C LYS K 318 6.05 -40.03 -12.27
N SER K 319 6.83 -39.02 -12.62
CA SER K 319 7.77 -39.17 -13.73
C SER K 319 8.85 -40.19 -13.41
N VAL K 320 9.33 -40.21 -12.17
CA VAL K 320 10.32 -41.21 -11.77
C VAL K 320 9.71 -42.61 -11.80
N LYS K 321 8.46 -42.73 -11.35
CA LYS K 321 7.79 -44.02 -11.40
C LYS K 321 7.63 -44.50 -12.83
N LYS K 322 7.32 -43.58 -13.74
CA LYS K 322 7.22 -43.92 -15.16
C LYS K 322 8.56 -44.33 -15.75
N ILE K 323 9.64 -43.63 -15.38
CA ILE K 323 10.96 -44.00 -15.86
C ILE K 323 11.32 -45.40 -15.36
N LYS K 324 11.05 -45.66 -14.08
CA LYS K 324 11.33 -46.96 -13.51
C LYS K 324 10.45 -48.02 -14.17
N LYS K 325 9.22 -47.67 -14.49
CA LYS K 325 8.33 -48.61 -15.18
C LYS K 325 8.90 -49.01 -16.52
N GLN K 326 9.39 -48.04 -17.29
CA GLN K 326 9.91 -48.36 -18.61
C GLN K 326 11.19 -49.20 -18.51
N ILE K 327 12.11 -48.83 -17.63
CA ILE K 327 13.34 -49.61 -17.49
C ILE K 327 13.02 -51.02 -17.01
N SER K 328 12.15 -51.13 -16.00
CA SER K 328 11.81 -52.43 -15.46
C SER K 328 11.12 -53.29 -16.50
N TYR K 329 10.24 -52.70 -17.31
CA TYR K 329 9.58 -53.50 -18.34
C TYR K 329 10.54 -53.87 -19.45
N ILE K 330 11.53 -53.03 -19.75
CA ILE K 330 12.56 -53.46 -20.70
C ILE K 330 13.21 -54.74 -20.22
N LEU K 331 13.67 -54.73 -18.98
CA LEU K 331 14.37 -55.91 -18.46
C LEU K 331 13.43 -57.11 -18.34
N TYR K 332 12.20 -56.89 -17.90
CA TYR K 332 11.23 -57.98 -17.81
C TYR K 332 10.94 -58.58 -19.18
N ARG K 333 10.67 -57.73 -20.18
CA ARG K 333 10.32 -58.20 -21.50
C ARG K 333 11.46 -58.98 -22.13
N ASN K 334 12.70 -58.54 -21.89
CA ASN K 334 13.83 -59.14 -22.56
C ASN K 334 14.41 -60.33 -21.82
N LEU K 335 14.26 -60.38 -20.50
CA LEU K 335 14.97 -61.36 -19.68
C LEU K 335 14.09 -62.24 -18.81
N ILE K 336 12.79 -61.95 -18.69
CA ILE K 336 11.93 -62.77 -17.85
C ILE K 336 10.72 -63.27 -18.63
N GLN K 337 10.00 -62.35 -19.27
CA GLN K 337 8.76 -62.73 -19.97
C GLN K 337 8.96 -63.89 -20.94
N PRO K 338 9.97 -63.89 -21.80
CA PRO K 338 10.12 -65.01 -22.75
C PRO K 338 10.23 -66.35 -22.08
N LEU K 339 10.83 -66.38 -20.89
CA LEU K 339 11.05 -67.62 -20.15
C LEU K 339 9.88 -67.99 -19.26
N LYS K 340 8.87 -67.14 -19.14
CA LYS K 340 7.64 -67.46 -18.42
C LYS K 340 6.54 -67.93 -19.37
N LYS K 341 6.90 -68.20 -20.63
CA LYS K 341 5.96 -68.69 -21.62
C LYS K 341 5.83 -70.21 -21.50
N THR K 342 4.76 -70.75 -22.07
CA THR K 342 4.48 -72.18 -21.93
C THR K 342 5.62 -73.00 -22.52
N SER K 343 6.10 -72.62 -23.69
CA SER K 343 7.21 -73.30 -24.33
C SER K 343 8.31 -72.29 -24.69
N LEU K 344 9.55 -72.76 -24.66
CA LEU K 344 10.70 -71.97 -25.07
C LEU K 344 11.15 -72.32 -26.49
N ALA K 345 10.21 -72.69 -27.34
CA ALA K 345 10.52 -73.05 -28.72
C ALA K 345 10.92 -71.81 -29.49
N GLY K 346 12.11 -71.86 -30.11
CA GLY K 346 12.57 -70.73 -30.90
C GLY K 346 13.08 -69.55 -30.11
N GLN K 347 13.31 -69.71 -28.81
CA GLN K 347 13.85 -68.67 -27.96
C GLN K 347 15.29 -69.05 -27.65
N THR K 348 16.23 -68.23 -28.11
CA THR K 348 17.64 -68.47 -27.85
C THR K 348 17.92 -68.45 -26.35
N ILE K 349 18.58 -69.50 -25.86
CA ILE K 349 18.91 -69.63 -24.44
C ILE K 349 20.32 -69.09 -24.23
N PRO K 350 20.55 -68.29 -23.19
CA PRO K 350 21.91 -67.80 -22.95
C PRO K 350 22.88 -68.93 -22.70
N ALA K 351 24.06 -68.83 -23.29
CA ALA K 351 25.10 -69.84 -23.15
C ALA K 351 26.41 -69.22 -23.62
N ASN K 352 27.50 -69.93 -23.36
CA ASN K 352 28.82 -69.51 -23.82
C ASN K 352 29.19 -68.14 -23.29
N ASP K 353 28.72 -67.79 -22.09
CA ASP K 353 28.95 -66.48 -21.50
C ASP K 353 28.41 -65.35 -22.36
N ARG K 354 27.31 -65.59 -23.07
CA ARG K 354 26.69 -64.55 -23.88
C ARG K 354 25.18 -64.65 -23.72
N ASP K 355 24.56 -63.56 -23.28
CA ASP K 355 23.10 -63.45 -23.18
C ASP K 355 22.69 -62.34 -24.12
N LYS K 356 22.18 -62.71 -25.30
CA LYS K 356 21.79 -61.70 -26.28
C LYS K 356 20.65 -60.85 -25.74
N ASN K 357 19.72 -61.47 -25.00
CA ASN K 357 18.64 -60.71 -24.38
C ASN K 357 19.17 -59.61 -23.48
N PHE K 358 20.29 -59.85 -22.81
CA PHE K 358 20.86 -58.82 -21.93
C PHE K 358 21.44 -57.68 -22.73
N LEU K 359 22.11 -57.97 -23.85
CA LEU K 359 22.55 -56.88 -24.72
C LEU K 359 21.36 -56.08 -25.23
N ILE K 360 20.28 -56.76 -25.64
CA ILE K 360 19.12 -56.05 -26.15
C ILE K 360 18.51 -55.17 -25.08
N ALA K 361 18.39 -55.69 -23.85
CA ALA K 361 17.81 -54.91 -22.77
C ALA K 361 18.69 -53.71 -22.42
N ILE K 362 20.00 -53.91 -22.33
CA ILE K 362 20.87 -52.80 -21.99
C ILE K 362 20.80 -51.73 -23.07
N CYS K 363 20.75 -52.14 -24.34
CA CYS K 363 20.67 -51.16 -25.42
C CYS K 363 19.33 -50.44 -25.42
N GLU K 364 18.24 -51.15 -25.10
CA GLU K 364 16.95 -50.50 -24.99
C GLU K 364 16.96 -49.46 -23.87
N ILE K 365 17.58 -49.80 -22.74
CA ILE K 365 17.64 -48.84 -21.64
C ILE K 365 18.50 -47.65 -22.03
N ARG K 366 19.60 -47.89 -22.75
CA ARG K 366 20.45 -46.80 -23.18
C ARG K 366 19.71 -45.88 -24.14
N ARG K 367 18.91 -46.45 -25.05
CA ARG K 367 18.12 -45.63 -25.95
C ARG K 367 17.10 -44.80 -25.17
N TYR K 368 16.39 -45.45 -24.25
CA TYR K 368 15.39 -44.75 -23.45
C TYR K 368 16.01 -43.63 -22.63
N MET K 369 17.23 -43.85 -22.14
CA MET K 369 17.89 -42.88 -21.24
C MET K 369 18.79 -41.93 -22.04
N TYR K 370 19.79 -42.47 -22.72
CA TYR K 370 20.79 -41.66 -23.39
C TYR K 370 20.36 -41.25 -24.78
N GLY K 371 19.53 -42.06 -25.42
CA GLY K 371 19.33 -41.97 -26.84
C GLY K 371 20.30 -42.82 -27.63
N GLY K 372 21.08 -43.66 -26.95
CA GLY K 372 22.08 -44.50 -27.58
C GLY K 372 23.50 -44.00 -27.43
N LEU K 373 23.71 -42.93 -26.69
CA LEU K 373 25.04 -42.40 -26.51
C LEU K 373 25.89 -43.38 -25.71
N SER K 374 27.18 -43.39 -26.00
CA SER K 374 28.14 -44.13 -25.21
C SER K 374 28.75 -43.21 -24.17
N LYS K 375 29.17 -43.79 -23.05
CA LYS K 375 29.81 -42.99 -22.02
C LYS K 375 31.08 -42.35 -22.55
N SER K 376 31.71 -42.98 -23.54
CA SER K 376 32.85 -42.35 -24.20
C SER K 376 32.43 -41.08 -24.92
N GLN K 377 31.30 -41.12 -25.63
CA GLN K 377 30.82 -39.92 -26.30
C GLN K 377 30.49 -38.82 -25.30
N ILE K 378 29.81 -39.17 -24.22
CA ILE K 378 29.42 -38.16 -23.25
C ILE K 378 30.65 -37.54 -22.60
N LYS K 379 31.66 -38.36 -22.32
CA LYS K 379 32.89 -37.83 -21.74
C LYS K 379 33.70 -37.02 -22.75
N ASP K 380 33.67 -37.40 -24.02
CA ASP K 380 34.28 -36.55 -25.04
C ASP K 380 33.64 -35.19 -25.05
N TYR K 381 32.31 -35.13 -24.90
CA TYR K 381 31.63 -33.83 -24.87
C TYR K 381 31.95 -33.08 -23.59
N LEU K 382 32.07 -33.79 -22.46
CA LEU K 382 32.33 -33.16 -21.18
C LEU K 382 33.79 -32.76 -20.98
N SER K 383 34.69 -33.24 -21.82
CA SER K 383 36.11 -32.91 -21.70
C SER K 383 36.53 -31.79 -22.64
N GLY K 384 35.90 -31.68 -23.80
CA GLY K 384 36.26 -30.71 -24.79
C GLY K 384 36.63 -31.38 -26.10
N ARG K 385 36.78 -32.71 -26.05
CA ARG K 385 37.14 -33.44 -27.26
C ARG K 385 36.06 -33.29 -28.32
N SER K 386 34.80 -33.39 -27.93
CA SER K 386 33.66 -33.22 -28.83
C SER K 386 33.04 -31.85 -28.58
N ASN K 387 32.67 -31.19 -29.67
CA ASN K 387 32.06 -29.87 -29.60
C ASN K 387 30.54 -29.96 -29.63
N ARG K 388 29.99 -31.17 -29.63
CA ARG K 388 28.56 -31.36 -29.77
C ARG K 388 28.19 -32.78 -29.37
N LEU K 389 27.07 -32.91 -28.68
CA LEU K 389 26.48 -34.18 -28.29
C LEU K 389 24.99 -34.10 -28.53
N TYR K 390 24.42 -35.13 -29.14
CA TYR K 390 22.97 -35.13 -29.36
C TYR K 390 22.29 -35.52 -28.07
N PHE K 391 21.30 -34.75 -27.66
CA PHE K 391 20.60 -34.98 -26.39
C PHE K 391 19.23 -35.56 -26.74
N LYS K 392 19.06 -36.85 -26.49
CA LYS K 392 17.80 -37.54 -26.76
C LYS K 392 17.49 -38.45 -25.58
N GLY K 393 16.43 -39.22 -25.67
CA GLY K 393 16.03 -40.05 -24.57
C GLY K 393 15.22 -39.31 -23.53
N ILE K 394 15.04 -39.98 -22.39
CA ILE K 394 14.18 -39.44 -21.35
C ILE K 394 14.70 -38.11 -20.84
N MET K 395 16.02 -38.00 -20.66
CA MET K 395 16.57 -36.80 -20.05
C MET K 395 16.40 -35.56 -20.90
N SER K 396 16.11 -35.73 -22.19
CA SER K 396 15.83 -34.56 -23.02
C SER K 396 14.53 -33.89 -22.62
N PHE K 397 13.68 -34.58 -21.88
CA PHE K 397 12.42 -34.02 -21.41
C PHE K 397 12.54 -33.40 -20.03
N TYR K 398 13.67 -33.57 -19.38
CA TYR K 398 13.91 -33.03 -18.04
C TYR K 398 15.25 -32.29 -18.04
N PRO K 399 15.41 -31.31 -18.93
CA PRO K 399 16.71 -30.64 -19.07
C PRO K 399 17.07 -29.74 -17.90
N LEU K 400 16.12 -29.36 -17.05
CA LEU K 400 16.36 -28.41 -15.98
C LEU K 400 16.62 -29.10 -14.64
N VAL K 401 16.71 -30.42 -14.63
CA VAL K 401 16.94 -31.15 -13.39
C VAL K 401 18.33 -30.83 -12.87
N ASN K 402 18.42 -30.53 -11.58
CA ASN K 402 19.70 -30.26 -10.94
C ASN K 402 19.83 -30.97 -9.59
N ASP K 403 19.06 -32.03 -9.36
CA ASP K 403 19.12 -32.83 -8.13
C ASP K 403 20.01 -34.04 -8.39
N VAL K 404 21.27 -33.96 -7.95
CA VAL K 404 22.18 -35.07 -8.18
C VAL K 404 21.80 -36.30 -7.36
N GLU K 405 21.25 -36.10 -6.16
CA GLU K 405 20.88 -37.23 -5.33
C GLU K 405 19.82 -38.10 -5.99
N GLN K 406 18.81 -37.48 -6.60
CA GLN K 406 17.78 -38.26 -7.27
C GLN K 406 18.38 -39.13 -8.37
N LEU K 407 19.26 -38.56 -9.19
CA LEU K 407 19.85 -39.30 -10.28
C LEU K 407 20.76 -40.40 -9.75
N LYS K 408 21.45 -40.13 -8.64
CA LYS K 408 22.29 -41.14 -8.02
C LYS K 408 21.45 -42.31 -7.51
N GLN K 409 20.29 -42.01 -6.93
CA GLN K 409 19.40 -43.04 -6.45
C GLN K 409 18.85 -43.87 -7.60
N LEU K 410 18.53 -43.20 -8.72
CA LEU K 410 18.06 -43.94 -9.88
C LEU K 410 19.15 -44.80 -10.48
N ASP K 411 20.40 -44.35 -10.43
CA ASP K 411 21.52 -45.20 -10.82
C ASP K 411 21.56 -46.46 -9.98
N GLY K 412 21.50 -46.29 -8.65
CA GLY K 412 21.46 -47.46 -7.78
C GLY K 412 20.31 -48.38 -8.11
N TRP K 413 19.14 -47.81 -8.37
CA TRP K 413 17.95 -48.60 -8.68
C TRP K 413 18.13 -49.38 -9.99
N ILE K 414 18.73 -48.75 -10.99
CA ILE K 414 18.95 -49.44 -12.26
C ILE K 414 19.86 -50.64 -12.04
N VAL K 415 20.95 -50.45 -11.29
CA VAL K 415 21.88 -51.56 -11.08
C VAL K 415 21.18 -52.68 -10.32
N SER K 416 20.43 -52.33 -9.28
CA SER K 416 19.76 -53.34 -8.47
C SER K 416 18.73 -54.10 -9.29
N VAL K 417 17.95 -53.41 -10.11
CA VAL K 417 16.95 -54.10 -10.91
C VAL K 417 17.62 -54.98 -11.96
N ILE K 418 18.73 -54.53 -12.53
CA ILE K 418 19.45 -55.39 -13.47
C ILE K 418 19.87 -56.67 -12.78
N TYR K 419 20.43 -56.55 -11.58
CA TYR K 419 20.86 -57.74 -10.86
C TYR K 419 19.68 -58.66 -10.58
N ARG K 420 18.58 -58.10 -10.06
CA ARG K 420 17.46 -58.95 -9.64
C ARG K 420 16.80 -59.62 -10.83
N ALA K 421 16.61 -58.88 -11.93
CA ALA K 421 16.02 -59.49 -13.11
C ALA K 421 16.92 -60.58 -13.67
N LEU K 422 18.24 -60.34 -13.69
CA LEU K 422 19.15 -61.39 -14.14
C LEU K 422 19.10 -62.61 -13.22
N LYS K 423 18.95 -62.36 -11.92
CA LYS K 423 18.87 -63.47 -10.98
C LYS K 423 17.62 -64.31 -11.23
N LEU K 424 16.46 -63.66 -11.35
CA LEU K 424 15.24 -64.41 -11.63
C LEU K 424 15.31 -65.08 -12.99
N ARG K 425 16.02 -64.48 -13.95
CA ARG K 425 16.21 -65.14 -15.24
C ARG K 425 17.03 -66.41 -15.09
N CYS K 426 18.07 -66.36 -14.26
CA CYS K 426 18.84 -67.57 -13.97
C CYS K 426 17.97 -68.62 -13.31
N GLN K 427 17.13 -68.20 -12.36
CA GLN K 427 16.24 -69.15 -11.69
C GLN K 427 15.29 -69.82 -12.68
N LEU K 428 14.66 -69.02 -13.54
CA LEU K 428 13.73 -69.59 -14.51
C LEU K 428 14.45 -70.48 -15.51
N LEU K 429 15.64 -70.08 -15.95
CA LEU K 429 16.41 -70.90 -16.88
C LEU K 429 16.75 -72.24 -16.26
N SER K 430 17.24 -72.23 -15.02
CA SER K 430 17.51 -73.49 -14.33
C SER K 430 16.25 -74.31 -14.16
N LYS K 431 15.11 -73.66 -13.98
CA LYS K 431 13.85 -74.40 -13.94
C LYS K 431 13.60 -75.11 -15.27
N TRP K 432 13.84 -74.42 -16.38
CA TRP K 432 13.64 -75.04 -17.68
C TRP K 432 14.67 -76.14 -17.93
N GLY K 433 15.84 -76.05 -17.30
CA GLY K 433 16.84 -77.09 -17.38
C GLY K 433 18.24 -76.58 -17.66
N TYR K 434 18.37 -75.26 -17.78
CA TYR K 434 19.63 -74.62 -18.17
C TYR K 434 20.27 -74.00 -16.93
N ASN K 435 21.40 -74.56 -16.51
CA ASN K 435 22.16 -74.01 -15.40
C ASN K 435 23.19 -73.03 -15.96
N ARG K 436 23.06 -71.76 -15.59
CA ARG K 436 23.92 -70.72 -16.12
C ARG K 436 24.38 -69.74 -15.04
N SER K 437 24.31 -70.12 -13.77
CA SER K 437 24.72 -69.21 -12.70
C SER K 437 26.20 -68.86 -12.81
N HIS K 438 27.01 -69.75 -13.36
CA HIS K 438 28.43 -69.47 -13.54
C HIS K 438 28.71 -68.58 -14.75
N ASN K 439 27.82 -68.54 -15.71
CA ASN K 439 28.06 -67.78 -16.92
C ASN K 439 28.16 -66.28 -16.60
N PHE K 440 28.69 -65.53 -17.56
CA PHE K 440 28.91 -64.10 -17.30
C PHE K 440 27.65 -63.39 -16.85
N PRO K 441 26.52 -63.47 -17.56
CA PRO K 441 25.40 -62.59 -17.23
C PRO K 441 24.89 -62.78 -15.82
N PHE K 442 25.04 -63.98 -15.27
CA PHE K 442 24.38 -64.35 -14.02
C PHE K 442 25.34 -64.54 -12.87
N ILE K 443 26.64 -64.30 -13.06
CA ILE K 443 27.61 -64.53 -12.00
C ILE K 443 27.93 -63.24 -11.25
N LEU K 444 27.67 -62.08 -11.84
CA LEU K 444 28.15 -60.84 -11.26
C LEU K 444 27.38 -60.51 -9.99
N ASP K 445 28.09 -60.08 -8.96
CA ASP K 445 27.43 -59.48 -7.81
C ASP K 445 26.95 -58.07 -8.17
N ARG K 446 25.96 -57.58 -7.42
CA ARG K 446 25.40 -56.26 -7.73
C ARG K 446 26.48 -55.20 -7.72
N GLU K 447 27.46 -55.33 -6.84
CA GLU K 447 28.54 -54.36 -6.72
C GLU K 447 29.61 -54.58 -7.77
N ASP K 448 29.41 -55.51 -8.71
CA ASP K 448 30.34 -55.78 -9.78
C ASP K 448 29.75 -55.60 -11.17
N ILE K 449 28.43 -55.40 -11.28
CA ILE K 449 27.81 -55.38 -12.60
C ILE K 449 28.38 -54.24 -13.43
N VAL K 450 28.46 -53.04 -12.85
CA VAL K 450 28.84 -51.86 -13.62
C VAL K 450 30.26 -51.99 -14.15
N ASP K 451 31.20 -52.40 -13.30
CA ASP K 451 32.59 -52.50 -13.72
C ASP K 451 32.76 -53.55 -14.81
N LYS K 452 32.26 -54.75 -14.57
CA LYS K 452 32.43 -55.84 -15.52
C LYS K 452 31.80 -55.46 -16.86
N CYS K 453 30.60 -54.90 -16.82
CA CYS K 453 29.91 -54.51 -18.04
C CYS K 453 30.65 -53.41 -18.77
N SER K 454 31.24 -52.47 -18.02
CA SER K 454 32.04 -51.43 -18.66
C SER K 454 33.22 -52.04 -19.40
N LYS K 455 33.79 -53.13 -18.86
CA LYS K 455 34.96 -53.73 -19.51
C LYS K 455 34.60 -54.50 -20.77
N LYS K 456 33.45 -55.19 -20.79
CA LYS K 456 33.09 -55.98 -21.96
C LYS K 456 32.92 -55.11 -23.20
N THR K 457 33.36 -55.65 -24.34
CA THR K 457 33.28 -54.96 -25.62
C THR K 457 32.88 -55.95 -26.70
N ILE K 458 31.84 -55.61 -27.46
CA ILE K 458 31.40 -56.39 -28.60
C ILE K 458 31.54 -55.52 -29.84
N ALA K 459 32.25 -56.04 -30.85
CA ALA K 459 32.56 -55.31 -32.06
C ALA K 459 33.43 -54.09 -31.79
N GLY K 460 34.19 -54.11 -30.69
CA GLY K 460 35.00 -52.97 -30.33
C GLY K 460 34.24 -51.85 -29.65
N ARG K 461 32.95 -52.02 -29.43
CA ARG K 461 32.10 -51.02 -28.80
C ARG K 461 31.54 -51.58 -27.50
N LYS K 462 31.65 -50.80 -26.42
CA LYS K 462 31.20 -51.22 -25.09
C LYS K 462 29.68 -51.07 -25.02
N LEU K 463 28.98 -52.11 -25.46
CA LEU K 463 27.53 -52.10 -25.50
C LEU K 463 26.89 -52.75 -24.29
N PHE K 464 27.67 -53.01 -23.23
CA PHE K 464 27.11 -53.53 -21.98
C PHE K 464 27.11 -52.52 -20.86
N GLU K 465 27.79 -51.38 -21.02
CA GLU K 465 27.89 -50.41 -19.94
C GLU K 465 26.50 -50.00 -19.47
N ILE K 466 26.29 -50.07 -18.16
CA ILE K 466 25.00 -49.77 -17.55
C ILE K 466 24.76 -48.28 -17.67
N PRO K 467 23.67 -47.83 -18.32
CA PRO K 467 23.46 -46.39 -18.48
C PRO K 467 23.29 -45.69 -17.13
N SER K 468 23.93 -44.52 -17.00
CA SER K 468 23.93 -43.75 -15.77
C SER K 468 23.29 -42.39 -16.02
N PHE K 469 22.35 -42.02 -15.14
CA PHE K 469 21.70 -40.71 -15.27
C PHE K 469 22.64 -39.56 -14.96
N LEU K 470 23.62 -39.77 -14.08
CA LEU K 470 24.47 -38.66 -13.64
C LEU K 470 25.40 -38.19 -14.76
N LEU K 471 25.91 -39.12 -15.56
CA LEU K 471 26.79 -38.74 -16.65
C LEU K 471 26.07 -37.85 -17.66
N ILE K 472 24.89 -38.29 -18.10
CA ILE K 472 24.13 -37.50 -19.06
C ILE K 472 23.58 -36.25 -18.41
N HIS K 473 23.42 -36.23 -17.09
CA HIS K 473 23.05 -35.00 -16.40
C HIS K 473 24.17 -33.97 -16.47
N LYS K 474 25.41 -34.40 -16.25
CA LYS K 474 26.54 -33.50 -16.43
C LYS K 474 26.59 -32.98 -17.86
N ALA K 475 26.35 -33.87 -18.82
CA ALA K 475 26.34 -33.48 -20.22
C ALA K 475 25.22 -32.47 -20.49
N LEU K 476 24.05 -32.69 -19.89
CA LEU K 476 22.93 -31.78 -20.05
C LEU K 476 23.25 -30.41 -19.48
N GLN K 477 23.96 -30.36 -18.36
CA GLN K 477 24.33 -29.07 -17.80
C GLN K 477 25.29 -28.33 -18.71
N LYS K 478 26.30 -29.03 -19.23
CA LYS K 478 27.21 -28.39 -20.17
C LYS K 478 26.46 -27.91 -21.41
N GLY K 479 25.55 -28.73 -21.93
CA GLY K 479 24.83 -28.36 -23.13
C GLY K 479 23.79 -27.28 -22.92
N LEU K 480 23.36 -27.08 -21.69
CA LEU K 480 22.52 -25.93 -21.38
C LEU K 480 23.32 -24.66 -21.16
N GLN K 481 24.56 -24.78 -20.71
CA GLN K 481 25.43 -23.62 -20.66
C GLN K 481 26.07 -23.29 -21.99
N GLU K 482 25.96 -24.18 -22.97
CA GLU K 482 26.54 -23.96 -24.28
C GLU K 482 25.53 -23.65 -25.37
N SER K 483 24.29 -24.12 -25.26
CA SER K 483 23.33 -23.94 -26.34
C SER K 483 22.01 -23.32 -25.86
N GLY K 484 21.57 -23.68 -24.68
CA GLY K 484 20.29 -23.21 -24.16
C GLY K 484 19.24 -24.31 -24.15
N ILE K 485 18.09 -23.97 -23.59
CA ILE K 485 16.99 -24.93 -23.49
C ILE K 485 16.51 -25.34 -24.88
N GLU K 486 16.30 -24.35 -25.76
CA GLU K 486 15.72 -24.63 -27.07
C GLU K 486 16.60 -25.57 -27.89
N LYS K 487 17.92 -25.38 -27.84
CA LYS K 487 18.81 -26.19 -28.65
C LYS K 487 18.81 -27.64 -28.20
N ILE K 488 18.89 -27.89 -26.89
CA ILE K 488 18.92 -29.26 -26.42
C ILE K 488 17.56 -29.92 -26.58
N MET K 489 16.47 -29.17 -26.34
CA MET K 489 15.15 -29.75 -26.45
C MET K 489 14.87 -30.22 -27.87
N ASN K 490 15.23 -29.41 -28.86
CA ASN K 490 15.11 -29.79 -30.26
C ASN K 490 16.43 -29.44 -30.93
N PRO K 491 17.08 -30.38 -31.64
CA PRO K 491 18.29 -30.06 -32.40
C PRO K 491 17.99 -29.76 -33.88
#